data_9QB3
#
_entry.id   9QB3
#
_cell.length_a   1.00
_cell.length_b   1.00
_cell.length_c   1.00
_cell.angle_alpha   90.00
_cell.angle_beta   90.00
_cell.angle_gamma   90.00
#
_symmetry.space_group_name_H-M   'P 1'
#
loop_
_entity.id
_entity.type
_entity.pdbx_description
1 polymer 'H/ACA ribonucleoprotein complex subunit DKC1'
2 polymer 'H/ACA ribonucleoprotein complex subunit 1'
3 polymer 'H/ACA ribonucleoprotein complex subunit 2'
4 polymer 'H/ACA ribonucleoprotein complex subunit 3'
5 polymer 'Telomerase Cajal body protein 1'
6 polymer 'hTR, human telomerase RNA'
#
loop_
_entity_poly.entity_id
_entity_poly.type
_entity_poly.pdbx_seq_one_letter_code
_entity_poly.pdbx_strand_id
1 'polypeptide(L)'
;MADAEVIILPKKHKKKKERKSLPEEDVAEIQHAEEFLIKPESKVAKLDTSQWPLLLKNFDKLNVRTTHYTPLACGSNPLK
REIGDYIRTGFINLDKPSNPSSHEVVAWIRRILRVEKTGHSGTLDPKVTGCLIVCIERATRLVKSQQSAGKEYVGIVRLH
NAIEGGTQLSRALETLTGALFQRPPLIAAVKRQLRVRTIYESKMIEYDPERRLGIFWVSCEAGTYIRTLCVHLGLLLGVG
GQMQELRRVRSGVMSEKDHMVTMHDVLDAQWLYDNHKDESYLRRVVYPLEKLLTSHKRLVMKDSAVNAICYGAKIMLPGV
LRYEDGIEVNQEIVVITTKGEAICMAIALMTTAVISTCDHGIVAKIKRVIMERDTYPRKWGLGPKASQKKLMIKQGLLDK
HGKPTDSTPATWKQEYVDYSESAKKEVVAEVVKAPQVVAEAAKTAKRKRESESESDETPPAAPQLIKKEKKKSKKDKKAK
AGLESGAEPGDGDSDTTKKKKKKKKAKEVELVSE
;
C,G,c,g
2 'polypeptide(L)'
;MSFRGGGRGGFNRGGGGGGFNRGGSSNHFRGGGGGGGGGNFRGGGRGGFGRGGGRGGFNKGQDQGPPERVVLLGEFLHPC
EDDIVCKCTTDENKVPYFNAPVYLENKEQIGKVDEIFGQLRDFYFSVKLSENMKASSFKKLQKFYIDPYKLLPLQRFLPR
PPGEKGPPRGGGRGGRGGGRGGGGRGGGRGGGFRGGRGGGGGGFRGGRGGGFRGRGH
;
D,H,d,h
3 'polypeptide(L)'
;MTKIKADPDGPEAQAEACSGERTYQELLVNQNPIAQPLASRRLTRKLYKCIKKAVKQKQIRRGVKEVQKFVNKGEKGIMV
LAGDTLPIEVYCHLPVMCEDRNLPYVYIPSKTDLGAAAGSKRPTCVIMVKPHEEYQEAYDECLEEVQSLPLPL
;
E,I,e,i
4 'polypeptide(L)' MFLQYYLNEQGDRVYTLKKFDPMGQQTCSAHPARFSPDDKYSRHRITIKKRFKVLMTQQPRPVL F,J,f,j
5 'polypeptide(L)'
;MKTLETQPLAPDCCPSDQDPAPAHPSPHASPMNKNADSELMPPPPERGDPPRLSPDPVAGSAVSQELREGDPVSLSTPLE
TEFGSPSELSPRIEEQELSENTSLPAEEANGSLSEEEANGPELGSGKAMEDTSGEPAAEDEGDTAWNYSFSQLPRFLSGS
WSEFSTQPENFLKGCKWAPDGSCILTNSADNILRIYNLPPELYHEGEQVEYAEMVPVLRMVEGDTIYDYCWYSLMSSAQP
DTSYVASSSRENPIHIWDAFTGELRASFRAYNHLDELTAAHSLCFSPDGSQLFCGFNRTVRVFSTARPGRDCEVRATFAK
KQGQSGIISCIAFSPAQPLYACGSYGRSLGLYAWDDGSPLALLGGHQGGITHLCFHPDGNRFFSGARKDAELLCWDLRQS
GYPLWSLGREVTTNQRIYFDLDPTGQFLVSGSTSGAVSVWDTDGPGNDGKPEPVLSFLPQKDCTNGVSLHPSLPLLATAS
GQRVFPEPTESGDEGEELGLPLLSTRHVHLECRLQLWWCGGAPDSSIPDDHQGEKGQGGTEGGVGELI
;
K,k
6 'polyribonucleotide'
;GGGUUGCGGAGGGUGGGCCUGGGAGGGGUGGUGGCCAUUUUUUGUCUAACCCUAACUGAGAAGGGCGUAGGCGCCGUGCU
UUUGCUCCCCGCGCGCUGUUUUUCUCGCUGACUUUCAGCGGGCGGAAAAGCCUCGGCCUGCCGCCUUCCACCGUUCAUUC
UAGAGCAAACAAAAAAUGUCAGCUGCUGGCCCGUUCGCCCCUCCCGGGGACCUGCGGCGGGUCGCCUGCCCAGCCCCCGA
ACCCCGCCUGGAGGCCGCGGUCGGCCCGGGGCUUCUCCGGAGGCACCCACUGCCACCGCGAAGAGUUGGGCUCUGUCAGC
CGCGGGUCUCUCGGGGGCGAGGGCGAGGUUCAGGCCUUUCAGGCCGCAGGAAGAGGAACGGAGCGAGUCCCCGCGCGCGG
CGCGAUUCCCUGAGCUGUGGGACGUGCACCCAGGACUCGGCUCACACAUGC
;
B,b
#
loop_
_chem_comp.id
_chem_comp.type
_chem_comp.name
_chem_comp.formula
A RNA linking ADENOSINE-5'-MONOPHOSPHATE 'C10 H14 N5 O7 P'
C RNA linking CYTIDINE-5'-MONOPHOSPHATE 'C9 H14 N3 O8 P'
G RNA linking GUANOSINE-5'-MONOPHOSPHATE 'C10 H14 N5 O8 P'
U RNA linking URIDINE-5'-MONOPHOSPHATE 'C9 H13 N2 O9 P'
#
# COMPACT_ATOMS: atom_id res chain seq x y z
N PRO A 23 -17.47 -29.87 63.67
CA PRO A 23 -18.32 -30.25 62.50
C PRO A 23 -18.33 -29.11 61.49
N GLU A 24 -18.21 -29.43 60.20
CA GLU A 24 -18.22 -28.42 59.14
C GLU A 24 -19.38 -27.44 59.29
N GLU A 25 -20.58 -27.97 59.61
CA GLU A 25 -21.78 -27.19 59.81
C GLU A 25 -21.73 -26.38 61.12
N ASP A 26 -21.08 -26.93 62.16
CA ASP A 26 -20.89 -26.25 63.43
C ASP A 26 -19.94 -25.05 63.28
N VAL A 27 -18.87 -25.22 62.49
CA VAL A 27 -17.96 -24.13 62.14
C VAL A 27 -18.71 -23.03 61.39
N ALA A 28 -19.51 -23.41 60.38
CA ALA A 28 -20.32 -22.49 59.60
C ALA A 28 -21.30 -21.69 60.47
N GLU A 29 -21.86 -22.32 61.50
CA GLU A 29 -22.81 -21.67 62.41
C GLU A 29 -22.12 -20.64 63.30
N ILE A 30 -20.89 -20.93 63.77
CA ILE A 30 -20.12 -20.03 64.61
C ILE A 30 -19.68 -18.80 63.80
N GLN A 31 -19.29 -19.00 62.53
CA GLN A 31 -18.90 -17.93 61.62
C GLN A 31 -19.95 -16.81 61.48
N HIS A 32 -21.24 -17.16 61.58
CA HIS A 32 -22.33 -16.20 61.40
C HIS A 32 -22.91 -15.67 62.72
N ALA A 33 -22.64 -16.34 63.85
CA ALA A 33 -23.23 -16.02 65.14
C ALA A 33 -22.34 -15.09 65.98
N GLU A 34 -21.06 -15.47 66.12
CA GLU A 34 -20.15 -14.87 67.11
C GLU A 34 -19.17 -13.90 66.45
N GLU A 35 -18.78 -12.86 67.22
CA GLU A 35 -18.02 -11.73 66.69
C GLU A 35 -16.53 -12.07 66.60
N PHE A 36 -15.91 -11.69 65.46
CA PHE A 36 -14.49 -11.86 65.22
C PHE A 36 -13.77 -10.52 65.28
N LEU A 37 -12.56 -10.54 65.87
CA LEU A 37 -11.77 -9.33 66.06
C LEU A 37 -10.30 -9.71 66.25
N ILE A 38 -9.42 -8.99 65.55
CA ILE A 38 -8.00 -9.07 65.78
C ILE A 38 -7.71 -8.27 67.04
N LYS A 39 -7.64 -8.95 68.18
CA LYS A 39 -7.60 -8.30 69.49
C LYS A 39 -6.27 -7.58 69.74
N PRO A 40 -6.25 -6.46 70.51
CA PRO A 40 -5.01 -5.87 70.99
C PRO A 40 -4.24 -6.75 71.97
N GLU A 41 -2.91 -6.71 71.89
CA GLU A 41 -2.02 -7.42 72.81
C GLU A 41 -0.80 -6.55 73.15
N SER A 42 -0.12 -6.90 74.26
CA SER A 42 1.07 -6.21 74.75
C SER A 42 2.38 -6.93 74.38
N LYS A 43 2.30 -8.16 73.85
CA LYS A 43 3.48 -8.96 73.54
C LYS A 43 4.24 -8.35 72.35
N VAL A 44 5.56 -8.55 72.32
CA VAL A 44 6.42 -7.99 71.28
C VAL A 44 6.14 -8.69 69.94
N ALA A 45 6.12 -7.89 68.86
CA ALA A 45 5.86 -8.39 67.51
C ALA A 45 7.13 -9.02 66.94
N LYS A 46 7.11 -10.35 66.76
CA LYS A 46 8.25 -11.10 66.27
C LYS A 46 7.98 -11.63 64.86
N LEU A 47 8.84 -11.26 63.90
CA LEU A 47 8.72 -11.70 62.51
C LEU A 47 9.39 -13.05 62.31
N ASP A 48 8.98 -13.73 61.23
CA ASP A 48 9.65 -14.92 60.72
C ASP A 48 9.97 -14.73 59.23
N THR A 49 11.24 -14.39 58.94
CA THR A 49 11.72 -14.15 57.58
C THR A 49 12.55 -15.31 57.04
N SER A 50 12.45 -16.51 57.65
CA SER A 50 13.27 -17.65 57.28
C SER A 50 12.88 -18.23 55.91
N GLN A 51 11.64 -18.01 55.47
CA GLN A 51 11.16 -18.51 54.18
C GLN A 51 11.08 -17.43 53.11
N TRP A 52 11.63 -16.22 53.36
CA TRP A 52 11.64 -15.15 52.37
C TRP A 52 12.66 -15.46 51.29
N PRO A 53 12.41 -15.07 50.01
CA PRO A 53 13.24 -15.51 48.90
C PRO A 53 14.59 -14.80 48.76
N LEU A 54 15.63 -15.58 48.45
CA LEU A 54 16.95 -15.09 48.06
C LEU A 54 17.56 -14.21 49.15
N LEU A 55 17.99 -12.98 48.80
CA LEU A 55 18.80 -12.17 49.70
C LEU A 55 17.96 -11.57 50.82
N LEU A 56 16.62 -11.72 50.77
CA LEU A 56 15.74 -11.35 51.88
C LEU A 56 15.58 -12.48 52.90
N LYS A 57 16.20 -13.66 52.69
CA LYS A 57 16.11 -14.74 53.66
C LYS A 57 16.84 -14.36 54.93
N ASN A 58 16.14 -14.50 56.08
CA ASN A 58 16.66 -14.10 57.39
C ASN A 58 17.07 -12.63 57.38
N PHE A 59 16.16 -11.79 56.88
CA PHE A 59 16.31 -10.34 56.88
C PHE A 59 16.21 -9.80 58.31
N ASP A 60 15.39 -10.47 59.12
CA ASP A 60 15.20 -10.16 60.53
C ASP A 60 16.50 -10.28 61.34
N LYS A 61 17.38 -11.21 60.96
CA LYS A 61 18.58 -11.52 61.71
C LYS A 61 19.74 -10.56 61.46
N LEU A 62 19.62 -9.64 60.47
CA LEU A 62 20.63 -8.63 60.23
C LEU A 62 20.64 -7.60 61.37
N ASN A 63 21.82 -7.07 61.68
CA ASN A 63 21.95 -6.02 62.68
C ASN A 63 21.39 -4.71 62.11
N VAL A 64 20.54 -4.02 62.88
CA VAL A 64 19.87 -2.80 62.43
C VAL A 64 20.63 -1.59 62.95
N ARG A 65 21.10 -0.73 62.03
CA ARG A 65 21.73 0.53 62.38
C ARG A 65 20.65 1.59 62.59
N THR A 66 19.78 1.76 61.59
CA THR A 66 18.64 2.67 61.66
C THR A 66 17.43 2.08 60.95
N THR A 67 16.25 2.59 61.32
CA THR A 67 14.98 2.31 60.64
C THR A 67 14.48 3.52 59.83
N HIS A 68 15.10 4.69 59.99
CA HIS A 68 14.54 5.96 59.53
C HIS A 68 15.02 6.32 58.13
N TYR A 69 14.17 6.09 57.13
CA TYR A 69 14.48 6.48 55.76
C TYR A 69 13.21 6.55 54.91
N THR A 70 13.35 7.05 53.67
CA THR A 70 12.26 7.18 52.73
C THR A 70 12.45 6.18 51.59
N PRO A 71 11.66 5.07 51.53
CA PRO A 71 11.69 4.18 50.37
C PRO A 71 11.15 4.82 49.09
N LEU A 72 11.62 4.36 47.93
CA LEU A 72 11.42 5.07 46.67
C LEU A 72 10.45 4.43 45.67
N ALA A 73 10.21 3.11 45.73
CA ALA A 73 9.19 2.47 44.92
C ALA A 73 9.52 2.48 43.42
N CYS A 74 10.81 2.24 43.12
CA CYS A 74 11.34 2.28 41.76
C CYS A 74 11.67 0.88 41.25
N GLY A 75 12.41 0.10 42.05
CA GLY A 75 12.83 -1.24 41.69
C GLY A 75 11.76 -2.29 41.91
N SER A 76 12.19 -3.55 42.16
CA SER A 76 11.30 -4.66 42.45
C SER A 76 12.01 -5.72 43.28
N ASN A 77 11.23 -6.58 43.93
CA ASN A 77 11.74 -7.84 44.46
C ASN A 77 12.28 -8.67 43.28
N PRO A 78 13.55 -9.13 43.30
CA PRO A 78 14.16 -9.85 42.19
C PRO A 78 13.31 -10.94 41.53
N LEU A 79 12.56 -11.71 42.34
CA LEU A 79 11.72 -12.78 41.84
C LEU A 79 10.53 -12.30 41.04
N LYS A 80 10.04 -11.08 41.34
CA LYS A 80 8.80 -10.57 40.78
C LYS A 80 9.05 -9.37 39.88
N ARG A 81 10.22 -9.35 39.20
CA ARG A 81 10.47 -8.40 38.14
C ARG A 81 9.60 -8.76 36.95
N GLU A 82 9.24 -7.75 36.13
CA GLU A 82 8.56 -8.01 34.86
C GLU A 82 9.45 -8.88 33.99
N ILE A 83 8.84 -9.68 33.11
CA ILE A 83 9.55 -10.75 32.40
C ILE A 83 10.76 -10.22 31.62
N GLY A 84 10.65 -9.02 31.01
CA GLY A 84 11.76 -8.40 30.31
C GLY A 84 12.97 -8.16 31.23
N ASP A 85 12.72 -7.43 32.33
CA ASP A 85 13.72 -7.14 33.35
C ASP A 85 14.22 -8.39 34.06
N TYR A 86 13.35 -9.40 34.23
CA TYR A 86 13.69 -10.65 34.87
C TYR A 86 14.75 -11.42 34.08
N ILE A 87 14.59 -11.48 32.75
CA ILE A 87 15.52 -12.18 31.86
C ILE A 87 16.85 -11.42 31.79
N ARG A 88 16.79 -10.08 31.66
CA ARG A 88 17.97 -9.23 31.58
C ARG A 88 18.84 -9.27 32.82
N THR A 89 18.28 -9.59 33.99
CA THR A 89 19.02 -9.66 35.25
C THR A 89 19.17 -11.10 35.75
N GLY A 90 19.12 -12.08 34.83
CA GLY A 90 19.01 -13.48 35.22
C GLY A 90 20.11 -14.37 34.65
N PHE A 91 20.06 -15.66 35.03
CA PHE A 91 20.95 -16.67 34.51
C PHE A 91 20.24 -18.02 34.40
N ILE A 92 20.88 -18.96 33.68
CA ILE A 92 20.41 -20.32 33.52
C ILE A 92 21.49 -21.27 34.03
N ASN A 93 21.15 -22.19 34.93
CA ASN A 93 22.01 -23.32 35.28
C ASN A 93 21.81 -24.40 34.22
N LEU A 94 22.54 -24.30 33.11
CA LEU A 94 22.32 -25.15 31.95
C LEU A 94 23.07 -26.47 32.11
N ASP A 95 22.43 -27.55 31.62
CA ASP A 95 23.09 -28.82 31.39
C ASP A 95 23.53 -28.83 29.92
N LYS A 96 24.83 -28.61 29.70
CA LYS A 96 25.38 -28.43 28.37
C LYS A 96 25.27 -29.73 27.59
N PRO A 97 24.77 -29.70 26.32
CA PRO A 97 24.76 -30.89 25.47
C PRO A 97 26.14 -31.21 24.89
N SER A 98 26.27 -32.38 24.24
CA SER A 98 27.57 -33.01 24.03
C SER A 98 28.17 -32.77 22.64
N ASN A 99 27.47 -32.11 21.70
CA ASN A 99 28.07 -31.75 20.42
C ASN A 99 28.76 -30.38 20.43
N PRO A 100 28.09 -29.26 20.81
CA PRO A 100 28.60 -27.93 20.56
C PRO A 100 29.65 -27.44 21.56
N SER A 101 30.37 -26.39 21.18
CA SER A 101 31.29 -25.68 22.07
C SER A 101 30.50 -24.80 23.04
N SER A 102 31.18 -24.37 24.12
CA SER A 102 30.58 -23.53 25.14
C SER A 102 30.20 -22.15 24.60
N HIS A 103 31.02 -21.60 23.69
CA HIS A 103 30.73 -20.33 23.04
C HIS A 103 29.51 -20.43 22.11
N GLU A 104 29.35 -21.57 21.42
CA GLU A 104 28.20 -21.82 20.57
C GLU A 104 26.89 -21.96 21.37
N VAL A 105 26.98 -22.60 22.54
CA VAL A 105 25.81 -22.81 23.40
C VAL A 105 25.22 -21.49 23.88
N VAL A 106 26.07 -20.57 24.37
CA VAL A 106 25.60 -19.27 24.84
C VAL A 106 25.15 -18.39 23.68
N ALA A 107 25.69 -18.60 22.47
CA ALA A 107 25.21 -17.93 21.27
C ALA A 107 23.78 -18.37 20.90
N TRP A 108 23.47 -19.67 21.08
CA TRP A 108 22.11 -20.16 20.89
C TRP A 108 21.13 -19.51 21.86
N ILE A 109 21.52 -19.47 23.14
CA ILE A 109 20.70 -18.91 24.21
C ILE A 109 20.46 -17.41 23.98
N ARG A 110 21.49 -16.71 23.47
CA ARG A 110 21.37 -15.32 23.09
C ARG A 110 20.34 -15.13 21.98
N ARG A 111 20.36 -16.02 20.99
CA ARG A 111 19.43 -16.00 19.87
C ARG A 111 18.01 -16.36 20.28
N ILE A 112 17.86 -17.40 21.14
CA ILE A 112 16.56 -17.87 21.58
C ILE A 112 15.83 -16.77 22.35
N LEU A 113 16.45 -16.30 23.44
CA LEU A 113 15.84 -15.31 24.33
C LEU A 113 15.71 -13.92 23.71
N ARG A 114 16.33 -13.68 22.54
CA ARG A 114 16.21 -12.43 21.79
C ARG A 114 16.79 -11.29 22.63
N VAL A 115 18.06 -11.46 23.01
CA VAL A 115 18.75 -10.69 24.02
C VAL A 115 20.13 -10.32 23.48
N GLU A 116 20.76 -9.25 24.03
CA GLU A 116 21.90 -8.62 23.39
C GLU A 116 23.25 -9.27 23.77
N LYS A 117 23.40 -9.70 25.04
CA LYS A 117 24.69 -10.19 25.54
C LYS A 117 24.51 -11.41 26.43
N THR A 118 25.51 -12.31 26.40
CA THR A 118 25.51 -13.55 27.19
C THR A 118 26.95 -13.97 27.51
N GLY A 119 27.16 -14.62 28.67
CA GLY A 119 28.45 -15.17 29.06
C GLY A 119 28.28 -16.47 29.85
N HIS A 120 29.39 -17.10 30.28
CA HIS A 120 29.34 -18.38 30.98
C HIS A 120 30.40 -18.54 32.08
N SER A 121 30.24 -19.58 32.92
CA SER A 121 30.99 -19.77 34.15
C SER A 121 32.24 -20.64 34.00
N GLY A 122 32.58 -21.07 32.78
CA GLY A 122 33.81 -21.80 32.52
C GLY A 122 33.67 -22.63 31.25
N THR A 123 34.70 -22.57 30.37
CA THR A 123 34.63 -23.22 29.08
C THR A 123 34.69 -24.74 29.25
N LEU A 124 33.60 -25.42 28.84
CA LEU A 124 33.58 -26.85 28.68
C LEU A 124 33.89 -27.17 27.22
N ASP A 125 34.68 -28.23 27.00
CA ASP A 125 35.10 -28.64 25.66
C ASP A 125 33.90 -29.20 24.91
N PRO A 126 33.88 -29.17 23.56
CA PRO A 126 32.72 -29.61 22.76
C PRO A 126 32.03 -30.90 23.19
N LYS A 127 32.80 -31.94 23.55
CA LYS A 127 32.27 -33.25 23.92
C LYS A 127 32.02 -33.41 25.41
N VAL A 128 32.14 -32.32 26.21
CA VAL A 128 31.92 -32.35 27.65
C VAL A 128 30.53 -31.77 27.95
N THR A 129 29.84 -32.35 28.93
CA THR A 129 28.51 -31.92 29.33
C THR A 129 28.54 -31.38 30.76
N GLY A 130 27.41 -30.85 31.22
CA GLY A 130 27.19 -30.57 32.64
C GLY A 130 26.95 -29.08 32.92
N CYS A 131 27.19 -28.67 34.18
CA CYS A 131 26.85 -27.35 34.68
C CYS A 131 27.57 -26.24 33.94
N LEU A 132 26.80 -25.38 33.27
CA LEU A 132 27.29 -24.18 32.61
C LEU A 132 26.36 -23.03 32.96
N ILE A 133 26.77 -22.19 33.94
CA ILE A 133 25.97 -21.07 34.38
C ILE A 133 25.98 -19.98 33.31
N VAL A 134 24.96 -19.94 32.48
CA VAL A 134 24.85 -18.96 31.42
C VAL A 134 24.21 -17.68 31.96
N CYS A 135 25.03 -16.63 32.12
CA CYS A 135 24.57 -15.32 32.58
C CYS A 135 24.04 -14.51 31.40
N ILE A 136 22.94 -13.77 31.64
CA ILE A 136 22.22 -13.04 30.59
C ILE A 136 22.31 -11.55 30.84
N GLU A 137 22.68 -10.76 29.82
CA GLU A 137 22.71 -9.29 29.85
C GLU A 137 23.42 -8.79 31.10
N ARG A 138 22.70 -8.15 32.02
CA ARG A 138 23.29 -7.42 33.14
C ARG A 138 23.86 -8.36 34.22
N ALA A 139 23.44 -9.64 34.20
CA ALA A 139 24.09 -10.68 35.00
C ALA A 139 25.47 -11.07 34.47
N THR A 140 25.84 -10.66 33.24
CA THR A 140 27.16 -10.94 32.69
C THR A 140 28.28 -10.20 33.44
N ARG A 141 27.92 -9.26 34.31
CA ARG A 141 28.86 -8.59 35.19
C ARG A 141 29.40 -9.53 36.27
N LEU A 142 28.71 -10.66 36.53
CA LEU A 142 29.17 -11.68 37.48
C LEU A 142 30.05 -12.76 36.86
N VAL A 143 30.29 -12.78 35.54
CA VAL A 143 30.96 -13.91 34.89
C VAL A 143 32.38 -14.15 35.40
N LYS A 144 33.10 -13.08 35.75
CA LYS A 144 34.44 -13.22 36.29
C LYS A 144 34.44 -13.95 37.64
N SER A 145 33.44 -13.67 38.48
CA SER A 145 33.29 -14.33 39.77
C SER A 145 32.91 -15.79 39.61
N GLN A 146 32.02 -16.08 38.63
CA GLN A 146 31.60 -17.44 38.35
C GLN A 146 32.71 -18.26 37.67
N GLN A 147 33.51 -17.62 36.80
CA GLN A 147 34.64 -18.27 36.14
C GLN A 147 35.75 -18.65 37.13
N SER A 148 35.92 -17.89 38.21
CA SER A 148 36.95 -18.17 39.21
C SER A 148 36.49 -19.14 40.30
N ALA A 149 35.21 -19.55 40.31
CA ALA A 149 34.66 -20.39 41.35
C ALA A 149 35.13 -21.85 41.19
N GLY A 150 35.09 -22.58 42.32
CA GLY A 150 35.56 -23.96 42.38
C GLY A 150 34.56 -24.91 41.70
N LYS A 151 35.09 -25.91 40.99
CA LYS A 151 34.30 -26.77 40.11
C LYS A 151 34.52 -28.25 40.40
N GLU A 152 33.48 -29.07 40.19
CA GLU A 152 33.57 -30.50 40.41
C GLU A 152 33.26 -31.23 39.10
N TYR A 153 34.00 -32.32 38.84
CA TYR A 153 33.86 -33.10 37.62
C TYR A 153 33.68 -34.59 37.94
N VAL A 154 33.01 -35.29 37.01
CA VAL A 154 32.93 -36.73 36.99
C VAL A 154 33.34 -37.18 35.59
N GLY A 155 34.52 -37.81 35.49
CA GLY A 155 35.07 -38.25 34.22
C GLY A 155 35.38 -39.75 34.23
N ILE A 156 35.74 -40.25 33.05
CA ILE A 156 36.10 -41.63 32.83
C ILE A 156 37.51 -41.64 32.24
N VAL A 157 38.47 -42.23 32.97
CA VAL A 157 39.83 -42.43 32.49
C VAL A 157 39.89 -43.82 31.88
N ARG A 158 40.43 -43.91 30.66
CA ARG A 158 40.57 -45.18 29.96
C ARG A 158 42.05 -45.52 29.90
N LEU A 159 42.46 -46.56 30.64
CA LEU A 159 43.85 -46.94 30.76
C LEU A 159 44.24 -47.80 29.56
N HIS A 160 45.46 -47.59 29.03
CA HIS A 160 45.92 -48.30 27.84
C HIS A 160 46.27 -49.77 28.11
N ASN A 161 46.72 -50.10 29.34
CA ASN A 161 47.05 -51.47 29.74
C ASN A 161 46.41 -51.79 31.09
N ALA A 162 46.38 -53.08 31.43
CA ALA A 162 45.67 -53.59 32.60
C ALA A 162 46.40 -53.24 33.90
N ILE A 163 45.61 -53.19 34.99
CA ILE A 163 46.06 -52.83 36.33
C ILE A 163 45.63 -53.95 37.29
N GLU A 164 46.36 -54.08 38.41
CA GLU A 164 46.13 -55.14 39.40
C GLU A 164 44.74 -55.03 40.02
N GLY A 165 44.32 -53.81 40.40
CA GLY A 165 42.97 -53.55 40.85
C GLY A 165 42.65 -52.06 40.99
N GLY A 166 41.42 -51.77 41.42
CA GLY A 166 40.94 -50.41 41.58
C GLY A 166 41.63 -49.63 42.71
N THR A 167 42.33 -50.32 43.64
CA THR A 167 43.12 -49.69 44.68
C THR A 167 44.30 -48.89 44.12
N GLN A 168 44.90 -49.35 43.01
CA GLN A 168 46.05 -48.68 42.41
C GLN A 168 45.64 -47.33 41.80
N LEU A 169 44.49 -47.32 41.08
CA LEU A 169 43.95 -46.11 40.48
C LEU A 169 43.49 -45.13 41.56
N SER A 170 42.99 -45.62 42.70
CA SER A 170 42.63 -44.78 43.84
C SER A 170 43.86 -44.13 44.48
N ARG A 171 44.95 -44.91 44.63
CA ARG A 171 46.22 -44.43 45.15
C ARG A 171 46.85 -43.36 44.25
N ALA A 172 46.65 -43.46 42.93
CA ALA A 172 47.10 -42.43 41.99
C ALA A 172 46.31 -41.12 42.20
N LEU A 173 44.99 -41.23 42.42
CA LEU A 173 44.15 -40.08 42.72
C LEU A 173 44.45 -39.49 44.10
N GLU A 174 44.78 -40.35 45.08
CA GLU A 174 45.25 -39.90 46.39
C GLU A 174 46.54 -39.09 46.28
N THR A 175 47.45 -39.51 45.39
CA THR A 175 48.74 -38.86 45.17
C THR A 175 48.55 -37.48 44.54
N LEU A 176 47.62 -37.37 43.56
CA LEU A 176 47.39 -36.11 42.85
C LEU A 176 46.33 -35.22 43.55
N THR A 177 46.01 -35.47 44.83
CA THR A 177 45.26 -34.53 45.64
C THR A 177 46.22 -33.50 46.22
N GLY A 178 46.02 -32.22 45.85
CA GLY A 178 46.88 -31.13 46.29
C GLY A 178 47.18 -30.15 45.16
N ALA A 179 48.14 -29.25 45.40
CA ALA A 179 48.55 -28.25 44.42
C ALA A 179 49.47 -28.89 43.38
N LEU A 180 49.02 -28.99 42.12
CA LEU A 180 49.71 -29.77 41.08
C LEU A 180 50.31 -28.89 39.99
N PHE A 181 51.35 -29.42 39.33
CA PHE A 181 51.84 -28.90 38.06
C PHE A 181 50.95 -29.42 36.93
N GLN A 182 50.60 -28.56 35.98
CA GLN A 182 49.82 -28.95 34.81
C GLN A 182 50.20 -28.08 33.60
N ARG A 183 49.96 -28.63 32.41
CA ARG A 183 50.16 -27.97 31.13
C ARG A 183 48.89 -28.10 30.30
N PRO A 184 48.49 -27.08 29.49
CA PRO A 184 47.33 -27.21 28.63
C PRO A 184 47.44 -28.29 27.55
N PRO A 185 46.31 -28.68 26.92
CA PRO A 185 46.33 -29.55 25.74
C PRO A 185 46.73 -28.79 24.49
N LEU A 186 46.88 -29.53 23.37
CA LEU A 186 47.35 -28.98 22.10
C LEU A 186 46.19 -28.35 21.29
N ARG A 192 52.94 -23.95 25.42
CA ARG A 192 52.41 -23.03 26.46
C ARG A 192 53.05 -23.34 27.82
N GLN A 193 52.97 -22.36 28.73
CA GLN A 193 53.70 -22.39 29.99
C GLN A 193 53.13 -23.42 30.96
N LEU A 194 53.97 -23.82 31.92
CA LEU A 194 53.57 -24.66 33.04
C LEU A 194 52.73 -23.82 34.01
N ARG A 195 51.64 -24.43 34.52
CA ARG A 195 50.72 -23.75 35.44
C ARG A 195 50.43 -24.62 36.66
N VAL A 196 50.06 -23.96 37.77
CA VAL A 196 49.72 -24.63 39.01
C VAL A 196 48.21 -24.62 39.19
N ARG A 197 47.64 -25.80 39.50
CA ARG A 197 46.21 -25.95 39.70
C ARG A 197 45.95 -26.94 40.85
N THR A 198 45.23 -26.50 41.90
CA THR A 198 44.96 -27.33 43.06
C THR A 198 43.73 -28.21 42.81
N ILE A 199 43.84 -29.49 43.21
CA ILE A 199 42.73 -30.42 43.27
C ILE A 199 42.46 -30.68 44.76
N TYR A 200 41.30 -30.21 45.23
CA TYR A 200 41.00 -30.20 46.66
C TYR A 200 40.71 -31.62 47.16
N GLU A 201 39.80 -32.31 46.46
CA GLU A 201 39.43 -33.68 46.82
C GLU A 201 39.32 -34.52 45.54
N SER A 202 39.62 -35.81 45.68
CA SER A 202 39.52 -36.78 44.58
C SER A 202 38.99 -38.11 45.12
N LYS A 203 38.34 -38.89 44.24
CA LYS A 203 37.68 -40.11 44.67
C LYS A 203 37.52 -41.08 43.49
N MET A 204 37.52 -42.38 43.82
CA MET A 204 37.23 -43.44 42.87
C MET A 204 35.79 -43.90 43.07
N ILE A 205 34.98 -43.80 42.01
CA ILE A 205 33.60 -44.26 42.07
C ILE A 205 33.56 -45.74 41.77
N GLU A 206 34.07 -46.15 40.60
CA GLU A 206 34.23 -47.56 40.27
C GLU A 206 35.20 -47.77 39.09
N TYR A 207 35.65 -49.02 38.93
CA TYR A 207 36.58 -49.42 37.89
C TYR A 207 36.11 -50.72 37.22
N ASP A 208 36.30 -50.78 35.90
CA ASP A 208 35.91 -51.93 35.09
C ASP A 208 37.15 -52.51 34.42
N PRO A 209 37.67 -53.67 34.91
CA PRO A 209 38.86 -54.30 34.32
C PRO A 209 38.75 -54.79 32.87
N GLU A 210 37.54 -55.07 32.39
CA GLU A 210 37.34 -55.62 31.05
C GLU A 210 37.72 -54.59 29.98
N ARG A 211 37.09 -53.40 30.05
CA ARG A 211 37.28 -52.32 29.09
C ARG A 211 38.31 -51.29 29.58
N ARG A 212 38.86 -51.47 30.79
CA ARG A 212 39.93 -50.62 31.32
C ARG A 212 39.46 -49.17 31.46
N LEU A 213 38.25 -49.02 31.99
CA LEU A 213 37.63 -47.72 32.22
C LEU A 213 37.42 -47.54 33.73
N GLY A 214 37.69 -46.33 34.24
CA GLY A 214 37.53 -46.01 35.65
C GLY A 214 36.87 -44.65 35.83
N ILE A 215 35.74 -44.61 36.55
CA ILE A 215 35.08 -43.35 36.87
C ILE A 215 35.79 -42.73 38.07
N PHE A 216 36.14 -41.44 37.94
CA PHE A 216 36.70 -40.66 39.03
C PHE A 216 35.87 -39.38 39.21
N TRP A 217 35.81 -38.89 40.46
CA TRP A 217 35.23 -37.60 40.78
C TRP A 217 36.33 -36.73 41.38
N VAL A 218 36.42 -35.47 40.94
CA VAL A 218 37.41 -34.52 41.45
C VAL A 218 36.77 -33.16 41.68
N SER A 219 37.06 -32.58 42.85
CA SER A 219 36.82 -31.17 43.15
C SER A 219 38.13 -30.43 42.94
N CYS A 220 38.08 -29.31 42.23
CA CYS A 220 39.28 -28.59 41.82
C CYS A 220 39.00 -27.09 41.66
N GLU A 221 40.08 -26.31 41.57
CA GLU A 221 39.96 -24.89 41.27
C GLU A 221 39.64 -24.70 39.78
N ALA A 222 39.26 -23.48 39.43
CA ALA A 222 38.92 -23.12 38.06
C ALA A 222 40.15 -23.20 37.16
N GLY A 223 39.91 -23.65 35.91
CA GLY A 223 40.96 -23.75 34.91
C GLY A 223 41.83 -25.00 35.05
N THR A 224 41.44 -25.96 35.91
CA THR A 224 42.14 -27.23 36.04
C THR A 224 41.81 -28.06 34.80
N TYR A 225 42.87 -28.60 34.16
CA TYR A 225 42.71 -29.40 32.95
C TYR A 225 42.58 -30.87 33.32
N ILE A 226 41.38 -31.43 33.06
CA ILE A 226 41.06 -32.80 33.46
C ILE A 226 41.61 -33.78 32.43
N ARG A 227 41.73 -33.37 31.15
CA ARG A 227 42.44 -34.14 30.13
C ARG A 227 43.87 -34.44 30.58
N THR A 228 44.54 -33.39 31.09
CA THR A 228 45.90 -33.47 31.59
C THR A 228 45.97 -34.37 32.83
N LEU A 229 44.98 -34.30 33.71
CA LEU A 229 44.90 -35.13 34.90
C LEU A 229 44.82 -36.62 34.52
N CYS A 230 44.02 -36.96 33.50
CA CYS A 230 43.89 -38.34 33.03
C CYS A 230 45.18 -38.89 32.44
N VAL A 231 45.95 -38.04 31.73
CA VAL A 231 47.26 -38.40 31.21
C VAL A 231 48.23 -38.67 32.37
N HIS A 232 48.21 -37.80 33.40
CA HIS A 232 49.08 -37.93 34.56
C HIS A 232 48.72 -39.16 35.39
N LEU A 233 47.43 -39.51 35.50
CA LEU A 233 46.99 -40.75 36.13
C LEU A 233 47.56 -41.96 35.39
N GLY A 234 47.59 -41.89 34.05
CA GLY A 234 48.16 -42.91 33.19
C GLY A 234 49.68 -43.09 33.37
N LEU A 235 50.42 -41.97 33.41
CA LEU A 235 51.86 -41.97 33.61
C LEU A 235 52.22 -42.47 35.01
N LEU A 236 51.48 -42.00 36.02
CA LEU A 236 51.77 -42.33 37.41
C LEU A 236 51.55 -43.82 37.69
N LEU A 237 50.52 -44.42 37.06
CA LEU A 237 50.27 -45.85 37.17
C LEU A 237 51.29 -46.68 36.41
N GLY A 238 51.79 -46.15 35.28
CA GLY A 238 52.78 -46.83 34.44
C GLY A 238 52.18 -47.46 33.18
N VAL A 239 50.86 -47.67 33.17
CA VAL A 239 50.16 -48.29 32.05
C VAL A 239 49.89 -47.31 30.91
N GLY A 240 49.78 -46.00 31.22
CA GLY A 240 49.38 -44.96 30.28
C GLY A 240 47.86 -44.83 30.23
N GLY A 241 47.35 -43.65 29.82
CA GLY A 241 45.91 -43.43 29.77
C GLY A 241 45.49 -42.09 29.15
N GLN A 242 44.17 -41.95 28.95
CA GLN A 242 43.57 -40.71 28.44
C GLN A 242 42.12 -40.57 28.94
N MET A 243 41.56 -39.38 28.74
CA MET A 243 40.20 -39.08 29.17
C MET A 243 39.23 -39.61 28.11
N GLN A 244 38.33 -40.52 28.51
CA GLN A 244 37.30 -41.04 27.63
C GLN A 244 36.17 -40.02 27.47
N GLU A 245 35.62 -39.57 28.62
CA GLU A 245 34.58 -38.56 28.64
C GLU A 245 34.56 -37.84 29.99
N LEU A 246 33.84 -36.70 30.02
CA LEU A 246 33.85 -35.79 31.15
C LEU A 246 32.46 -35.15 31.31
N ARG A 247 32.13 -34.81 32.56
CA ARG A 247 30.91 -34.12 32.89
C ARG A 247 31.16 -33.24 34.12
N ARG A 248 30.73 -31.97 34.05
CA ARG A 248 30.82 -31.06 35.17
C ARG A 248 29.56 -31.16 36.02
N VAL A 249 29.70 -31.55 37.29
CA VAL A 249 28.58 -31.71 38.19
C VAL A 249 28.32 -30.47 39.05
N ARG A 250 29.33 -29.59 39.23
CA ARG A 250 29.19 -28.37 40.00
C ARG A 250 29.95 -27.22 39.34
N SER A 251 29.40 -26.01 39.45
CA SER A 251 30.03 -24.79 39.00
C SER A 251 29.80 -23.72 40.06
N GLY A 252 30.71 -23.66 41.04
CA GLY A 252 30.58 -22.74 42.15
C GLY A 252 29.40 -23.09 43.06
N VAL A 253 28.38 -22.24 43.07
CA VAL A 253 27.23 -22.41 43.96
C VAL A 253 26.22 -23.38 43.36
N MET A 254 26.07 -23.37 42.02
CA MET A 254 25.08 -24.21 41.36
C MET A 254 25.64 -25.62 41.13
N SER A 255 24.74 -26.61 41.19
CA SER A 255 25.04 -28.02 41.02
C SER A 255 24.07 -28.63 40.01
N GLU A 256 24.21 -29.93 39.75
CA GLU A 256 23.33 -30.62 38.82
C GLU A 256 22.01 -31.05 39.46
N LYS A 257 21.86 -30.95 40.79
CA LYS A 257 20.58 -31.17 41.46
C LYS A 257 19.92 -29.86 41.91
N ASP A 258 20.44 -28.70 41.48
CA ASP A 258 19.93 -27.40 41.86
C ASP A 258 19.43 -26.66 40.61
N HIS A 259 18.14 -26.84 40.32
CA HIS A 259 17.44 -26.03 39.32
C HIS A 259 18.05 -26.16 37.92
N MET A 260 18.64 -27.32 37.61
CA MET A 260 19.34 -27.50 36.37
C MET A 260 18.33 -27.78 35.24
N VAL A 261 18.65 -27.23 34.05
CA VAL A 261 17.74 -27.12 32.94
C VAL A 261 18.51 -27.44 31.66
N THR A 262 17.81 -27.86 30.61
CA THR A 262 18.40 -28.28 29.35
C THR A 262 18.09 -27.25 28.26
N MET A 263 18.78 -27.37 27.12
CA MET A 263 18.58 -26.47 25.98
C MET A 263 17.16 -26.57 25.40
N HIS A 264 16.54 -27.74 25.53
CA HIS A 264 15.16 -27.96 25.11
C HIS A 264 14.22 -27.11 25.98
N ASP A 265 14.41 -27.16 27.29
CA ASP A 265 13.64 -26.36 28.23
C ASP A 265 13.73 -24.86 27.93
N VAL A 266 14.95 -24.39 27.62
CA VAL A 266 15.18 -22.98 27.32
C VAL A 266 14.41 -22.57 26.07
N LEU A 267 14.48 -23.39 25.02
CA LEU A 267 13.76 -23.15 23.78
C LEU A 267 12.26 -23.23 23.99
N ASP A 268 11.81 -24.26 24.72
CA ASP A 268 10.39 -24.49 24.98
C ASP A 268 9.76 -23.41 25.84
N ALA A 269 10.49 -22.96 26.87
CA ALA A 269 10.01 -21.92 27.79
C ALA A 269 9.82 -20.58 27.09
N GLN A 270 10.75 -20.24 26.19
CA GLN A 270 10.62 -19.06 25.35
C GLN A 270 9.41 -19.20 24.41
N TRP A 271 9.27 -20.38 23.78
CA TRP A 271 8.17 -20.62 22.85
C TRP A 271 6.82 -20.48 23.55
N LEU A 272 6.72 -21.06 24.76
CA LEU A 272 5.49 -21.00 25.54
C LEU A 272 5.11 -19.56 25.89
N TYR A 273 6.12 -18.73 26.17
CA TYR A 273 5.90 -17.31 26.42
C TYR A 273 5.44 -16.58 25.13
N ASP A 274 6.00 -16.96 23.98
CA ASP A 274 5.66 -16.34 22.72
C ASP A 274 4.25 -16.67 22.26
N ASN A 275 3.86 -17.96 22.31
CA ASN A 275 2.63 -18.45 21.70
C ASN A 275 1.44 -18.49 22.66
N HIS A 276 1.66 -18.74 23.96
CA HIS A 276 0.60 -18.81 24.95
C HIS A 276 0.60 -17.62 25.93
N LYS A 277 1.55 -16.67 25.78
CA LYS A 277 1.71 -15.55 26.70
C LYS A 277 1.87 -15.99 28.16
N ASP A 278 2.55 -17.12 28.38
CA ASP A 278 2.71 -17.74 29.68
C ASP A 278 4.17 -17.63 30.13
N GLU A 279 4.42 -16.80 31.16
CA GLU A 279 5.74 -16.57 31.71
C GLU A 279 6.21 -17.70 32.64
N SER A 280 5.27 -18.55 33.08
CA SER A 280 5.50 -19.56 34.12
C SER A 280 6.75 -20.41 33.86
N TYR A 281 6.93 -20.85 32.61
CA TYR A 281 8.01 -21.78 32.25
C TYR A 281 9.36 -21.05 32.23
N LEU A 282 9.41 -19.81 31.69
CA LEU A 282 10.63 -18.99 31.72
C LEU A 282 11.12 -18.76 33.15
N ARG A 283 10.20 -18.54 34.09
CA ARG A 283 10.55 -18.27 35.48
C ARG A 283 11.01 -19.52 36.24
N ARG A 284 10.83 -20.72 35.67
CA ARG A 284 11.46 -21.94 36.17
C ARG A 284 12.82 -22.21 35.52
N VAL A 285 13.02 -21.72 34.29
CA VAL A 285 14.27 -21.87 33.55
C VAL A 285 15.30 -20.85 34.04
N VAL A 286 14.92 -19.56 33.97
CA VAL A 286 15.79 -18.44 34.33
C VAL A 286 15.59 -18.13 35.80
N TYR A 287 16.68 -17.81 36.48
CA TYR A 287 16.64 -17.34 37.86
C TYR A 287 17.36 -16.01 37.94
N PRO A 288 16.99 -15.12 38.89
CA PRO A 288 17.66 -13.84 39.01
C PRO A 288 19.07 -14.00 39.54
N LEU A 289 20.00 -13.14 39.09
CA LEU A 289 21.41 -13.18 39.48
C LEU A 289 21.64 -13.19 41.00
N GLU A 290 20.66 -12.71 41.79
CA GLU A 290 20.73 -12.68 43.24
C GLU A 290 20.84 -14.08 43.84
N LYS A 291 20.36 -15.11 43.14
CA LYS A 291 20.46 -16.50 43.58
C LYS A 291 21.92 -16.98 43.61
N LEU A 292 22.79 -16.41 42.76
CA LEU A 292 24.21 -16.74 42.76
C LEU A 292 24.95 -16.14 43.97
N LEU A 293 24.40 -15.08 44.60
CA LEU A 293 25.08 -14.31 45.62
C LEU A 293 24.58 -14.62 47.04
N THR A 294 23.84 -15.72 47.23
CA THR A 294 23.19 -16.02 48.50
C THR A 294 24.20 -16.42 49.60
N SER A 295 25.40 -16.88 49.20
CA SER A 295 26.45 -17.26 50.14
C SER A 295 27.11 -16.06 50.83
N HIS A 296 27.11 -14.89 50.16
CA HIS A 296 27.83 -13.72 50.63
C HIS A 296 27.11 -13.02 51.78
N LYS A 297 27.89 -12.27 52.57
CA LYS A 297 27.36 -11.47 53.67
C LYS A 297 26.75 -10.19 53.10
N ARG A 298 25.65 -9.73 53.70
CA ARG A 298 24.81 -8.68 53.14
C ARG A 298 25.02 -7.35 53.85
N LEU A 299 24.89 -6.25 53.07
CA LEU A 299 24.92 -4.90 53.59
C LEU A 299 23.77 -4.12 52.94
N VAL A 300 22.72 -3.86 53.72
CA VAL A 300 21.50 -3.27 53.21
C VAL A 300 21.64 -1.74 53.20
N MET A 301 21.57 -1.14 52.01
CA MET A 301 21.73 0.30 51.88
C MET A 301 20.38 1.00 51.82
N LYS A 302 20.41 2.27 52.21
CA LYS A 302 19.26 3.16 52.17
C LYS A 302 19.02 3.53 50.70
N ASP A 303 17.75 3.73 50.32
CA ASP A 303 17.36 3.87 48.92
C ASP A 303 18.00 5.10 48.27
N SER A 304 18.29 6.15 49.05
CA SER A 304 19.00 7.34 48.59
C SER A 304 20.44 7.05 48.15
N ALA A 305 21.10 6.11 48.84
CA ALA A 305 22.50 5.78 48.58
C ALA A 305 22.69 4.85 47.38
N VAL A 306 21.61 4.27 46.83
CA VAL A 306 21.74 3.18 45.88
C VAL A 306 22.36 3.69 44.59
N ASN A 307 21.77 4.74 43.99
CA ASN A 307 22.22 5.19 42.68
C ASN A 307 23.60 5.83 42.75
N ALA A 308 23.96 6.44 43.87
CA ALA A 308 25.32 6.93 44.11
C ALA A 308 26.35 5.83 43.91
N ILE A 309 26.10 4.66 44.51
CA ILE A 309 27.00 3.52 44.41
C ILE A 309 27.03 2.98 42.98
N CYS A 310 25.90 2.98 42.28
CA CYS A 310 25.88 2.59 40.87
C CYS A 310 26.73 3.50 39.96
N TYR A 311 26.86 4.79 40.32
CA TYR A 311 27.69 5.74 39.59
C TYR A 311 29.16 5.69 40.00
N GLY A 312 29.52 4.88 40.99
CA GLY A 312 30.90 4.67 41.39
C GLY A 312 31.32 5.49 42.62
N ALA A 313 30.40 5.65 43.57
CA ALA A 313 30.69 6.36 44.81
C ALA A 313 31.30 5.39 45.81
N LYS A 314 31.81 5.93 46.92
CA LYS A 314 32.22 5.13 48.06
C LYS A 314 30.99 4.74 48.87
N ILE A 315 31.00 3.53 49.45
CA ILE A 315 29.91 3.05 50.29
C ILE A 315 30.17 3.56 51.70
N MET A 316 29.60 4.74 52.00
CA MET A 316 29.81 5.45 53.26
C MET A 316 28.74 5.08 54.29
N LEU A 317 29.03 5.40 55.56
CA LEU A 317 28.26 4.92 56.71
C LEU A 317 26.86 5.51 56.80
N PRO A 318 26.62 6.80 56.46
CA PRO A 318 25.28 7.39 56.53
C PRO A 318 24.14 6.62 55.84
N GLY A 319 24.46 5.78 54.85
CA GLY A 319 23.43 5.08 54.09
C GLY A 319 23.26 3.62 54.47
N VAL A 320 23.95 3.13 55.51
CA VAL A 320 23.78 1.74 55.93
C VAL A 320 22.55 1.64 56.82
N LEU A 321 21.57 0.82 56.41
CA LEU A 321 20.41 0.49 57.23
C LEU A 321 20.73 -0.74 58.09
N ARG A 322 21.16 -1.82 57.43
CA ARG A 322 21.44 -3.09 58.08
C ARG A 322 22.73 -3.70 57.57
N TYR A 323 23.30 -4.60 58.39
CA TYR A 323 24.58 -5.23 58.12
C TYR A 323 24.61 -6.58 58.82
N GLU A 324 25.17 -7.59 58.13
CA GLU A 324 25.15 -8.96 58.63
C GLU A 324 26.24 -9.19 59.66
N ASP A 325 26.04 -10.23 60.48
CA ASP A 325 27.01 -10.65 61.48
C ASP A 325 28.19 -11.31 60.79
N GLY A 326 29.39 -11.07 61.33
CA GLY A 326 30.62 -11.73 60.91
C GLY A 326 31.20 -11.18 59.61
N ILE A 327 31.02 -9.88 59.33
CA ILE A 327 31.75 -9.21 58.27
C ILE A 327 33.16 -8.92 58.79
N GLU A 328 34.17 -9.25 57.97
CA GLU A 328 35.58 -9.05 58.31
C GLU A 328 36.22 -8.14 57.27
N VAL A 329 37.43 -7.66 57.56
CA VAL A 329 38.13 -6.74 56.68
C VAL A 329 38.65 -7.51 55.45
N ASN A 330 38.55 -6.86 54.28
CA ASN A 330 38.91 -7.43 52.98
C ASN A 330 38.03 -8.62 52.59
N GLN A 331 36.82 -8.73 53.16
CA GLN A 331 35.88 -9.80 52.83
C GLN A 331 34.98 -9.33 51.69
N GLU A 332 34.66 -10.23 50.76
CA GLU A 332 33.75 -9.93 49.66
C GLU A 332 32.31 -9.97 50.20
N ILE A 333 31.61 -8.83 50.12
CA ILE A 333 30.22 -8.70 50.56
C ILE A 333 29.33 -8.29 49.40
N VAL A 334 28.04 -8.66 49.49
CA VAL A 334 27.04 -8.20 48.55
C VAL A 334 26.30 -7.03 49.19
N VAL A 335 26.16 -5.94 48.42
CA VAL A 335 25.49 -4.74 48.88
C VAL A 335 24.11 -4.74 48.22
N ILE A 336 23.06 -4.70 49.04
CA ILE A 336 21.69 -4.88 48.56
C ILE A 336 20.80 -3.71 48.94
N THR A 337 19.69 -3.59 48.20
CA THR A 337 18.64 -2.62 48.49
C THR A 337 17.72 -3.20 49.56
N THR A 338 16.74 -2.41 49.99
CA THR A 338 15.71 -2.85 50.92
C THR A 338 14.73 -3.82 50.27
N LYS A 339 14.61 -3.77 48.92
CA LYS A 339 13.77 -4.70 48.16
C LYS A 339 14.45 -6.04 47.89
N GLY A 340 15.77 -6.16 48.17
CA GLY A 340 16.51 -7.40 48.01
C GLY A 340 17.26 -7.49 46.68
N GLU A 341 17.33 -6.39 45.90
CA GLU A 341 18.15 -6.35 44.69
C GLU A 341 19.62 -6.19 45.08
N ALA A 342 20.51 -6.83 44.31
CA ALA A 342 21.95 -6.65 44.46
C ALA A 342 22.36 -5.38 43.74
N ILE A 343 23.04 -4.47 44.47
CA ILE A 343 23.58 -3.24 43.92
C ILE A 343 24.97 -3.55 43.35
N CYS A 344 25.84 -4.12 44.19
CA CYS A 344 27.21 -4.38 43.81
C CYS A 344 27.87 -5.42 44.73
N MET A 345 28.92 -6.05 44.20
CA MET A 345 29.86 -6.81 45.01
C MET A 345 30.87 -5.80 45.54
N ALA A 346 31.28 -5.95 46.80
CA ALA A 346 32.11 -4.94 47.44
C ALA A 346 33.06 -5.58 48.44
N ILE A 347 34.16 -4.87 48.72
CA ILE A 347 35.17 -5.29 49.67
C ILE A 347 34.95 -4.51 50.96
N ALA A 348 34.76 -5.25 52.07
CA ALA A 348 34.47 -4.64 53.35
C ALA A 348 35.75 -4.07 53.96
N LEU A 349 35.71 -2.77 54.32
CA LEU A 349 36.82 -2.10 54.98
C LEU A 349 36.64 -2.08 56.50
N MET A 350 35.39 -2.15 56.96
CA MET A 350 35.07 -2.16 58.39
C MET A 350 34.54 -3.54 58.76
N THR A 351 34.84 -3.98 59.99
CA THR A 351 34.27 -5.19 60.59
C THR A 351 32.84 -4.90 61.03
N THR A 352 32.06 -5.95 61.32
CA THR A 352 30.73 -5.83 61.91
C THR A 352 30.75 -4.99 63.19
N ALA A 353 31.71 -5.27 64.08
CA ALA A 353 31.87 -4.56 65.35
C ALA A 353 32.19 -3.07 65.15
N VAL A 354 32.94 -2.73 64.10
CA VAL A 354 33.31 -1.35 63.81
C VAL A 354 32.10 -0.57 63.28
N ILE A 355 31.30 -1.19 62.40
CA ILE A 355 30.10 -0.58 61.82
C ILE A 355 29.10 -0.23 62.93
N SER A 356 28.96 -1.11 63.92
CA SER A 356 28.05 -0.93 65.04
C SER A 356 28.41 0.27 65.94
N THR A 357 29.72 0.62 66.06
CA THR A 357 30.19 1.59 67.04
C THR A 357 30.64 2.94 66.46
N CYS A 358 31.10 2.96 65.19
CA CYS A 358 31.68 4.16 64.61
C CYS A 358 30.61 5.21 64.23
N ASP A 359 31.06 6.47 64.10
CA ASP A 359 30.18 7.60 63.81
C ASP A 359 30.09 7.90 62.31
N HIS A 360 31.23 7.73 61.60
CA HIS A 360 31.33 7.99 60.18
C HIS A 360 32.40 7.08 59.56
N GLY A 361 32.55 7.15 58.24
CA GLY A 361 33.62 6.46 57.53
C GLY A 361 33.11 5.73 56.29
N ILE A 362 34.08 5.09 55.60
CA ILE A 362 33.81 4.25 54.45
C ILE A 362 33.69 2.81 54.92
N VAL A 363 32.49 2.23 54.70
CA VAL A 363 32.15 0.88 55.12
C VAL A 363 32.73 -0.14 54.16
N ALA A 364 32.65 0.17 52.85
CA ALA A 364 33.18 -0.72 51.84
C ALA A 364 33.53 0.06 50.58
N LYS A 365 34.28 -0.60 49.68
CA LYS A 365 34.53 -0.07 48.36
C LYS A 365 34.02 -1.05 47.32
N ILE A 366 33.63 -0.51 46.17
CA ILE A 366 33.06 -1.30 45.09
C ILE A 366 34.12 -2.25 44.50
N LYS A 367 33.68 -3.48 44.21
CA LYS A 367 34.45 -4.43 43.41
C LYS A 367 33.84 -4.47 42.01
N ARG A 368 32.53 -4.71 41.93
CA ARG A 368 31.84 -4.75 40.65
C ARG A 368 30.39 -4.30 40.84
N VAL A 369 30.00 -3.26 40.10
CA VAL A 369 28.63 -2.75 40.12
C VAL A 369 27.77 -3.65 39.23
N ILE A 370 26.71 -4.21 39.84
CA ILE A 370 25.78 -5.11 39.16
C ILE A 370 24.62 -4.30 38.59
N MET A 371 23.98 -3.50 39.45
CA MET A 371 22.77 -2.76 39.12
C MET A 371 23.05 -1.65 38.11
N GLU A 372 22.06 -1.40 37.24
CA GLU A 372 22.15 -0.36 36.23
C GLU A 372 22.11 1.04 36.87
N ARG A 373 22.63 2.02 36.13
CA ARG A 373 22.51 3.41 36.52
C ARG A 373 21.10 3.89 36.21
N ASP A 374 20.56 4.71 37.12
CA ASP A 374 19.20 5.25 37.06
C ASP A 374 18.11 4.17 37.14
N THR A 375 18.38 3.05 37.82
CA THR A 375 17.35 2.13 38.27
C THR A 375 16.61 2.83 39.41
N TYR A 376 17.40 3.27 40.39
CA TYR A 376 16.95 4.16 41.45
C TYR A 376 17.30 5.58 41.06
N PRO A 377 16.55 6.60 41.52
CA PRO A 377 16.84 7.99 41.16
C PRO A 377 18.10 8.54 41.84
N ARG A 378 18.50 9.72 41.35
CA ARG A 378 19.81 10.32 41.63
C ARG A 378 19.68 11.27 42.81
N LYS A 379 20.01 10.78 44.01
CA LYS A 379 19.62 11.46 45.25
C LYS A 379 20.80 11.61 46.22
N TRP A 380 21.91 12.13 45.68
CA TRP A 380 23.08 12.50 46.47
C TRP A 380 23.24 14.02 46.44
N GLY A 381 23.78 14.56 47.56
CA GLY A 381 24.00 15.98 47.72
C GLY A 381 22.77 16.72 48.25
N LEU A 382 21.77 15.97 48.74
CA LEU A 382 20.57 16.53 49.34
C LEU A 382 20.62 16.50 50.86
N GLY A 383 21.60 15.78 51.44
CA GLY A 383 21.69 15.61 52.88
C GLY A 383 21.99 16.88 53.68
N PRO A 384 21.97 16.82 55.03
CA PRO A 384 22.34 17.97 55.86
C PRO A 384 23.81 18.39 55.70
N LYS A 385 24.73 17.44 55.90
CA LYS A 385 26.16 17.70 55.88
C LYS A 385 26.65 17.95 54.44
N ALA A 386 26.08 17.27 53.45
CA ALA A 386 26.37 17.50 52.04
C ALA A 386 25.89 18.88 51.58
N SER A 387 24.69 19.28 52.02
CA SER A 387 24.13 20.61 51.71
C SER A 387 24.93 21.73 52.38
N GLN A 388 25.44 21.46 53.59
CA GLN A 388 26.33 22.38 54.30
C GLN A 388 27.60 22.65 53.50
N LYS A 389 28.21 21.59 52.97
CA LYS A 389 29.42 21.69 52.15
C LYS A 389 29.16 22.46 50.85
N LYS A 390 28.03 22.19 50.18
CA LYS A 390 27.62 22.95 48.99
C LYS A 390 27.41 24.44 49.27
N LEU A 391 26.82 24.78 50.43
CA LEU A 391 26.61 26.16 50.84
C LEU A 391 27.93 26.90 51.05
N MET A 392 28.89 26.26 51.75
CA MET A 392 30.21 26.85 52.00
C MET A 392 31.03 27.04 50.73
N ILE A 393 30.86 26.18 49.71
CA ILE A 393 31.48 26.34 48.40
C ILE A 393 30.86 27.54 47.66
N LYS A 394 29.53 27.70 47.76
CA LYS A 394 28.83 28.86 47.21
C LYS A 394 29.24 30.16 47.90
N GLN A 395 29.48 30.12 49.22
CA GLN A 395 29.89 31.29 49.99
C GLN A 395 31.38 31.64 49.85
N GLY A 396 32.19 30.77 49.22
CA GLY A 396 33.61 30.98 49.06
C GLY A 396 34.40 30.70 50.35
N LEU A 397 33.81 29.92 51.27
CA LEU A 397 34.47 29.52 52.51
C LEU A 397 35.35 28.29 52.24
N LEU A 398 34.91 27.41 51.32
CA LEU A 398 35.72 26.36 50.73
C LEU A 398 35.99 26.70 49.27
N ASP A 399 37.00 26.04 48.67
CA ASP A 399 37.36 26.22 47.27
C ASP A 399 36.35 25.50 46.37
N LYS A 400 36.41 25.75 45.05
CA LYS A 400 35.49 25.16 44.09
C LYS A 400 35.51 23.62 44.10
N HIS A 401 36.67 23.02 44.44
CA HIS A 401 36.82 21.56 44.55
C HIS A 401 36.64 21.05 45.99
N GLY A 402 35.92 21.81 46.84
CA GLY A 402 35.51 21.34 48.15
C GLY A 402 36.65 21.21 49.17
N LYS A 403 37.79 21.87 48.92
CA LYS A 403 38.95 21.78 49.81
C LYS A 403 38.98 22.97 50.77
N PRO A 404 39.56 22.82 52.00
CA PRO A 404 39.63 23.92 52.97
C PRO A 404 40.39 25.18 52.52
N THR A 405 40.19 26.25 53.31
CA THR A 405 40.89 27.53 53.18
C THR A 405 41.38 27.96 54.56
N ASP A 406 42.09 29.09 54.62
CA ASP A 406 42.50 29.71 55.87
C ASP A 406 41.29 30.24 56.65
N SER A 407 40.24 30.66 55.95
CA SER A 407 39.05 31.29 56.53
C SER A 407 38.05 30.30 57.13
N THR A 408 38.22 28.97 56.92
CA THR A 408 37.28 27.97 57.43
C THR A 408 37.21 27.99 58.96
N PRO A 409 35.99 27.88 59.56
CA PRO A 409 35.87 27.65 61.00
C PRO A 409 36.61 26.40 61.49
N ALA A 410 37.19 26.51 62.69
CA ALA A 410 37.91 25.41 63.33
C ALA A 410 37.01 24.22 63.67
N THR A 411 35.69 24.47 63.85
CA THR A 411 34.71 23.42 64.08
C THR A 411 34.58 22.50 62.87
N TRP A 412 34.37 23.09 61.68
CA TRP A 412 34.27 22.35 60.43
C TRP A 412 35.60 21.66 60.08
N LYS A 413 36.70 22.42 60.17
CA LYS A 413 38.02 21.95 59.78
C LYS A 413 38.48 20.74 60.61
N GLN A 414 38.14 20.74 61.91
CA GLN A 414 38.48 19.64 62.81
C GLN A 414 37.54 18.45 62.60
N GLU A 415 36.21 18.70 62.57
CA GLU A 415 35.21 17.64 62.56
C GLU A 415 35.15 16.90 61.22
N TYR A 416 35.08 17.64 60.10
CA TYR A 416 34.85 17.06 58.78
C TYR A 416 36.08 16.27 58.31
N VAL A 417 36.05 14.95 58.53
CA VAL A 417 37.11 14.05 58.08
C VAL A 417 36.89 13.78 56.59
N ASP A 418 37.56 14.56 55.73
CA ASP A 418 37.49 14.37 54.29
C ASP A 418 38.18 13.04 53.94
N TYR A 419 37.45 12.14 53.24
CA TYR A 419 37.94 10.80 52.96
C TYR A 419 38.97 10.75 51.83
N SER A 420 38.98 11.77 50.94
CA SER A 420 40.01 11.90 49.91
C SER A 420 41.41 12.03 50.53
N GLU A 421 41.50 12.74 51.67
CA GLU A 421 42.70 12.82 52.50
C GLU A 421 43.89 13.46 51.75
N PRO B 66 76.57 -30.52 24.27
CA PRO B 66 77.22 -31.12 25.48
C PRO B 66 77.20 -30.14 26.64
N PRO B 67 76.80 -30.57 27.87
CA PRO B 67 76.72 -29.67 29.02
C PRO B 67 78.08 -29.35 29.61
N GLU B 68 78.19 -28.16 30.23
CA GLU B 68 79.41 -27.74 30.93
C GLU B 68 79.53 -28.51 32.25
N ARG B 69 78.44 -28.51 33.02
CA ARG B 69 78.31 -29.26 34.27
C ARG B 69 76.86 -29.73 34.41
N VAL B 70 76.65 -30.76 35.26
CA VAL B 70 75.32 -31.34 35.46
C VAL B 70 74.98 -31.49 36.94
N VAL B 71 73.68 -31.31 37.25
CA VAL B 71 73.12 -31.43 38.58
C VAL B 71 72.01 -32.48 38.54
N LEU B 72 71.79 -33.17 39.67
CA LEU B 72 70.80 -34.24 39.76
C LEU B 72 69.43 -33.77 39.25
N LEU B 73 68.77 -34.63 38.45
CA LEU B 73 67.45 -34.33 37.89
C LEU B 73 66.38 -35.12 38.65
N GLY B 74 66.62 -36.43 38.82
CA GLY B 74 65.71 -37.31 39.55
C GLY B 74 66.14 -38.78 39.45
N GLU B 75 65.40 -39.65 40.15
CA GLU B 75 65.68 -41.08 40.17
C GLU B 75 64.64 -41.83 39.34
N PHE B 76 65.01 -43.04 38.89
CA PHE B 76 64.15 -43.85 38.04
C PHE B 76 62.97 -44.43 38.81
N LEU B 77 61.77 -44.24 38.25
CA LEU B 77 60.57 -44.95 38.63
C LEU B 77 60.17 -45.84 37.45
N HIS B 78 59.19 -46.71 37.69
CA HIS B 78 58.68 -47.67 36.71
C HIS B 78 58.41 -47.04 35.33
N PRO B 79 58.65 -47.78 34.22
CA PRO B 79 58.55 -47.22 32.88
C PRO B 79 57.11 -47.07 32.40
N CYS B 80 56.94 -46.30 31.32
CA CYS B 80 55.67 -46.16 30.63
C CYS B 80 55.84 -46.51 29.15
N GLU B 81 54.78 -46.34 28.35
CA GLU B 81 54.78 -46.62 26.92
C GLU B 81 55.72 -45.66 26.20
N ASP B 82 56.92 -46.13 25.85
CA ASP B 82 57.94 -45.38 25.12
C ASP B 82 58.50 -44.17 25.89
N ASP B 83 58.38 -44.17 27.22
CA ASP B 83 58.88 -43.11 28.09
C ASP B 83 59.32 -43.74 29.41
N ILE B 84 60.11 -43.00 30.21
CA ILE B 84 60.43 -43.38 31.58
C ILE B 84 59.95 -42.28 32.53
N VAL B 85 59.13 -42.68 33.52
CA VAL B 85 58.67 -41.77 34.56
C VAL B 85 59.71 -41.77 35.68
N CYS B 86 59.99 -40.58 36.22
CA CYS B 86 61.04 -40.37 37.20
C CYS B 86 60.55 -39.44 38.31
N LYS B 87 60.84 -39.79 39.57
CA LYS B 87 60.53 -38.93 40.71
C LYS B 87 61.63 -37.88 40.84
N CYS B 88 61.25 -36.61 40.91
CA CYS B 88 62.20 -35.52 41.01
C CYS B 88 62.74 -35.41 42.45
N THR B 89 64.07 -35.28 42.56
CA THR B 89 64.77 -35.09 43.83
C THR B 89 65.81 -33.98 43.70
N THR B 90 65.46 -32.90 42.97
CA THR B 90 66.37 -31.80 42.70
C THR B 90 66.56 -30.97 43.97
N ASP B 91 67.72 -30.32 44.09
CA ASP B 91 68.06 -29.51 45.25
C ASP B 91 67.17 -28.28 45.32
N GLU B 92 66.57 -28.05 46.50
CA GLU B 92 65.56 -27.01 46.73
C GLU B 92 64.32 -27.19 45.84
N ASN B 93 64.02 -28.44 45.45
CA ASN B 93 62.83 -28.78 44.68
C ASN B 93 62.77 -28.08 43.31
N LYS B 94 63.90 -27.68 42.72
CA LYS B 94 63.88 -26.84 41.52
C LYS B 94 63.37 -27.60 40.30
N VAL B 95 62.48 -26.94 39.53
CA VAL B 95 61.71 -27.56 38.46
C VAL B 95 62.51 -27.49 37.17
N PRO B 96 62.61 -28.61 36.40
CA PRO B 96 63.27 -28.58 35.10
C PRO B 96 62.46 -27.90 34.00
N TYR B 97 63.16 -27.38 32.99
CA TYR B 97 62.55 -26.71 31.86
C TYR B 97 61.97 -27.77 30.93
N PHE B 98 60.96 -27.38 30.13
CA PHE B 98 60.40 -28.24 29.10
C PHE B 98 61.44 -28.54 28.03
N ASN B 99 61.42 -29.78 27.50
CA ASN B 99 62.26 -30.21 26.38
C ASN B 99 63.76 -30.15 26.72
N ALA B 100 64.12 -30.28 28.01
CA ALA B 100 65.48 -30.19 28.45
C ALA B 100 66.15 -31.56 28.37
N PRO B 101 67.43 -31.65 27.93
CA PRO B 101 68.11 -32.94 27.82
C PRO B 101 68.46 -33.58 29.17
N VAL B 102 68.13 -34.86 29.33
CA VAL B 102 68.43 -35.64 30.52
C VAL B 102 69.69 -36.46 30.29
N TYR B 103 70.57 -36.49 31.30
CA TYR B 103 71.88 -37.12 31.19
C TYR B 103 72.09 -38.19 32.26
N LEU B 104 73.02 -39.11 31.97
CA LEU B 104 73.55 -40.09 32.93
C LEU B 104 74.64 -39.41 33.76
N GLU B 105 75.20 -40.16 34.74
CA GLU B 105 76.30 -39.71 35.58
C GLU B 105 77.56 -39.34 34.76
N ASN B 106 77.74 -39.96 33.58
CA ASN B 106 78.89 -39.71 32.70
C ASN B 106 78.60 -38.66 31.62
N LYS B 107 77.54 -37.84 31.78
CA LYS B 107 77.14 -36.81 30.84
C LYS B 107 76.73 -37.38 29.47
N GLU B 108 76.17 -38.60 29.45
CA GLU B 108 75.66 -39.22 28.23
C GLU B 108 74.14 -39.05 28.22
N GLN B 109 73.59 -38.41 27.18
CA GLN B 109 72.19 -38.03 27.16
C GLN B 109 71.29 -39.27 26.97
N ILE B 110 70.30 -39.41 27.86
CA ILE B 110 69.33 -40.50 27.84
C ILE B 110 68.17 -40.11 26.93
N GLY B 111 67.62 -38.91 27.18
CA GLY B 111 66.41 -38.47 26.48
C GLY B 111 66.16 -36.98 26.64
N LYS B 112 64.87 -36.61 26.68
CA LYS B 112 64.42 -35.22 26.80
C LYS B 112 63.14 -35.20 27.62
N VAL B 113 62.99 -34.18 28.48
CA VAL B 113 61.86 -34.09 29.38
C VAL B 113 60.66 -33.52 28.63
N ASP B 114 59.54 -34.29 28.56
CA ASP B 114 58.36 -33.90 27.81
C ASP B 114 57.21 -33.43 28.71
N GLU B 115 56.93 -34.14 29.82
CA GLU B 115 55.82 -33.81 30.72
C GLU B 115 56.32 -33.79 32.17
N ILE B 116 55.75 -32.90 32.98
CA ILE B 116 56.10 -32.73 34.39
C ILE B 116 54.80 -32.60 35.18
N PHE B 117 54.67 -33.39 36.25
CA PHE B 117 53.40 -33.54 36.95
C PHE B 117 53.58 -33.93 38.42
N GLY B 118 52.50 -33.76 39.19
CA GLY B 118 52.46 -34.05 40.62
C GLY B 118 52.49 -32.78 41.46
N GLN B 119 52.57 -32.98 42.78
CA GLN B 119 52.46 -31.88 43.74
C GLN B 119 53.70 -30.97 43.67
N LEU B 120 53.55 -29.71 44.11
CA LEU B 120 54.61 -28.71 44.01
C LEU B 120 55.87 -29.09 44.78
N ARG B 121 55.73 -29.73 45.95
CA ARG B 121 56.88 -30.10 46.78
C ARG B 121 57.53 -31.37 46.25
N ASP B 122 56.71 -32.43 46.07
CA ASP B 122 57.17 -33.71 45.51
C ASP B 122 56.49 -33.96 44.17
N PHE B 123 57.26 -33.90 43.07
CA PHE B 123 56.71 -34.05 41.73
C PHE B 123 57.53 -35.01 40.89
N TYR B 124 56.95 -35.42 39.75
CA TYR B 124 57.50 -36.42 38.86
C TYR B 124 57.77 -35.78 37.51
N PHE B 125 58.53 -36.49 36.66
CA PHE B 125 58.78 -36.06 35.30
C PHE B 125 59.00 -37.26 34.40
N SER B 126 58.39 -37.21 33.21
CA SER B 126 58.54 -38.25 32.20
C SER B 126 59.62 -37.78 31.22
N VAL B 127 60.39 -38.76 30.70
CA VAL B 127 61.51 -38.48 29.80
C VAL B 127 61.24 -39.19 28.48
N LYS B 128 61.10 -38.42 27.39
CA LYS B 128 61.07 -38.94 26.04
C LYS B 128 62.48 -39.43 25.69
N LEU B 129 62.65 -40.75 25.58
CA LEU B 129 63.96 -41.36 25.40
C LEU B 129 64.54 -41.04 24.02
N SER B 130 65.88 -40.96 23.96
CA SER B 130 66.60 -40.92 22.69
C SER B 130 66.46 -42.28 21.98
N GLU B 131 66.63 -42.27 20.65
CA GLU B 131 66.33 -43.41 19.79
C GLU B 131 67.11 -44.68 20.16
N ASN B 132 68.33 -44.53 20.70
CA ASN B 132 69.19 -45.64 21.09
C ASN B 132 68.71 -46.37 22.34
N MET B 133 68.13 -45.64 23.31
CA MET B 133 67.79 -46.18 24.62
C MET B 133 66.45 -46.93 24.60
N LYS B 134 66.25 -47.78 25.63
CA LYS B 134 65.03 -48.53 25.83
C LYS B 134 64.60 -48.42 27.29
N ALA B 135 63.28 -48.40 27.53
CA ALA B 135 62.70 -48.08 28.83
C ALA B 135 62.93 -49.18 29.87
N SER B 136 62.99 -50.45 29.43
CA SER B 136 63.11 -51.60 30.32
C SER B 136 64.52 -51.73 30.93
N SER B 137 65.54 -51.13 30.30
CA SER B 137 66.94 -51.35 30.65
C SER B 137 67.35 -50.71 31.98
N PHE B 138 66.68 -49.63 32.42
CA PHE B 138 67.13 -48.85 33.57
C PHE B 138 66.78 -49.53 34.89
N LYS B 139 67.70 -49.43 35.85
CA LYS B 139 67.59 -50.10 37.14
C LYS B 139 66.76 -49.26 38.12
N LYS B 140 66.35 -49.90 39.23
CA LYS B 140 65.51 -49.27 40.24
C LYS B 140 66.32 -48.23 41.02
N LEU B 141 65.77 -47.00 41.12
CA LEU B 141 66.37 -45.86 41.79
C LEU B 141 67.70 -45.42 41.14
N GLN B 142 67.81 -45.59 39.81
CA GLN B 142 68.96 -45.10 39.06
C GLN B 142 68.83 -43.58 38.86
N LYS B 143 69.90 -42.84 39.15
CA LYS B 143 69.87 -41.38 39.19
C LYS B 143 70.15 -40.76 37.81
N PHE B 144 69.49 -39.62 37.53
CA PHE B 144 69.58 -38.91 36.26
C PHE B 144 69.87 -37.44 36.50
N TYR B 145 70.43 -36.75 35.48
CA TYR B 145 71.02 -35.41 35.66
C TYR B 145 70.61 -34.44 34.55
N ILE B 146 70.78 -33.14 34.82
CA ILE B 146 70.49 -32.04 33.91
C ILE B 146 71.52 -30.94 34.12
N ASP B 147 71.76 -30.10 33.10
CA ASP B 147 72.54 -28.88 33.27
C ASP B 147 71.81 -27.91 34.20
N PRO B 148 72.51 -27.22 35.13
CA PRO B 148 71.86 -26.34 36.11
C PRO B 148 71.14 -25.12 35.53
N TYR B 149 71.51 -24.70 34.30
CA TYR B 149 70.88 -23.55 33.64
C TYR B 149 69.47 -23.83 33.14
N LYS B 150 69.05 -25.11 33.02
CA LYS B 150 67.66 -25.48 32.71
C LYS B 150 66.95 -26.00 33.96
N LEU B 151 67.01 -25.21 35.04
CA LEU B 151 66.25 -25.43 36.26
C LEU B 151 65.62 -24.10 36.67
N LEU B 152 64.49 -24.19 37.38
CA LEU B 152 63.73 -23.01 37.81
C LEU B 152 63.32 -23.16 39.27
N PRO B 153 63.24 -22.07 40.06
CA PRO B 153 62.79 -22.14 41.46
C PRO B 153 61.28 -22.29 41.59
N LEU B 154 60.81 -22.84 42.73
CA LEU B 154 59.41 -22.92 43.09
C LEU B 154 58.72 -21.55 43.20
N GLN B 155 59.48 -20.52 43.60
CA GLN B 155 58.97 -19.18 43.84
C GLN B 155 58.38 -18.52 42.58
N ARG B 156 58.74 -18.99 41.37
CA ARG B 156 58.12 -18.52 40.14
C ARG B 156 56.67 -19.00 40.03
N PHE B 157 56.42 -20.27 40.40
CA PHE B 157 55.13 -20.93 40.22
C PHE B 157 54.25 -20.81 41.47
N LEU B 158 54.87 -20.81 42.67
CA LEU B 158 54.14 -20.96 43.95
C LEU B 158 53.11 -19.86 44.22
N PRO B 159 53.44 -18.54 44.13
CA PRO B 159 52.53 -17.49 44.62
C PRO B 159 51.24 -17.33 43.81
N THR C 23 8.75 -62.02 32.05
CA THR C 23 9.59 -60.80 32.02
C THR C 23 8.78 -59.53 31.76
N TYR C 24 7.69 -59.60 30.97
CA TYR C 24 6.94 -58.42 30.53
C TYR C 24 6.49 -57.55 31.71
N GLN C 25 5.96 -58.18 32.77
CA GLN C 25 5.47 -57.49 33.95
C GLN C 25 6.60 -56.79 34.73
N GLU C 26 7.82 -57.37 34.69
CA GLU C 26 9.01 -56.79 35.30
C GLU C 26 9.46 -55.51 34.60
N LEU C 27 9.26 -55.43 33.27
CA LEU C 27 9.67 -54.27 32.47
C LEU C 27 8.83 -53.02 32.77
N LEU C 28 7.64 -53.17 33.38
CA LEU C 28 6.82 -52.04 33.83
C LEU C 28 7.49 -51.18 34.92
N VAL C 29 8.46 -51.76 35.67
CA VAL C 29 9.22 -51.04 36.68
C VAL C 29 10.16 -50.02 36.01
N ASN C 30 10.74 -50.38 34.85
CA ASN C 30 11.68 -49.53 34.13
C ASN C 30 11.02 -48.40 33.31
N GLN C 31 9.68 -48.28 33.35
CA GLN C 31 8.96 -47.51 32.35
C GLN C 31 9.11 -45.99 32.50
N ASN C 32 8.73 -45.32 31.40
CA ASN C 32 8.88 -43.89 31.17
C ASN C 32 7.56 -43.18 31.48
N PRO C 33 7.57 -41.93 32.02
CA PRO C 33 6.35 -41.18 32.29
C PRO C 33 5.37 -41.01 31.13
N ILE C 34 5.88 -40.84 29.90
CA ILE C 34 5.05 -40.59 28.72
C ILE C 34 4.76 -41.84 27.90
N ALA C 35 5.15 -43.04 28.36
CA ALA C 35 5.06 -44.25 27.57
C ALA C 35 3.67 -44.90 27.64
N GLN C 36 2.68 -44.24 27.02
CA GLN C 36 1.32 -44.74 26.89
C GLN C 36 0.74 -44.24 25.57
N PRO C 37 -0.04 -45.03 24.80
CA PRO C 37 -0.52 -46.35 25.21
C PRO C 37 0.50 -47.48 25.07
N LEU C 38 0.72 -48.21 26.17
CA LEU C 38 1.65 -49.32 26.20
C LEU C 38 0.99 -50.54 25.57
N ALA C 39 1.73 -51.26 24.71
CA ALA C 39 1.26 -52.48 24.09
C ALA C 39 1.18 -53.59 25.13
N SER C 40 0.16 -54.46 25.01
CA SER C 40 -0.01 -55.60 25.89
C SER C 40 1.08 -56.64 25.60
N ARG C 41 1.18 -57.65 26.49
CA ARG C 41 2.15 -58.73 26.37
C ARG C 41 2.01 -59.46 25.02
N ARG C 42 0.77 -59.69 24.58
CA ARG C 42 0.50 -60.38 23.32
C ARG C 42 0.71 -59.48 22.11
N LEU C 43 0.30 -58.20 22.22
CA LEU C 43 0.48 -57.23 21.14
C LEU C 43 1.97 -56.95 20.91
N THR C 44 2.75 -56.90 21.99
CA THR C 44 4.21 -56.78 21.93
C THR C 44 4.82 -57.91 21.11
N ARG C 45 4.33 -59.14 21.31
CA ARG C 45 4.82 -60.32 20.60
C ARG C 45 4.49 -60.22 19.10
N LYS C 46 3.25 -59.81 18.77
CA LYS C 46 2.83 -59.66 17.39
C LYS C 46 3.63 -58.57 16.66
N LEU C 47 3.94 -57.47 17.36
CA LEU C 47 4.67 -56.35 16.77
C LEU C 47 6.12 -56.73 16.43
N TYR C 48 6.81 -57.46 17.32
CA TYR C 48 8.18 -57.91 17.07
C TYR C 48 8.26 -58.74 15.77
N LYS C 49 7.30 -59.65 15.59
CA LYS C 49 7.27 -60.54 14.43
C LYS C 49 6.94 -59.79 13.14
N CYS C 50 6.11 -58.74 13.22
CA CYS C 50 5.85 -57.84 12.09
C CYS C 50 7.09 -57.01 11.72
N ILE C 51 7.87 -56.60 12.74
CA ILE C 51 9.12 -55.88 12.53
C ILE C 51 10.15 -56.78 11.86
N LYS C 52 10.32 -58.02 12.36
CA LYS C 52 11.27 -58.99 11.82
C LYS C 52 10.99 -59.29 10.35
N LYS C 53 9.70 -59.42 9.97
CA LYS C 53 9.30 -59.61 8.58
C LYS C 53 9.62 -58.39 7.72
N ALA C 54 9.39 -57.19 8.29
CA ALA C 54 9.69 -55.93 7.62
C ALA C 54 11.20 -55.68 7.48
N VAL C 55 12.01 -56.18 8.43
CA VAL C 55 13.46 -56.11 8.37
C VAL C 55 14.00 -56.93 7.21
N LYS C 56 13.43 -58.13 6.99
CA LYS C 56 13.83 -59.01 5.89
C LYS C 56 13.53 -58.37 4.53
N GLN C 57 12.39 -57.67 4.41
CA GLN C 57 12.03 -56.96 3.19
C GLN C 57 12.59 -55.53 3.12
N LYS C 58 13.27 -55.07 4.18
CA LYS C 58 13.88 -53.74 4.27
C LYS C 58 12.83 -52.63 4.11
N GLN C 59 11.73 -52.77 4.86
CA GLN C 59 10.64 -51.79 4.87
C GLN C 59 10.69 -50.85 6.08
N ILE C 60 11.39 -51.22 7.16
CA ILE C 60 11.41 -50.41 8.38
C ILE C 60 12.31 -49.18 8.23
N ARG C 61 12.15 -48.24 9.17
CA ARG C 61 13.02 -47.09 9.34
C ARG C 61 13.34 -46.98 10.81
N ARG C 62 14.64 -46.89 11.15
CA ARG C 62 15.09 -47.00 12.53
C ARG C 62 15.72 -45.68 13.02
N GLY C 63 15.59 -45.43 14.32
CA GLY C 63 16.17 -44.25 14.94
C GLY C 63 15.28 -43.02 14.77
N VAL C 64 15.57 -41.97 15.54
CA VAL C 64 14.79 -40.75 15.55
C VAL C 64 15.04 -39.98 14.25
N LYS C 65 16.32 -39.84 13.88
CA LYS C 65 16.73 -39.02 12.75
C LYS C 65 16.05 -39.46 11.46
N GLU C 66 15.97 -40.77 11.23
CA GLU C 66 15.36 -41.33 10.03
C GLU C 66 13.83 -41.26 10.07
N VAL C 67 13.24 -41.73 11.18
CA VAL C 67 11.80 -41.76 11.37
C VAL C 67 11.21 -40.35 11.28
N GLN C 68 11.84 -39.38 11.96
CA GLN C 68 11.46 -37.97 11.88
C GLN C 68 11.50 -37.44 10.44
N LYS C 69 12.53 -37.82 9.68
CA LYS C 69 12.73 -37.39 8.31
C LYS C 69 11.65 -37.96 7.38
N PHE C 70 11.36 -39.27 7.51
CA PHE C 70 10.42 -39.96 6.63
C PHE C 70 8.96 -39.62 6.95
N VAL C 71 8.62 -39.41 8.22
CA VAL C 71 7.27 -39.00 8.61
C VAL C 71 6.99 -37.57 8.11
N ASN C 72 8.01 -36.69 8.19
CA ASN C 72 7.94 -35.35 7.63
C ASN C 72 7.82 -35.36 6.10
N LYS C 73 8.58 -36.27 5.45
CA LYS C 73 8.63 -36.41 4.01
C LYS C 73 7.29 -36.85 3.41
N GLY C 74 6.53 -37.68 4.15
CA GLY C 74 5.17 -38.08 3.76
C GLY C 74 4.86 -39.57 3.87
N GLU C 75 5.76 -40.40 4.39
CA GLU C 75 5.50 -41.84 4.57
C GLU C 75 4.44 -42.09 5.66
N LYS C 76 3.81 -43.27 5.56
CA LYS C 76 2.83 -43.73 6.53
C LYS C 76 3.11 -45.19 6.91
N GLY C 77 2.60 -45.58 8.09
CA GLY C 77 2.82 -46.90 8.66
C GLY C 77 2.49 -46.92 10.15
N ILE C 78 3.16 -47.79 10.91
CA ILE C 78 3.02 -47.84 12.37
C ILE C 78 4.37 -47.49 12.98
N MET C 79 4.35 -46.51 13.90
CA MET C 79 5.55 -46.09 14.62
C MET C 79 5.58 -46.78 15.98
N VAL C 80 6.55 -47.69 16.17
CA VAL C 80 6.74 -48.38 17.43
C VAL C 80 7.80 -47.64 18.24
N LEU C 81 7.42 -47.17 19.42
CA LEU C 81 8.31 -46.43 20.32
C LEU C 81 8.73 -47.34 21.46
N ALA C 82 9.89 -47.04 22.07
CA ALA C 82 10.42 -47.80 23.19
C ALA C 82 10.07 -47.10 24.49
N GLY C 83 9.47 -47.83 25.44
CA GLY C 83 9.03 -47.27 26.71
C GLY C 83 10.13 -47.19 27.78
N ASP C 84 11.35 -47.68 27.51
CA ASP C 84 12.47 -47.55 28.43
C ASP C 84 13.37 -46.35 28.13
N THR C 85 13.03 -45.53 27.12
CA THR C 85 13.88 -44.44 26.67
C THR C 85 13.98 -43.33 27.71
N LEU C 86 15.22 -42.93 28.05
CA LEU C 86 15.49 -41.77 28.88
C LEU C 86 16.77 -41.10 28.37
N PRO C 87 16.87 -39.74 28.29
CA PRO C 87 15.80 -38.83 28.66
C PRO C 87 14.69 -38.80 27.61
N ILE C 88 13.50 -38.32 28.01
CA ILE C 88 12.33 -38.32 27.15
C ILE C 88 12.48 -37.32 25.98
N GLU C 89 13.35 -36.30 26.14
CA GLU C 89 13.55 -35.24 25.16
C GLU C 89 14.07 -35.76 23.81
N VAL C 90 14.69 -36.95 23.78
CA VAL C 90 15.21 -37.55 22.56
C VAL C 90 14.11 -37.84 21.52
N TYR C 91 12.91 -38.23 21.99
CA TYR C 91 11.85 -38.73 21.10
C TYR C 91 10.43 -38.31 21.51
N CYS C 92 10.25 -37.42 22.49
CA CYS C 92 8.92 -37.05 22.97
C CYS C 92 8.17 -36.12 22.01
N HIS C 93 8.86 -35.56 21.01
CA HIS C 93 8.21 -34.83 19.93
C HIS C 93 7.45 -35.71 18.94
N LEU C 94 7.81 -37.00 18.83
CA LEU C 94 7.28 -37.89 17.79
C LEU C 94 5.78 -38.19 17.92
N PRO C 95 5.22 -38.48 19.13
CA PRO C 95 3.79 -38.69 19.29
C PRO C 95 2.87 -37.66 18.64
N VAL C 96 3.23 -36.37 18.72
CA VAL C 96 2.44 -35.30 18.13
C VAL C 96 2.67 -35.21 16.62
N MET C 97 3.89 -35.53 16.15
CA MET C 97 4.16 -35.63 14.71
C MET C 97 3.25 -36.65 14.03
N CYS C 98 2.92 -37.74 14.74
CA CYS C 98 1.98 -38.74 14.27
C CYS C 98 0.55 -38.21 14.22
N GLU C 99 0.13 -37.50 15.27
CA GLU C 99 -1.23 -36.99 15.40
C GLU C 99 -1.54 -35.87 14.40
N ASP C 100 -0.51 -35.15 13.93
CA ASP C 100 -0.66 -34.19 12.84
C ASP C 100 -1.02 -34.85 11.51
N ARG C 101 -0.48 -36.06 11.27
CA ARG C 101 -0.68 -36.81 10.03
C ARG C 101 -1.54 -38.07 10.21
N ASN C 102 -2.16 -38.24 11.39
CA ASN C 102 -3.07 -39.35 11.73
C ASN C 102 -2.38 -40.72 11.62
N LEU C 103 -1.08 -40.78 11.93
CA LEU C 103 -0.34 -42.05 11.94
C LEU C 103 -0.61 -42.75 13.27
N PRO C 104 -0.81 -44.09 13.28
CA PRO C 104 -0.85 -44.85 14.53
C PRO C 104 0.52 -45.03 15.15
N TYR C 105 0.58 -44.91 16.48
CA TYR C 105 1.79 -45.20 17.24
C TYR C 105 1.46 -45.97 18.51
N VAL C 106 2.49 -46.64 19.05
CA VAL C 106 2.36 -47.47 20.23
C VAL C 106 3.73 -47.63 20.90
N TYR C 107 3.70 -47.72 22.23
CA TYR C 107 4.90 -47.95 23.02
C TYR C 107 4.99 -49.44 23.34
N ILE C 108 6.16 -50.03 23.08
CA ILE C 108 6.48 -51.37 23.58
C ILE C 108 7.35 -51.23 24.82
N PRO C 109 7.44 -52.26 25.70
CA PRO C 109 8.15 -52.13 26.96
C PRO C 109 9.63 -51.76 26.89
N SER C 110 10.41 -52.39 25.99
CA SER C 110 11.86 -52.33 26.02
C SER C 110 12.52 -51.65 24.81
N LYS C 111 13.71 -51.10 25.07
CA LYS C 111 14.58 -50.47 24.08
C LYS C 111 15.47 -51.53 23.43
N THR C 112 16.04 -52.42 24.27
CA THR C 112 16.92 -53.49 23.85
C THR C 112 16.19 -54.52 22.98
N ASP C 113 14.94 -54.85 23.31
CA ASP C 113 14.15 -55.80 22.52
C ASP C 113 13.78 -55.24 21.15
N LEU C 114 13.52 -53.92 21.07
CA LEU C 114 13.17 -53.24 19.82
C LEU C 114 14.35 -53.29 18.84
N GLY C 115 15.56 -53.07 19.36
CA GLY C 115 16.77 -53.13 18.55
C GLY C 115 17.07 -54.55 18.08
N ALA C 116 16.83 -55.55 18.93
CA ALA C 116 17.03 -56.95 18.57
C ALA C 116 16.05 -57.39 17.48
N ALA C 117 14.77 -57.00 17.64
CA ALA C 117 13.73 -57.29 16.65
C ALA C 117 13.99 -56.54 15.34
N ALA C 118 14.54 -55.31 15.43
CA ALA C 118 14.85 -54.50 14.26
C ALA C 118 16.11 -54.96 13.52
N GLY C 119 16.84 -55.96 14.05
CA GLY C 119 18.04 -56.48 13.40
C GLY C 119 19.21 -55.52 13.63
N SER C 120 19.37 -55.11 14.88
CA SER C 120 20.45 -54.29 15.38
C SER C 120 21.02 -54.96 16.62
N LYS C 121 22.34 -54.80 16.86
CA LYS C 121 23.00 -55.30 18.07
C LYS C 121 23.04 -54.26 19.19
N ARG C 122 22.58 -53.03 18.91
CA ARG C 122 22.41 -51.98 19.89
C ARG C 122 20.91 -51.77 20.14
N PRO C 123 20.52 -51.22 21.32
CA PRO C 123 19.16 -50.73 21.52
C PRO C 123 18.76 -49.58 20.59
N THR C 124 17.44 -49.44 20.40
CA THR C 124 16.85 -48.40 19.57
C THR C 124 15.59 -47.88 20.26
N CYS C 125 15.34 -46.57 20.15
CA CYS C 125 14.24 -45.92 20.85
C CYS C 125 12.97 -45.87 20.00
N VAL C 126 13.10 -45.81 18.66
CA VAL C 126 11.94 -45.77 17.79
C VAL C 126 12.24 -46.42 16.44
N ILE C 127 11.24 -47.14 15.91
CA ILE C 127 11.23 -47.65 14.53
C ILE C 127 9.84 -47.50 13.94
N MET C 128 9.79 -47.25 12.62
CA MET C 128 8.55 -47.16 11.86
C MET C 128 8.49 -48.34 10.89
N VAL C 129 7.44 -49.16 11.02
CA VAL C 129 7.19 -50.29 10.14
C VAL C 129 6.24 -49.84 9.04
N LYS C 130 6.65 -50.01 7.77
CA LYS C 130 5.82 -49.71 6.62
C LYS C 130 5.13 -50.99 6.13
N PRO C 131 3.94 -50.88 5.47
CA PRO C 131 3.22 -52.05 4.98
C PRO C 131 3.88 -52.69 3.76
N HIS C 132 3.58 -53.99 3.53
CA HIS C 132 4.07 -54.71 2.38
C HIS C 132 3.18 -55.92 2.10
N GLU C 133 3.11 -56.30 0.81
CA GLU C 133 2.27 -57.40 0.32
C GLU C 133 2.66 -58.76 0.92
N GLU C 134 3.93 -58.92 1.32
CA GLU C 134 4.46 -60.15 1.88
C GLU C 134 3.80 -60.55 3.21
N TYR C 135 3.44 -59.56 4.06
CA TYR C 135 3.05 -59.83 5.45
C TYR C 135 1.85 -58.99 5.89
N GLN C 136 0.88 -58.75 5.00
CA GLN C 136 -0.27 -57.90 5.30
C GLN C 136 -1.19 -58.46 6.37
N GLU C 137 -1.24 -59.80 6.55
CA GLU C 137 -2.09 -60.44 7.54
C GLU C 137 -1.66 -60.10 8.97
N ALA C 138 -0.35 -60.22 9.24
CA ALA C 138 0.22 -59.89 10.54
C ALA C 138 0.16 -58.38 10.80
N TYR C 139 0.48 -57.59 9.76
CA TYR C 139 0.44 -56.13 9.81
C TYR C 139 -0.97 -55.62 10.14
N ASP C 140 -1.99 -56.23 9.53
CA ASP C 140 -3.39 -55.85 9.74
C ASP C 140 -3.87 -56.18 11.15
N GLU C 141 -3.44 -57.32 11.70
CA GLU C 141 -3.75 -57.70 13.08
C GLU C 141 -3.17 -56.70 14.09
N CYS C 142 -1.92 -56.26 13.86
CA CYS C 142 -1.28 -55.25 14.68
C CYS C 142 -1.92 -53.88 14.51
N LEU C 143 -2.11 -53.45 13.25
CA LEU C 143 -2.61 -52.11 12.93
C LEU C 143 -3.99 -51.86 13.55
N GLU C 144 -4.90 -52.82 13.38
CA GLU C 144 -6.28 -52.69 13.87
C GLU C 144 -6.32 -52.70 15.40
N GLU C 145 -5.48 -53.53 16.04
CA GLU C 145 -5.37 -53.60 17.50
C GLU C 145 -4.73 -52.33 18.07
N VAL C 146 -3.74 -51.77 17.36
CA VAL C 146 -3.09 -50.53 17.74
C VAL C 146 -4.00 -49.32 17.53
N GLN C 147 -4.76 -49.29 16.43
CA GLN C 147 -5.80 -48.28 16.22
C GLN C 147 -6.90 -48.32 17.28
N SER C 148 -7.21 -49.53 17.81
CA SER C 148 -8.23 -49.72 18.83
C SER C 148 -7.78 -49.32 20.24
N LEU C 149 -6.47 -49.10 20.48
CA LEU C 149 -5.93 -48.85 21.81
C LEU C 149 -6.61 -47.64 22.47
N PRO C 150 -6.99 -47.73 23.78
CA PRO C 150 -7.62 -46.62 24.48
C PRO C 150 -6.63 -45.52 24.85
N LEU C 151 -7.12 -44.28 24.92
CA LEU C 151 -6.32 -43.13 25.34
C LEU C 151 -6.16 -43.13 26.86
N PRO C 152 -5.01 -42.64 27.39
CA PRO C 152 -4.73 -42.70 28.82
C PRO C 152 -5.49 -41.65 29.64
N MET D 1 28.75 -43.29 24.64
CA MET D 1 28.71 -42.67 26.01
C MET D 1 28.53 -43.76 27.06
N PHE D 2 29.50 -43.87 27.98
CA PHE D 2 29.56 -44.93 28.97
C PHE D 2 28.95 -44.54 30.32
N LEU D 3 28.89 -43.23 30.64
CA LEU D 3 28.55 -42.77 31.97
C LEU D 3 27.04 -42.91 32.20
N GLN D 4 26.66 -43.66 33.24
CA GLN D 4 25.26 -43.87 33.63
C GLN D 4 25.05 -43.36 35.06
N TYR D 5 23.79 -43.35 35.52
CA TYR D 5 23.50 -43.05 36.92
C TYR D 5 22.15 -43.62 37.38
N TYR D 6 22.03 -43.73 38.71
CA TYR D 6 20.77 -44.01 39.38
C TYR D 6 20.66 -43.10 40.60
N LEU D 7 19.42 -42.70 40.95
CA LEU D 7 19.19 -41.75 42.02
C LEU D 7 19.27 -42.44 43.39
N ASN D 8 19.91 -41.75 44.34
CA ASN D 8 20.08 -42.21 45.71
C ASN D 8 18.78 -41.96 46.49
N GLU D 9 18.71 -42.46 47.73
CA GLU D 9 17.60 -42.15 48.64
C GLU D 9 17.58 -40.66 49.03
N GLN D 10 18.76 -40.04 49.13
CA GLN D 10 18.88 -38.60 49.40
C GLN D 10 18.32 -37.75 48.24
N GLY D 11 18.41 -38.26 47.00
CA GLY D 11 17.93 -37.57 45.81
C GLY D 11 19.01 -37.24 44.78
N ASP D 12 20.30 -37.44 45.12
CA ASP D 12 21.42 -37.08 44.26
C ASP D 12 21.83 -38.26 43.38
N ARG D 13 22.57 -37.95 42.31
CA ARG D 13 23.00 -38.94 41.31
C ARG D 13 24.13 -39.79 41.89
N VAL D 14 24.01 -41.11 41.71
CA VAL D 14 25.09 -42.06 41.96
C VAL D 14 25.58 -42.53 40.61
N TYR D 15 26.79 -42.11 40.21
CA TYR D 15 27.33 -42.45 38.90
C TYR D 15 27.83 -43.89 38.87
N THR D 16 27.72 -44.51 37.69
CA THR D 16 28.08 -45.91 37.51
C THR D 16 28.30 -46.19 36.03
N LEU D 17 29.05 -47.26 35.78
CA LEU D 17 29.37 -47.74 34.45
C LEU D 17 28.40 -48.85 34.04
N LYS D 18 27.67 -49.43 35.00
CA LYS D 18 26.77 -50.55 34.77
C LYS D 18 25.42 -50.03 34.26
N LYS D 19 24.67 -50.91 33.59
CA LYS D 19 23.39 -50.57 32.98
C LYS D 19 22.19 -50.92 33.86
N PHE D 20 22.42 -51.43 35.09
CA PHE D 20 21.36 -51.70 36.06
C PHE D 20 21.77 -51.25 37.45
N ASP D 21 20.78 -50.92 38.28
CA ASP D 21 20.97 -50.49 39.65
C ASP D 21 21.35 -51.71 40.52
N PRO D 22 21.76 -51.51 41.80
CA PRO D 22 21.69 -52.58 42.79
C PRO D 22 20.29 -53.13 43.07
N MET D 23 19.23 -52.32 42.87
CA MET D 23 17.85 -52.70 43.10
C MET D 23 17.13 -53.16 41.82
N GLY D 24 17.88 -53.37 40.72
CA GLY D 24 17.40 -54.12 39.56
C GLY D 24 17.09 -53.25 38.36
N GLN D 25 16.54 -52.04 38.56
CA GLN D 25 16.02 -51.24 37.44
C GLN D 25 17.16 -50.61 36.62
N GLN D 26 16.82 -50.12 35.42
CA GLN D 26 17.80 -49.60 34.47
C GLN D 26 18.34 -48.25 34.94
N THR D 27 19.65 -48.03 34.72
CA THR D 27 20.30 -46.76 34.93
C THR D 27 20.06 -45.85 33.72
N CYS D 28 19.83 -44.55 34.00
CA CYS D 28 19.69 -43.54 32.97
C CYS D 28 21.07 -43.09 32.49
N SER D 29 21.14 -42.57 31.26
CA SER D 29 22.35 -41.98 30.71
C SER D 29 22.60 -40.64 31.38
N ALA D 30 23.86 -40.39 31.78
CA ALA D 30 24.26 -39.19 32.52
C ALA D 30 24.11 -37.93 31.67
N HIS D 31 24.32 -38.06 30.35
CA HIS D 31 24.37 -36.91 29.48
C HIS D 31 22.99 -36.50 29.02
N PRO D 32 22.73 -35.20 28.81
CA PRO D 32 21.44 -34.74 28.30
C PRO D 32 21.30 -35.08 26.82
N ALA D 33 20.05 -34.93 26.35
CA ALA D 33 19.72 -35.17 24.95
C ALA D 33 20.48 -34.21 24.06
N ARG D 34 20.78 -34.67 22.84
CA ARG D 34 21.37 -33.82 21.82
C ARG D 34 20.40 -32.71 21.45
N PHE D 35 20.93 -31.49 21.28
CA PHE D 35 20.14 -30.33 20.90
C PHE D 35 20.72 -29.74 19.63
N SER D 36 19.84 -29.20 18.79
CA SER D 36 20.22 -28.42 17.63
C SER D 36 19.31 -27.20 17.56
N PRO D 37 19.85 -26.00 17.19
CA PRO D 37 19.08 -24.76 17.25
C PRO D 37 17.95 -24.64 16.23
N ASP D 38 17.99 -25.46 15.16
CA ASP D 38 16.95 -25.51 14.15
C ASP D 38 15.67 -26.23 14.59
N ASP D 39 15.65 -26.83 15.80
CA ASP D 39 14.52 -27.57 16.33
C ASP D 39 13.23 -26.74 16.35
N LYS D 40 12.18 -27.28 15.74
CA LYS D 40 10.86 -26.63 15.67
C LYS D 40 9.79 -27.57 16.22
N TYR D 41 10.10 -28.23 17.34
CA TYR D 41 9.18 -29.16 17.99
C TYR D 41 8.97 -28.76 19.45
N SER D 42 8.87 -27.43 19.69
CA SER D 42 8.60 -26.92 21.03
C SER D 42 7.12 -27.13 21.39
N ARG D 43 6.23 -26.86 20.42
CA ARG D 43 4.81 -27.13 20.53
C ARG D 43 4.57 -28.60 20.87
N HIS D 44 5.34 -29.49 20.25
CA HIS D 44 5.14 -30.93 20.31
C HIS D 44 5.55 -31.46 21.68
N ARG D 45 6.72 -31.02 22.16
CA ARG D 45 7.24 -31.42 23.45
C ARG D 45 6.37 -30.94 24.61
N ILE D 46 5.93 -29.67 24.53
CA ILE D 46 5.05 -29.10 25.54
C ILE D 46 3.71 -29.83 25.54
N THR D 47 3.16 -30.10 24.34
CA THR D 47 1.83 -30.68 24.19
C THR D 47 1.69 -31.98 24.98
N ILE D 48 2.66 -32.90 24.87
CA ILE D 48 2.57 -34.18 25.56
C ILE D 48 3.10 -34.12 27.00
N LYS D 49 4.05 -33.22 27.28
CA LYS D 49 4.49 -33.02 28.65
C LYS D 49 3.37 -32.49 29.54
N LYS D 50 2.44 -31.70 28.97
CA LYS D 50 1.23 -31.26 29.64
C LYS D 50 0.30 -32.44 29.93
N ARG D 51 0.09 -33.31 28.92
CA ARG D 51 -0.83 -34.44 29.05
C ARG D 51 -0.48 -35.36 30.23
N PHE D 52 0.81 -35.70 30.35
CA PHE D 52 1.27 -36.63 31.39
C PHE D 52 1.72 -35.94 32.68
N LYS D 53 1.51 -34.61 32.79
CA LYS D 53 1.74 -33.84 34.01
C LYS D 53 3.23 -33.85 34.39
N VAL D 54 4.11 -33.80 33.38
CA VAL D 54 5.57 -33.80 33.58
C VAL D 54 6.23 -32.53 33.04
N LEU D 55 5.44 -31.50 32.68
CA LEU D 55 5.97 -30.21 32.29
C LEU D 55 6.52 -29.54 33.54
N MET D 56 7.58 -28.73 33.37
CA MET D 56 8.36 -28.21 34.48
C MET D 56 7.52 -27.28 35.38
N THR D 57 6.54 -26.59 34.78
CA THR D 57 5.64 -25.68 35.49
C THR D 57 4.70 -26.43 36.45
N GLN D 58 4.29 -27.67 36.09
CA GLN D 58 3.32 -28.45 36.83
C GLN D 58 3.93 -29.21 38.02
N GLN D 59 5.27 -29.22 38.15
CA GLN D 59 5.95 -29.90 39.25
C GLN D 59 5.84 -29.04 40.52
N PRO D 60 6.17 -29.58 41.72
CA PRO D 60 6.29 -28.78 42.93
C PRO D 60 7.33 -27.67 42.81
N ARG D 61 6.97 -26.46 43.26
CA ARG D 61 7.79 -25.27 43.08
C ARG D 61 9.05 -25.37 43.94
N PRO D 62 10.25 -24.94 43.43
CA PRO D 62 11.48 -25.03 44.21
C PRO D 62 11.58 -24.08 45.40
N VAL D 63 12.54 -24.38 46.29
CA VAL D 63 12.78 -23.63 47.52
C VAL D 63 13.87 -22.59 47.27
N LEU D 64 13.52 -21.31 47.44
CA LEU D 64 14.45 -20.18 47.23
C LEU D 64 14.58 -19.37 48.53
N LYS E 43 -17.26 -19.48 71.94
CA LYS E 43 -16.70 -20.65 71.21
C LYS E 43 -15.71 -20.27 70.11
N VAL E 44 -15.65 -18.98 69.71
CA VAL E 44 -14.66 -18.44 68.77
C VAL E 44 -13.23 -18.78 69.19
N ALA E 45 -12.96 -18.81 70.51
CA ALA E 45 -11.66 -19.20 71.05
C ALA E 45 -11.20 -20.59 70.61
N LYS E 46 -12.14 -21.54 70.45
CA LYS E 46 -11.83 -22.89 69.99
C LYS E 46 -11.47 -22.92 68.50
N LEU E 47 -12.13 -22.08 67.67
CA LEU E 47 -11.90 -22.07 66.23
C LEU E 47 -10.44 -21.72 65.91
N ASP E 48 -9.83 -22.54 65.04
CA ASP E 48 -8.55 -22.20 64.42
C ASP E 48 -8.76 -21.02 63.49
N THR E 49 -7.71 -20.21 63.30
CA THR E 49 -7.76 -19.00 62.48
C THR E 49 -8.05 -19.30 61.01
N SER E 50 -7.81 -20.55 60.56
CA SER E 50 -8.16 -21.01 59.22
C SER E 50 -9.66 -21.10 58.98
N GLN E 51 -10.48 -21.17 60.06
CA GLN E 51 -11.93 -21.21 59.96
C GLN E 51 -12.60 -19.86 60.26
N TRP E 52 -11.84 -18.76 60.32
CA TRP E 52 -12.41 -17.43 60.45
C TRP E 52 -12.91 -16.97 59.08
N PRO E 53 -14.02 -16.21 59.02
CA PRO E 53 -14.70 -15.90 57.75
C PRO E 53 -14.03 -14.82 56.90
N LEU E 54 -14.03 -15.04 55.57
CA LEU E 54 -13.62 -14.06 54.58
C LEU E 54 -12.19 -13.56 54.82
N LEU E 55 -12.01 -12.22 54.88
CA LEU E 55 -10.69 -11.62 54.82
C LEU E 55 -9.92 -11.80 56.12
N LEU E 56 -10.59 -12.25 57.21
CA LEU E 56 -9.90 -12.61 58.45
C LEU E 56 -9.38 -14.06 58.46
N LYS E 57 -9.57 -14.82 57.38
CA LYS E 57 -9.07 -16.19 57.33
C LYS E 57 -7.54 -16.20 57.33
N ASN E 58 -6.96 -17.02 58.21
CA ASN E 58 -5.52 -17.20 58.35
C ASN E 58 -4.81 -15.87 58.66
N PHE E 59 -5.41 -15.05 59.53
CA PHE E 59 -4.87 -13.73 59.83
C PHE E 59 -3.58 -13.83 60.66
N ASP E 60 -3.44 -14.90 61.44
CA ASP E 60 -2.25 -15.12 62.26
C ASP E 60 -0.98 -15.38 61.42
N LYS E 61 -1.12 -15.80 60.15
CA LYS E 61 0.01 -15.99 59.24
C LYS E 61 0.39 -14.74 58.43
N LEU E 62 -0.29 -13.61 58.67
CA LEU E 62 0.18 -12.31 58.22
C LEU E 62 1.33 -11.86 59.14
N ASN E 63 2.22 -11.02 58.60
CA ASN E 63 3.35 -10.50 59.35
C ASN E 63 2.84 -9.42 60.28
N VAL E 64 3.21 -9.49 61.57
CA VAL E 64 2.74 -8.56 62.59
C VAL E 64 3.73 -7.41 62.70
N ARG E 65 3.25 -6.18 62.46
CA ARG E 65 4.06 -4.98 62.65
C ARG E 65 3.97 -4.56 64.10
N THR E 66 2.73 -4.39 64.58
CA THR E 66 2.43 -4.07 65.97
C THR E 66 1.08 -4.70 66.33
N THR E 67 0.96 -5.10 67.61
CA THR E 67 -0.24 -5.73 68.13
C THR E 67 -1.13 -4.76 68.89
N HIS E 68 -0.65 -3.53 69.20
CA HIS E 68 -1.38 -2.60 70.04
C HIS E 68 -2.17 -1.61 69.19
N TYR E 69 -3.46 -1.46 69.53
CA TYR E 69 -4.29 -0.35 69.06
C TYR E 69 -5.50 -0.22 69.99
N THR E 70 -6.23 0.89 69.84
CA THR E 70 -7.44 1.17 70.62
C THR E 70 -8.66 0.78 69.79
N PRO E 71 -9.41 -0.30 70.13
CA PRO E 71 -10.62 -0.65 69.39
C PRO E 71 -11.75 0.37 69.56
N LEU E 72 -12.58 0.51 68.52
CA LEU E 72 -13.70 1.44 68.48
C LEU E 72 -14.96 0.66 68.08
N ALA E 73 -16.09 0.94 68.75
CA ALA E 73 -17.35 0.27 68.47
C ALA E 73 -18.03 0.97 67.28
N CYS E 74 -17.58 0.63 66.06
CA CYS E 74 -18.01 1.31 64.83
C CYS E 74 -18.50 0.31 63.80
N GLY E 75 -17.60 -0.57 63.37
CA GLY E 75 -17.88 -1.53 62.30
C GLY E 75 -18.57 -2.78 62.84
N SER E 76 -18.94 -3.65 61.90
CA SER E 76 -19.32 -5.02 62.17
C SER E 76 -18.50 -5.94 61.27
N ASN E 77 -18.52 -7.24 61.55
CA ASN E 77 -18.04 -8.23 60.60
C ASN E 77 -18.93 -8.16 59.37
N PRO E 78 -18.38 -8.20 58.13
CA PRO E 78 -19.20 -8.10 56.92
C PRO E 78 -20.44 -9.00 56.84
N LEU E 79 -20.40 -10.20 57.45
CA LEU E 79 -21.54 -11.11 57.49
C LEU E 79 -22.67 -10.64 58.41
N LYS E 80 -22.38 -9.76 59.38
CA LYS E 80 -23.37 -9.32 60.37
C LYS E 80 -23.77 -7.86 60.18
N ARG E 81 -23.63 -7.33 58.96
CA ARG E 81 -24.11 -5.99 58.63
C ARG E 81 -25.64 -5.99 58.67
N GLU E 82 -26.22 -4.87 59.12
CA GLU E 82 -27.67 -4.69 59.11
C GLU E 82 -28.17 -4.83 57.66
N ILE E 83 -29.29 -5.54 57.48
CA ILE E 83 -29.73 -6.07 56.19
C ILE E 83 -29.69 -5.02 55.07
N GLY E 84 -30.06 -3.77 55.37
CA GLY E 84 -29.93 -2.67 54.43
C GLY E 84 -28.49 -2.49 53.94
N ASP E 85 -27.55 -2.29 54.88
CA ASP E 85 -26.14 -2.12 54.57
C ASP E 85 -25.53 -3.39 53.94
N TYR E 86 -26.00 -4.57 54.37
CA TYR E 86 -25.53 -5.84 53.84
C TYR E 86 -25.79 -5.98 52.34
N ILE E 87 -26.99 -5.56 51.91
CA ILE E 87 -27.37 -5.61 50.49
C ILE E 87 -26.64 -4.54 49.70
N ARG E 88 -26.48 -3.33 50.26
CA ARG E 88 -25.82 -2.23 49.56
C ARG E 88 -24.32 -2.47 49.33
N THR E 89 -23.68 -3.37 50.10
CA THR E 89 -22.29 -3.74 49.93
C THR E 89 -22.12 -5.18 49.41
N GLY E 90 -23.13 -5.73 48.72
CA GLY E 90 -23.19 -7.15 48.43
C GLY E 90 -23.23 -7.47 46.94
N PHE E 91 -23.18 -8.78 46.63
CA PHE E 91 -23.32 -9.27 45.27
C PHE E 91 -24.08 -10.60 45.26
N ILE E 92 -24.58 -10.98 44.07
CA ILE E 92 -25.25 -12.25 43.85
C ILE E 92 -24.48 -13.04 42.80
N ASN E 93 -24.16 -14.30 43.13
CA ASN E 93 -23.64 -15.27 42.18
C ASN E 93 -24.83 -15.91 41.48
N LEU E 94 -25.30 -15.27 40.40
CA LEU E 94 -26.55 -15.66 39.75
C LEU E 94 -26.31 -16.76 38.72
N ASP E 95 -27.29 -17.67 38.61
CA ASP E 95 -27.41 -18.58 37.49
C ASP E 95 -28.38 -17.96 36.49
N LYS E 96 -27.83 -17.36 35.44
CA LYS E 96 -28.64 -16.62 34.48
C LYS E 96 -29.55 -17.55 33.70
N PRO E 97 -30.87 -17.22 33.54
CA PRO E 97 -31.76 -17.99 32.68
C PRO E 97 -31.50 -17.80 31.19
N SER E 98 -32.18 -18.57 30.33
CA SER E 98 -31.80 -18.76 28.94
C SER E 98 -32.53 -17.84 27.95
N ASN E 99 -33.53 -17.06 28.37
CA ASN E 99 -34.24 -16.17 27.45
C ASN E 99 -33.69 -14.73 27.45
N PRO E 100 -33.59 -14.03 28.60
CA PRO E 100 -33.31 -12.60 28.61
C PRO E 100 -31.84 -12.25 28.40
N SER E 101 -31.59 -10.99 28.03
CA SER E 101 -30.23 -10.45 27.97
C SER E 101 -29.70 -10.21 29.38
N SER E 102 -28.37 -10.09 29.50
CA SER E 102 -27.74 -9.92 30.81
C SER E 102 -28.07 -8.56 31.43
N HIS E 103 -28.28 -7.53 30.60
CA HIS E 103 -28.70 -6.22 31.12
C HIS E 103 -30.16 -6.21 31.57
N GLU E 104 -31.03 -7.05 30.97
CA GLU E 104 -32.39 -7.23 31.44
C GLU E 104 -32.43 -7.93 32.80
N VAL E 105 -31.56 -8.91 33.00
CA VAL E 105 -31.52 -9.69 34.23
C VAL E 105 -31.14 -8.81 35.43
N VAL E 106 -30.10 -7.99 35.28
CA VAL E 106 -29.67 -7.09 36.35
C VAL E 106 -30.67 -5.95 36.56
N ALA E 107 -31.43 -5.58 35.51
CA ALA E 107 -32.57 -4.68 35.68
C ALA E 107 -33.63 -5.29 36.59
N TRP E 108 -33.98 -6.56 36.35
CA TRP E 108 -34.95 -7.28 37.16
C TRP E 108 -34.51 -7.40 38.63
N ILE E 109 -33.19 -7.61 38.85
CA ILE E 109 -32.64 -7.72 40.20
C ILE E 109 -32.79 -6.38 40.92
N ARG E 110 -32.58 -5.25 40.22
CA ARG E 110 -32.65 -3.95 40.88
C ARG E 110 -34.10 -3.46 41.07
N ARG E 111 -35.09 -4.08 40.42
CA ARG E 111 -36.50 -3.87 40.77
C ARG E 111 -36.84 -4.60 42.06
N ILE E 112 -36.42 -5.87 42.13
CA ILE E 112 -36.78 -6.78 43.21
C ILE E 112 -36.21 -6.28 44.52
N LEU E 113 -34.88 -6.13 44.57
CA LEU E 113 -34.17 -5.71 45.78
C LEU E 113 -34.41 -4.23 46.10
N ARG E 114 -34.87 -3.43 45.12
CA ARG E 114 -35.18 -2.02 45.29
C ARG E 114 -33.90 -1.26 45.60
N VAL E 115 -32.99 -1.31 44.62
CA VAL E 115 -31.71 -0.61 44.67
C VAL E 115 -31.52 0.17 43.37
N GLU E 116 -30.62 1.15 43.38
CA GLU E 116 -30.44 2.08 42.27
C GLU E 116 -29.36 1.64 41.28
N LYS E 117 -28.34 0.89 41.71
CA LYS E 117 -27.21 0.54 40.88
C LYS E 117 -26.89 -0.96 40.92
N THR E 118 -26.57 -1.51 39.72
CA THR E 118 -26.05 -2.86 39.59
C THR E 118 -25.06 -2.95 38.42
N GLY E 119 -24.09 -3.89 38.54
CA GLY E 119 -23.19 -4.28 37.46
C GLY E 119 -23.05 -5.81 37.41
N HIS E 120 -22.39 -6.37 36.37
CA HIS E 120 -22.64 -7.76 36.01
C HIS E 120 -21.48 -8.60 35.45
N SER E 121 -20.21 -8.28 35.70
CA SER E 121 -19.12 -9.23 35.52
C SER E 121 -18.98 -9.83 34.11
N GLY E 122 -19.39 -9.10 33.07
CA GLY E 122 -19.24 -9.56 31.70
C GLY E 122 -20.58 -10.06 31.15
N THR E 123 -20.91 -9.66 29.92
CA THR E 123 -22.18 -10.02 29.30
C THR E 123 -22.22 -11.51 28.96
N LEU E 124 -23.37 -12.11 29.23
CA LEU E 124 -23.78 -13.37 28.63
C LEU E 124 -24.83 -13.05 27.60
N ASP E 125 -24.74 -13.71 26.42
CA ASP E 125 -25.66 -13.46 25.32
C ASP E 125 -27.04 -14.02 25.69
N PRO E 126 -28.15 -13.48 25.14
CA PRO E 126 -29.50 -13.83 25.60
C PRO E 126 -29.80 -15.31 25.82
N LYS E 127 -29.30 -16.19 24.93
CA LYS E 127 -29.54 -17.63 25.01
C LYS E 127 -28.52 -18.41 25.85
N VAL E 128 -27.55 -17.71 26.46
CA VAL E 128 -26.51 -18.33 27.26
C VAL E 128 -26.89 -18.23 28.74
N THR E 129 -26.51 -19.27 29.51
CA THR E 129 -26.84 -19.34 30.93
C THR E 129 -25.55 -19.34 31.72
N GLY E 130 -25.69 -19.39 33.06
CA GLY E 130 -24.57 -19.69 33.93
C GLY E 130 -24.17 -18.51 34.82
N CYS E 131 -22.93 -18.59 35.31
CA CYS E 131 -22.42 -17.75 36.38
C CYS E 131 -22.35 -16.29 35.93
N LEU E 132 -23.15 -15.43 36.57
CA LEU E 132 -23.15 -13.99 36.35
C LEU E 132 -23.11 -13.29 37.71
N ILE E 133 -21.91 -12.84 38.12
CA ILE E 133 -21.74 -12.07 39.33
C ILE E 133 -22.42 -10.71 39.17
N VAL E 134 -23.51 -10.49 39.93
CA VAL E 134 -24.24 -9.24 39.94
C VAL E 134 -23.86 -8.46 41.20
N CYS E 135 -23.07 -7.39 41.03
CA CYS E 135 -22.68 -6.51 42.13
C CYS E 135 -23.79 -5.48 42.37
N ILE E 136 -24.08 -5.20 43.66
CA ILE E 136 -25.15 -4.30 44.06
C ILE E 136 -24.57 -3.05 44.72
N GLU E 137 -25.00 -1.85 44.25
CA GLU E 137 -24.65 -0.58 44.87
C GLU E 137 -23.13 -0.45 45.01
N ARG E 138 -22.60 -0.35 46.24
CA ARG E 138 -21.20 -0.02 46.48
C ARG E 138 -20.25 -1.11 46.00
N ALA E 139 -20.76 -2.33 45.76
CA ALA E 139 -20.00 -3.38 45.14
C ALA E 139 -19.75 -3.14 43.65
N THR E 140 -20.47 -2.18 43.02
CA THR E 140 -20.25 -1.85 41.62
C THR E 140 -18.87 -1.20 41.37
N ARG E 141 -18.20 -0.76 42.45
CA ARG E 141 -16.82 -0.29 42.39
C ARG E 141 -15.83 -1.40 42.01
N LEU E 142 -16.23 -2.67 42.21
CA LEU E 142 -15.38 -3.83 41.92
C LEU E 142 -15.59 -4.39 40.50
N VAL E 143 -16.50 -3.84 39.68
CA VAL E 143 -16.92 -4.50 38.45
C VAL E 143 -15.78 -4.73 37.46
N LYS E 144 -14.80 -3.81 37.39
CA LYS E 144 -13.70 -3.98 36.45
C LYS E 144 -12.84 -5.21 36.78
N SER E 145 -12.61 -5.46 38.08
CA SER E 145 -11.88 -6.63 38.53
C SER E 145 -12.62 -7.93 38.22
N GLN E 146 -13.95 -7.90 38.28
CA GLN E 146 -14.79 -9.05 37.98
C GLN E 146 -14.92 -9.26 36.49
N GLN E 147 -15.09 -8.18 35.72
CA GLN E 147 -15.22 -8.24 34.26
C GLN E 147 -13.93 -8.70 33.58
N SER E 148 -12.77 -8.34 34.16
CA SER E 148 -11.46 -8.68 33.60
C SER E 148 -10.98 -10.06 34.03
N ALA E 149 -11.67 -10.73 34.96
CA ALA E 149 -11.26 -12.04 35.47
C ALA E 149 -11.43 -13.13 34.41
N GLY E 150 -10.71 -14.25 34.62
CA GLY E 150 -10.76 -15.40 33.73
C GLY E 150 -12.09 -16.15 33.86
N LYS E 151 -12.72 -16.44 32.70
CA LYS E 151 -13.96 -17.18 32.66
C LYS E 151 -13.73 -18.64 32.28
N GLU E 152 -14.74 -19.48 32.55
CA GLU E 152 -14.80 -20.84 32.05
C GLU E 152 -16.18 -21.08 31.44
N TYR E 153 -16.23 -21.87 30.36
CA TYR E 153 -17.46 -22.17 29.64
C TYR E 153 -17.58 -23.67 29.38
N VAL E 154 -18.83 -24.15 29.29
CA VAL E 154 -19.16 -25.48 28.81
C VAL E 154 -20.16 -25.29 27.70
N GLY E 155 -19.77 -25.65 26.47
CA GLY E 155 -20.58 -25.43 25.30
C GLY E 155 -20.74 -26.69 24.47
N ILE E 156 -21.63 -26.63 23.48
CA ILE E 156 -21.84 -27.68 22.50
C ILE E 156 -21.58 -27.11 21.12
N VAL E 157 -20.67 -27.73 20.38
CA VAL E 157 -20.41 -27.42 18.98
C VAL E 157 -21.16 -28.45 18.15
N ARG E 158 -21.85 -28.00 17.09
CA ARG E 158 -22.52 -28.87 16.14
C ARG E 158 -21.73 -28.81 14.84
N LEU E 159 -21.23 -29.97 14.40
CA LEU E 159 -20.46 -30.06 13.16
C LEU E 159 -21.40 -30.34 12.00
N HIS E 160 -21.11 -29.72 10.84
CA HIS E 160 -21.97 -29.79 9.67
C HIS E 160 -21.71 -31.02 8.79
N ASN E 161 -20.68 -31.81 9.06
CA ASN E 161 -20.49 -33.11 8.43
C ASN E 161 -19.73 -34.02 9.38
N ALA E 162 -19.71 -35.33 9.06
CA ALA E 162 -19.08 -36.32 9.91
C ALA E 162 -17.54 -36.19 9.91
N ILE E 163 -16.95 -36.48 11.07
CA ILE E 163 -15.51 -36.57 11.25
C ILE E 163 -15.18 -38.02 11.62
N GLU E 164 -13.87 -38.35 11.68
CA GLU E 164 -13.44 -39.71 11.99
C GLU E 164 -13.88 -40.15 13.39
N GLY E 165 -13.74 -39.25 14.38
CA GLY E 165 -14.21 -39.56 15.73
C GLY E 165 -13.95 -38.42 16.72
N GLY E 166 -14.06 -38.75 18.01
CA GLY E 166 -13.93 -37.77 19.08
C GLY E 166 -12.50 -37.24 19.25
N THR E 167 -11.50 -38.05 18.87
CA THR E 167 -10.09 -37.68 18.97
C THR E 167 -9.73 -36.56 18.01
N GLN E 168 -10.40 -36.51 16.84
CA GLN E 168 -10.13 -35.48 15.84
C GLN E 168 -10.58 -34.10 16.33
N LEU E 169 -11.77 -34.04 16.96
CA LEU E 169 -12.26 -32.82 17.60
C LEU E 169 -11.36 -32.40 18.77
N SER E 170 -10.86 -33.37 19.54
CA SER E 170 -9.98 -33.14 20.67
C SER E 170 -8.64 -32.50 20.25
N ARG E 171 -8.16 -32.83 19.05
CA ARG E 171 -6.91 -32.29 18.53
C ARG E 171 -7.09 -30.85 18.02
N ALA E 172 -8.23 -30.57 17.37
CA ALA E 172 -8.56 -29.22 16.93
C ALA E 172 -8.72 -28.24 18.09
N LEU E 173 -9.15 -28.73 19.26
CA LEU E 173 -9.22 -27.92 20.47
C LEU E 173 -7.83 -27.62 21.03
N GLU E 174 -6.91 -28.60 20.98
CA GLU E 174 -5.53 -28.40 21.39
C GLU E 174 -4.82 -27.37 20.51
N THR E 175 -5.16 -27.35 19.20
CA THR E 175 -4.63 -26.37 18.26
C THR E 175 -5.06 -24.94 18.62
N LEU E 176 -6.31 -24.76 19.07
CA LEU E 176 -6.85 -23.47 19.47
C LEU E 176 -6.71 -23.21 20.98
N THR E 177 -5.59 -23.67 21.57
CA THR E 177 -5.15 -23.25 22.90
C THR E 177 -4.12 -22.15 22.70
N GLY E 178 -3.92 -21.31 23.73
CA GLY E 178 -2.95 -20.22 23.69
C GLY E 178 -3.57 -18.94 23.14
N ALA E 179 -2.71 -17.98 22.76
CA ALA E 179 -3.14 -16.67 22.31
C ALA E 179 -3.63 -16.75 20.86
N LEU E 180 -4.93 -16.50 20.64
CA LEU E 180 -5.60 -16.68 19.35
C LEU E 180 -6.02 -15.34 18.75
N PHE E 181 -6.03 -15.28 17.40
CA PHE E 181 -6.70 -14.21 16.68
C PHE E 181 -8.21 -14.46 16.69
N GLN E 182 -8.99 -13.40 16.98
CA GLN E 182 -10.44 -13.45 16.87
C GLN E 182 -10.97 -12.11 16.40
N ARG E 183 -11.84 -12.11 15.36
CA ARG E 183 -12.45 -10.88 14.88
C ARG E 183 -13.61 -10.54 15.81
N PRO E 184 -13.61 -9.36 16.49
CA PRO E 184 -14.78 -8.91 17.23
C PRO E 184 -15.94 -8.60 16.29
N PRO E 185 -17.16 -9.10 16.57
CA PRO E 185 -18.33 -8.84 15.72
C PRO E 185 -18.65 -7.37 15.48
N LEU E 186 -19.24 -7.09 14.30
CA LEU E 186 -19.64 -5.75 13.89
C LEU E 186 -20.76 -5.24 14.79
N ILE E 187 -20.68 -3.95 15.16
CA ILE E 187 -21.67 -3.29 16.01
C ILE E 187 -21.90 -1.85 15.55
N ALA E 188 -23.16 -1.47 15.28
CA ALA E 188 -23.53 -0.16 14.78
C ALA E 188 -22.71 0.25 13.54
N ALA E 189 -22.42 -0.73 12.67
CA ALA E 189 -21.56 -0.60 11.49
C ALA E 189 -20.18 0.00 11.82
N VAL E 190 -19.59 -0.42 12.96
CA VAL E 190 -18.25 -0.02 13.39
C VAL E 190 -17.36 -1.25 13.37
N LYS E 191 -16.52 -1.37 12.34
CA LYS E 191 -15.64 -2.53 12.15
C LYS E 191 -14.48 -2.48 13.14
N ARG E 192 -14.59 -3.22 14.25
CA ARG E 192 -13.49 -3.37 15.19
C ARG E 192 -12.42 -4.28 14.59
N GLN E 193 -11.16 -3.95 14.90
CA GLN E 193 -10.01 -4.65 14.32
C GLN E 193 -9.86 -6.04 14.96
N LEU E 194 -9.13 -6.91 14.25
CA LEU E 194 -8.75 -8.23 14.74
C LEU E 194 -7.97 -8.11 16.05
N ARG E 195 -8.30 -8.95 17.05
CA ARG E 195 -7.68 -8.87 18.36
C ARG E 195 -7.28 -10.24 18.88
N VAL E 196 -6.44 -10.22 19.92
CA VAL E 196 -5.84 -11.41 20.50
C VAL E 196 -6.51 -11.71 21.84
N ARG E 197 -6.89 -12.97 22.04
CA ARG E 197 -7.40 -13.47 23.30
C ARG E 197 -6.86 -14.86 23.60
N THR E 198 -6.46 -15.07 24.87
CA THR E 198 -5.84 -16.32 25.29
C THR E 198 -6.91 -17.32 25.73
N ILE E 199 -6.73 -18.59 25.31
CA ILE E 199 -7.46 -19.72 25.85
C ILE E 199 -6.47 -20.55 26.64
N TYR E 200 -6.66 -20.59 27.96
CA TYR E 200 -5.69 -21.21 28.87
C TYR E 200 -5.71 -22.74 28.72
N GLU E 201 -6.91 -23.31 28.82
CA GLU E 201 -7.10 -24.75 28.68
C GLU E 201 -8.34 -25.02 27.82
N SER E 202 -8.31 -26.19 27.17
CA SER E 202 -9.46 -26.73 26.46
C SER E 202 -9.56 -28.22 26.76
N LYS E 203 -10.79 -28.75 26.63
CA LYS E 203 -11.05 -30.16 26.88
C LYS E 203 -12.26 -30.60 26.08
N MET E 204 -12.17 -31.80 25.48
CA MET E 204 -13.28 -32.40 24.75
C MET E 204 -13.91 -33.41 25.70
N ILE E 205 -15.14 -33.11 26.16
CA ILE E 205 -15.80 -33.85 27.23
C ILE E 205 -16.53 -35.07 26.65
N GLU E 206 -17.34 -34.84 25.60
CA GLU E 206 -18.08 -35.90 24.94
C GLU E 206 -18.30 -35.57 23.48
N TYR E 207 -18.47 -36.63 22.66
CA TYR E 207 -18.82 -36.48 21.26
C TYR E 207 -19.89 -37.50 20.89
N ASP E 208 -20.90 -37.05 20.13
CA ASP E 208 -21.98 -37.87 19.62
C ASP E 208 -21.90 -37.90 18.10
N PRO E 209 -21.40 -39.00 17.48
CA PRO E 209 -21.36 -39.10 16.02
C PRO E 209 -22.70 -39.10 15.28
N GLU E 210 -23.81 -39.42 15.97
CA GLU E 210 -25.13 -39.45 15.35
C GLU E 210 -25.58 -38.04 14.99
N ARG E 211 -25.66 -37.16 15.99
CA ARG E 211 -26.09 -35.78 15.81
C ARG E 211 -24.93 -34.85 15.42
N ARG E 212 -23.69 -35.35 15.45
CA ARG E 212 -22.48 -34.58 15.18
C ARG E 212 -22.35 -33.45 16.21
N LEU E 213 -22.61 -33.78 17.48
CA LEU E 213 -22.55 -32.83 18.60
C LEU E 213 -21.35 -33.17 19.45
N GLY E 214 -20.66 -32.13 19.95
CA GLY E 214 -19.51 -32.29 20.80
C GLY E 214 -19.56 -31.29 21.96
N ILE E 215 -19.55 -31.80 23.20
CA ILE E 215 -19.36 -30.95 24.37
C ILE E 215 -17.88 -30.58 24.49
N PHE E 216 -17.59 -29.31 24.73
CA PHE E 216 -16.25 -28.83 25.05
C PHE E 216 -16.29 -28.00 26.32
N TRP E 217 -15.18 -28.03 27.08
CA TRP E 217 -14.96 -27.13 28.19
C TRP E 217 -13.76 -26.24 27.85
N VAL E 218 -13.92 -24.92 28.05
CA VAL E 218 -12.89 -23.94 27.74
C VAL E 218 -12.68 -23.04 28.95
N SER E 219 -11.41 -22.87 29.33
CA SER E 219 -10.98 -21.82 30.24
C SER E 219 -10.30 -20.75 29.41
N CYS E 220 -10.68 -19.48 29.62
CA CYS E 220 -10.22 -18.42 28.72
C CYS E 220 -10.20 -17.04 29.38
N GLU E 221 -9.51 -16.11 28.69
CA GLU E 221 -9.43 -14.71 29.05
C GLU E 221 -10.79 -14.05 28.87
N ALA E 222 -11.00 -12.92 29.56
CA ALA E 222 -12.23 -12.15 29.41
C ALA E 222 -12.30 -11.55 27.99
N GLY E 223 -13.51 -11.51 27.42
CA GLY E 223 -13.72 -10.95 26.10
C GLY E 223 -13.47 -11.93 24.95
N THR E 224 -13.26 -13.22 25.27
CA THR E 224 -13.14 -14.26 24.26
C THR E 224 -14.54 -14.58 23.72
N TYR E 225 -14.65 -14.68 22.39
CA TYR E 225 -15.90 -15.03 21.72
C TYR E 225 -15.94 -16.53 21.47
N ILE E 226 -16.83 -17.25 22.18
CA ILE E 226 -16.92 -18.70 22.08
C ILE E 226 -17.70 -19.12 20.83
N ARG E 227 -18.65 -18.29 20.38
CA ARG E 227 -19.32 -18.50 19.10
C ARG E 227 -18.29 -18.53 17.96
N THR E 228 -17.33 -17.59 18.00
CA THR E 228 -16.26 -17.49 17.03
C THR E 228 -15.32 -18.70 17.12
N LEU E 229 -15.05 -19.18 18.35
CA LEU E 229 -14.23 -20.36 18.57
C LEU E 229 -14.81 -21.60 17.87
N CYS E 230 -16.14 -21.79 17.94
CA CYS E 230 -16.81 -22.92 17.32
C CYS E 230 -16.77 -22.85 15.79
N VAL E 231 -16.85 -21.64 15.23
CA VAL E 231 -16.70 -21.44 13.79
C VAL E 231 -15.29 -21.82 13.34
N HIS E 232 -14.27 -21.39 14.10
CA HIS E 232 -12.88 -21.70 13.79
C HIS E 232 -12.57 -23.18 13.95
N LEU E 233 -13.15 -23.80 14.99
CA LEU E 233 -13.03 -25.23 15.23
C LEU E 233 -13.63 -26.03 14.08
N GLY E 234 -14.71 -25.51 13.47
CA GLY E 234 -15.30 -26.10 12.27
C GLY E 234 -14.42 -25.96 11.04
N LEU E 235 -13.80 -24.78 10.83
CA LEU E 235 -12.88 -24.54 9.73
C LEU E 235 -11.65 -25.44 9.82
N LEU E 236 -11.11 -25.58 11.03
CA LEU E 236 -9.91 -26.37 11.29
C LEU E 236 -10.13 -27.86 11.03
N LEU E 237 -11.34 -28.36 11.35
CA LEU E 237 -11.72 -29.74 11.03
C LEU E 237 -12.00 -29.93 9.54
N GLY E 238 -12.54 -28.89 8.87
CA GLY E 238 -12.86 -28.94 7.45
C GLY E 238 -14.34 -29.23 7.17
N VAL E 239 -15.08 -29.71 8.18
CA VAL E 239 -16.47 -30.08 8.04
C VAL E 239 -17.41 -28.89 8.22
N GLY E 240 -16.97 -27.85 8.97
CA GLY E 240 -17.81 -26.71 9.29
C GLY E 240 -18.43 -26.87 10.68
N GLY E 241 -18.91 -25.76 11.26
CA GLY E 241 -19.54 -25.86 12.57
C GLY E 241 -20.14 -24.56 13.10
N GLN E 242 -20.96 -24.73 14.14
CA GLN E 242 -21.64 -23.65 14.84
C GLN E 242 -21.74 -24.00 16.33
N MET E 243 -21.77 -22.96 17.18
CA MET E 243 -22.04 -23.14 18.59
C MET E 243 -23.54 -23.36 18.76
N GLN E 244 -23.90 -24.58 19.20
CA GLN E 244 -25.29 -24.96 19.44
C GLN E 244 -25.76 -24.31 20.74
N GLU E 245 -24.91 -24.34 21.78
CA GLU E 245 -25.31 -24.02 23.13
C GLU E 245 -24.11 -23.58 23.95
N LEU E 246 -24.37 -22.84 25.04
CA LEU E 246 -23.29 -22.32 25.88
C LEU E 246 -23.79 -22.12 27.31
N ARG E 247 -22.87 -22.31 28.23
CA ARG E 247 -23.10 -22.03 29.64
C ARG E 247 -21.76 -21.62 30.27
N ARG E 248 -21.78 -20.55 31.06
CA ARG E 248 -20.58 -20.11 31.75
C ARG E 248 -20.57 -20.75 33.14
N VAL E 249 -19.53 -21.56 33.41
CA VAL E 249 -19.41 -22.29 34.67
C VAL E 249 -18.51 -21.59 35.69
N ARG E 250 -17.79 -20.53 35.32
CA ARG E 250 -16.97 -19.78 36.26
C ARG E 250 -16.83 -18.32 35.82
N SER E 251 -16.85 -17.40 36.82
CA SER E 251 -16.55 -15.99 36.62
C SER E 251 -15.52 -15.57 37.65
N GLY E 252 -14.24 -15.83 37.34
CA GLY E 252 -13.16 -15.47 38.24
C GLY E 252 -13.19 -16.31 39.52
N VAL E 253 -13.51 -15.66 40.64
CA VAL E 253 -13.49 -16.27 41.95
C VAL E 253 -14.73 -17.14 42.18
N MET E 254 -15.89 -16.73 41.64
CA MET E 254 -17.14 -17.47 41.84
C MET E 254 -17.34 -18.49 40.72
N SER E 255 -17.97 -19.63 41.07
CA SER E 255 -18.33 -20.67 40.11
C SER E 255 -19.74 -21.17 40.40
N GLU E 256 -20.19 -22.13 39.59
CA GLU E 256 -21.44 -22.84 39.81
C GLU E 256 -21.35 -23.93 40.88
N LYS E 257 -20.14 -24.23 41.40
CA LYS E 257 -19.93 -25.26 42.39
C LYS E 257 -20.59 -24.89 43.73
N ASP E 258 -20.43 -23.62 44.15
CA ASP E 258 -20.93 -23.19 45.45
C ASP E 258 -21.43 -21.73 45.43
N HIS E 259 -22.39 -21.47 46.33
CA HIS E 259 -22.97 -20.15 46.56
C HIS E 259 -23.80 -19.61 45.39
N MET E 260 -24.15 -20.45 44.39
CA MET E 260 -24.88 -19.97 43.23
C MET E 260 -26.39 -20.09 43.47
N VAL E 261 -27.14 -19.09 42.96
CA VAL E 261 -28.57 -19.01 43.17
C VAL E 261 -29.25 -18.65 41.85
N THR E 262 -30.54 -19.03 41.70
CA THR E 262 -31.35 -18.70 40.53
C THR E 262 -32.14 -17.44 40.77
N MET E 263 -32.75 -16.89 39.70
CA MET E 263 -33.59 -15.68 39.80
C MET E 263 -34.83 -15.86 40.68
N HIS E 264 -35.35 -17.10 40.77
CA HIS E 264 -36.45 -17.40 41.67
C HIS E 264 -36.08 -17.21 43.13
N ASP E 265 -34.91 -17.69 43.54
CA ASP E 265 -34.38 -17.44 44.88
C ASP E 265 -34.31 -15.95 45.22
N VAL E 266 -33.89 -15.11 44.26
CA VAL E 266 -33.75 -13.67 44.47
C VAL E 266 -35.12 -13.04 44.74
N LEU E 267 -36.10 -13.37 43.88
CA LEU E 267 -37.48 -12.91 44.05
C LEU E 267 -38.10 -13.46 45.34
N ASP E 268 -37.83 -14.74 45.61
CA ASP E 268 -38.44 -15.47 46.70
C ASP E 268 -37.90 -14.97 48.05
N ALA E 269 -36.59 -14.70 48.11
CA ALA E 269 -35.94 -14.21 49.31
C ALA E 269 -36.41 -12.81 49.69
N GLN E 270 -36.58 -11.95 48.68
CA GLN E 270 -37.09 -10.61 48.87
C GLN E 270 -38.53 -10.64 49.38
N TRP E 271 -39.37 -11.51 48.78
CA TRP E 271 -40.75 -11.68 49.20
C TRP E 271 -40.87 -12.06 50.67
N LEU E 272 -40.03 -13.02 51.10
CA LEU E 272 -40.04 -13.49 52.48
C LEU E 272 -39.66 -12.37 53.45
N TYR E 273 -38.73 -11.50 53.04
CA TYR E 273 -38.35 -10.34 53.82
C TYR E 273 -39.47 -9.28 53.84
N ASP E 274 -40.14 -9.05 52.70
CA ASP E 274 -41.20 -8.06 52.60
C ASP E 274 -42.44 -8.43 53.42
N ASN E 275 -42.82 -9.72 53.41
CA ASN E 275 -44.10 -10.16 53.97
C ASN E 275 -43.98 -10.69 55.40
N HIS E 276 -42.85 -11.34 55.76
CA HIS E 276 -42.65 -11.93 57.08
C HIS E 276 -41.51 -11.31 57.88
N LYS E 277 -40.82 -10.30 57.33
CA LYS E 277 -39.71 -9.62 57.99
C LYS E 277 -38.59 -10.58 58.39
N ASP E 278 -38.32 -11.57 57.52
CA ASP E 278 -37.27 -12.57 57.75
C ASP E 278 -36.11 -12.31 56.80
N GLU E 279 -34.92 -12.06 57.37
CA GLU E 279 -33.72 -11.79 56.60
C GLU E 279 -33.04 -13.08 56.11
N SER E 280 -33.33 -14.23 56.74
CA SER E 280 -32.56 -15.47 56.61
C SER E 280 -32.29 -15.86 55.15
N TYR E 281 -33.31 -15.71 54.29
CA TYR E 281 -33.24 -16.13 52.90
C TYR E 281 -32.36 -15.18 52.09
N LEU E 282 -32.54 -13.86 52.29
CA LEU E 282 -31.72 -12.84 51.63
C LEU E 282 -30.23 -12.99 51.96
N ARG E 283 -29.91 -13.38 53.20
CA ARG E 283 -28.53 -13.53 53.63
C ARG E 283 -27.84 -14.79 53.06
N ARG E 284 -28.59 -15.66 52.38
CA ARG E 284 -28.05 -16.79 51.61
C ARG E 284 -28.03 -16.53 50.12
N VAL E 285 -28.84 -15.56 49.63
CA VAL E 285 -28.82 -15.16 48.24
C VAL E 285 -27.69 -14.15 47.99
N VAL E 286 -27.69 -13.07 48.80
CA VAL E 286 -26.68 -12.02 48.69
C VAL E 286 -25.48 -12.36 49.59
N TYR E 287 -24.27 -12.10 49.08
CA TYR E 287 -23.04 -12.24 49.85
C TYR E 287 -22.32 -10.90 49.89
N PRO E 288 -21.56 -10.62 50.97
CA PRO E 288 -20.84 -9.36 51.06
C PRO E 288 -19.68 -9.31 50.08
N LEU E 289 -19.36 -8.11 49.58
CA LEU E 289 -18.33 -7.90 48.56
C LEU E 289 -16.94 -8.38 48.96
N GLU E 290 -16.69 -8.58 50.28
CA GLU E 290 -15.44 -9.14 50.77
C GLU E 290 -15.14 -10.54 50.22
N LYS E 291 -16.19 -11.32 49.90
CA LYS E 291 -16.03 -12.63 49.28
C LYS E 291 -15.41 -12.57 47.89
N LEU E 292 -15.61 -11.46 47.16
CA LEU E 292 -14.94 -11.24 45.88
C LEU E 292 -13.44 -10.88 45.99
N LEU E 293 -12.97 -10.47 47.18
CA LEU E 293 -11.63 -9.93 47.38
C LEU E 293 -10.70 -10.89 48.13
N THR E 294 -11.09 -12.17 48.33
CA THR E 294 -10.32 -13.08 49.17
C THR E 294 -8.99 -13.52 48.54
N SER E 295 -8.83 -13.35 47.21
CA SER E 295 -7.59 -13.65 46.50
C SER E 295 -6.51 -12.59 46.72
N HIS E 296 -6.89 -11.33 46.95
CA HIS E 296 -5.96 -10.20 47.05
C HIS E 296 -5.12 -10.25 48.31
N LYS E 297 -3.94 -9.62 48.24
CA LYS E 297 -3.04 -9.51 49.38
C LYS E 297 -3.60 -8.45 50.33
N ARG E 298 -3.53 -8.73 51.63
CA ARG E 298 -4.22 -7.93 52.63
C ARG E 298 -3.26 -7.01 53.38
N LEU E 299 -3.84 -5.95 53.94
CA LEU E 299 -3.12 -5.00 54.75
C LEU E 299 -4.07 -4.49 55.82
N VAL E 300 -3.86 -4.96 57.06
CA VAL E 300 -4.77 -4.66 58.16
C VAL E 300 -4.36 -3.34 58.79
N MET E 301 -5.35 -2.48 59.07
CA MET E 301 -5.11 -1.13 59.58
C MET E 301 -5.75 -0.94 60.96
N LYS E 302 -5.16 -0.03 61.74
CA LYS E 302 -5.70 0.36 63.03
C LYS E 302 -6.98 1.16 62.81
N ASP E 303 -7.87 1.12 63.81
CA ASP E 303 -9.16 1.80 63.73
C ASP E 303 -9.05 3.31 63.57
N SER E 304 -7.97 3.90 64.12
CA SER E 304 -7.66 5.32 63.96
C SER E 304 -7.46 5.72 62.48
N ALA E 305 -6.80 4.84 61.72
CA ALA E 305 -6.44 5.12 60.33
C ALA E 305 -7.61 4.97 59.38
N VAL E 306 -8.68 4.27 59.78
CA VAL E 306 -9.68 3.79 58.83
C VAL E 306 -10.38 4.95 58.15
N ASN E 307 -10.88 5.89 58.96
CA ASN E 307 -11.66 7.00 58.44
C ASN E 307 -10.81 7.94 57.60
N ALA E 308 -9.54 8.14 57.99
CA ALA E 308 -8.60 8.94 57.23
C ALA E 308 -8.47 8.43 55.80
N ILE E 309 -8.33 7.10 55.66
CA ILE E 309 -8.19 6.49 54.36
C ILE E 309 -9.48 6.65 53.54
N CYS E 310 -10.65 6.55 54.19
CA CYS E 310 -11.93 6.76 53.52
C CYS E 310 -12.10 8.17 52.98
N TYR E 311 -11.48 9.17 53.65
CA TYR E 311 -11.50 10.56 53.21
C TYR E 311 -10.50 10.84 52.07
N GLY E 312 -9.61 9.90 51.75
CA GLY E 312 -8.66 10.07 50.68
C GLY E 312 -7.21 10.26 51.16
N ALA E 313 -6.89 9.93 52.43
CA ALA E 313 -5.52 9.94 52.89
C ALA E 313 -4.81 8.70 52.35
N LYS E 314 -3.51 8.83 52.09
CA LYS E 314 -2.69 7.70 51.71
C LYS E 314 -2.44 6.78 52.94
N ILE E 315 -2.31 5.48 52.68
CA ILE E 315 -2.12 4.50 53.73
C ILE E 315 -0.69 4.67 54.24
N MET E 316 -0.54 5.17 55.47
CA MET E 316 0.77 5.38 56.08
C MET E 316 1.15 4.20 56.98
N LEU E 317 2.46 4.05 57.21
CA LEU E 317 3.02 2.87 57.87
C LEU E 317 2.72 2.81 59.36
N PRO E 318 2.68 3.95 60.10
CA PRO E 318 2.33 3.90 61.52
C PRO E 318 0.96 3.30 61.87
N GLY E 319 0.03 3.26 60.90
CA GLY E 319 -1.29 2.68 61.08
C GLY E 319 -1.41 1.21 60.68
N VAL E 320 -0.37 0.59 60.12
CA VAL E 320 -0.43 -0.80 59.70
C VAL E 320 -0.24 -1.70 60.93
N LEU E 321 -1.20 -2.60 61.16
CA LEU E 321 -1.10 -3.65 62.17
C LEU E 321 -0.41 -4.87 61.58
N ARG E 322 -0.95 -5.36 60.46
CA ARG E 322 -0.47 -6.60 59.84
C ARG E 322 -0.44 -6.45 58.32
N TYR E 323 0.42 -7.25 57.68
CA TYR E 323 0.64 -7.17 56.25
C TYR E 323 1.04 -8.54 55.73
N GLU E 324 0.54 -8.88 54.55
CA GLU E 324 0.70 -10.20 53.98
C GLU E 324 2.09 -10.36 53.36
N ASP E 325 2.54 -11.62 53.28
CA ASP E 325 3.72 -11.98 52.50
C ASP E 325 3.37 -11.86 51.01
N GLY E 326 4.33 -11.35 50.23
CA GLY E 326 4.20 -11.29 48.79
C GLY E 326 3.44 -10.04 48.32
N ILE E 327 3.60 -8.91 49.03
CA ILE E 327 3.19 -7.61 48.53
C ILE E 327 4.35 -7.11 47.69
N GLU E 328 4.05 -6.72 46.45
CA GLU E 328 5.02 -6.17 45.52
C GLU E 328 4.66 -4.72 45.22
N VAL E 329 5.61 -4.00 44.60
CA VAL E 329 5.40 -2.62 44.23
C VAL E 329 4.46 -2.57 43.01
N ASN E 330 3.56 -1.57 43.02
CA ASN E 330 2.54 -1.35 42.00
C ASN E 330 1.50 -2.49 41.94
N GLN E 331 1.34 -3.24 43.04
CA GLN E 331 0.42 -4.36 43.10
C GLN E 331 -0.87 -3.91 43.78
N GLU E 332 -2.02 -4.37 43.26
CA GLU E 332 -3.32 -4.07 43.83
C GLU E 332 -3.53 -4.92 45.08
N ILE E 333 -3.74 -4.25 46.22
CA ILE E 333 -3.95 -4.89 47.51
C ILE E 333 -5.29 -4.45 48.10
N VAL E 334 -5.86 -5.26 49.00
CA VAL E 334 -7.06 -4.87 49.72
C VAL E 334 -6.64 -4.40 51.12
N VAL E 335 -7.16 -3.23 51.53
CA VAL E 335 -6.90 -2.70 52.85
C VAL E 335 -8.13 -2.97 53.70
N ILE E 336 -7.96 -3.61 54.87
CA ILE E 336 -9.09 -4.01 55.70
C ILE E 336 -8.99 -3.48 57.13
N THR E 337 -10.14 -3.54 57.84
CA THR E 337 -10.20 -3.23 59.26
C THR E 337 -9.84 -4.47 60.07
N THR E 338 -9.79 -4.33 61.40
CA THR E 338 -9.58 -5.46 62.29
C THR E 338 -10.83 -6.33 62.40
N LYS E 339 -12.01 -5.81 62.02
CA LYS E 339 -13.24 -6.59 61.90
C LYS E 339 -13.43 -7.21 60.52
N GLY E 340 -12.44 -7.12 59.62
CA GLY E 340 -12.47 -7.79 58.33
C GLY E 340 -13.25 -7.07 57.22
N GLU E 341 -13.59 -5.79 57.42
CA GLU E 341 -14.29 -4.99 56.43
C GLU E 341 -13.27 -4.42 55.44
N ALA E 342 -13.63 -4.43 54.15
CA ALA E 342 -12.78 -3.82 53.12
C ALA E 342 -12.91 -2.30 53.16
N ILE E 343 -11.79 -1.59 53.37
CA ILE E 343 -11.74 -0.14 53.35
C ILE E 343 -11.60 0.35 51.91
N CYS E 344 -10.60 -0.16 51.19
CA CYS E 344 -10.29 0.30 49.84
C CYS E 344 -9.43 -0.70 49.08
N MET E 345 -9.46 -0.59 47.73
CA MET E 345 -8.45 -1.22 46.90
C MET E 345 -7.31 -0.22 46.79
N ALA E 346 -6.09 -0.64 47.15
CA ALA E 346 -4.93 0.24 47.20
C ALA E 346 -3.82 -0.33 46.34
N ILE E 347 -2.92 0.55 45.89
CA ILE E 347 -1.73 0.18 45.14
C ILE E 347 -0.53 0.29 46.07
N ALA E 348 0.22 -0.82 46.21
CA ALA E 348 1.33 -0.88 47.14
C ALA E 348 2.56 -0.16 46.58
N LEU E 349 3.11 0.79 47.36
CA LEU E 349 4.35 1.47 47.06
C LEU E 349 5.52 0.99 47.94
N MET E 350 5.29 0.01 48.82
CA MET E 350 6.34 -0.68 49.54
C MET E 350 6.13 -2.19 49.37
N THR E 351 7.22 -2.97 49.26
CA THR E 351 7.14 -4.41 49.30
C THR E 351 7.01 -4.87 50.76
N THR E 352 6.76 -6.18 50.94
CA THR E 352 6.71 -6.79 52.27
C THR E 352 7.98 -6.52 53.07
N ALA E 353 9.14 -6.74 52.43
CA ALA E 353 10.44 -6.54 53.05
C ALA E 353 10.69 -5.08 53.44
N VAL E 354 10.23 -4.14 52.60
CA VAL E 354 10.42 -2.71 52.84
C VAL E 354 9.60 -2.25 54.05
N ILE E 355 8.37 -2.77 54.18
CA ILE E 355 7.51 -2.50 55.32
C ILE E 355 8.19 -2.93 56.62
N SER E 356 8.86 -4.09 56.59
CA SER E 356 9.56 -4.62 57.76
C SER E 356 10.72 -3.72 58.26
N THR E 357 11.40 -3.02 57.35
CA THR E 357 12.59 -2.22 57.67
C THR E 357 12.26 -0.79 58.08
N CYS E 358 11.22 -0.18 57.48
CA CYS E 358 10.94 1.24 57.65
C CYS E 358 10.16 1.51 58.94
N ASP E 359 10.07 2.80 59.34
CA ASP E 359 9.30 3.21 60.52
C ASP E 359 8.19 4.22 60.21
N HIS E 360 8.13 4.76 58.98
CA HIS E 360 7.11 5.71 58.59
C HIS E 360 7.03 5.76 57.07
N GLY E 361 6.02 6.42 56.53
CA GLY E 361 5.92 6.76 55.12
C GLY E 361 4.78 6.02 54.42
N ILE E 362 4.65 6.32 53.12
CA ILE E 362 3.51 5.87 52.34
C ILE E 362 3.68 4.39 52.03
N VAL E 363 2.81 3.54 52.62
CA VAL E 363 2.78 2.12 52.33
C VAL E 363 2.05 1.89 51.01
N ALA E 364 0.94 2.60 50.82
CA ALA E 364 0.12 2.46 49.64
C ALA E 364 -0.72 3.70 49.36
N LYS E 365 -1.05 3.88 48.08
CA LYS E 365 -1.97 4.91 47.63
C LYS E 365 -3.30 4.27 47.27
N ILE E 366 -4.38 5.05 47.34
CA ILE E 366 -5.72 4.55 47.05
C ILE E 366 -5.90 4.34 45.54
N LYS E 367 -6.59 3.26 45.18
CA LYS E 367 -7.11 3.05 43.83
C LYS E 367 -8.60 3.38 43.80
N ARG E 368 -9.38 2.76 44.71
CA ARG E 368 -10.81 3.02 44.84
C ARG E 368 -11.25 2.77 46.28
N VAL E 369 -11.91 3.77 46.87
CA VAL E 369 -12.43 3.65 48.22
C VAL E 369 -13.75 2.89 48.19
N ILE E 370 -13.86 1.81 48.98
CA ILE E 370 -15.07 1.00 49.09
C ILE E 370 -15.96 1.51 50.22
N MET E 371 -15.41 1.67 51.42
CA MET E 371 -16.16 2.03 52.61
C MET E 371 -16.62 3.48 52.54
N GLU E 372 -17.79 3.77 53.16
CA GLU E 372 -18.33 5.13 53.23
C GLU E 372 -17.50 5.99 54.19
N ARG E 373 -17.56 7.31 54.00
CA ARG E 373 -17.00 8.26 54.94
C ARG E 373 -17.81 8.24 56.23
N ASP E 374 -17.12 8.40 57.37
CA ASP E 374 -17.73 8.50 58.70
C ASP E 374 -18.40 7.19 59.15
N THR E 375 -17.95 6.04 58.62
CA THR E 375 -18.29 4.74 59.19
C THR E 375 -17.60 4.63 60.55
N TYR E 376 -16.31 4.96 60.56
CA TYR E 376 -15.51 5.16 61.75
C TYR E 376 -15.37 6.66 62.00
N PRO E 377 -15.09 7.10 63.24
CA PRO E 377 -14.87 8.52 63.52
C PRO E 377 -13.52 9.04 63.02
N ARG E 378 -13.41 10.38 62.95
CA ARG E 378 -12.15 11.04 62.64
C ARG E 378 -11.22 10.93 63.85
N LYS E 379 -10.09 10.23 63.65
CA LYS E 379 -9.08 10.06 64.68
C LYS E 379 -7.69 10.44 64.18
N TRP E 380 -7.61 11.36 63.20
CA TRP E 380 -6.33 11.75 62.64
C TRP E 380 -5.86 13.10 63.20
N GLY E 381 -4.53 13.20 63.35
CA GLY E 381 -3.90 14.35 63.97
C GLY E 381 -3.59 14.13 65.46
N LEU E 382 -4.00 12.98 66.03
CA LEU E 382 -3.85 12.72 67.46
C LEU E 382 -2.51 12.05 67.81
N GLY E 383 -1.81 11.49 66.82
CA GLY E 383 -0.61 10.70 67.07
C GLY E 383 0.58 11.56 67.54
N PRO E 384 1.68 10.92 68.00
CA PRO E 384 2.82 11.62 68.60
C PRO E 384 3.52 12.63 67.69
N LYS E 385 3.87 12.21 66.47
CA LYS E 385 4.62 13.07 65.55
C LYS E 385 3.71 14.16 64.96
N ALA E 386 2.45 13.79 64.66
CA ALA E 386 1.45 14.73 64.17
C ALA E 386 1.05 15.77 65.23
N SER E 387 1.01 15.36 66.51
CA SER E 387 0.78 16.26 67.63
C SER E 387 1.95 17.24 67.81
N GLN E 388 3.18 16.69 67.77
CA GLN E 388 4.40 17.48 67.84
C GLN E 388 4.48 18.53 66.73
N LYS E 389 4.05 18.18 65.51
CA LYS E 389 4.05 19.10 64.39
C LYS E 389 3.09 20.27 64.64
N LYS E 390 1.85 19.97 65.06
CA LYS E 390 0.85 20.99 65.33
C LYS E 390 1.21 21.85 66.54
N LEU E 391 1.80 21.22 67.58
CA LEU E 391 2.28 21.91 68.78
C LEU E 391 3.38 22.91 68.42
N MET E 392 4.38 22.46 67.65
CA MET E 392 5.55 23.26 67.32
C MET E 392 5.22 24.36 66.29
N ILE E 393 4.13 24.22 65.53
CA ILE E 393 3.61 25.31 64.69
C ILE E 393 2.95 26.37 65.58
N LYS E 394 2.15 25.95 66.57
CA LYS E 394 1.48 26.86 67.49
C LYS E 394 2.48 27.57 68.41
N GLN E 395 3.46 26.81 68.95
CA GLN E 395 4.49 27.35 69.83
C GLN E 395 5.67 27.89 68.99
N GLY F 65 -6.37 -2.25 -9.74
CA GLY F 65 -6.09 -3.32 -10.73
C GLY F 65 -5.12 -4.37 -10.20
N PRO F 66 -4.44 -5.14 -11.07
CA PRO F 66 -3.37 -6.03 -10.63
C PRO F 66 -2.21 -5.29 -9.97
N PRO F 67 -1.72 -5.73 -8.78
CA PRO F 67 -0.63 -5.03 -8.09
C PRO F 67 0.73 -5.25 -8.76
N GLU F 68 1.66 -4.32 -8.48
CA GLU F 68 3.01 -4.33 -9.03
C GLU F 68 3.78 -5.61 -8.67
N ARG F 69 3.61 -6.08 -7.42
CA ARG F 69 4.18 -7.33 -6.96
C ARG F 69 3.28 -7.95 -5.88
N VAL F 70 3.53 -9.23 -5.58
CA VAL F 70 2.81 -9.97 -4.54
C VAL F 70 3.80 -10.79 -3.71
N VAL F 71 3.54 -10.87 -2.40
CA VAL F 71 4.38 -11.58 -1.43
C VAL F 71 3.66 -12.83 -0.95
N LEU F 72 4.44 -13.86 -0.59
CA LEU F 72 3.91 -15.14 -0.10
C LEU F 72 3.01 -14.91 1.12
N LEU F 73 1.73 -15.30 1.00
CA LEU F 73 0.76 -15.23 2.08
C LEU F 73 0.72 -16.58 2.79
N GLY F 74 0.43 -17.65 2.05
CA GLY F 74 0.27 -18.96 2.68
C GLY F 74 0.07 -20.10 1.69
N GLU F 75 -0.13 -21.31 2.24
CA GLU F 75 -0.22 -22.55 1.48
C GLU F 75 -1.59 -23.22 1.72
N PHE F 76 -2.04 -23.98 0.71
CA PHE F 76 -3.37 -24.59 0.74
C PHE F 76 -3.39 -25.78 1.69
N LEU F 77 -4.36 -25.78 2.61
CA LEU F 77 -4.83 -26.94 3.34
C LEU F 77 -6.24 -27.24 2.84
N HIS F 78 -6.91 -28.23 3.45
CA HIS F 78 -8.24 -28.68 3.09
C HIS F 78 -9.25 -27.56 2.79
N PRO F 79 -10.22 -27.79 1.86
CA PRO F 79 -11.36 -26.90 1.69
C PRO F 79 -12.40 -27.08 2.80
N CYS F 80 -13.26 -26.08 2.99
CA CYS F 80 -14.28 -26.10 4.03
C CYS F 80 -15.51 -25.31 3.62
N GLU F 81 -16.51 -26.01 3.06
CA GLU F 81 -17.82 -25.44 2.73
C GLU F 81 -17.70 -24.36 1.65
N ASP F 82 -17.03 -24.73 0.54
CA ASP F 82 -16.92 -23.90 -0.66
C ASP F 82 -16.08 -22.63 -0.47
N ASP F 83 -15.21 -22.60 0.56
CA ASP F 83 -14.08 -21.69 0.64
C ASP F 83 -12.90 -22.50 1.18
N ILE F 84 -11.68 -21.96 1.07
CA ILE F 84 -10.46 -22.76 1.24
C ILE F 84 -9.69 -22.29 2.47
N VAL F 85 -9.34 -23.26 3.34
CA VAL F 85 -8.57 -22.97 4.54
C VAL F 85 -7.09 -23.11 4.21
N CYS F 86 -6.29 -22.15 4.65
CA CYS F 86 -4.88 -22.03 4.27
C CYS F 86 -4.03 -21.70 5.49
N LYS F 87 -2.88 -22.39 5.62
CA LYS F 87 -1.91 -22.09 6.67
C LYS F 87 -1.12 -20.85 6.24
N CYS F 88 -1.03 -19.85 7.14
CA CYS F 88 -0.33 -18.61 6.83
C CYS F 88 1.16 -18.78 7.03
N THR F 89 1.95 -18.42 5.99
CA THR F 89 3.40 -18.47 6.00
C THR F 89 3.94 -17.19 5.36
N THR F 90 3.86 -16.10 6.14
CA THR F 90 4.40 -14.81 5.77
C THR F 90 5.76 -14.62 6.40
N ASP F 91 6.62 -13.83 5.74
CA ASP F 91 7.90 -13.41 6.30
C ASP F 91 7.64 -12.40 7.41
N GLU F 92 8.39 -12.54 8.51
CA GLU F 92 8.23 -11.73 9.72
C GLU F 92 6.87 -11.98 10.41
N ASN F 93 6.18 -13.10 10.09
CA ASN F 93 4.88 -13.44 10.64
C ASN F 93 3.83 -12.32 10.50
N LYS F 94 3.81 -11.66 9.34
CA LYS F 94 2.87 -10.58 9.08
C LYS F 94 1.44 -11.12 8.92
N VAL F 95 0.44 -10.27 9.26
CA VAL F 95 -0.96 -10.65 9.28
C VAL F 95 -1.70 -9.90 8.17
N PRO F 96 -2.53 -10.57 7.33
CA PRO F 96 -3.25 -9.89 6.27
C PRO F 96 -4.42 -9.03 6.75
N TYR F 97 -4.81 -8.04 5.93
CA TYR F 97 -6.01 -7.26 6.14
C TYR F 97 -7.25 -8.13 5.90
N PHE F 98 -8.36 -7.78 6.59
CA PHE F 98 -9.64 -8.42 6.36
C PHE F 98 -10.19 -7.98 5.00
N ASN F 99 -10.70 -8.94 4.20
CA ASN F 99 -11.11 -8.73 2.81
C ASN F 99 -9.96 -8.26 1.92
N ALA F 100 -8.72 -8.73 2.19
CA ALA F 100 -7.57 -8.46 1.34
C ALA F 100 -7.57 -9.44 0.17
N PRO F 101 -7.47 -8.97 -1.10
CA PRO F 101 -7.43 -9.88 -2.25
C PRO F 101 -6.26 -10.86 -2.24
N VAL F 102 -6.58 -12.15 -2.45
CA VAL F 102 -5.61 -13.23 -2.49
C VAL F 102 -5.37 -13.57 -3.96
N TYR F 103 -4.09 -13.68 -4.34
CA TYR F 103 -3.69 -13.96 -5.71
C TYR F 103 -2.88 -15.26 -5.77
N LEU F 104 -2.90 -15.90 -6.95
CA LEU F 104 -1.92 -16.93 -7.30
C LEU F 104 -0.69 -16.22 -7.85
N GLU F 105 0.45 -16.93 -8.00
CA GLU F 105 1.71 -16.31 -8.42
C GLU F 105 1.65 -15.70 -9.83
N ASN F 106 0.64 -16.03 -10.63
CA ASN F 106 0.34 -15.38 -11.91
C ASN F 106 -0.36 -14.02 -11.78
N LYS F 107 -0.63 -13.54 -10.55
CA LYS F 107 -1.29 -12.27 -10.28
C LYS F 107 -2.75 -12.28 -10.76
N GLU F 108 -3.42 -13.43 -10.63
CA GLU F 108 -4.83 -13.59 -10.92
C GLU F 108 -5.56 -13.77 -9.59
N GLN F 109 -6.62 -12.97 -9.35
CA GLN F 109 -7.33 -12.97 -8.08
C GLN F 109 -8.21 -14.22 -7.96
N ILE F 110 -7.95 -15.05 -6.93
CA ILE F 110 -8.72 -16.25 -6.65
C ILE F 110 -9.82 -15.97 -5.63
N GLY F 111 -9.59 -15.03 -4.69
CA GLY F 111 -10.58 -14.70 -3.69
C GLY F 111 -10.14 -13.59 -2.75
N LYS F 112 -10.70 -13.59 -1.53
CA LYS F 112 -10.44 -12.58 -0.52
C LYS F 112 -10.34 -13.26 0.84
N VAL F 113 -9.52 -12.70 1.74
CA VAL F 113 -9.30 -13.25 3.07
C VAL F 113 -10.54 -12.98 3.93
N ASP F 114 -11.17 -14.08 4.41
CA ASP F 114 -12.43 -14.00 5.14
C ASP F 114 -12.17 -14.10 6.64
N GLU F 115 -11.65 -15.24 7.08
CA GLU F 115 -11.35 -15.51 8.48
C GLU F 115 -9.83 -15.52 8.67
N ILE F 116 -9.39 -15.12 9.87
CA ILE F 116 -8.02 -15.30 10.34
C ILE F 116 -8.12 -15.89 11.76
N PHE F 117 -7.46 -17.04 11.98
CA PHE F 117 -7.61 -17.76 13.23
C PHE F 117 -6.40 -18.65 13.53
N GLY F 118 -6.30 -19.08 14.80
CA GLY F 118 -5.21 -19.89 15.31
C GLY F 118 -4.28 -19.06 16.20
N GLN F 119 -3.18 -19.70 16.64
CA GLN F 119 -2.19 -19.05 17.49
C GLN F 119 -1.46 -17.94 16.73
N LEU F 120 -0.88 -16.98 17.45
CA LEU F 120 -0.29 -15.77 16.88
C LEU F 120 0.82 -16.07 15.87
N ARG F 121 1.71 -17.02 16.22
CA ARG F 121 2.85 -17.36 15.40
C ARG F 121 2.63 -18.57 14.49
N ASP F 122 1.46 -19.22 14.58
CA ASP F 122 1.07 -20.33 13.72
C ASP F 122 -0.42 -20.20 13.43
N PHE F 123 -0.78 -19.27 12.53
CA PHE F 123 -2.18 -18.97 12.24
C PHE F 123 -2.59 -19.39 10.83
N TYR F 124 -3.91 -19.56 10.67
CA TYR F 124 -4.53 -19.96 9.43
C TYR F 124 -5.41 -18.83 8.91
N PHE F 125 -5.92 -18.99 7.68
CA PHE F 125 -6.90 -18.09 7.12
C PHE F 125 -7.75 -18.82 6.08
N SER F 126 -9.05 -18.50 6.05
CA SER F 126 -9.95 -18.95 4.99
C SER F 126 -10.02 -17.90 3.89
N VAL F 127 -10.27 -18.35 2.65
CA VAL F 127 -10.37 -17.48 1.49
C VAL F 127 -11.75 -17.65 0.84
N LYS F 128 -12.56 -16.58 0.86
CA LYS F 128 -13.81 -16.56 0.13
C LYS F 128 -13.49 -16.40 -1.36
N LEU F 129 -13.78 -17.45 -2.14
CA LEU F 129 -13.33 -17.54 -3.52
C LEU F 129 -14.11 -16.60 -4.43
N SER F 130 -13.55 -16.35 -5.62
CA SER F 130 -14.12 -15.49 -6.65
C SER F 130 -15.30 -16.18 -7.33
N GLU F 131 -16.05 -15.40 -8.13
CA GLU F 131 -17.22 -15.85 -8.88
C GLU F 131 -16.95 -17.10 -9.73
N ASN F 132 -15.79 -17.16 -10.40
CA ASN F 132 -15.49 -18.21 -11.38
C ASN F 132 -14.73 -19.40 -10.78
N MET F 133 -14.28 -19.30 -9.52
CA MET F 133 -13.39 -20.30 -8.93
C MET F 133 -14.21 -21.39 -8.22
N LYS F 134 -13.56 -22.56 -8.06
CA LYS F 134 -14.11 -23.70 -7.33
C LYS F 134 -13.05 -24.23 -6.37
N ALA F 135 -13.49 -24.67 -5.18
CA ALA F 135 -12.59 -25.13 -4.11
C ALA F 135 -11.90 -26.46 -4.44
N SER F 136 -12.46 -27.26 -5.36
CA SER F 136 -11.87 -28.52 -5.82
C SER F 136 -10.60 -28.33 -6.65
N SER F 137 -10.39 -27.15 -7.25
CA SER F 137 -9.29 -26.88 -8.18
C SER F 137 -7.90 -26.94 -7.53
N PHE F 138 -7.79 -26.56 -6.24
CA PHE F 138 -6.50 -26.32 -5.61
C PHE F 138 -5.91 -27.62 -5.07
N LYS F 139 -4.58 -27.75 -5.19
CA LYS F 139 -3.83 -28.92 -4.73
C LYS F 139 -3.17 -28.64 -3.38
N LYS F 140 -2.75 -29.72 -2.69
CA LYS F 140 -2.16 -29.61 -1.36
C LYS F 140 -0.79 -28.94 -1.43
N LEU F 141 -0.55 -28.00 -0.51
CA LEU F 141 0.68 -27.21 -0.42
C LEU F 141 0.86 -26.27 -1.63
N GLN F 142 -0.24 -25.86 -2.27
CA GLN F 142 -0.22 -24.85 -3.31
C GLN F 142 -0.14 -23.48 -2.64
N LYS F 143 0.76 -22.62 -3.13
CA LYS F 143 1.05 -21.34 -2.48
C LYS F 143 0.12 -20.23 -3.01
N PHE F 144 -0.21 -19.28 -2.13
CA PHE F 144 -1.01 -18.10 -2.44
C PHE F 144 -0.25 -16.85 -2.03
N TYR F 145 -0.55 -15.74 -2.74
CA TYR F 145 0.23 -14.52 -2.66
C TYR F 145 -0.69 -13.31 -2.47
N ILE F 146 -0.15 -12.28 -1.78
CA ILE F 146 -0.91 -11.09 -1.39
C ILE F 146 -0.11 -9.84 -1.71
N ASP F 147 -0.85 -8.76 -1.99
CA ASP F 147 -0.27 -7.43 -2.19
C ASP F 147 0.38 -7.00 -0.88
N PRO F 148 1.72 -6.73 -0.83
CA PRO F 148 2.43 -6.51 0.43
C PRO F 148 1.96 -5.33 1.28
N TYR F 149 1.27 -4.35 0.68
CA TYR F 149 0.69 -3.23 1.44
C TYR F 149 -0.49 -3.53 2.38
N LYS F 150 -1.34 -4.54 2.06
CA LYS F 150 -2.40 -5.02 2.96
C LYS F 150 -2.00 -6.26 3.80
N LEU F 151 -0.74 -6.22 4.24
CA LEU F 151 -0.21 -7.01 5.34
C LEU F 151 -0.02 -5.99 6.45
N LEU F 152 -0.01 -6.47 7.69
CA LEU F 152 0.31 -5.69 8.87
C LEU F 152 1.36 -6.45 9.68
N PRO F 153 2.21 -5.73 10.47
CA PRO F 153 3.18 -6.40 11.33
C PRO F 153 2.54 -7.03 12.56
N LEU F 154 3.13 -8.13 13.05
CA LEU F 154 2.65 -8.88 14.21
C LEU F 154 2.70 -8.04 15.49
N GLN F 155 3.67 -7.12 15.57
CA GLN F 155 3.89 -6.22 16.72
C GLN F 155 2.64 -5.42 17.10
N ARG F 156 1.79 -5.08 16.11
CA ARG F 156 0.54 -4.36 16.31
C ARG F 156 -0.42 -5.10 17.24
N PHE F 157 -0.49 -6.44 17.09
CA PHE F 157 -1.41 -7.27 17.86
C PHE F 157 -0.82 -7.73 19.19
N LEU F 158 0.53 -7.80 19.27
CA LEU F 158 1.24 -8.03 20.53
C LEU F 158 1.03 -6.86 21.48
N PRO F 159 1.14 -7.07 22.83
CA PRO F 159 0.77 -6.06 23.80
C PRO F 159 1.73 -4.88 23.83
N ARG F 160 1.25 -3.74 24.34
CA ARG F 160 2.03 -2.52 24.41
C ARG F 160 3.13 -2.67 25.47
N PRO F 161 4.39 -2.24 25.21
CA PRO F 161 5.46 -2.28 26.21
C PRO F 161 5.17 -1.55 27.52
N THR G 23 -39.97 -53.33 37.76
CA THR G 23 -39.76 -52.16 36.87
C THR G 23 -40.09 -50.85 37.58
N TYR G 24 -41.20 -50.82 38.34
CA TYR G 24 -41.66 -49.65 39.07
C TYR G 24 -40.61 -49.13 40.05
N GLN G 25 -39.90 -50.05 40.74
CA GLN G 25 -38.94 -49.71 41.77
C GLN G 25 -37.71 -48.99 41.20
N GLU G 26 -37.37 -49.20 39.92
CA GLU G 26 -36.27 -48.50 39.25
C GLU G 26 -36.57 -47.01 39.04
N LEU G 27 -37.82 -46.68 38.66
CA LEU G 27 -38.28 -45.29 38.52
C LEU G 27 -38.30 -44.55 39.85
N LEU G 28 -38.44 -45.28 40.97
CA LEU G 28 -38.49 -44.73 42.31
C LEU G 28 -37.15 -44.08 42.73
N VAL G 29 -36.04 -44.41 42.05
CA VAL G 29 -34.76 -43.76 42.26
C VAL G 29 -34.79 -42.29 41.80
N ASN G 30 -35.49 -42.03 40.68
CA ASN G 30 -35.48 -40.72 40.01
C ASN G 30 -36.42 -39.68 40.63
N GLN G 31 -37.09 -39.98 41.75
CA GLN G 31 -38.09 -39.09 42.32
C GLN G 31 -37.49 -37.83 42.96
N ASN G 32 -38.30 -36.77 43.02
CA ASN G 32 -37.92 -35.48 43.57
C ASN G 32 -37.93 -35.50 45.10
N PRO G 33 -37.38 -34.44 45.75
CA PRO G 33 -37.68 -34.17 47.16
C PRO G 33 -39.17 -33.93 47.48
N ILE G 34 -39.91 -33.28 46.56
CA ILE G 34 -41.27 -32.81 46.81
C ILE G 34 -42.35 -33.73 46.25
N ALA G 35 -41.97 -34.90 45.68
CA ALA G 35 -42.91 -35.77 44.98
C ALA G 35 -43.66 -36.69 45.93
N GLN G 36 -44.55 -36.12 46.75
CA GLN G 36 -45.41 -36.86 47.65
C GLN G 36 -46.74 -36.11 47.78
N PRO G 37 -47.92 -36.78 47.82
CA PRO G 37 -48.03 -38.24 47.87
C PRO G 37 -47.87 -38.92 46.52
N LEU G 38 -46.96 -39.91 46.46
CA LEU G 38 -46.75 -40.70 45.25
C LEU G 38 -47.84 -41.77 45.17
N ALA G 39 -48.42 -41.92 43.98
CA ALA G 39 -49.47 -42.91 43.76
C ALA G 39 -48.90 -44.33 43.83
N SER G 40 -49.72 -45.26 44.34
CA SER G 40 -49.40 -46.68 44.37
C SER G 40 -49.33 -47.23 42.95
N ARG G 41 -48.67 -48.39 42.79
CA ARG G 41 -48.41 -48.98 41.47
C ARG G 41 -49.71 -49.23 40.70
N ARG G 42 -50.76 -49.70 41.39
CA ARG G 42 -52.07 -49.93 40.78
C ARG G 42 -52.82 -48.62 40.53
N LEU G 43 -52.71 -47.64 41.43
CA LEU G 43 -53.31 -46.32 41.27
C LEU G 43 -52.73 -45.57 40.08
N THR G 44 -51.40 -45.70 39.88
CA THR G 44 -50.71 -45.16 38.71
C THR G 44 -51.33 -45.70 37.40
N ARG G 45 -51.65 -47.00 37.39
CA ARG G 45 -52.25 -47.65 36.24
C ARG G 45 -53.68 -47.16 35.99
N LYS G 46 -54.46 -46.96 37.06
CA LYS G 46 -55.81 -46.41 36.97
C LYS G 46 -55.81 -44.99 36.41
N LEU G 47 -54.85 -44.16 36.85
CA LEU G 47 -54.75 -42.77 36.42
C LEU G 47 -54.42 -42.67 34.92
N TYR G 48 -53.50 -43.51 34.42
CA TYR G 48 -53.15 -43.54 33.00
C TYR G 48 -54.36 -43.91 32.14
N LYS G 49 -55.13 -44.94 32.55
CA LYS G 49 -56.31 -45.37 31.83
C LYS G 49 -57.42 -44.30 31.83
N CYS G 50 -57.51 -43.51 32.91
CA CYS G 50 -58.44 -42.38 32.98
C CYS G 50 -58.01 -41.24 32.06
N ILE G 51 -56.70 -41.00 31.94
CA ILE G 51 -56.15 -39.98 31.06
C ILE G 51 -56.41 -40.35 29.60
N LYS G 52 -56.15 -41.61 29.22
CA LYS G 52 -56.40 -42.09 27.85
C LYS G 52 -57.84 -41.84 27.38
N LYS G 53 -58.80 -42.09 28.27
CA LYS G 53 -60.22 -41.88 28.00
C LYS G 53 -60.55 -40.39 27.94
N ALA G 54 -59.92 -39.57 28.79
CA ALA G 54 -60.12 -38.12 28.81
C ALA G 54 -59.52 -37.45 27.57
N VAL G 55 -58.37 -37.94 27.09
CA VAL G 55 -57.75 -37.44 25.86
C VAL G 55 -58.63 -37.74 24.65
N LYS G 56 -59.19 -38.94 24.60
CA LYS G 56 -60.13 -39.35 23.56
C LYS G 56 -61.38 -38.46 23.55
N GLN G 57 -61.83 -38.04 24.74
CA GLN G 57 -63.00 -37.19 24.90
C GLN G 57 -62.67 -35.69 24.80
N LYS G 58 -61.37 -35.32 24.72
CA LYS G 58 -60.91 -33.94 24.63
C LYS G 58 -61.26 -33.19 25.92
N GLN G 59 -60.78 -33.73 27.05
CA GLN G 59 -61.08 -33.20 28.38
C GLN G 59 -59.85 -33.31 29.29
N ILE G 60 -58.68 -32.85 28.80
CA ILE G 60 -57.50 -32.66 29.64
C ILE G 60 -56.80 -31.34 29.33
N ARG G 61 -55.88 -30.97 30.24
CA ARG G 61 -54.97 -29.85 30.10
C ARG G 61 -53.57 -30.36 30.43
N ARG G 62 -52.56 -29.95 29.63
CA ARG G 62 -51.29 -30.65 29.59
C ARG G 62 -50.10 -29.85 30.14
N GLY G 63 -49.89 -28.62 29.66
CA GLY G 63 -48.74 -27.83 30.10
C GLY G 63 -48.92 -27.34 31.54
N VAL G 64 -47.83 -26.90 32.18
CA VAL G 64 -47.92 -26.03 33.33
C VAL G 64 -48.62 -24.75 32.90
N LYS G 65 -48.22 -24.19 31.75
CA LYS G 65 -48.86 -23.04 31.13
C LYS G 65 -50.39 -23.17 31.09
N GLU G 66 -50.89 -24.33 30.65
CA GLU G 66 -52.32 -24.58 30.59
C GLU G 66 -52.88 -24.87 31.98
N VAL G 67 -52.39 -25.90 32.68
CA VAL G 67 -52.92 -26.33 33.96
C VAL G 67 -53.01 -25.15 34.94
N GLN G 68 -51.98 -24.30 34.98
CA GLN G 68 -51.94 -23.09 35.80
C GLN G 68 -53.08 -22.13 35.44
N LYS G 69 -53.36 -21.96 34.14
CA LYS G 69 -54.39 -21.05 33.65
C LYS G 69 -55.80 -21.46 34.10
N PHE G 70 -56.11 -22.76 34.07
CA PHE G 70 -57.46 -23.25 34.36
C PHE G 70 -57.67 -23.56 35.84
N VAL G 71 -56.60 -23.77 36.62
CA VAL G 71 -56.69 -23.78 38.08
C VAL G 71 -57.01 -22.37 38.59
N ASN G 72 -56.46 -21.32 37.94
CA ASN G 72 -56.78 -19.93 38.24
C ASN G 72 -58.26 -19.60 37.98
N LYS G 73 -58.79 -20.08 36.85
CA LYS G 73 -60.20 -19.90 36.51
C LYS G 73 -61.13 -20.70 37.44
N GLY G 74 -60.62 -21.77 38.06
CA GLY G 74 -61.36 -22.55 39.06
C GLY G 74 -62.06 -23.78 38.45
N GLU G 75 -61.47 -24.36 37.38
CA GLU G 75 -62.00 -25.56 36.76
C GLU G 75 -61.51 -26.77 37.54
N LYS G 76 -62.45 -27.65 37.94
CA LYS G 76 -62.14 -28.79 38.78
C LYS G 76 -61.56 -29.93 37.95
N GLY G 77 -60.83 -30.84 38.63
CA GLY G 77 -60.19 -31.97 38.00
C GLY G 77 -59.09 -32.57 38.89
N ILE G 78 -58.69 -33.80 38.58
CA ILE G 78 -57.59 -34.47 39.25
C ILE G 78 -56.30 -34.04 38.56
N MET G 79 -55.40 -33.38 39.30
CA MET G 79 -54.14 -32.91 38.77
C MET G 79 -53.03 -33.92 39.03
N VAL G 80 -52.54 -34.57 37.95
CA VAL G 80 -51.53 -35.60 38.01
C VAL G 80 -50.19 -34.97 37.66
N LEU G 81 -49.17 -35.18 38.53
CA LEU G 81 -47.86 -34.57 38.39
C LEU G 81 -46.81 -35.65 38.17
N ALA G 82 -45.73 -35.29 37.45
CA ALA G 82 -44.61 -36.19 37.22
C ALA G 82 -43.59 -36.02 38.35
N GLY G 83 -43.28 -37.11 39.06
CA GLY G 83 -42.45 -37.06 40.25
C GLY G 83 -40.94 -36.98 39.97
N ASP G 84 -40.49 -37.09 38.72
CA ASP G 84 -39.08 -37.00 38.35
C ASP G 84 -38.75 -35.68 37.64
N THR G 85 -39.62 -34.66 37.76
CA THR G 85 -39.43 -33.36 37.12
C THR G 85 -38.30 -32.61 37.80
N LEU G 86 -37.31 -32.14 37.01
CA LEU G 86 -36.24 -31.30 37.53
C LEU G 86 -35.91 -30.22 36.49
N PRO G 87 -35.65 -28.94 36.88
CA PRO G 87 -35.70 -28.49 38.27
C PRO G 87 -37.13 -28.35 38.77
N ILE G 88 -37.31 -28.39 40.10
CA ILE G 88 -38.65 -28.38 40.70
C ILE G 88 -39.32 -27.02 40.52
N GLU G 89 -38.55 -25.93 40.29
CA GLU G 89 -39.09 -24.57 40.13
C GLU G 89 -40.14 -24.44 39.01
N VAL G 90 -40.10 -25.33 37.99
CA VAL G 90 -41.01 -25.25 36.86
C VAL G 90 -42.46 -25.54 37.25
N TYR G 91 -42.69 -26.42 38.24
CA TYR G 91 -44.05 -26.84 38.62
C TYR G 91 -44.32 -26.88 40.13
N CYS G 92 -43.39 -26.47 41.00
CA CYS G 92 -43.53 -26.68 42.44
C CYS G 92 -44.50 -25.67 43.08
N HIS G 93 -44.92 -24.63 42.34
CA HIS G 93 -46.01 -23.76 42.77
C HIS G 93 -47.38 -24.42 42.71
N LEU G 94 -47.58 -25.45 41.86
CA LEU G 94 -48.91 -26.01 41.59
C LEU G 94 -49.52 -26.76 42.77
N PRO G 95 -48.77 -27.58 43.55
CA PRO G 95 -49.31 -28.21 44.76
C PRO G 95 -50.06 -27.30 45.72
N VAL G 96 -49.55 -26.08 45.94
CA VAL G 96 -50.16 -25.12 46.85
C VAL G 96 -51.35 -24.43 46.19
N MET G 97 -51.31 -24.19 44.86
CA MET G 97 -52.44 -23.67 44.12
C MET G 97 -53.67 -24.59 44.25
N CYS G 98 -53.43 -25.91 44.31
CA CYS G 98 -54.47 -26.89 44.52
C CYS G 98 -55.01 -26.87 45.95
N GLU G 99 -54.10 -26.76 46.94
CA GLU G 99 -54.47 -26.73 48.35
C GLU G 99 -55.24 -25.46 48.73
N ASP G 100 -55.04 -24.35 48.01
CA ASP G 100 -55.82 -23.13 48.17
C ASP G 100 -57.28 -23.34 47.75
N ARG G 101 -57.50 -24.13 46.68
CA ARG G 101 -58.82 -24.36 46.11
C ARG G 101 -59.38 -25.76 46.41
N ASN G 102 -58.68 -26.55 47.25
CA ASN G 102 -59.07 -27.90 47.63
C ASN G 102 -59.19 -28.86 46.42
N LEU G 103 -58.34 -28.66 45.40
CA LEU G 103 -58.29 -29.57 44.25
C LEU G 103 -57.46 -30.81 44.63
N PRO G 104 -57.87 -32.03 44.21
CA PRO G 104 -57.08 -33.23 44.49
C PRO G 104 -55.90 -33.40 43.55
N TYR G 105 -54.70 -33.61 44.08
CA TYR G 105 -53.50 -33.81 43.26
C TYR G 105 -52.71 -35.03 43.75
N VAL G 106 -51.88 -35.55 42.85
CA VAL G 106 -51.11 -36.77 43.10
C VAL G 106 -49.90 -36.83 42.16
N TYR G 107 -48.82 -37.44 42.66
CA TYR G 107 -47.61 -37.65 41.88
C TYR G 107 -47.62 -39.06 41.29
N ILE G 108 -46.90 -39.22 40.16
CA ILE G 108 -46.69 -40.50 39.52
C ILE G 108 -45.22 -40.63 39.11
N PRO G 109 -44.69 -41.88 38.95
CA PRO G 109 -43.25 -42.11 38.84
C PRO G 109 -42.47 -41.31 37.78
N SER G 110 -43.03 -41.13 36.57
CA SER G 110 -42.25 -40.57 35.46
C SER G 110 -43.06 -39.66 34.53
N LYS G 111 -42.35 -38.65 33.99
CA LYS G 111 -42.87 -37.66 33.06
C LYS G 111 -43.08 -38.23 31.67
N THR G 112 -42.23 -39.18 31.25
CA THR G 112 -42.33 -39.83 29.94
C THR G 112 -43.60 -40.67 29.83
N ASP G 113 -43.92 -41.43 30.90
CA ASP G 113 -45.13 -42.23 30.97
C ASP G 113 -46.38 -41.37 31.06
N LEU G 114 -46.31 -40.21 31.73
CA LEU G 114 -47.42 -39.27 31.80
C LEU G 114 -47.75 -38.70 30.42
N GLY G 115 -46.71 -38.37 29.64
CA GLY G 115 -46.86 -37.95 28.25
C GLY G 115 -47.37 -39.09 27.37
N ALA G 116 -46.82 -40.30 27.58
CA ALA G 116 -47.24 -41.50 26.86
C ALA G 116 -48.70 -41.85 27.11
N ALA G 117 -49.21 -41.61 28.33
CA ALA G 117 -50.60 -41.80 28.67
C ALA G 117 -51.53 -40.88 27.86
N ALA G 118 -51.07 -39.66 27.54
CA ALA G 118 -51.83 -38.72 26.72
C ALA G 118 -51.59 -38.91 25.22
N GLY G 119 -50.89 -39.96 24.79
CA GLY G 119 -50.68 -40.25 23.38
C GLY G 119 -49.64 -39.31 22.78
N SER G 120 -48.49 -39.18 23.47
CA SER G 120 -47.42 -38.28 23.05
C SER G 120 -46.06 -38.95 23.29
N LYS G 121 -45.12 -38.71 22.36
CA LYS G 121 -43.76 -39.24 22.47
C LYS G 121 -42.92 -38.38 23.40
N ARG G 122 -43.21 -37.06 23.44
CA ARG G 122 -42.50 -36.13 24.30
C ARG G 122 -43.09 -36.17 25.71
N PRO G 123 -42.26 -35.95 26.77
CA PRO G 123 -42.76 -35.95 28.13
C PRO G 123 -43.57 -34.70 28.50
N THR G 124 -44.25 -34.77 29.65
CA THR G 124 -44.91 -33.61 30.27
C THR G 124 -44.90 -33.80 31.78
N CYS G 125 -44.80 -32.69 32.53
CA CYS G 125 -44.63 -32.73 33.97
C CYS G 125 -45.96 -32.67 34.73
N VAL G 126 -47.06 -32.26 34.08
CA VAL G 126 -48.35 -32.18 34.74
C VAL G 126 -49.49 -32.39 33.73
N ILE G 127 -50.59 -33.03 34.19
CA ILE G 127 -51.84 -33.11 33.44
C ILE G 127 -53.00 -32.94 34.42
N MET G 128 -54.05 -32.21 34.01
CA MET G 128 -55.28 -32.11 34.80
C MET G 128 -56.42 -32.78 34.05
N VAL G 129 -57.01 -33.83 34.66
CA VAL G 129 -58.07 -34.62 34.06
C VAL G 129 -59.41 -34.01 34.51
N LYS G 130 -60.24 -33.59 33.54
CA LYS G 130 -61.57 -33.09 33.84
C LYS G 130 -62.56 -34.25 33.92
N PRO G 131 -63.67 -34.11 34.70
CA PRO G 131 -64.72 -35.12 34.73
C PRO G 131 -65.57 -35.11 33.46
N HIS G 132 -66.12 -36.29 33.10
CA HIS G 132 -67.01 -36.45 31.97
C HIS G 132 -67.81 -37.75 32.09
N GLU G 133 -68.98 -37.79 31.43
CA GLU G 133 -69.96 -38.87 31.53
C GLU G 133 -69.42 -40.23 31.08
N GLU G 134 -68.60 -40.24 30.02
CA GLU G 134 -68.14 -41.48 29.38
C GLU G 134 -67.21 -42.31 30.26
N TYR G 135 -66.48 -41.66 31.18
CA TYR G 135 -65.58 -42.33 32.13
C TYR G 135 -65.80 -41.83 33.56
N GLN G 136 -67.06 -41.53 33.92
CA GLN G 136 -67.39 -40.94 35.21
C GLN G 136 -67.09 -41.89 36.38
N GLU G 137 -67.29 -43.20 36.17
CA GLU G 137 -67.06 -44.21 37.19
C GLU G 137 -65.57 -44.41 37.45
N ALA G 138 -64.77 -44.44 36.38
CA ALA G 138 -63.31 -44.52 36.47
C ALA G 138 -62.72 -43.27 37.11
N TYR G 139 -63.26 -42.09 36.76
CA TYR G 139 -62.87 -40.82 37.36
C TYR G 139 -63.12 -40.80 38.87
N ASP G 140 -64.32 -41.22 39.28
CA ASP G 140 -64.69 -41.26 40.70
C ASP G 140 -63.87 -42.28 41.50
N GLU G 141 -63.48 -43.40 40.87
CA GLU G 141 -62.62 -44.40 41.48
C GLU G 141 -61.22 -43.84 41.76
N CYS G 142 -60.67 -43.09 40.81
CA CYS G 142 -59.38 -42.43 40.95
C CYS G 142 -59.45 -41.30 41.98
N LEU G 143 -60.48 -40.44 41.85
CA LEU G 143 -60.72 -39.32 42.76
C LEU G 143 -60.80 -39.76 44.22
N GLU G 144 -61.55 -40.85 44.48
CA GLU G 144 -61.73 -41.41 45.82
C GLU G 144 -60.40 -41.81 46.46
N GLU G 145 -59.55 -42.51 45.69
CA GLU G 145 -58.27 -42.99 46.19
C GLU G 145 -57.25 -41.85 46.35
N VAL G 146 -57.30 -40.83 45.47
CA VAL G 146 -56.41 -39.67 45.56
C VAL G 146 -56.65 -38.88 46.86
N GLN G 147 -57.92 -38.60 47.17
CA GLN G 147 -58.29 -37.87 48.38
C GLN G 147 -57.98 -38.66 49.65
N SER G 148 -58.00 -40.01 49.56
CA SER G 148 -57.70 -40.90 50.68
C SER G 148 -56.20 -41.01 51.01
N LEU G 149 -55.30 -40.53 50.14
CA LEU G 149 -53.86 -40.65 50.34
C LEU G 149 -53.40 -39.96 51.63
N PRO G 150 -52.40 -40.54 52.37
CA PRO G 150 -51.74 -39.82 53.45
C PRO G 150 -50.89 -38.63 52.98
N LEU G 151 -51.01 -37.50 53.70
CA LEU G 151 -50.37 -36.25 53.31
C LEU G 151 -49.10 -36.03 54.14
N PRO G 152 -47.99 -35.55 53.53
CA PRO G 152 -46.76 -35.27 54.28
C PRO G 152 -46.83 -34.00 55.14
N MET H 1 -32.88 -28.12 26.77
CA MET H 1 -32.00 -28.08 25.56
C MET H 1 -31.10 -29.33 25.59
N PHE H 2 -29.91 -29.31 24.95
CA PHE H 2 -29.10 -30.50 24.78
C PHE H 2 -28.23 -30.84 26.02
N LEU H 3 -27.68 -29.84 26.72
CA LEU H 3 -26.74 -30.08 27.81
C LEU H 3 -27.49 -30.69 29.00
N GLN H 4 -26.97 -31.83 29.48
CA GLN H 4 -27.42 -32.44 30.72
C GLN H 4 -26.25 -32.57 31.67
N TYR H 5 -26.52 -32.97 32.92
CA TYR H 5 -25.46 -33.28 33.86
C TYR H 5 -25.90 -34.26 34.96
N TYR H 6 -24.90 -34.87 35.61
CA TYR H 6 -25.08 -35.64 36.83
C TYR H 6 -23.92 -35.31 37.76
N LEU H 7 -24.14 -35.46 39.09
CA LEU H 7 -23.10 -35.18 40.06
C LEU H 7 -22.22 -36.41 40.28
N ASN H 8 -20.89 -36.20 40.31
CA ASN H 8 -19.93 -37.23 40.73
C ASN H 8 -19.92 -37.33 42.26
N GLU H 9 -19.07 -38.23 42.80
CA GLU H 9 -19.03 -38.51 44.24
C GLU H 9 -18.52 -37.35 45.09
N GLN H 10 -17.80 -36.37 44.50
CA GLN H 10 -17.36 -35.17 45.21
C GLN H 10 -18.16 -33.91 44.82
N GLY H 11 -19.39 -34.09 44.30
CA GLY H 11 -20.35 -33.00 44.15
C GLY H 11 -20.11 -32.09 42.94
N ASP H 12 -19.20 -32.45 42.03
CA ASP H 12 -18.92 -31.66 40.84
C ASP H 12 -19.88 -32.08 39.73
N ARG H 13 -20.33 -31.10 38.92
CA ARG H 13 -21.15 -31.39 37.75
C ARG H 13 -20.35 -32.09 36.66
N VAL H 14 -20.90 -33.18 36.13
CA VAL H 14 -20.31 -33.94 35.04
C VAL H 14 -21.24 -33.81 33.86
N TYR H 15 -20.84 -33.01 32.86
CA TYR H 15 -21.69 -32.68 31.73
C TYR H 15 -21.74 -33.83 30.73
N THR H 16 -22.89 -33.96 30.05
CA THR H 16 -23.14 -35.06 29.13
C THR H 16 -24.35 -34.77 28.26
N LEU H 17 -24.39 -35.39 27.08
CA LEU H 17 -25.53 -35.31 26.17
C LEU H 17 -26.59 -36.35 26.53
N LYS H 18 -26.16 -37.47 27.13
CA LYS H 18 -27.01 -38.64 27.31
C LYS H 18 -28.00 -38.39 28.45
N LYS H 19 -29.22 -38.92 28.28
CA LYS H 19 -30.30 -38.71 29.24
C LYS H 19 -30.14 -39.50 30.54
N PHE H 20 -29.27 -40.52 30.55
CA PHE H 20 -29.01 -41.31 31.74
C PHE H 20 -27.52 -41.32 32.07
N ASP H 21 -27.19 -41.27 33.38
CA ASP H 21 -25.81 -41.28 33.84
C ASP H 21 -25.27 -42.71 33.80
N PRO H 22 -23.99 -42.98 34.12
CA PRO H 22 -23.48 -44.36 34.12
C PRO H 22 -24.08 -45.32 35.16
N MET H 23 -24.82 -44.80 36.16
CA MET H 23 -25.49 -45.63 37.17
C MET H 23 -26.99 -45.80 36.91
N GLY H 24 -27.50 -45.34 35.75
CA GLY H 24 -28.89 -45.55 35.35
C GLY H 24 -29.89 -44.47 35.80
N GLN H 25 -29.46 -43.45 36.56
CA GLN H 25 -30.32 -42.36 37.00
C GLN H 25 -30.48 -41.35 35.87
N GLN H 26 -31.60 -40.61 35.88
CA GLN H 26 -31.84 -39.55 34.91
C GLN H 26 -30.93 -38.35 35.18
N THR H 27 -30.44 -37.74 34.09
CA THR H 27 -29.62 -36.54 34.17
C THR H 27 -30.51 -35.31 34.17
N CYS H 28 -30.10 -34.28 34.91
CA CYS H 28 -30.83 -33.00 34.98
C CYS H 28 -30.41 -32.13 33.79
N SER H 29 -31.29 -31.18 33.42
CA SER H 29 -30.93 -30.13 32.48
C SER H 29 -29.92 -29.18 33.13
N ALA H 30 -28.89 -28.79 32.36
CA ALA H 30 -27.84 -27.89 32.84
C ALA H 30 -28.37 -26.48 33.16
N HIS H 31 -29.45 -26.07 32.48
CA HIS H 31 -29.94 -24.71 32.51
C HIS H 31 -30.98 -24.57 33.61
N PRO H 32 -31.06 -23.39 34.26
CA PRO H 32 -32.06 -23.18 35.31
C PRO H 32 -33.44 -22.96 34.70
N ALA H 33 -34.45 -22.98 35.58
CA ALA H 33 -35.82 -22.76 35.17
C ALA H 33 -35.98 -21.35 34.60
N ARG H 34 -36.87 -21.21 33.62
CA ARG H 34 -37.13 -19.92 33.01
C ARG H 34 -37.83 -19.03 34.05
N PHE H 35 -37.42 -17.76 34.08
CA PHE H 35 -37.89 -16.80 35.07
C PHE H 35 -38.76 -15.74 34.42
N SER H 36 -39.77 -15.31 35.19
CA SER H 36 -40.60 -14.16 34.88
C SER H 36 -40.51 -13.17 36.04
N PRO H 37 -40.32 -11.86 35.79
CA PRO H 37 -40.36 -10.86 36.85
C PRO H 37 -41.76 -10.64 37.44
N ASP H 38 -42.81 -10.96 36.65
CA ASP H 38 -44.20 -10.87 37.06
C ASP H 38 -44.70 -12.18 37.69
N ASP H 39 -43.78 -13.01 38.22
CA ASP H 39 -44.13 -14.25 38.89
C ASP H 39 -44.74 -13.90 40.25
N LYS H 40 -45.90 -14.49 40.55
CA LYS H 40 -46.63 -14.23 41.80
C LYS H 40 -46.83 -15.52 42.60
N TYR H 41 -45.86 -16.45 42.50
CA TYR H 41 -45.95 -17.74 43.14
C TYR H 41 -44.79 -17.97 44.11
N SER H 42 -44.36 -16.88 44.77
CA SER H 42 -43.29 -16.90 45.75
C SER H 42 -43.75 -17.57 47.03
N ARG H 43 -44.97 -17.24 47.48
CA ARG H 43 -45.60 -17.89 48.63
C ARG H 43 -45.63 -19.41 48.49
N HIS H 44 -45.95 -19.84 47.26
CA HIS H 44 -46.25 -21.23 46.96
C HIS H 44 -44.97 -22.06 47.00
N ARG H 45 -43.89 -21.52 46.42
CA ARG H 45 -42.60 -22.18 46.39
C ARG H 45 -41.98 -22.30 47.79
N ILE H 46 -42.07 -21.24 48.61
CA ILE H 46 -41.60 -21.28 50.00
C ILE H 46 -42.39 -22.31 50.79
N THR H 47 -43.73 -22.35 50.58
CA THR H 47 -44.63 -23.17 51.36
C THR H 47 -44.21 -24.64 51.32
N ILE H 48 -43.97 -25.20 50.11
CA ILE H 48 -43.65 -26.63 50.01
C ILE H 48 -42.14 -26.90 50.08
N LYS H 49 -41.28 -25.93 49.79
CA LYS H 49 -39.85 -26.11 50.03
C LYS H 49 -39.54 -26.19 51.52
N LYS H 50 -40.30 -25.45 52.36
CA LYS H 50 -40.26 -25.62 53.81
C LYS H 50 -40.75 -27.02 54.23
N ARG H 51 -41.87 -27.45 53.65
CA ARG H 51 -42.53 -28.71 53.99
C ARG H 51 -41.60 -29.91 53.81
N PHE H 52 -40.84 -29.95 52.70
CA PHE H 52 -39.96 -31.08 52.37
C PHE H 52 -38.49 -30.82 52.73
N LYS H 53 -38.22 -29.79 53.56
CA LYS H 53 -36.89 -29.50 54.10
C LYS H 53 -35.85 -29.20 53.00
N VAL H 54 -36.29 -28.60 51.87
CA VAL H 54 -35.42 -28.29 50.74
C VAL H 54 -35.38 -26.79 50.41
N LEU H 55 -35.90 -25.93 51.29
CA LEU H 55 -35.69 -24.50 51.18
C LEU H 55 -34.22 -24.21 51.51
N MET H 56 -33.67 -23.17 50.88
CA MET H 56 -32.26 -22.83 50.98
C MET H 56 -31.84 -22.50 52.42
N THR H 57 -32.76 -21.94 53.22
CA THR H 57 -32.50 -21.58 54.62
C THR H 57 -32.32 -22.82 55.52
N GLN H 58 -32.88 -23.97 55.14
CA GLN H 58 -32.83 -25.19 55.95
C GLN H 58 -31.62 -26.07 55.65
N GLN H 59 -30.83 -25.76 54.60
CA GLN H 59 -29.67 -26.56 54.23
C GLN H 59 -28.49 -26.27 55.16
N PRO H 60 -27.40 -27.08 55.14
CA PRO H 60 -26.18 -26.74 55.86
C PRO H 60 -25.58 -25.41 55.41
N ARG H 61 -25.25 -24.55 56.37
CA ARG H 61 -24.80 -23.19 56.08
C ARG H 61 -23.41 -23.22 55.46
N PRO H 62 -23.09 -22.41 54.41
CA PRO H 62 -21.80 -22.53 53.74
C PRO H 62 -20.63 -22.00 54.59
N VAL H 63 -19.45 -22.64 54.43
CA VAL H 63 -18.24 -22.24 55.12
C VAL H 63 -17.54 -21.15 54.32
N LEU H 64 -17.37 -19.97 54.94
CA LEU H 64 -16.76 -18.80 54.31
C LEU H 64 -15.42 -18.46 54.99
N TRP I 146 -45.50 -48.24 -24.18
CA TRP I 146 -46.03 -48.26 -22.79
C TRP I 146 -46.65 -46.91 -22.43
N ASN I 147 -47.78 -46.97 -21.69
CA ASN I 147 -48.52 -45.78 -21.26
C ASN I 147 -49.33 -46.11 -20.00
N TYR I 148 -49.58 -45.08 -19.17
CA TYR I 148 -50.27 -45.26 -17.90
C TYR I 148 -51.73 -45.69 -18.11
N SER I 149 -52.20 -46.60 -17.24
CA SER I 149 -53.56 -47.13 -17.28
C SER I 149 -53.96 -47.66 -15.91
N PHE I 150 -54.94 -47.01 -15.26
CA PHE I 150 -55.51 -47.47 -13.99
C PHE I 150 -56.92 -48.04 -14.19
N SER I 151 -57.13 -48.75 -15.31
CA SER I 151 -58.31 -49.60 -15.51
C SER I 151 -58.17 -50.91 -14.74
N GLN I 152 -56.92 -51.31 -14.44
CA GLN I 152 -56.62 -52.50 -13.65
C GLN I 152 -55.82 -52.07 -12.41
N LEU I 153 -55.81 -52.91 -11.38
CA LEU I 153 -55.01 -52.67 -10.18
C LEU I 153 -53.53 -52.84 -10.51
N PRO I 154 -52.63 -51.90 -10.09
CA PRO I 154 -51.19 -52.04 -10.31
C PRO I 154 -50.59 -53.37 -9.84
N ARG I 155 -49.77 -53.98 -10.71
CA ARG I 155 -49.11 -55.24 -10.42
C ARG I 155 -47.88 -54.98 -9.55
N PHE I 156 -47.63 -55.86 -8.57
CA PHE I 156 -46.50 -55.69 -7.67
C PHE I 156 -45.16 -55.92 -8.38
N LEU I 157 -44.15 -55.14 -7.97
CA LEU I 157 -42.78 -55.21 -8.45
C LEU I 157 -41.90 -54.97 -7.22
N SER I 158 -40.66 -55.48 -7.22
CA SER I 158 -39.81 -55.54 -6.02
C SER I 158 -39.71 -54.21 -5.26
N GLY I 159 -39.63 -54.35 -3.92
CA GLY I 159 -39.42 -53.25 -2.99
C GLY I 159 -38.33 -53.61 -1.98
N SER I 160 -37.98 -52.65 -1.11
CA SER I 160 -36.98 -52.87 -0.05
C SER I 160 -37.62 -52.68 1.32
N TRP I 161 -37.43 -53.67 2.22
CA TRP I 161 -37.94 -53.65 3.58
C TRP I 161 -36.87 -53.90 4.65
N SER I 162 -35.85 -54.73 4.34
CA SER I 162 -34.92 -55.25 5.34
C SER I 162 -33.99 -54.19 5.93
N GLU I 163 -33.50 -53.26 5.11
CA GLU I 163 -32.54 -52.25 5.57
C GLU I 163 -33.19 -51.17 6.42
N PHE I 164 -34.46 -50.83 6.12
CA PHE I 164 -35.23 -49.90 6.93
C PHE I 164 -35.51 -50.43 8.34
N SER I 165 -35.56 -51.78 8.50
CA SER I 165 -35.81 -52.42 9.78
C SER I 165 -34.58 -52.49 10.70
N THR I 166 -33.45 -51.84 10.36
CA THR I 166 -32.28 -51.78 11.22
C THR I 166 -32.58 -51.03 12.51
N GLN I 167 -33.12 -49.80 12.39
CA GLN I 167 -33.54 -49.01 13.53
C GLN I 167 -34.94 -49.44 13.97
N PRO I 168 -35.27 -49.35 15.29
CA PRO I 168 -36.64 -49.55 15.76
C PRO I 168 -37.53 -48.34 15.49
N GLU I 169 -38.74 -48.58 14.97
CA GLU I 169 -39.72 -47.55 14.66
C GLU I 169 -39.19 -46.60 13.58
N ASN I 170 -38.59 -47.17 12.53
CA ASN I 170 -38.17 -46.43 11.35
C ASN I 170 -39.36 -46.30 10.41
N PHE I 171 -39.35 -45.26 9.57
CA PHE I 171 -40.39 -45.06 8.57
C PHE I 171 -39.87 -44.16 7.45
N LEU I 172 -40.38 -44.37 6.23
CA LEU I 172 -39.97 -43.60 5.07
C LEU I 172 -40.67 -42.24 5.11
N LYS I 173 -40.00 -41.24 4.52
CA LYS I 173 -40.48 -39.87 4.42
C LYS I 173 -40.52 -39.49 2.95
N GLY I 174 -41.25 -40.29 2.16
CA GLY I 174 -41.44 -40.03 0.74
C GLY I 174 -40.45 -40.76 -0.15
N CYS I 175 -40.68 -40.61 -1.45
CA CYS I 175 -39.83 -41.15 -2.51
C CYS I 175 -39.95 -40.26 -3.74
N LYS I 176 -38.86 -40.13 -4.50
CA LYS I 176 -38.82 -39.23 -5.65
C LYS I 176 -37.97 -39.83 -6.77
N TRP I 177 -38.58 -40.04 -7.94
CA TRP I 177 -37.84 -40.44 -9.14
C TRP I 177 -36.91 -39.30 -9.57
N ALA I 178 -35.74 -39.66 -10.12
CA ALA I 178 -34.89 -38.71 -10.81
C ALA I 178 -35.62 -38.26 -12.07
N PRO I 179 -35.47 -36.98 -12.51
CA PRO I 179 -36.25 -36.47 -13.64
C PRO I 179 -36.00 -37.13 -15.00
N ASP I 180 -34.88 -37.87 -15.14
CA ASP I 180 -34.60 -38.69 -16.31
C ASP I 180 -35.18 -40.11 -16.19
N GLY I 181 -35.43 -40.58 -14.96
CA GLY I 181 -36.06 -41.86 -14.69
C GLY I 181 -35.05 -42.99 -14.44
N SER I 182 -33.79 -42.63 -14.14
CA SER I 182 -32.71 -43.59 -13.94
C SER I 182 -32.82 -44.30 -12.59
N CYS I 183 -33.15 -43.54 -11.53
CA CYS I 183 -33.14 -44.04 -10.16
C CYS I 183 -34.19 -43.32 -9.31
N ILE I 184 -34.40 -43.84 -8.09
CA ILE I 184 -35.36 -43.27 -7.14
C ILE I 184 -34.65 -42.97 -5.82
N LEU I 185 -34.98 -41.81 -5.23
CA LEU I 185 -34.40 -41.31 -3.99
C LEU I 185 -35.43 -41.42 -2.88
N THR I 186 -35.00 -41.87 -1.68
CA THR I 186 -35.91 -42.04 -0.54
C THR I 186 -35.30 -41.43 0.72
N ASN I 187 -36.14 -40.69 1.46
CA ASN I 187 -35.82 -40.19 2.79
C ASN I 187 -36.40 -41.16 3.81
N SER I 188 -35.86 -41.15 5.03
CA SER I 188 -36.33 -42.02 6.11
C SER I 188 -36.06 -41.38 7.47
N ALA I 189 -36.71 -41.94 8.51
CA ALA I 189 -36.63 -41.40 9.87
C ALA I 189 -35.24 -41.58 10.50
N ASP I 190 -34.40 -42.47 9.94
CA ASP I 190 -33.00 -42.61 10.34
C ASP I 190 -32.09 -41.48 9.81
N ASN I 191 -32.62 -40.55 8.99
CA ASN I 191 -31.88 -39.41 8.44
C ASN I 191 -30.83 -39.87 7.42
N ILE I 192 -31.18 -40.89 6.62
CA ILE I 192 -30.31 -41.46 5.60
C ILE I 192 -31.06 -41.40 4.27
N LEU I 193 -30.56 -40.56 3.35
CA LEU I 193 -31.03 -40.57 1.97
C LEU I 193 -30.46 -41.80 1.28
N ARG I 194 -31.32 -42.53 0.55
CA ARG I 194 -30.92 -43.73 -0.18
C ARG I 194 -31.35 -43.61 -1.64
N ILE I 195 -30.45 -43.99 -2.57
CA ILE I 195 -30.76 -44.02 -3.99
C ILE I 195 -30.82 -45.47 -4.43
N TYR I 196 -31.96 -45.88 -5.02
CA TYR I 196 -32.13 -47.18 -5.63
C TYR I 196 -32.18 -47.02 -7.14
N ASN I 197 -31.37 -47.83 -7.86
CA ASN I 197 -31.41 -47.87 -9.32
C ASN I 197 -32.72 -48.52 -9.78
N LEU I 198 -33.11 -48.20 -11.03
CA LEU I 198 -34.25 -48.82 -11.69
C LEU I 198 -33.96 -50.32 -11.81
N PRO I 199 -34.90 -51.22 -11.43
CA PRO I 199 -34.64 -52.66 -11.48
C PRO I 199 -34.15 -53.19 -12.84
N PRO I 200 -33.00 -53.90 -12.92
CA PRO I 200 -32.58 -54.57 -14.15
C PRO I 200 -33.53 -55.65 -14.65
N GLU I 201 -34.21 -56.33 -13.71
CA GLU I 201 -35.14 -57.42 -14.02
C GLU I 201 -36.41 -56.94 -14.75
N LEU I 202 -36.70 -55.63 -14.77
CA LEU I 202 -37.79 -55.06 -15.56
C LEU I 202 -37.54 -55.30 -17.06
N TYR I 203 -36.38 -54.85 -17.55
CA TYR I 203 -35.99 -54.99 -18.94
C TYR I 203 -35.56 -56.42 -19.29
N HIS I 204 -35.10 -57.20 -18.29
CA HIS I 204 -34.61 -58.55 -18.49
C HIS I 204 -35.75 -59.50 -18.91
N VAL I 209 -42.49 -63.78 -13.38
CA VAL I 209 -41.04 -63.60 -13.03
C VAL I 209 -40.95 -63.06 -11.60
N GLU I 210 -39.91 -63.51 -10.88
CA GLU I 210 -39.61 -63.07 -9.52
C GLU I 210 -38.50 -62.01 -9.56
N TYR I 211 -38.61 -61.02 -8.66
CA TYR I 211 -37.62 -59.97 -8.49
C TYR I 211 -37.06 -60.06 -7.08
N ALA I 212 -35.73 -59.88 -6.94
CA ALA I 212 -35.07 -59.88 -5.64
C ALA I 212 -35.36 -58.56 -4.91
N GLU I 213 -35.11 -58.56 -3.59
CA GLU I 213 -35.26 -57.38 -2.76
C GLU I 213 -34.25 -56.31 -3.21
N MET I 214 -34.73 -55.07 -3.37
CA MET I 214 -33.91 -54.00 -3.93
C MET I 214 -32.84 -53.55 -2.94
N VAL I 215 -31.67 -53.16 -3.47
CA VAL I 215 -30.53 -52.72 -2.69
C VAL I 215 -30.13 -51.34 -3.21
N PRO I 216 -29.86 -50.35 -2.33
CA PRO I 216 -29.52 -49.01 -2.78
C PRO I 216 -28.06 -48.91 -3.19
N VAL I 217 -27.81 -48.24 -4.32
CA VAL I 217 -26.46 -48.02 -4.82
C VAL I 217 -25.70 -47.00 -3.98
N LEU I 218 -26.42 -46.12 -3.27
CA LEU I 218 -25.83 -45.11 -2.39
C LEU I 218 -26.62 -44.99 -1.08
N ARG I 219 -25.89 -44.71 0.00
CA ARG I 219 -26.45 -44.25 1.25
C ARG I 219 -25.68 -43.01 1.67
N MET I 220 -26.37 -41.87 1.80
CA MET I 220 -25.73 -40.59 2.12
C MET I 220 -26.36 -40.04 3.40
N VAL I 221 -25.57 -40.07 4.48
CA VAL I 221 -26.06 -39.89 5.84
C VAL I 221 -26.05 -38.41 6.21
N GLU I 222 -27.16 -37.94 6.79
CA GLU I 222 -27.25 -36.63 7.42
C GLU I 222 -27.25 -36.80 8.93
N GLY I 223 -26.85 -35.73 9.65
CA GLY I 223 -26.69 -35.76 11.09
C GLY I 223 -27.92 -35.27 11.86
N ASP I 224 -29.02 -34.99 11.16
CA ASP I 224 -30.21 -34.40 11.79
C ASP I 224 -31.44 -34.62 10.90
N THR I 225 -32.63 -34.32 11.44
CA THR I 225 -33.88 -34.50 10.71
C THR I 225 -33.79 -33.84 9.34
N ILE I 226 -34.15 -34.57 8.27
CA ILE I 226 -34.10 -34.06 6.91
C ILE I 226 -35.46 -33.45 6.59
N TYR I 227 -35.51 -32.12 6.45
CA TYR I 227 -36.75 -31.41 6.23
C TYR I 227 -37.22 -31.58 4.79
N ASP I 228 -36.30 -31.35 3.84
CA ASP I 228 -36.61 -31.51 2.42
C ASP I 228 -35.39 -32.03 1.67
N TYR I 229 -35.65 -32.56 0.48
CA TYR I 229 -34.63 -33.10 -0.40
C TYR I 229 -35.18 -33.11 -1.81
N CYS I 230 -34.31 -32.99 -2.82
CA CYS I 230 -34.74 -33.01 -4.20
C CYS I 230 -33.59 -33.30 -5.17
N TRP I 231 -33.97 -33.84 -6.34
CA TRP I 231 -33.08 -33.97 -7.47
C TRP I 231 -32.84 -32.59 -8.10
N TYR I 232 -31.70 -32.45 -8.77
CA TYR I 232 -31.43 -31.29 -9.60
C TYR I 232 -32.45 -31.24 -10.74
N SER I 233 -32.95 -30.02 -11.03
CA SER I 233 -34.02 -29.81 -12.01
C SER I 233 -33.68 -30.41 -13.38
N LEU I 234 -32.44 -30.17 -13.86
CA LEU I 234 -32.01 -30.55 -15.20
C LEU I 234 -31.05 -31.75 -15.14
N MET I 235 -31.38 -32.77 -14.33
CA MET I 235 -30.54 -33.96 -14.23
C MET I 235 -30.67 -34.83 -15.48
N SER I 236 -29.53 -35.38 -15.91
CA SER I 236 -29.45 -36.50 -16.83
C SER I 236 -28.31 -37.41 -16.38
N SER I 237 -28.51 -38.73 -16.45
CA SER I 237 -27.49 -39.70 -16.08
C SER I 237 -26.32 -39.75 -17.06
N ALA I 238 -26.49 -39.18 -18.27
CA ALA I 238 -25.43 -39.02 -19.26
C ALA I 238 -24.36 -38.00 -18.83
N GLN I 239 -24.68 -37.09 -17.88
CA GLN I 239 -23.78 -36.04 -17.43
C GLN I 239 -23.57 -36.13 -15.92
N PRO I 240 -22.36 -36.50 -15.43
CA PRO I 240 -22.02 -36.41 -14.00
C PRO I 240 -22.19 -35.04 -13.34
N ASP I 241 -22.03 -33.96 -14.11
CA ASP I 241 -22.19 -32.60 -13.61
C ASP I 241 -23.63 -32.25 -13.25
N THR I 242 -24.63 -32.95 -13.82
CA THR I 242 -26.04 -32.68 -13.54
C THR I 242 -26.61 -33.61 -12.45
N SER I 243 -26.10 -34.85 -12.34
CA SER I 243 -26.65 -35.83 -11.41
C SER I 243 -26.24 -35.55 -9.97
N TYR I 244 -27.04 -34.73 -9.26
CA TYR I 244 -26.83 -34.49 -7.83
C TYR I 244 -28.13 -34.18 -7.09
N VAL I 245 -28.08 -34.37 -5.76
CA VAL I 245 -29.24 -34.32 -4.87
C VAL I 245 -29.04 -33.22 -3.84
N ALA I 246 -29.99 -32.27 -3.77
CA ALA I 246 -30.03 -31.25 -2.72
C ALA I 246 -30.71 -31.83 -1.49
N SER I 247 -30.30 -31.38 -0.29
CA SER I 247 -30.82 -31.88 0.97
C SER I 247 -30.63 -30.85 2.09
N SER I 248 -31.72 -30.55 2.81
CA SER I 248 -31.70 -29.65 3.96
C SER I 248 -32.03 -30.43 5.23
N SER I 249 -31.42 -30.01 6.35
CA SER I 249 -31.50 -30.74 7.61
C SER I 249 -31.45 -29.79 8.80
N ARG I 250 -31.92 -30.25 9.97
CA ARG I 250 -32.02 -29.43 11.17
C ARG I 250 -30.66 -28.85 11.58
N GLU I 251 -30.61 -27.51 11.68
CA GLU I 251 -29.43 -26.76 12.11
C GLU I 251 -28.18 -27.06 11.28
N ASN I 252 -28.38 -27.33 9.97
CA ASN I 252 -27.32 -27.68 9.05
C ASN I 252 -27.46 -26.87 7.76
N PRO I 253 -26.39 -26.72 6.95
CA PRO I 253 -26.51 -26.15 5.61
C PRO I 253 -27.30 -27.01 4.63
N ILE I 254 -27.70 -26.40 3.50
CA ILE I 254 -28.28 -27.13 2.38
C ILE I 254 -27.14 -27.88 1.69
N HIS I 255 -27.05 -29.19 1.93
CA HIS I 255 -26.02 -30.02 1.33
C HIS I 255 -26.39 -30.44 -0.10
N ILE I 256 -25.37 -30.50 -0.96
CA ILE I 256 -25.49 -31.03 -2.31
C ILE I 256 -24.68 -32.32 -2.37
N TRP I 257 -25.35 -33.43 -2.68
CA TRP I 257 -24.74 -34.75 -2.73
C TRP I 257 -24.61 -35.21 -4.18
N ASP I 258 -23.41 -35.71 -4.53
CA ASP I 258 -23.19 -36.29 -5.85
C ASP I 258 -23.93 -37.62 -5.95
N ALA I 259 -24.77 -37.77 -7.00
CA ALA I 259 -25.66 -38.92 -7.13
C ALA I 259 -24.99 -40.20 -7.64
N PHE I 260 -23.70 -40.15 -8.02
CA PHE I 260 -22.94 -41.33 -8.42
C PHE I 260 -22.05 -41.85 -7.29
N THR I 261 -21.29 -40.95 -6.63
CA THR I 261 -20.29 -41.32 -5.62
C THR I 261 -20.79 -41.09 -4.19
N GLY I 262 -21.79 -40.23 -3.98
CA GLY I 262 -22.36 -39.99 -2.66
C GLY I 262 -21.47 -39.16 -1.74
N GLU I 263 -20.65 -38.27 -2.32
CA GLU I 263 -19.78 -37.38 -1.57
C GLU I 263 -20.46 -36.02 -1.40
N LEU I 264 -20.10 -35.29 -0.33
CA LEU I 264 -20.58 -33.94 -0.14
C LEU I 264 -19.88 -33.03 -1.14
N ARG I 265 -20.65 -32.49 -2.09
CA ARG I 265 -20.12 -31.77 -3.23
C ARG I 265 -20.11 -30.25 -3.01
N ALA I 266 -21.19 -29.73 -2.38
CA ALA I 266 -21.30 -28.31 -2.07
C ALA I 266 -22.17 -28.09 -0.83
N SER I 267 -22.17 -26.84 -0.34
CA SER I 267 -22.98 -26.43 0.80
C SER I 267 -23.45 -24.99 0.59
N PHE I 268 -24.78 -24.79 0.61
CA PHE I 268 -25.36 -23.46 0.67
C PHE I 268 -25.76 -23.17 2.10
N ARG I 269 -25.42 -21.96 2.58
CA ARG I 269 -25.57 -21.59 3.98
C ARG I 269 -26.41 -20.33 4.14
N ALA I 270 -27.49 -20.43 4.92
CA ALA I 270 -28.41 -19.32 5.17
C ALA I 270 -28.26 -18.85 6.61
N TYR I 271 -27.84 -17.58 6.79
CA TYR I 271 -27.68 -16.98 8.09
C TYR I 271 -28.76 -15.92 8.35
N ASN I 272 -29.12 -15.75 9.63
CA ASN I 272 -30.02 -14.68 10.08
C ASN I 272 -29.21 -13.40 10.34
N HIS I 273 -29.90 -12.33 10.77
CA HIS I 273 -29.29 -11.04 11.09
C HIS I 273 -28.24 -11.10 12.22
N LEU I 274 -28.33 -12.11 13.12
CA LEU I 274 -27.33 -12.32 14.17
C LEU I 274 -26.12 -13.15 13.70
N ASP I 275 -26.07 -13.55 12.41
CA ASP I 275 -25.01 -14.39 11.86
C ASP I 275 -25.04 -15.81 12.43
N GLU I 276 -26.25 -16.33 12.67
CA GLU I 276 -26.46 -17.71 13.11
C GLU I 276 -27.14 -18.47 11.98
N LEU I 277 -26.69 -19.71 11.74
CA LEU I 277 -27.18 -20.52 10.64
C LEU I 277 -28.63 -20.95 10.89
N THR I 278 -29.49 -20.75 9.88
CA THR I 278 -30.88 -21.21 9.90
C THR I 278 -31.08 -22.24 8.79
N ALA I 279 -31.75 -23.36 9.12
CA ALA I 279 -31.97 -24.45 8.17
C ALA I 279 -33.23 -24.20 7.34
N ALA I 280 -33.15 -24.57 6.05
CA ALA I 280 -34.25 -24.42 5.12
C ALA I 280 -35.26 -25.56 5.31
N HIS I 281 -36.53 -25.22 5.46
CA HIS I 281 -37.61 -26.19 5.59
C HIS I 281 -38.07 -26.74 4.23
N SER I 282 -37.69 -26.09 3.13
CA SER I 282 -38.03 -26.58 1.80
C SER I 282 -36.95 -26.24 0.78
N LEU I 283 -36.99 -26.93 -0.37
CA LEU I 283 -36.02 -26.78 -1.44
C LEU I 283 -36.76 -26.89 -2.77
N CYS I 284 -36.31 -26.10 -3.76
CA CYS I 284 -36.78 -26.25 -5.13
C CYS I 284 -35.80 -25.57 -6.08
N PHE I 285 -35.30 -26.31 -7.08
CA PHE I 285 -34.54 -25.73 -8.15
C PHE I 285 -35.49 -25.04 -9.14
N SER I 286 -34.99 -23.99 -9.78
CA SER I 286 -35.71 -23.29 -10.83
C SER I 286 -35.80 -24.18 -12.08
N PRO I 287 -36.77 -23.94 -13.00
CA PRO I 287 -36.87 -24.74 -14.22
C PRO I 287 -35.70 -24.63 -15.21
N ASP I 288 -34.86 -23.58 -15.08
CA ASP I 288 -33.60 -23.49 -15.82
C ASP I 288 -32.46 -24.27 -15.14
N GLY I 289 -32.54 -24.45 -13.81
CA GLY I 289 -31.49 -25.12 -13.04
C GLY I 289 -30.36 -24.15 -12.64
N SER I 290 -30.60 -22.84 -12.76
CA SER I 290 -29.62 -21.82 -12.42
C SER I 290 -29.66 -21.48 -10.92
N GLN I 291 -30.88 -21.49 -10.34
CA GLN I 291 -31.12 -21.01 -8.99
C GLN I 291 -31.70 -22.13 -8.12
N LEU I 292 -31.45 -22.02 -6.80
CA LEU I 292 -31.98 -22.93 -5.79
C LEU I 292 -32.82 -22.13 -4.80
N PHE I 293 -34.15 -22.19 -4.97
CA PHE I 293 -35.09 -21.54 -4.07
C PHE I 293 -35.27 -22.42 -2.83
N CYS I 294 -35.43 -21.77 -1.66
CA CYS I 294 -35.56 -22.51 -0.41
C CYS I 294 -36.33 -21.69 0.63
N GLY I 295 -37.28 -22.33 1.33
CA GLY I 295 -38.22 -21.66 2.21
C GLY I 295 -37.79 -21.70 3.67
N PHE I 296 -38.09 -20.60 4.38
CA PHE I 296 -37.84 -20.44 5.81
C PHE I 296 -39.08 -19.83 6.46
N ASN I 297 -38.97 -19.43 7.74
CA ASN I 297 -40.01 -18.67 8.41
C ASN I 297 -40.14 -17.26 7.80
N ARG I 298 -41.28 -17.02 7.12
CA ARG I 298 -41.64 -15.73 6.54
C ARG I 298 -40.72 -15.29 5.38
N THR I 299 -39.90 -16.18 4.81
CA THR I 299 -38.94 -15.75 3.79
C THR I 299 -38.48 -16.91 2.90
N VAL I 300 -38.28 -16.59 1.61
CA VAL I 300 -37.62 -17.43 0.64
C VAL I 300 -36.23 -16.84 0.39
N ARG I 301 -35.21 -17.71 0.27
CA ARG I 301 -33.89 -17.29 -0.19
C ARG I 301 -33.63 -17.91 -1.56
N VAL I 302 -32.81 -17.25 -2.39
CA VAL I 302 -32.51 -17.70 -3.74
C VAL I 302 -30.99 -17.76 -3.92
N PHE I 303 -30.41 -18.94 -3.71
CA PHE I 303 -29.01 -19.18 -3.98
C PHE I 303 -28.79 -19.42 -5.48
N SER I 304 -27.65 -18.95 -6.00
CA SER I 304 -27.24 -19.25 -7.36
C SER I 304 -26.49 -20.58 -7.34
N THR I 305 -26.97 -21.55 -8.13
CA THR I 305 -26.42 -22.91 -8.16
C THR I 305 -24.93 -22.92 -8.54
N ALA I 306 -24.51 -21.97 -9.39
CA ALA I 306 -23.12 -21.86 -9.84
C ALA I 306 -22.16 -21.48 -8.70
N ARG I 307 -22.60 -20.63 -7.75
CA ARG I 307 -21.76 -20.14 -6.67
C ARG I 307 -22.25 -20.67 -5.32
N PRO I 308 -21.78 -21.84 -4.84
CA PRO I 308 -22.20 -22.39 -3.55
C PRO I 308 -21.58 -21.65 -2.38
N GLY I 309 -22.40 -21.30 -1.38
CA GLY I 309 -21.95 -20.56 -0.20
C GLY I 309 -23.11 -19.91 0.53
N ARG I 310 -22.80 -18.82 1.23
CA ARG I 310 -23.79 -18.09 2.04
C ARG I 310 -24.47 -17.00 1.22
N ASP I 311 -23.92 -16.68 0.04
CA ASP I 311 -24.45 -15.61 -0.80
C ASP I 311 -25.84 -15.98 -1.29
N CYS I 312 -26.82 -15.09 -1.09
CA CYS I 312 -28.20 -15.37 -1.47
C CYS I 312 -29.05 -14.09 -1.50
N GLU I 313 -30.03 -14.09 -2.43
CA GLU I 313 -31.04 -13.05 -2.52
C GLU I 313 -32.18 -13.41 -1.57
N VAL I 314 -32.43 -12.55 -0.57
CA VAL I 314 -33.46 -12.80 0.43
C VAL I 314 -34.77 -12.16 -0.03
N ARG I 315 -35.88 -12.90 0.10
CA ARG I 315 -37.20 -12.45 -0.31
C ARG I 315 -38.19 -12.64 0.83
N ALA I 316 -38.55 -11.54 1.51
CA ALA I 316 -39.51 -11.58 2.60
C ALA I 316 -40.93 -11.68 2.04
N THR I 317 -41.71 -12.63 2.59
CA THR I 317 -43.11 -12.82 2.24
C THR I 317 -44.06 -12.16 3.25
N PHE I 318 -43.52 -11.62 4.35
CA PHE I 318 -44.31 -11.01 5.40
C PHE I 318 -43.61 -9.73 5.86
N ALA I 319 -44.26 -8.58 5.64
CA ALA I 319 -43.68 -7.26 5.90
C ALA I 319 -44.67 -6.34 6.61
N LYS I 320 -44.37 -6.01 7.88
CA LYS I 320 -45.20 -5.17 8.72
C LYS I 320 -46.60 -5.76 8.88
N LYS I 321 -46.64 -7.01 9.37
CA LYS I 321 -47.82 -7.82 9.59
C LYS I 321 -48.79 -7.86 8.40
N GLN I 322 -48.23 -8.03 7.18
CA GLN I 322 -49.02 -8.13 5.96
C GLN I 322 -48.31 -9.02 4.94
N GLY I 323 -49.02 -10.07 4.46
CA GLY I 323 -48.51 -11.02 3.48
C GLY I 323 -48.66 -12.47 3.96
N GLN I 324 -47.84 -13.37 3.38
CA GLN I 324 -47.86 -14.79 3.70
C GLN I 324 -47.01 -15.08 4.94
N SER I 325 -47.66 -15.46 6.06
CA SER I 325 -47.00 -15.77 7.32
C SER I 325 -46.65 -17.25 7.42
N GLY I 326 -45.75 -17.57 8.36
CA GLY I 326 -45.40 -18.94 8.70
C GLY I 326 -44.21 -19.50 7.92
N ILE I 327 -43.81 -20.74 8.27
CA ILE I 327 -42.73 -21.46 7.62
C ILE I 327 -43.18 -21.87 6.21
N ILE I 328 -42.44 -21.44 5.19
CA ILE I 328 -42.72 -21.81 3.81
C ILE I 328 -42.25 -23.24 3.57
N SER I 329 -43.23 -24.15 3.42
CA SER I 329 -43.02 -25.59 3.50
C SER I 329 -42.81 -26.24 2.13
N CYS I 330 -43.07 -25.51 1.04
CA CYS I 330 -42.94 -26.07 -0.30
C CYS I 330 -42.93 -24.96 -1.36
N ILE I 331 -42.07 -25.11 -2.38
CA ILE I 331 -42.03 -24.21 -3.54
C ILE I 331 -42.21 -25.07 -4.80
N ALA I 332 -42.87 -24.50 -5.81
CA ALA I 332 -43.07 -25.14 -7.10
C ALA I 332 -43.22 -24.09 -8.19
N PHE I 333 -42.69 -24.37 -9.39
CA PHE I 333 -42.69 -23.44 -10.51
C PHE I 333 -43.70 -23.86 -11.56
N SER I 334 -44.32 -22.87 -12.22
CA SER I 334 -45.23 -23.11 -13.33
C SER I 334 -44.41 -23.53 -14.55
N PRO I 335 -44.71 -24.68 -15.21
CA PRO I 335 -44.06 -25.05 -16.47
C PRO I 335 -44.11 -24.01 -17.60
N ALA I 336 -45.24 -23.29 -17.71
CA ALA I 336 -45.48 -22.33 -18.78
C ALA I 336 -45.19 -20.90 -18.32
N GLN I 337 -45.78 -20.51 -17.18
CA GLN I 337 -45.74 -19.12 -16.72
C GLN I 337 -44.42 -18.78 -16.02
N PRO I 338 -44.06 -17.49 -15.89
CA PRO I 338 -42.84 -17.06 -15.18
C PRO I 338 -43.11 -16.77 -13.70
N LEU I 339 -43.57 -17.79 -12.96
CA LEU I 339 -43.95 -17.62 -11.55
C LEU I 339 -43.64 -18.89 -10.73
N TYR I 340 -43.75 -18.75 -9.40
CA TYR I 340 -43.66 -19.88 -8.49
C TYR I 340 -44.67 -19.73 -7.35
N ALA I 341 -45.09 -20.87 -6.77
CA ALA I 341 -46.09 -20.92 -5.71
C ALA I 341 -45.45 -21.41 -4.41
N CYS I 342 -45.63 -20.65 -3.32
CA CYS I 342 -45.14 -21.04 -2.00
C CYS I 342 -46.30 -21.45 -1.09
N GLY I 343 -46.23 -22.66 -0.54
CA GLY I 343 -47.13 -23.09 0.51
C GLY I 343 -46.48 -22.89 1.87
N SER I 344 -47.30 -22.64 2.90
CA SER I 344 -46.81 -22.38 4.25
C SER I 344 -47.54 -23.26 5.26
N TYR I 345 -46.90 -23.46 6.42
CA TYR I 345 -47.53 -24.13 7.56
C TYR I 345 -48.56 -23.22 8.22
N GLY I 346 -48.38 -21.90 8.09
CA GLY I 346 -49.50 -20.98 8.18
C GLY I 346 -50.41 -21.22 6.97
N ARG I 347 -51.72 -21.37 7.18
CA ARG I 347 -52.63 -22.02 6.24
C ARG I 347 -52.49 -21.59 4.76
N SER I 348 -52.03 -20.37 4.45
CA SER I 348 -52.18 -19.77 3.12
C SER I 348 -51.19 -20.26 2.04
N LEU I 349 -51.59 -20.10 0.77
CA LEU I 349 -50.75 -20.23 -0.42
C LEU I 349 -50.41 -18.83 -0.93
N GLY I 350 -49.21 -18.67 -1.52
CA GLY I 350 -48.81 -17.43 -2.16
C GLY I 350 -48.24 -17.72 -3.55
N LEU I 351 -48.59 -16.87 -4.54
CA LEU I 351 -47.96 -16.88 -5.86
C LEU I 351 -47.03 -15.68 -5.96
N TYR I 352 -45.88 -15.88 -6.62
CA TYR I 352 -44.84 -14.85 -6.74
C TYR I 352 -44.21 -14.91 -8.13
N ALA I 353 -43.89 -13.72 -8.68
CA ALA I 353 -43.18 -13.63 -9.95
C ALA I 353 -41.73 -14.06 -9.76
N TRP I 354 -41.18 -14.79 -10.74
CA TRP I 354 -39.86 -15.39 -10.64
C TRP I 354 -38.77 -14.31 -10.58
N ASP I 355 -38.72 -13.42 -11.58
CA ASP I 355 -37.65 -12.43 -11.73
C ASP I 355 -37.52 -11.48 -10.54
N ASP I 356 -38.66 -10.95 -10.03
CA ASP I 356 -38.66 -9.94 -8.97
C ASP I 356 -38.95 -10.51 -7.59
N GLY I 357 -39.83 -11.52 -7.49
CA GLY I 357 -40.35 -11.99 -6.22
C GLY I 357 -41.49 -11.11 -5.70
N SER I 358 -42.22 -10.45 -6.62
CA SER I 358 -43.35 -9.60 -6.27
C SER I 358 -44.60 -10.46 -6.14
N PRO I 359 -45.46 -10.27 -5.11
CA PRO I 359 -46.68 -11.09 -4.97
C PRO I 359 -47.68 -10.89 -6.10
N LEU I 360 -48.10 -12.00 -6.73
CA LEU I 360 -49.15 -12.02 -7.74
C LEU I 360 -50.52 -12.27 -7.10
N ALA I 361 -50.57 -13.17 -6.11
CA ALA I 361 -51.80 -13.46 -5.38
C ALA I 361 -51.51 -14.09 -4.01
N LEU I 362 -52.55 -14.14 -3.17
CA LEU I 362 -52.53 -14.82 -1.88
C LEU I 362 -53.84 -15.55 -1.70
N LEU I 363 -53.77 -16.87 -1.43
CA LEU I 363 -54.92 -17.76 -1.49
C LEU I 363 -55.09 -18.52 -0.16
N GLY I 364 -56.35 -18.68 0.26
CA GLY I 364 -56.69 -19.37 1.50
C GLY I 364 -56.99 -20.85 1.23
N GLY I 365 -58.23 -21.28 1.53
CA GLY I 365 -58.72 -22.60 1.19
C GLY I 365 -58.44 -23.63 2.29
N HIS I 366 -57.16 -23.99 2.47
CA HIS I 366 -56.77 -25.11 3.31
C HIS I 366 -57.01 -24.84 4.81
N GLN I 367 -57.39 -25.91 5.53
CA GLN I 367 -57.70 -25.87 6.94
C GLN I 367 -56.53 -26.36 7.82
N GLY I 368 -55.37 -26.68 7.19
CA GLY I 368 -54.17 -27.06 7.91
C GLY I 368 -52.92 -26.53 7.20
N GLY I 369 -51.74 -26.84 7.75
CA GLY I 369 -50.48 -26.40 7.18
C GLY I 369 -50.20 -27.11 5.86
N ILE I 370 -49.96 -26.33 4.79
CA ILE I 370 -49.75 -26.87 3.46
C ILE I 370 -48.41 -27.58 3.42
N THR I 371 -48.38 -28.77 2.78
CA THR I 371 -47.21 -29.64 2.74
C THR I 371 -46.66 -29.89 1.34
N HIS I 372 -47.47 -29.78 0.28
CA HIS I 372 -47.00 -30.12 -1.07
C HIS I 372 -47.74 -29.33 -2.15
N LEU I 373 -47.07 -29.16 -3.31
CA LEU I 373 -47.62 -28.47 -4.47
C LEU I 373 -47.24 -29.21 -5.76
N CYS I 374 -48.12 -29.15 -6.77
CA CYS I 374 -47.84 -29.68 -8.10
C CYS I 374 -48.55 -28.84 -9.15
N PHE I 375 -47.79 -28.37 -10.16
CA PHE I 375 -48.36 -27.69 -11.31
C PHE I 375 -48.69 -28.72 -12.39
N HIS I 376 -49.84 -28.52 -13.05
CA HIS I 376 -50.24 -29.32 -14.19
C HIS I 376 -49.40 -28.93 -15.40
N PRO I 377 -49.06 -29.86 -16.34
CA PRO I 377 -48.33 -29.49 -17.56
C PRO I 377 -48.99 -28.47 -18.50
N ASP I 378 -50.29 -28.19 -18.32
CA ASP I 378 -50.97 -27.07 -18.95
C ASP I 378 -50.31 -25.74 -18.58
N GLY I 379 -49.97 -25.57 -17.29
CA GLY I 379 -49.41 -24.34 -16.76
C GLY I 379 -50.45 -23.51 -15.99
N ASN I 380 -51.73 -23.62 -16.38
CA ASN I 380 -52.83 -22.89 -15.75
C ASN I 380 -53.18 -23.49 -14.40
N ARG I 381 -53.44 -24.81 -14.40
CA ARG I 381 -53.97 -25.54 -13.26
C ARG I 381 -52.85 -26.02 -12.33
N PHE I 382 -53.13 -26.02 -11.01
CA PHE I 382 -52.23 -26.63 -10.03
C PHE I 382 -53.01 -27.16 -8.82
N PHE I 383 -52.32 -28.00 -8.01
CA PHE I 383 -52.93 -28.72 -6.90
C PHE I 383 -52.10 -28.52 -5.63
N SER I 384 -52.77 -28.66 -4.47
CA SER I 384 -52.13 -28.47 -3.17
C SER I 384 -52.73 -29.43 -2.13
N GLY I 385 -51.93 -29.76 -1.11
CA GLY I 385 -52.34 -30.65 -0.02
C GLY I 385 -51.73 -30.20 1.31
N ALA I 386 -52.37 -30.61 2.41
CA ALA I 386 -51.99 -30.15 3.74
C ALA I 386 -51.99 -31.28 4.77
N ARG I 387 -51.43 -30.96 5.95
CA ARG I 387 -51.36 -31.88 7.08
C ARG I 387 -52.60 -31.72 7.97
N LYS I 388 -53.08 -32.86 8.51
CA LYS I 388 -54.33 -32.94 9.28
C LYS I 388 -55.46 -32.21 8.56
N ASP I 389 -55.65 -32.56 7.28
CA ASP I 389 -56.60 -31.90 6.41
C ASP I 389 -57.08 -32.89 5.36
N ALA I 390 -58.40 -33.04 5.24
CA ALA I 390 -59.00 -34.09 4.42
C ALA I 390 -58.97 -33.79 2.92
N GLU I 391 -58.93 -32.50 2.51
CA GLU I 391 -59.12 -32.14 1.12
C GLU I 391 -57.78 -31.84 0.40
N LEU I 392 -57.71 -32.33 -0.85
CA LEU I 392 -56.67 -31.99 -1.83
C LEU I 392 -57.29 -30.98 -2.79
N LEU I 393 -56.85 -29.72 -2.72
CA LEU I 393 -57.53 -28.63 -3.41
C LEU I 393 -56.94 -28.43 -4.82
N CYS I 394 -57.84 -28.33 -5.80
CA CYS I 394 -57.50 -28.01 -7.18
C CYS I 394 -57.65 -26.50 -7.38
N TRP I 395 -56.66 -25.89 -8.05
CA TRP I 395 -56.65 -24.45 -8.31
C TRP I 395 -56.52 -24.19 -9.81
N ASP I 396 -56.68 -22.92 -10.17
CA ASP I 396 -56.45 -22.46 -11.53
C ASP I 396 -55.93 -21.03 -11.49
N LEU I 397 -54.91 -20.73 -12.31
CA LEU I 397 -54.31 -19.40 -12.38
C LEU I 397 -55.30 -18.39 -12.99
N ARG I 398 -56.18 -18.87 -13.88
CA ARG I 398 -57.34 -18.11 -14.35
C ARG I 398 -58.48 -18.38 -13.37
N GLN I 399 -59.36 -17.38 -13.18
CA GLN I 399 -60.47 -17.49 -12.23
C GLN I 399 -59.94 -17.73 -10.81
N SER I 400 -58.93 -16.93 -10.43
CA SER I 400 -58.16 -17.13 -9.20
C SER I 400 -58.89 -16.57 -7.99
N GLY I 401 -58.35 -16.87 -6.79
CA GLY I 401 -58.87 -16.38 -5.53
C GLY I 401 -59.60 -17.45 -4.71
N TYR I 402 -60.16 -18.47 -5.40
CA TYR I 402 -60.95 -19.52 -4.77
C TYR I 402 -60.67 -20.85 -5.47
N PRO I 403 -60.49 -21.97 -4.72
CA PRO I 403 -60.21 -23.26 -5.34
C PRO I 403 -61.41 -23.82 -6.10
N LEU I 404 -61.16 -24.33 -7.32
CA LEU I 404 -62.22 -24.79 -8.22
C LEU I 404 -62.90 -26.06 -7.69
N TRP I 405 -62.09 -27.05 -7.26
CA TRP I 405 -62.60 -28.32 -6.76
C TRP I 405 -61.89 -28.75 -5.49
N SER I 406 -62.46 -29.77 -4.82
CA SER I 406 -61.91 -30.38 -3.61
C SER I 406 -61.99 -31.90 -3.73
N LEU I 407 -60.84 -32.58 -3.55
CA LEU I 407 -60.73 -34.03 -3.67
C LEU I 407 -60.43 -34.61 -2.30
N GLY I 408 -61.23 -35.59 -1.86
CA GLY I 408 -61.13 -36.14 -0.51
C GLY I 408 -60.00 -37.17 -0.37
N ARG I 409 -59.27 -37.11 0.75
CA ARG I 409 -58.27 -38.11 1.10
C ARG I 409 -58.05 -38.14 2.62
N GLU I 410 -57.84 -39.33 3.19
CA GLU I 410 -57.67 -39.47 4.64
C GLU I 410 -56.26 -39.07 5.05
N VAL I 411 -56.13 -37.90 5.70
CA VAL I 411 -54.88 -37.43 6.26
C VAL I 411 -55.15 -37.03 7.72
N THR I 412 -54.65 -37.85 8.67
CA THR I 412 -54.95 -37.68 10.10
C THR I 412 -53.68 -37.50 10.93
N THR I 413 -52.54 -37.19 10.30
CA THR I 413 -51.26 -36.97 10.98
C THR I 413 -50.65 -35.66 10.49
N ASN I 414 -49.61 -35.20 11.21
CA ASN I 414 -48.84 -34.03 10.82
C ASN I 414 -47.73 -34.44 9.85
N GLN I 415 -48.12 -34.99 8.69
CA GLN I 415 -47.18 -35.59 7.74
C GLN I 415 -47.31 -34.91 6.38
N ARG I 416 -46.19 -34.94 5.64
CA ARG I 416 -46.18 -34.57 4.24
C ARG I 416 -46.59 -35.81 3.44
N ILE I 417 -47.90 -35.95 3.22
CA ILE I 417 -48.44 -36.99 2.37
C ILE I 417 -48.38 -36.51 0.94
N TYR I 418 -47.47 -37.10 0.15
CA TYR I 418 -47.22 -36.66 -1.22
C TYR I 418 -48.36 -37.03 -2.17
N PHE I 419 -48.37 -36.33 -3.31
CA PHE I 419 -49.20 -36.66 -4.45
C PHE I 419 -48.46 -36.24 -5.71
N ASP I 420 -48.79 -36.86 -6.85
CA ASP I 420 -48.05 -36.63 -8.08
C ASP I 420 -48.95 -36.84 -9.30
N LEU I 421 -48.64 -36.09 -10.37
CA LEU I 421 -49.34 -36.18 -11.65
C LEU I 421 -48.56 -37.10 -12.59
N ASP I 422 -49.22 -37.50 -13.68
CA ASP I 422 -48.57 -38.13 -14.82
C ASP I 422 -47.63 -37.16 -15.51
N PRO I 423 -46.69 -37.65 -16.36
CA PRO I 423 -45.98 -36.78 -17.29
C PRO I 423 -46.89 -36.12 -18.33
N THR I 424 -47.92 -36.86 -18.77
CA THR I 424 -48.93 -36.37 -19.71
C THR I 424 -49.91 -35.40 -19.04
N GLY I 425 -50.15 -35.58 -17.74
CA GLY I 425 -51.01 -34.71 -16.94
C GLY I 425 -52.45 -35.21 -16.77
N GLN I 426 -52.78 -36.43 -17.23
CA GLN I 426 -54.17 -36.90 -17.23
C GLN I 426 -54.58 -37.43 -15.85
N PHE I 427 -53.72 -38.25 -15.23
CA PHE I 427 -54.01 -38.83 -13.92
C PHE I 427 -53.31 -38.07 -12.80
N LEU I 428 -53.88 -38.18 -11.59
CA LEU I 428 -53.35 -37.60 -10.35
C LEU I 428 -53.42 -38.69 -9.28
N VAL I 429 -52.27 -39.01 -8.67
CA VAL I 429 -52.20 -40.06 -7.65
C VAL I 429 -51.81 -39.42 -6.32
N SER I 430 -52.36 -39.93 -5.22
CA SER I 430 -52.09 -39.42 -3.88
C SER I 430 -52.07 -40.56 -2.87
N GLY I 431 -51.23 -40.41 -1.85
CA GLY I 431 -51.19 -41.34 -0.73
C GLY I 431 -52.24 -41.01 0.31
N SER I 432 -52.13 -41.66 1.47
CA SER I 432 -53.09 -41.51 2.55
C SER I 432 -52.53 -42.09 3.85
N THR I 433 -53.01 -41.56 4.99
CA THR I 433 -52.60 -42.04 6.30
C THR I 433 -53.23 -43.41 6.60
N SER I 434 -54.43 -43.67 6.06
CA SER I 434 -55.04 -44.99 6.12
C SER I 434 -54.19 -46.04 5.37
N GLY I 435 -53.68 -45.63 4.20
CA GLY I 435 -52.84 -46.48 3.36
C GLY I 435 -53.28 -46.47 1.90
N ALA I 436 -54.59 -46.26 1.66
CA ALA I 436 -55.18 -46.37 0.34
C ALA I 436 -54.66 -45.29 -0.61
N VAL I 437 -54.00 -45.73 -1.69
CA VAL I 437 -53.54 -44.85 -2.76
C VAL I 437 -54.72 -44.59 -3.69
N SER I 438 -55.14 -43.32 -3.79
CA SER I 438 -56.27 -42.91 -4.63
C SER I 438 -55.75 -42.34 -5.95
N VAL I 439 -56.53 -42.53 -7.03
CA VAL I 439 -56.20 -42.03 -8.36
C VAL I 439 -57.41 -41.28 -8.91
N TRP I 440 -57.16 -40.09 -9.50
CA TRP I 440 -58.19 -39.31 -10.18
C TRP I 440 -57.75 -38.99 -11.61
N ASP I 441 -58.72 -38.99 -12.54
CA ASP I 441 -58.52 -38.51 -13.89
C ASP I 441 -58.86 -37.02 -13.90
N THR I 442 -57.87 -36.16 -14.17
CA THR I 442 -58.06 -34.72 -14.16
C THR I 442 -58.97 -34.26 -15.30
N ASP I 443 -59.00 -35.00 -16.42
CA ASP I 443 -59.90 -34.74 -17.54
C ASP I 443 -60.96 -35.85 -17.61
N GLY I 449 -64.10 -29.72 -15.95
CA GLY I 449 -64.90 -30.50 -14.99
C GLY I 449 -64.08 -30.94 -13.77
N LYS I 450 -64.77 -31.53 -12.79
CA LYS I 450 -64.13 -32.04 -11.59
C LYS I 450 -63.33 -33.30 -11.90
N PRO I 451 -62.14 -33.51 -11.28
CA PRO I 451 -61.43 -34.78 -11.40
C PRO I 451 -62.23 -36.01 -10.94
N GLU I 452 -62.39 -36.98 -11.85
CA GLU I 452 -63.19 -38.18 -11.61
C GLU I 452 -62.34 -39.24 -10.89
N PRO I 453 -62.82 -39.85 -9.78
CA PRO I 453 -62.14 -40.99 -9.18
C PRO I 453 -62.04 -42.22 -10.10
N VAL I 454 -60.80 -42.68 -10.33
CA VAL I 454 -60.52 -43.81 -11.21
C VAL I 454 -60.34 -45.10 -10.42
N LEU I 455 -59.49 -45.06 -9.38
CA LEU I 455 -59.08 -46.27 -8.66
C LEU I 455 -58.68 -45.95 -7.21
N SER I 456 -58.86 -46.96 -6.34
CA SER I 456 -58.31 -46.96 -4.98
C SER I 456 -57.79 -48.36 -4.66
N PHE I 457 -56.51 -48.46 -4.25
CA PHE I 457 -55.92 -49.74 -3.84
C PHE I 457 -55.00 -49.53 -2.64
N LEU I 458 -54.65 -50.65 -1.99
CA LEU I 458 -53.91 -50.68 -0.73
C LEU I 458 -52.56 -51.35 -0.93
N PRO I 459 -51.45 -50.58 -1.05
CA PRO I 459 -50.09 -51.13 -1.04
C PRO I 459 -49.73 -51.97 0.19
N GLN I 460 -50.09 -51.46 1.38
CA GLN I 460 -49.85 -52.18 2.63
C GLN I 460 -50.83 -51.72 3.71
N LYS I 461 -50.86 -52.45 4.84
CA LYS I 461 -51.68 -52.11 5.99
C LYS I 461 -50.94 -51.10 6.88
N ASP I 462 -50.72 -49.89 6.32
CA ASP I 462 -49.97 -48.82 6.97
C ASP I 462 -50.07 -47.57 6.10
N CYS I 463 -49.72 -46.40 6.67
CA CYS I 463 -49.70 -45.13 5.96
C CYS I 463 -48.85 -45.21 4.68
N THR I 464 -49.39 -44.70 3.57
CA THR I 464 -48.64 -44.51 2.32
C THR I 464 -48.29 -43.03 2.22
N ASN I 465 -47.13 -42.65 2.76
CA ASN I 465 -46.74 -41.24 2.82
C ASN I 465 -46.25 -40.74 1.45
N GLY I 466 -45.42 -41.54 0.76
CA GLY I 466 -44.86 -41.14 -0.53
C GLY I 466 -45.55 -41.85 -1.70
N VAL I 467 -45.76 -41.09 -2.79
CA VAL I 467 -46.12 -41.65 -4.08
C VAL I 467 -45.37 -40.87 -5.15
N SER I 468 -44.79 -41.59 -6.13
CA SER I 468 -43.98 -40.98 -7.18
C SER I 468 -44.23 -41.72 -8.49
N LEU I 469 -44.49 -40.96 -9.56
CA LEU I 469 -44.75 -41.53 -10.87
C LEU I 469 -43.54 -41.31 -11.77
N HIS I 470 -43.16 -42.38 -12.48
CA HIS I 470 -41.97 -42.40 -13.32
C HIS I 470 -42.22 -41.58 -14.59
N PRO I 471 -41.27 -40.70 -15.03
CA PRO I 471 -41.53 -39.78 -16.13
C PRO I 471 -41.74 -40.37 -17.53
N SER I 472 -41.16 -41.56 -17.81
CA SER I 472 -41.31 -42.24 -19.10
C SER I 472 -42.15 -43.51 -18.97
N LEU I 473 -41.70 -44.44 -18.11
CA LEU I 473 -42.36 -45.72 -17.90
C LEU I 473 -43.65 -45.56 -17.08
N PRO I 474 -44.62 -46.52 -17.19
CA PRO I 474 -45.72 -46.64 -16.23
C PRO I 474 -45.36 -47.33 -14.90
N LEU I 475 -44.53 -46.68 -14.07
CA LEU I 475 -44.14 -47.20 -12.77
C LEU I 475 -44.61 -46.26 -11.67
N LEU I 476 -45.37 -46.81 -10.70
CA LEU I 476 -45.73 -46.11 -9.48
C LEU I 476 -44.81 -46.60 -8.37
N ALA I 477 -44.15 -45.66 -7.67
CA ALA I 477 -43.39 -45.96 -6.48
C ALA I 477 -44.22 -45.55 -5.26
N THR I 478 -44.10 -46.31 -4.15
CA THR I 478 -44.84 -46.03 -2.92
C THR I 478 -43.93 -46.20 -1.71
N ALA I 479 -43.88 -45.18 -0.84
CA ALA I 479 -43.16 -45.22 0.42
C ALA I 479 -44.18 -45.33 1.55
N SER I 480 -43.82 -46.10 2.60
CA SER I 480 -44.75 -46.42 3.68
C SER I 480 -44.17 -46.08 5.06
N GLY I 481 -45.05 -46.16 6.07
CA GLY I 481 -44.67 -46.02 7.46
C GLY I 481 -45.18 -44.71 8.07
N GLN I 482 -45.27 -44.70 9.41
CA GLN I 482 -45.61 -43.51 10.17
C GLN I 482 -45.13 -43.64 11.61
N ARG I 483 -45.32 -42.57 12.38
CA ARG I 483 -44.88 -42.51 13.77
C ARG I 483 -45.82 -43.33 14.64
N VAL I 484 -45.25 -44.25 15.43
CA VAL I 484 -45.99 -45.07 16.37
C VAL I 484 -46.01 -44.35 17.72
N PHE I 485 -47.19 -44.35 18.36
CA PHE I 485 -47.37 -43.67 19.64
C PHE I 485 -47.44 -44.69 20.79
N PRO I 486 -46.78 -44.42 21.94
CA PRO I 486 -46.49 -45.44 22.93
C PRO I 486 -47.66 -45.76 23.87
N GLU I 487 -47.42 -46.74 24.75
CA GLU I 487 -48.34 -47.15 25.81
C GLU I 487 -47.55 -47.31 27.11
N PRO I 488 -47.96 -46.69 28.25
CA PRO I 488 -47.31 -46.93 29.54
C PRO I 488 -47.17 -48.40 29.94
N THR I 489 -46.03 -48.73 30.57
CA THR I 489 -45.70 -50.11 30.93
C THR I 489 -46.60 -50.57 32.07
N LEU I 510 -46.03 -53.55 11.88
CA LEU I 510 -45.58 -53.95 10.52
C LEU I 510 -44.43 -53.04 10.08
N GLU I 511 -43.40 -53.65 9.46
CA GLU I 511 -42.20 -52.94 9.04
C GLU I 511 -42.47 -52.13 7.78
N CYS I 512 -41.89 -50.92 7.73
CA CYS I 512 -42.06 -49.99 6.62
C CYS I 512 -41.27 -50.45 5.38
N ARG I 513 -41.62 -49.91 4.20
CA ARG I 513 -41.05 -50.39 2.95
C ARG I 513 -41.29 -49.45 1.76
N LEU I 514 -40.29 -49.39 0.86
CA LEU I 514 -40.45 -48.88 -0.50
C LEU I 514 -41.02 -50.00 -1.35
N GLN I 515 -41.84 -49.66 -2.36
CA GLN I 515 -42.42 -50.64 -3.27
C GLN I 515 -42.70 -50.02 -4.65
N LEU I 516 -42.41 -50.79 -5.72
CA LEU I 516 -42.69 -50.38 -7.10
C LEU I 516 -43.92 -51.12 -7.62
N TRP I 517 -44.62 -50.52 -8.59
CA TRP I 517 -45.88 -51.06 -9.11
C TRP I 517 -46.04 -50.75 -10.59
N TRP I 518 -46.26 -51.79 -11.41
CA TRP I 518 -46.47 -51.63 -12.84
C TRP I 518 -47.92 -51.18 -13.10
N CYS I 519 -48.08 -50.01 -13.73
CA CYS I 519 -49.39 -49.43 -14.03
C CYS I 519 -49.67 -49.34 -15.54
N GLY I 520 -48.93 -50.12 -16.34
CA GLY I 520 -49.13 -50.16 -17.79
C GLY I 520 -50.40 -50.93 -18.17
N GLY I 521 -50.87 -50.71 -19.40
CA GLY I 521 -52.06 -51.36 -19.92
C GLY I 521 -51.81 -52.83 -20.25
N ALA I 522 -52.91 -53.56 -20.51
CA ALA I 522 -52.88 -54.99 -20.80
C ALA I 522 -52.32 -55.26 -22.20
N PRO J 23 -6.35 39.95 -60.12
CA PRO J 23 -6.37 40.70 -58.82
C PRO J 23 -6.93 39.80 -57.73
N GLU J 24 -6.30 39.80 -56.55
CA GLU J 24 -6.74 38.99 -55.42
C GLU J 24 -8.26 39.14 -55.17
N GLU J 25 -8.75 40.38 -55.24
CA GLU J 25 -10.16 40.71 -55.05
C GLU J 25 -11.02 40.24 -56.24
N ASP J 26 -10.46 40.28 -57.46
CA ASP J 26 -11.13 39.80 -58.66
C ASP J 26 -11.31 38.28 -58.63
N VAL J 27 -10.28 37.55 -58.14
CA VAL J 27 -10.35 36.11 -57.92
C VAL J 27 -11.45 35.78 -56.90
N ALA J 28 -11.44 36.51 -55.77
CA ALA J 28 -12.45 36.36 -54.72
C ALA J 28 -13.88 36.57 -55.22
N GLU J 29 -14.06 37.52 -56.15
CA GLU J 29 -15.37 37.84 -56.72
C GLU J 29 -15.85 36.71 -57.64
N ILE J 30 -14.95 36.10 -58.43
CA ILE J 30 -15.29 35.01 -59.33
C ILE J 30 -15.66 33.75 -58.53
N GLN J 31 -14.94 33.49 -57.43
CA GLN J 31 -15.22 32.37 -56.53
C GLN J 31 -16.66 32.31 -56.03
N HIS J 32 -17.31 33.47 -55.82
CA HIS J 32 -18.66 33.55 -55.29
C HIS J 32 -19.75 33.72 -56.37
N ALA J 33 -19.37 34.13 -57.59
CA ALA J 33 -20.32 34.45 -58.66
C ALA J 33 -20.58 33.26 -59.59
N GLU J 34 -19.50 32.63 -60.08
CA GLU J 34 -19.57 31.68 -61.19
C GLU J 34 -19.43 30.24 -60.69
N GLU J 35 -20.10 29.31 -61.41
CA GLU J 35 -20.26 27.93 -60.99
C GLU J 35 -19.01 27.11 -61.29
N PHE J 36 -18.58 26.29 -60.32
CA PHE J 36 -17.45 25.38 -60.45
C PHE J 36 -17.94 23.94 -60.56
N LEU J 37 -17.26 23.17 -61.42
CA LEU J 37 -17.64 21.78 -61.68
C LEU J 37 -16.44 21.03 -62.26
N ILE J 38 -16.19 19.83 -61.73
CA ILE J 38 -15.24 18.90 -62.31
C ILE J 38 -15.94 18.26 -63.52
N LYS J 39 -15.69 18.83 -64.71
CA LYS J 39 -16.44 18.47 -65.91
C LYS J 39 -16.12 17.06 -66.39
N PRO J 40 -17.10 16.34 -67.04
CA PRO J 40 -16.80 15.11 -67.74
C PRO J 40 -15.92 15.28 -68.97
N GLU J 41 -15.04 14.30 -69.22
CA GLU J 41 -14.18 14.27 -70.40
C GLU J 41 -14.06 12.84 -70.94
N SER J 42 -13.63 12.72 -72.20
CA SER J 42 -13.45 11.46 -72.90
C SER J 42 -11.99 11.00 -72.94
N LYS J 43 -11.04 11.86 -72.55
CA LYS J 43 -9.61 11.55 -72.62
C LYS J 43 -9.25 10.47 -71.61
N VAL J 44 -8.22 9.67 -71.92
CA VAL J 44 -7.78 8.57 -71.07
C VAL J 44 -7.14 9.11 -69.80
N ALA J 45 -7.45 8.45 -68.66
CA ALA J 45 -6.94 8.85 -67.35
C ALA J 45 -5.51 8.33 -67.18
N LYS J 46 -4.54 9.26 -67.14
CA LYS J 46 -3.12 8.93 -67.03
C LYS J 46 -2.59 9.35 -65.67
N LEU J 47 -2.04 8.39 -64.91
CA LEU J 47 -1.47 8.63 -63.59
C LEU J 47 -0.02 9.08 -63.71
N ASP J 48 0.46 9.74 -62.63
CA ASP J 48 1.87 10.04 -62.44
C ASP J 48 2.31 9.53 -61.07
N THR J 49 3.00 8.37 -61.06
CA THR J 49 3.47 7.72 -59.84
C THR J 49 4.98 7.89 -59.65
N SER J 50 5.61 8.86 -60.34
CA SER J 50 7.05 9.06 -60.31
C SER J 50 7.54 9.59 -58.95
N GLN J 51 6.67 10.26 -58.19
CA GLN J 51 7.02 10.82 -56.90
C GLN J 51 6.48 10.00 -55.73
N TRP J 52 5.93 8.79 -55.98
CA TRP J 52 5.43 7.93 -54.91
C TRP J 52 6.59 7.31 -54.16
N PRO J 53 6.47 7.08 -52.83
CA PRO J 53 7.61 6.70 -52.00
C PRO J 53 8.03 5.23 -52.13
N LEU J 54 9.36 5.01 -52.18
CA LEU J 54 9.98 3.70 -52.08
C LEU J 54 9.50 2.77 -53.18
N LEU J 55 9.00 1.56 -52.82
CA LEU J 55 8.76 0.52 -53.80
C LEU J 55 7.49 0.80 -54.61
N LEU J 56 6.72 1.85 -54.25
CA LEU J 56 5.60 2.32 -55.06
C LEU J 56 6.04 3.33 -56.12
N LYS J 57 7.32 3.70 -56.20
CA LYS J 57 7.79 4.63 -57.22
C LYS J 57 7.69 3.98 -58.59
N ASN J 58 7.04 4.69 -59.54
CA ASN J 58 6.77 4.18 -60.88
C ASN J 58 6.02 2.86 -60.82
N PHE J 59 4.94 2.86 -60.02
CA PHE J 59 4.02 1.74 -59.91
C PHE J 59 3.21 1.57 -61.20
N ASP J 60 2.94 2.71 -61.86
CA ASP J 60 2.25 2.78 -63.14
C ASP J 60 2.99 2.03 -64.25
N LYS J 61 4.33 2.02 -64.20
CA LYS J 61 5.17 1.46 -65.26
C LYS J 61 5.32 -0.05 -65.20
N LEU J 62 4.84 -0.71 -64.12
CA LEU J 62 4.85 -2.16 -64.03
C LEU J 62 3.86 -2.76 -65.02
N ASN J 63 4.19 -3.94 -65.55
CA ASN J 63 3.28 -4.66 -66.44
C ASN J 63 2.13 -5.24 -65.63
N VAL J 64 0.89 -5.05 -66.07
CA VAL J 64 -0.30 -5.47 -65.34
C VAL J 64 -0.78 -6.81 -65.91
N ARG J 65 -0.85 -7.84 -65.04
CA ARG J 65 -1.40 -9.14 -65.41
C ARG J 65 -2.91 -9.09 -65.24
N THR J 66 -3.37 -8.71 -64.03
CA THR J 66 -4.79 -8.54 -63.73
C THR J 66 -5.00 -7.35 -62.80
N THR J 67 -6.24 -6.82 -62.81
CA THR J 67 -6.71 -5.82 -61.87
C THR J 67 -7.69 -6.39 -60.84
N HIS J 68 -8.15 -7.64 -61.03
CA HIS J 68 -9.30 -8.18 -60.31
C HIS J 68 -8.87 -8.91 -59.04
N TYR J 69 -9.05 -8.26 -57.89
CA TYR J 69 -8.78 -8.90 -56.61
C TYR J 69 -9.46 -8.14 -55.47
N THR J 70 -9.40 -8.72 -54.26
CA THR J 70 -9.98 -8.13 -53.07
C THR J 70 -8.87 -7.69 -52.12
N PRO J 71 -8.60 -6.37 -51.97
CA PRO J 71 -7.66 -5.89 -50.96
C PRO J 71 -8.16 -6.09 -49.54
N LEU J 72 -7.23 -6.22 -48.59
CA LEU J 72 -7.56 -6.70 -47.24
C LEU J 72 -7.50 -5.68 -46.11
N ALA J 73 -6.75 -4.58 -46.25
CA ALA J 73 -6.77 -3.49 -45.28
C ALA J 73 -6.18 -3.89 -43.92
N CYS J 74 -5.09 -4.66 -43.98
CA CYS J 74 -4.43 -5.20 -42.79
C CYS J 74 -3.09 -4.51 -42.53
N GLY J 75 -2.25 -4.40 -43.56
CA GLY J 75 -0.93 -3.80 -43.46
C GLY J 75 -0.96 -2.28 -43.52
N SER J 76 0.15 -1.68 -44.00
CA SER J 76 0.26 -0.23 -44.17
C SER J 76 1.28 0.10 -45.26
N ASN J 77 1.21 1.32 -45.78
CA ASN J 77 2.31 1.89 -46.56
C ASN J 77 3.53 1.97 -45.63
N PRO J 78 4.70 1.41 -46.02
CA PRO J 78 5.89 1.37 -45.17
C PRO J 78 6.26 2.66 -44.45
N LEU J 79 6.10 3.82 -45.12
CA LEU J 79 6.44 5.11 -44.54
C LEU J 79 5.48 5.52 -43.42
N LYS J 80 4.23 5.04 -43.47
CA LYS J 80 3.18 5.51 -42.56
C LYS J 80 2.73 4.39 -41.64
N ARG J 81 3.66 3.49 -41.27
CA ARG J 81 3.42 2.52 -40.21
C ARG J 81 3.38 3.26 -38.88
N GLU J 82 2.64 2.72 -37.90
CA GLU J 82 2.69 3.25 -36.54
C GLU J 82 4.12 3.13 -36.01
N ILE J 83 4.49 4.04 -35.10
CA ILE J 83 5.88 4.22 -34.70
C ILE J 83 6.51 2.91 -34.20
N GLY J 84 5.74 2.08 -33.45
CA GLY J 84 6.22 0.79 -32.99
C GLY J 84 6.62 -0.13 -34.15
N ASP J 85 5.68 -0.35 -35.07
CA ASP J 85 5.89 -1.17 -36.27
C ASP J 85 6.93 -0.56 -37.21
N TYR J 86 7.00 0.78 -37.26
CA TYR J 86 7.96 1.49 -38.10
C TYR J 86 9.40 1.20 -37.68
N ILE J 87 9.67 1.21 -36.36
CA ILE J 87 11.00 0.95 -35.81
C ILE J 87 11.36 -0.53 -35.99
N ARG J 88 10.41 -1.43 -35.71
CA ARG J 88 10.62 -2.87 -35.84
C ARG J 88 10.92 -3.33 -37.26
N THR J 89 10.48 -2.59 -38.28
CA THR J 89 10.71 -2.93 -39.68
C THR J 89 11.71 -1.96 -40.35
N GLY J 90 12.59 -1.34 -39.56
CA GLY J 90 13.40 -0.24 -40.05
C GLY J 90 14.90 -0.45 -39.87
N PHE J 91 15.68 0.53 -40.35
CA PHE J 91 17.13 0.56 -40.19
C PHE J 91 17.63 1.99 -40.04
N ILE J 92 18.88 2.12 -39.61
CA ILE J 92 19.58 3.41 -39.48
C ILE J 92 20.84 3.36 -40.34
N ASN J 93 21.03 4.34 -41.22
CA ASN J 93 22.32 4.56 -41.88
C ASN J 93 23.20 5.36 -40.93
N LEU J 94 23.89 4.65 -40.03
CA LEU J 94 24.63 5.27 -38.95
C LEU J 94 26.03 5.70 -39.43
N ASP J 95 26.49 6.85 -38.92
CA ASP J 95 27.87 7.26 -38.98
C ASP J 95 28.53 6.79 -37.68
N LYS J 96 29.30 5.69 -37.77
CA LYS J 96 29.87 5.05 -36.60
C LYS J 96 30.91 5.95 -35.96
N PRO J 97 30.87 6.16 -34.61
CA PRO J 97 31.92 6.91 -33.92
C PRO J 97 33.19 6.10 -33.73
N SER J 98 34.26 6.75 -33.26
CA SER J 98 35.63 6.26 -33.45
C SER J 98 36.21 5.52 -32.23
N ASN J 99 35.51 5.45 -31.09
CA ASN J 99 35.97 4.64 -29.96
C ASN J 99 35.46 3.20 -30.00
N PRO J 100 34.13 2.93 -30.09
CA PRO J 100 33.59 1.60 -29.83
C PRO J 100 33.70 0.63 -31.00
N SER J 101 33.53 -0.66 -30.70
CA SER J 101 33.42 -1.71 -31.71
C SER J 101 32.04 -1.67 -32.36
N SER J 102 31.93 -2.33 -33.52
CA SER J 102 30.67 -2.39 -34.27
C SER J 102 29.58 -3.16 -33.51
N HIS J 103 29.97 -4.20 -32.77
CA HIS J 103 29.04 -4.97 -31.94
C HIS J 103 28.54 -4.13 -30.76
N GLU J 104 29.40 -3.29 -30.18
CA GLU J 104 29.02 -2.39 -29.09
C GLU J 104 28.06 -1.30 -29.56
N VAL J 105 28.27 -0.78 -30.78
CA VAL J 105 27.44 0.28 -31.34
C VAL J 105 25.99 -0.19 -31.51
N VAL J 106 25.78 -1.37 -32.09
CA VAL J 106 24.45 -1.92 -32.30
C VAL J 106 23.80 -2.33 -30.97
N ALA J 107 24.61 -2.68 -29.97
CA ALA J 107 24.12 -2.94 -28.62
C ALA J 107 23.57 -1.67 -27.96
N TRP J 108 24.23 -0.52 -28.19
CA TRP J 108 23.73 0.76 -27.72
C TRP J 108 22.38 1.10 -28.34
N ILE J 109 22.29 0.93 -29.67
CA ILE J 109 21.09 1.23 -30.44
C ILE J 109 19.94 0.32 -30.00
N ARG J 110 20.24 -0.95 -29.69
CA ARG J 110 19.28 -1.89 -29.15
C ARG J 110 18.73 -1.41 -27.81
N ARG J 111 19.63 -0.89 -26.95
CA ARG J 111 19.27 -0.38 -25.64
C ARG J 111 18.48 0.92 -25.72
N ILE J 112 18.89 1.84 -26.62
CA ILE J 112 18.25 3.14 -26.77
C ILE J 112 16.80 2.96 -27.22
N LEU J 113 16.61 2.30 -28.37
CA LEU J 113 15.29 2.14 -28.97
C LEU J 113 14.37 1.19 -28.19
N ARG J 114 14.90 0.46 -27.19
CA ARG J 114 14.13 -0.41 -26.31
C ARG J 114 13.50 -1.54 -27.15
N VAL J 115 14.38 -2.27 -27.85
CA VAL J 115 14.03 -3.19 -28.91
C VAL J 115 14.83 -4.48 -28.70
N GLU J 116 14.36 -5.60 -29.26
CA GLU J 116 14.84 -6.93 -28.87
C GLU J 116 16.10 -7.38 -29.63
N LYS J 117 16.19 -7.06 -30.94
CA LYS J 117 17.26 -7.57 -31.80
C LYS J 117 17.79 -6.49 -32.74
N THR J 118 19.09 -6.56 -33.04
CA THR J 118 19.77 -5.61 -33.94
C THR J 118 20.94 -6.29 -34.65
N GLY J 119 21.24 -5.87 -35.88
CA GLY J 119 22.39 -6.35 -36.64
C GLY J 119 23.00 -5.24 -37.49
N HIS J 120 24.08 -5.54 -38.25
CA HIS J 120 24.78 -4.52 -39.04
C HIS J 120 25.33 -5.03 -40.39
N SER J 121 25.74 -4.10 -41.26
CA SER J 121 26.06 -4.38 -42.65
C SER J 121 27.54 -4.67 -42.90
N GLY J 122 28.37 -4.73 -41.86
CA GLY J 122 29.78 -5.11 -42.00
C GLY J 122 30.57 -4.56 -40.82
N THR J 123 31.44 -5.41 -40.23
CA THR J 123 32.17 -5.04 -39.03
C THR J 123 33.25 -4.01 -39.38
N LEU J 124 33.10 -2.81 -38.78
CA LEU J 124 34.14 -1.81 -38.77
C LEU J 124 34.93 -1.95 -37.47
N ASP J 125 36.25 -1.79 -37.58
CA ASP J 125 37.15 -1.94 -36.43
C ASP J 125 36.93 -0.78 -35.47
N PRO J 126 37.24 -0.92 -34.15
CA PRO J 126 36.97 0.11 -33.15
C PRO J 126 37.32 1.55 -33.52
N LYS J 127 38.47 1.78 -34.17
CA LYS J 127 38.95 3.10 -34.53
C LYS J 127 38.53 3.55 -35.94
N VAL J 128 37.64 2.79 -36.61
CA VAL J 128 37.16 3.12 -37.94
C VAL J 128 35.75 3.71 -37.82
N THR J 129 35.46 4.72 -38.67
CA THR J 129 34.16 5.39 -38.67
C THR J 129 33.46 5.14 -40.00
N GLY J 130 32.22 5.63 -40.10
CA GLY J 130 31.53 5.71 -41.39
C GLY J 130 30.24 4.87 -41.44
N CYS J 131 29.81 4.56 -42.67
CA CYS J 131 28.52 3.93 -42.93
C CYS J 131 28.40 2.55 -42.28
N LEU J 132 27.44 2.42 -41.36
CA LEU J 132 27.11 1.17 -40.72
C LEU J 132 25.58 1.05 -40.70
N ILE J 133 25.02 0.28 -41.65
CA ILE J 133 23.58 0.10 -41.77
C ILE J 133 23.09 -0.78 -40.62
N VAL J 134 22.59 -0.18 -39.57
CA VAL J 134 22.09 -0.91 -38.41
C VAL J 134 20.63 -1.30 -38.64
N CYS J 135 20.39 -2.60 -38.89
CA CYS J 135 19.05 -3.14 -39.08
C CYS J 135 18.42 -3.45 -37.73
N ILE J 136 17.10 -3.18 -37.61
CA ILE J 136 16.39 -3.29 -36.34
C ILE J 136 15.32 -4.38 -36.44
N GLU J 137 15.27 -5.31 -35.47
CA GLU J 137 14.24 -6.35 -35.36
C GLU J 137 14.06 -7.07 -36.69
N ARG J 138 12.90 -6.91 -37.34
CA ARG J 138 12.50 -7.72 -38.47
C ARG J 138 13.27 -7.34 -39.75
N ALA J 139 13.90 -6.16 -39.77
CA ALA J 139 14.85 -5.81 -40.81
C ALA J 139 16.18 -6.56 -40.68
N THR J 140 16.45 -7.23 -39.54
CA THR J 140 17.67 -8.03 -39.38
C THR J 140 17.69 -9.25 -40.29
N ARG J 141 16.57 -9.57 -40.94
CA ARG J 141 16.51 -10.61 -41.95
C ARG J 141 17.26 -10.22 -43.22
N LEU J 142 17.55 -8.92 -43.42
CA LEU J 142 18.32 -8.42 -44.56
C LEU J 142 19.84 -8.35 -44.30
N VAL J 143 20.33 -8.64 -43.09
CA VAL J 143 21.73 -8.38 -42.74
C VAL J 143 22.71 -9.17 -43.61
N LYS J 144 22.36 -10.40 -44.02
CA LYS J 144 23.22 -11.19 -44.89
C LYS J 144 23.39 -10.53 -46.25
N SER J 145 22.32 -9.94 -46.79
CA SER J 145 22.36 -9.23 -48.07
C SER J 145 23.18 -7.94 -47.96
N GLN J 146 23.05 -7.23 -46.84
CA GLN J 146 23.79 -6.00 -46.60
C GLN J 146 25.27 -6.28 -46.31
N GLN J 147 25.57 -7.38 -45.60
CA GLN J 147 26.94 -7.79 -45.32
C GLN J 147 27.70 -8.20 -46.58
N SER J 148 27.02 -8.74 -47.59
CA SER J 148 27.64 -9.17 -48.84
C SER J 148 27.75 -8.05 -49.87
N ALA J 149 27.18 -6.86 -49.61
CA ALA J 149 27.15 -5.77 -50.56
C ALA J 149 28.53 -5.10 -50.68
N GLY J 150 28.75 -4.44 -51.83
CA GLY J 150 30.02 -3.80 -52.15
C GLY J 150 30.18 -2.50 -51.35
N LYS J 151 31.42 -2.24 -50.90
CA LYS J 151 31.72 -1.18 -49.93
C LYS J 151 32.83 -0.26 -50.44
N GLU J 152 32.78 1.03 -50.07
CA GLU J 152 33.79 1.99 -50.44
C GLU J 152 34.43 2.59 -49.19
N TYR J 153 35.74 2.80 -49.24
CA TYR J 153 36.51 3.33 -48.12
C TYR J 153 37.35 4.52 -48.52
N VAL J 154 37.63 5.39 -47.53
CA VAL J 154 38.61 6.46 -47.65
C VAL J 154 39.54 6.33 -46.45
N GLY J 155 40.79 5.93 -46.72
CA GLY J 155 41.78 5.72 -45.67
C GLY J 155 43.04 6.55 -45.91
N ILE J 156 43.92 6.54 -44.92
CA ILE J 156 45.20 7.23 -44.95
C ILE J 156 46.29 6.18 -44.73
N VAL J 157 47.15 5.99 -45.73
CA VAL J 157 48.31 5.12 -45.62
C VAL J 157 49.49 5.99 -45.20
N ARG J 158 50.22 5.54 -44.17
CA ARG J 158 51.38 6.26 -43.66
C ARG J 158 52.62 5.45 -44.02
N LEU J 159 53.43 5.97 -44.93
CA LEU J 159 54.61 5.26 -45.43
C LEU J 159 55.76 5.48 -44.47
N HIS J 160 56.56 4.42 -44.24
CA HIS J 160 57.66 4.45 -43.28
C HIS J 160 58.86 5.27 -43.77
N ASN J 161 59.08 5.31 -45.11
CA ASN J 161 60.16 6.09 -45.71
C ASN J 161 59.63 6.91 -46.89
N ALA J 162 60.45 7.87 -47.35
CA ALA J 162 60.04 8.84 -48.35
C ALA J 162 59.95 8.23 -49.75
N ILE J 163 59.12 8.86 -50.60
CA ILE J 163 58.83 8.43 -51.96
C ILE J 163 59.10 9.62 -52.90
N GLU J 164 59.40 9.31 -54.17
CA GLU J 164 59.75 10.32 -55.17
C GLU J 164 58.59 11.30 -55.41
N GLY J 165 57.37 10.77 -55.55
CA GLY J 165 56.17 11.60 -55.62
C GLY J 165 54.88 10.78 -55.52
N GLY J 166 53.74 11.49 -55.61
CA GLY J 166 52.42 10.89 -55.49
C GLY J 166 52.06 9.97 -56.67
N THR J 167 52.78 10.07 -57.81
CA THR J 167 52.59 9.18 -58.94
C THR J 167 52.96 7.72 -58.62
N GLN J 168 53.95 7.51 -57.74
CA GLN J 168 54.39 6.17 -57.37
C GLN J 168 53.32 5.45 -56.55
N LEU J 169 52.73 6.17 -55.57
CA LEU J 169 51.67 5.64 -54.73
C LEU J 169 50.40 5.39 -55.55
N SER J 170 50.13 6.21 -56.58
CA SER J 170 49.02 6.00 -57.50
C SER J 170 49.22 4.73 -58.35
N ARG J 171 50.46 4.53 -58.84
CA ARG J 171 50.84 3.35 -59.61
C ARG J 171 50.72 2.06 -58.79
N ALA J 172 50.99 2.13 -57.48
CA ALA J 172 50.79 1.00 -56.58
C ALA J 172 49.30 0.65 -56.44
N LEU J 173 48.45 1.68 -56.34
CA LEU J 173 47.00 1.50 -56.30
C LEU J 173 46.44 1.02 -57.64
N GLU J 174 47.01 1.50 -58.77
CA GLU J 174 46.70 0.99 -60.10
C GLU J 174 47.01 -0.51 -60.22
N THR J 175 48.13 -0.94 -59.64
CA THR J 175 48.58 -2.33 -59.68
C THR J 175 47.64 -3.22 -58.87
N LEU J 176 47.19 -2.76 -57.69
CA LEU J 176 46.32 -3.54 -56.82
C LEU J 176 44.83 -3.36 -57.14
N THR J 177 44.47 -2.82 -58.33
CA THR J 177 43.10 -2.86 -58.81
C THR J 177 42.87 -4.20 -59.50
N GLY J 178 41.92 -5.00 -58.95
CA GLY J 178 41.62 -6.33 -59.47
C GLY J 178 41.40 -7.34 -58.36
N ALA J 179 41.35 -8.63 -58.74
CA ALA J 179 41.16 -9.72 -57.79
C ALA J 179 42.48 -10.03 -57.09
N LEU J 180 42.57 -9.78 -55.76
CA LEU J 180 43.83 -9.83 -55.02
C LEU J 180 43.89 -10.99 -54.03
N PHE J 181 45.12 -11.41 -53.71
CA PHE J 181 45.39 -12.25 -52.54
C PHE J 181 45.45 -11.37 -51.30
N GLN J 182 44.84 -11.83 -50.20
CA GLN J 182 44.89 -11.13 -48.92
C GLN J 182 44.82 -12.14 -47.77
N ARG J 183 45.36 -11.71 -46.62
CA ARG J 183 45.33 -12.45 -45.36
C ARG J 183 44.78 -11.54 -44.26
N PRO J 184 44.02 -12.07 -43.28
CA PRO J 184 43.54 -11.25 -42.18
C PRO J 184 44.64 -10.69 -41.28
N PRO J 185 44.32 -9.68 -40.42
CA PRO J 185 45.24 -9.21 -39.40
C PRO J 185 45.29 -10.16 -38.20
N LEU J 186 46.17 -9.86 -37.23
CA LEU J 186 46.42 -10.70 -36.07
C LEU J 186 45.40 -10.42 -34.94
N ARG J 192 45.77 -17.83 -40.13
CA ARG J 192 44.50 -18.00 -40.90
C ARG J 192 44.82 -18.07 -42.40
N GLN J 193 43.85 -18.62 -43.16
CA GLN J 193 44.04 -18.98 -44.55
C GLN J 193 44.15 -17.76 -45.46
N LEU J 194 44.75 -17.96 -46.63
CA LEU J 194 44.79 -16.97 -47.70
C LEU J 194 43.41 -16.86 -48.34
N ARG J 195 42.98 -15.62 -48.63
CA ARG J 195 41.67 -15.35 -49.20
C ARG J 195 41.78 -14.41 -50.40
N VAL J 196 40.80 -14.49 -51.30
CA VAL J 196 40.73 -13.66 -52.49
C VAL J 196 39.68 -12.58 -52.28
N ARG J 197 40.05 -11.32 -52.58
CA ARG J 197 39.16 -10.17 -52.42
C ARG J 197 39.40 -9.19 -53.58
N THR J 198 38.35 -8.88 -54.35
CA THR J 198 38.47 -7.98 -55.49
C THR J 198 38.33 -6.52 -55.05
N ILE J 199 39.21 -5.66 -55.59
CA ILE J 199 39.11 -4.22 -55.47
C ILE J 199 38.74 -3.69 -56.86
N TYR J 200 37.52 -3.16 -56.98
CA TYR J 200 36.96 -2.80 -58.28
C TYR J 200 37.65 -1.55 -58.83
N GLU J 201 37.71 -0.49 -58.01
CA GLU J 201 38.33 0.77 -58.40
C GLU J 201 39.18 1.30 -57.25
N SER J 202 40.25 2.02 -57.57
CA SER J 202 41.13 2.64 -56.60
C SER J 202 41.58 4.00 -57.12
N LYS J 203 41.92 4.92 -56.21
CA LYS J 203 42.23 6.29 -56.58
C LYS J 203 43.10 6.96 -55.51
N MET J 204 43.94 7.90 -55.96
CA MET J 204 44.73 8.74 -55.09
C MET J 204 44.04 10.10 -54.97
N ILE J 205 43.71 10.50 -53.73
CA ILE J 205 43.08 11.80 -53.50
C ILE J 205 44.19 12.84 -53.35
N GLU J 206 45.10 12.63 -52.40
CA GLU J 206 46.28 13.48 -52.26
C GLU J 206 47.36 12.82 -51.40
N TYR J 207 48.58 13.36 -51.49
CA TYR J 207 49.75 12.89 -50.76
C TYR J 207 50.51 14.06 -50.14
N ASP J 208 51.01 13.83 -48.91
CA ASP J 208 51.76 14.82 -48.15
C ASP J 208 53.16 14.29 -47.88
N PRO J 209 54.21 14.79 -48.60
CA PRO J 209 55.58 14.33 -48.39
C PRO J 209 56.21 14.59 -47.02
N GLU J 210 55.73 15.61 -46.28
CA GLU J 210 56.32 15.99 -45.00
C GLU J 210 56.10 14.88 -43.96
N ARG J 211 54.83 14.49 -43.75
CA ARG J 211 54.45 13.50 -42.76
C ARG J 211 54.27 12.11 -43.37
N ARG J 212 54.46 11.96 -44.70
CA ARG J 212 54.45 10.67 -45.38
C ARG J 212 53.08 10.00 -45.26
N LEU J 213 52.03 10.81 -45.44
CA LEU J 213 50.65 10.35 -45.38
C LEU J 213 50.01 10.54 -46.75
N GLY J 214 49.21 9.55 -47.19
CA GLY J 214 48.54 9.58 -48.47
C GLY J 214 47.10 9.11 -48.34
N ILE J 215 46.13 9.95 -48.76
CA ILE J 215 44.72 9.58 -48.76
C ILE J 215 44.47 8.76 -50.03
N PHE J 216 43.81 7.60 -49.86
CA PHE J 216 43.36 6.77 -50.97
C PHE J 216 41.87 6.48 -50.80
N TRP J 217 41.18 6.30 -51.93
CA TRP J 217 39.80 5.84 -51.98
C TRP J 217 39.77 4.52 -52.72
N VAL J 218 39.04 3.53 -52.18
CA VAL J 218 38.92 2.22 -52.82
C VAL J 218 37.47 1.74 -52.74
N SER J 219 36.96 1.25 -53.88
CA SER J 219 35.75 0.46 -53.97
C SER J 219 36.14 -1.01 -54.02
N CYS J 220 35.50 -1.83 -53.20
CA CYS J 220 35.89 -3.22 -53.03
C CYS J 220 34.69 -4.10 -52.64
N GLU J 221 34.88 -5.41 -52.74
CA GLU J 221 33.87 -6.36 -52.27
C GLU J 221 33.89 -6.42 -50.74
N ALA J 222 32.86 -7.05 -50.18
CA ALA J 222 32.74 -7.20 -48.73
C ALA J 222 33.82 -8.10 -48.18
N GLY J 223 34.29 -7.76 -46.97
CA GLY J 223 35.31 -8.52 -46.27
C GLY J 223 36.73 -8.25 -46.75
N THR J 224 36.94 -7.22 -47.59
CA THR J 224 38.26 -6.80 -48.02
C THR J 224 38.95 -6.12 -46.84
N TYR J 225 40.18 -6.54 -46.54
CA TYR J 225 40.95 -6.01 -45.42
C TYR J 225 41.79 -4.83 -45.89
N ILE J 226 41.46 -3.64 -45.40
CA ILE J 226 42.11 -2.41 -45.85
C ILE J 226 43.42 -2.21 -45.10
N ARG J 227 43.53 -2.72 -43.86
CA ARG J 227 44.79 -2.77 -43.14
C ARG J 227 45.84 -3.53 -43.94
N THR J 228 45.43 -4.69 -44.50
CA THR J 228 46.26 -5.53 -45.33
C THR J 228 46.64 -4.83 -46.63
N LEU J 229 45.70 -4.09 -47.23
CA LEU J 229 45.95 -3.31 -48.44
C LEU J 229 47.04 -2.26 -48.21
N CYS J 230 47.01 -1.57 -47.07
CA CYS J 230 48.00 -0.55 -46.72
C CYS J 230 49.40 -1.14 -46.53
N VAL J 231 49.47 -2.35 -45.95
CA VAL J 231 50.74 -3.08 -45.82
C VAL J 231 51.28 -3.45 -47.20
N HIS J 232 50.40 -3.94 -48.09
CA HIS J 232 50.78 -4.33 -49.44
C HIS J 232 51.22 -3.13 -50.29
N LEU J 233 50.56 -1.97 -50.10
CA LEU J 233 51.00 -0.73 -50.73
C LEU J 233 52.41 -0.36 -50.28
N GLY J 234 52.70 -0.57 -49.00
CA GLY J 234 54.02 -0.34 -48.42
C GLY J 234 55.11 -1.27 -48.98
N LEU J 235 54.80 -2.57 -49.09
CA LEU J 235 55.73 -3.56 -49.64
C LEU J 235 55.96 -3.31 -51.13
N LEU J 236 54.89 -3.03 -51.88
CA LEU J 236 54.97 -2.85 -53.33
C LEU J 236 55.80 -1.61 -53.69
N LEU J 237 55.69 -0.53 -52.89
CA LEU J 237 56.50 0.66 -53.08
C LEU J 237 57.97 0.43 -52.70
N GLY J 238 58.20 -0.39 -51.67
CA GLY J 238 59.54 -0.71 -51.19
C GLY J 238 59.90 0.02 -49.89
N VAL J 239 59.18 1.09 -49.56
CA VAL J 239 59.43 1.91 -48.38
C VAL J 239 58.83 1.29 -47.11
N GLY J 240 57.76 0.49 -47.25
CA GLY J 240 57.01 -0.06 -46.13
C GLY J 240 55.91 0.92 -45.69
N GLY J 241 54.84 0.40 -45.05
CA GLY J 241 53.74 1.25 -44.63
C GLY J 241 52.68 0.54 -43.78
N GLN J 242 51.74 1.35 -43.24
CA GLN J 242 50.59 0.86 -42.48
C GLN J 242 49.41 1.83 -42.58
N MET J 243 48.24 1.37 -42.13
CA MET J 243 47.03 2.16 -42.17
C MET J 243 47.01 3.11 -40.97
N GLN J 244 46.96 4.42 -41.23
CA GLN J 244 46.86 5.42 -40.17
C GLN J 244 45.43 5.48 -39.64
N GLU J 245 44.47 5.68 -40.55
CA GLU J 245 43.06 5.71 -40.21
C GLU J 245 42.20 5.36 -41.42
N LEU J 246 40.92 5.07 -41.16
CA LEU J 246 39.99 4.53 -42.15
C LEU J 246 38.58 5.08 -41.90
N ARG J 247 37.81 5.20 -42.99
CA ARG J 247 36.43 5.61 -42.93
C ARG J 247 35.67 4.96 -44.08
N ARG J 248 34.51 4.36 -43.77
CA ARG J 248 33.65 3.78 -44.79
C ARG J 248 32.68 4.83 -45.28
N VAL J 249 32.74 5.13 -46.59
CA VAL J 249 31.87 6.13 -47.20
C VAL J 249 30.61 5.53 -47.83
N ARG J 250 30.62 4.23 -48.17
CA ARG J 250 29.48 3.54 -48.75
C ARG J 250 29.34 2.13 -48.18
N SER J 251 28.09 1.68 -48.02
CA SER J 251 27.75 0.33 -47.61
C SER J 251 26.59 -0.15 -48.46
N GLY J 252 26.91 -0.71 -49.62
CA GLY J 252 25.90 -1.17 -50.57
C GLY J 252 25.14 0.01 -51.19
N VAL J 253 23.85 0.13 -50.86
CA VAL J 253 22.99 1.16 -51.45
C VAL J 253 23.15 2.48 -50.72
N MET J 254 23.37 2.44 -49.39
CA MET J 254 23.48 3.66 -48.59
C MET J 254 24.89 4.23 -48.66
N SER J 255 24.97 5.56 -48.60
CA SER J 255 26.21 6.33 -48.66
C SER J 255 26.25 7.33 -47.51
N GLU J 256 27.32 8.11 -47.43
CA GLU J 256 27.47 9.12 -46.39
C GLU J 256 26.73 10.43 -46.72
N LYS J 257 26.23 10.60 -47.96
CA LYS J 257 25.37 11.72 -48.30
C LYS J 257 23.88 11.32 -48.44
N ASP J 258 23.52 10.09 -48.03
CA ASP J 258 22.18 9.57 -48.14
C ASP J 258 21.63 9.28 -46.73
N HIS J 259 20.97 10.29 -46.15
CA HIS J 259 20.18 10.11 -44.93
C HIS J 259 21.02 9.62 -43.75
N MET J 260 22.32 10.00 -43.72
CA MET J 260 23.22 9.49 -42.71
C MET J 260 23.03 10.27 -41.40
N VAL J 261 23.14 9.55 -40.29
CA VAL J 261 22.74 10.00 -38.97
C VAL J 261 23.79 9.54 -37.96
N THR J 262 23.88 10.23 -36.83
CA THR J 262 24.88 9.97 -35.79
C THR J 262 24.22 9.35 -34.57
N MET J 263 25.05 8.81 -33.65
CA MET J 263 24.56 8.21 -32.41
C MET J 263 23.83 9.22 -31.51
N HIS J 264 24.22 10.50 -31.60
CA HIS J 264 23.56 11.57 -30.88
C HIS J 264 22.12 11.73 -31.39
N ASP J 265 21.95 11.77 -32.72
CA ASP J 265 20.64 11.86 -33.34
C ASP J 265 19.72 10.70 -32.92
N VAL J 266 20.28 9.49 -32.87
CA VAL J 266 19.51 8.30 -32.49
C VAL J 266 19.02 8.42 -31.06
N LEU J 267 19.91 8.83 -30.15
CA LEU J 267 19.58 9.05 -28.74
C LEU J 267 18.57 10.18 -28.59
N ASP J 268 18.82 11.30 -29.29
CA ASP J 268 17.98 12.50 -29.20
C ASP J 268 16.58 12.26 -29.77
N ALA J 269 16.49 11.54 -30.89
CA ALA J 269 15.21 11.25 -31.55
C ALA J 269 14.31 10.37 -30.69
N GLN J 270 14.91 9.38 -30.02
CA GLN J 270 14.20 8.55 -29.05
C GLN J 270 13.74 9.40 -27.87
N TRP J 271 14.62 10.27 -27.34
CA TRP J 271 14.29 11.11 -26.20
C TRP J 271 13.13 12.04 -26.53
N LEU J 272 13.16 12.64 -27.73
CA LEU J 272 12.12 13.56 -28.16
C LEU J 272 10.77 12.84 -28.25
N TYR J 273 10.77 11.58 -28.69
CA TYR J 273 9.57 10.77 -28.72
C TYR J 273 9.08 10.44 -27.30
N ASP J 274 10.00 10.18 -26.37
CA ASP J 274 9.65 9.85 -24.99
C ASP J 274 9.05 11.04 -24.24
N ASN J 275 9.69 12.22 -24.33
CA ASN J 275 9.37 13.37 -23.49
C ASN J 275 8.37 14.34 -24.12
N HIS J 276 8.37 14.49 -25.46
CA HIS J 276 7.46 15.40 -26.16
C HIS J 276 6.39 14.67 -26.98
N LYS J 277 6.38 13.33 -26.96
CA LYS J 277 5.47 12.51 -27.76
C LYS J 277 5.53 12.85 -29.25
N ASP J 278 6.73 13.19 -29.76
CA ASP J 278 6.94 13.66 -31.12
C ASP J 278 7.72 12.60 -31.91
N GLU J 279 7.05 11.95 -32.86
CA GLU J 279 7.63 10.91 -33.71
C GLU J 279 8.50 11.47 -34.84
N SER J 280 8.38 12.78 -35.11
CA SER J 280 8.97 13.43 -36.28
C SER J 280 10.47 13.14 -36.42
N TYR J 281 11.22 13.18 -35.32
CA TYR J 281 12.67 13.02 -35.33
C TYR J 281 13.06 11.56 -35.57
N LEU J 282 12.35 10.60 -34.93
CA LEU J 282 12.57 9.17 -35.18
C LEU J 282 12.39 8.81 -36.65
N ARG J 283 11.40 9.41 -37.30
CA ARG J 283 11.10 9.12 -38.70
C ARG J 283 12.08 9.75 -39.68
N ARG J 284 12.95 10.65 -39.21
CA ARG J 284 14.11 11.12 -39.98
C ARG J 284 15.37 10.28 -39.72
N VAL J 285 15.45 9.67 -38.53
CA VAL J 285 16.57 8.81 -38.16
C VAL J 285 16.42 7.42 -38.77
N VAL J 286 15.29 6.78 -38.47
CA VAL J 286 14.98 5.42 -38.91
C VAL J 286 14.26 5.50 -40.25
N TYR J 287 14.59 4.58 -41.14
CA TYR J 287 13.90 4.42 -42.41
C TYR J 287 13.41 2.98 -42.52
N PRO J 288 12.30 2.72 -43.26
CA PRO J 288 11.82 1.37 -43.41
C PRO J 288 12.74 0.55 -44.29
N LEU J 289 12.87 -0.76 -43.99
CA LEU J 289 13.73 -1.68 -44.72
C LEU J 289 13.51 -1.69 -46.24
N GLU J 290 12.32 -1.25 -46.70
CA GLU J 290 11.99 -1.18 -48.12
C GLU J 290 12.91 -0.20 -48.87
N LYS J 291 13.48 0.79 -48.18
CA LYS J 291 14.42 1.73 -48.78
C LYS J 291 15.72 1.05 -49.21
N LEU J 292 16.11 -0.04 -48.55
CA LEU J 292 17.29 -0.83 -48.95
C LEU J 292 17.06 -1.63 -50.23
N LEU J 293 15.79 -1.92 -50.58
CA LEU J 293 15.45 -2.84 -51.66
C LEU J 293 14.97 -2.12 -52.93
N THR J 294 15.22 -0.82 -53.05
CA THR J 294 14.68 0.00 -54.14
C THR J 294 15.35 -0.32 -55.49
N SER J 295 16.57 -0.89 -55.46
CA SER J 295 17.31 -1.26 -56.66
C SER J 295 16.73 -2.50 -57.36
N HIS J 296 16.08 -3.39 -56.59
CA HIS J 296 15.61 -4.67 -57.10
C HIS J 296 14.35 -4.53 -57.96
N LYS J 297 14.14 -5.52 -58.84
CA LYS J 297 12.97 -5.59 -59.68
C LYS J 297 11.80 -6.13 -58.84
N ARG J 298 10.60 -5.60 -59.10
CA ARG J 298 9.44 -5.82 -58.24
C ARG J 298 8.45 -6.82 -58.84
N LEU J 299 7.78 -7.57 -57.94
CA LEU J 299 6.72 -8.50 -58.31
C LEU J 299 5.58 -8.31 -57.31
N VAL J 300 4.50 -7.66 -57.77
CA VAL J 300 3.40 -7.27 -56.92
C VAL J 300 2.43 -8.45 -56.78
N MET J 301 2.24 -8.94 -55.56
CA MET J 301 1.36 -10.07 -55.32
C MET J 301 -0.01 -9.62 -54.86
N LYS J 302 -0.98 -10.49 -55.11
CA LYS J 302 -2.37 -10.30 -54.68
C LYS J 302 -2.42 -10.56 -53.18
N ASP J 303 -3.31 -9.84 -52.47
CA ASP J 303 -3.32 -9.81 -51.02
C ASP J 303 -3.59 -11.20 -50.40
N SER J 304 -4.34 -12.05 -51.13
CA SER J 304 -4.59 -13.43 -50.74
C SER J 304 -3.32 -14.30 -50.70
N ALA J 305 -2.39 -14.04 -51.63
CA ALA J 305 -1.16 -14.81 -51.76
C ALA J 305 -0.08 -14.42 -50.75
N VAL J 306 -0.26 -13.31 -50.02
CA VAL J 306 0.83 -12.73 -49.25
C VAL J 306 1.20 -13.67 -48.10
N ASN J 307 0.22 -14.05 -47.27
CA ASN J 307 0.53 -14.81 -46.07
C ASN J 307 0.98 -16.24 -46.41
N ALA J 308 0.51 -16.80 -47.52
CA ALA J 308 1.00 -18.07 -48.04
C ALA J 308 2.52 -18.04 -48.20
N ILE J 309 3.03 -16.99 -48.85
CA ILE J 309 4.46 -16.83 -49.10
C ILE J 309 5.22 -16.62 -47.78
N CYS J 310 4.64 -15.91 -46.83
CA CYS J 310 5.24 -15.76 -45.50
C CYS J 310 5.39 -17.10 -44.75
N TYR J 311 4.49 -18.05 -44.99
CA TYR J 311 4.54 -19.38 -44.40
C TYR J 311 5.46 -20.34 -45.16
N GLY J 312 6.03 -19.92 -46.29
CA GLY J 312 6.99 -20.71 -47.05
C GLY J 312 6.37 -21.45 -48.23
N ALA J 313 5.43 -20.81 -48.91
CA ALA J 313 4.81 -21.38 -50.10
C ALA J 313 5.64 -21.02 -51.32
N LYS J 314 5.33 -21.65 -52.45
CA LYS J 314 5.89 -21.25 -53.73
C LYS J 314 5.13 -20.03 -54.26
N ILE J 315 5.85 -19.13 -54.94
CA ILE J 315 5.26 -17.94 -55.53
C ILE J 315 4.72 -18.33 -56.90
N MET J 316 3.44 -18.72 -56.92
CA MET J 316 2.77 -19.24 -58.10
C MET J 316 2.07 -18.12 -58.88
N LEU J 317 1.71 -18.41 -60.14
CA LEU J 317 1.27 -17.40 -61.11
C LEU J 317 -0.12 -16.82 -60.79
N PRO J 318 -1.10 -17.60 -60.26
CA PRO J 318 -2.42 -17.06 -59.94
C PRO J 318 -2.46 -15.80 -59.07
N GLY J 319 -1.42 -15.53 -58.28
CA GLY J 319 -1.42 -14.41 -57.36
C GLY J 319 -0.60 -13.21 -57.85
N VAL J 320 -0.04 -13.24 -59.07
CA VAL J 320 0.72 -12.11 -59.58
C VAL J 320 -0.25 -11.08 -60.14
N LEU J 321 -0.23 -9.85 -59.59
CA LEU J 321 -0.96 -8.72 -60.13
C LEU J 321 -0.11 -7.99 -61.16
N ARG J 322 1.11 -7.60 -60.75
CA ARG J 322 2.02 -6.84 -61.58
C ARG J 322 3.44 -7.38 -61.47
N TYR J 323 4.24 -7.06 -62.50
CA TYR J 323 5.61 -7.54 -62.62
C TYR J 323 6.41 -6.55 -63.44
N GLU J 324 7.66 -6.31 -63.03
CA GLU J 324 8.49 -5.27 -63.64
C GLU J 324 9.12 -5.78 -64.93
N ASP J 325 9.51 -4.82 -65.77
CA ASP J 325 10.21 -5.10 -67.03
C ASP J 325 11.63 -5.54 -66.73
N GLY J 326 12.13 -6.50 -67.52
CA GLY J 326 13.51 -6.94 -67.48
C GLY J 326 13.85 -7.88 -66.32
N ILE J 327 12.87 -8.69 -65.88
CA ILE J 327 13.14 -9.79 -64.96
C ILE J 327 13.75 -10.94 -65.78
N GLU J 328 14.86 -11.50 -65.28
CA GLU J 328 15.56 -12.59 -65.93
C GLU J 328 15.62 -13.79 -64.99
N VAL J 329 16.01 -14.95 -65.52
CA VAL J 329 16.04 -16.19 -64.75
C VAL J 329 17.23 -16.15 -63.78
N ASN J 330 17.00 -16.65 -62.56
CA ASN J 330 17.96 -16.63 -61.47
C ASN J 330 18.31 -15.22 -60.99
N GLN J 331 17.44 -14.23 -61.26
CA GLN J 331 17.66 -12.86 -60.81
C GLN J 331 17.00 -12.67 -59.44
N GLU J 332 17.67 -11.92 -58.56
CA GLU J 332 17.11 -11.60 -57.24
C GLU J 332 16.06 -10.50 -57.40
N ILE J 333 14.80 -10.81 -57.03
CA ILE J 333 13.69 -9.88 -57.11
C ILE J 333 13.09 -9.66 -55.72
N VAL J 334 12.47 -8.48 -55.53
CA VAL J 334 11.72 -8.20 -54.33
C VAL J 334 10.24 -8.44 -54.64
N VAL J 335 9.57 -9.19 -53.74
CA VAL J 335 8.16 -9.50 -53.90
C VAL J 335 7.42 -8.61 -52.92
N ILE J 336 6.47 -7.80 -53.44
CA ILE J 336 5.83 -6.76 -52.66
C ILE J 336 4.30 -6.92 -52.68
N THR J 337 3.66 -6.28 -51.68
CA THR J 337 2.21 -6.21 -51.60
C THR J 337 1.75 -5.02 -52.45
N THR J 338 0.43 -4.86 -52.55
CA THR J 338 -0.18 -3.72 -53.24
C THR J 338 0.03 -2.43 -52.47
N LYS J 339 0.23 -2.52 -51.13
CA LYS J 339 0.53 -1.36 -50.30
C LYS J 339 1.99 -0.92 -50.35
N GLY J 340 2.87 -1.73 -50.95
CA GLY J 340 4.28 -1.40 -51.11
C GLY J 340 5.17 -2.00 -50.03
N GLU J 341 4.65 -2.90 -49.17
CA GLU J 341 5.45 -3.64 -48.21
C GLU J 341 6.22 -4.75 -48.93
N ALA J 342 7.45 -5.01 -48.48
CA ALA J 342 8.25 -6.12 -48.96
C ALA J 342 7.82 -7.40 -48.23
N ILE J 343 7.44 -8.42 -49.01
CA ILE J 343 7.07 -9.73 -48.49
C ILE J 343 8.34 -10.55 -48.32
N CYS J 344 9.11 -10.68 -49.40
CA CYS J 344 10.31 -11.50 -49.41
C CYS J 344 11.25 -11.14 -50.56
N MET J 345 12.53 -11.49 -50.38
CA MET J 345 13.48 -11.54 -51.48
C MET J 345 13.31 -12.90 -52.13
N ALA J 346 13.39 -12.95 -53.46
CA ALA J 346 13.07 -14.18 -54.18
C ALA J 346 13.90 -14.29 -55.44
N ILE J 347 14.05 -15.54 -55.90
CA ILE J 347 14.79 -15.85 -57.12
C ILE J 347 13.78 -16.11 -58.22
N ALA J 348 13.89 -15.34 -59.32
CA ALA J 348 12.95 -15.43 -60.42
C ALA J 348 13.25 -16.67 -61.26
N LEU J 349 12.22 -17.51 -61.46
CA LEU J 349 12.33 -18.70 -62.31
C LEU J 349 11.81 -18.43 -63.72
N MET J 350 10.91 -17.45 -63.86
CA MET J 350 10.35 -17.06 -65.16
C MET J 350 10.90 -15.68 -65.53
N THR J 351 11.08 -15.46 -66.85
CA THR J 351 11.42 -14.15 -67.40
C THR J 351 10.15 -13.30 -67.44
N THR J 352 10.30 -11.98 -67.63
CA THR J 352 9.18 -11.06 -67.86
C THR J 352 8.29 -11.54 -69.01
N ALA J 353 8.90 -11.91 -70.14
CA ALA J 353 8.19 -12.40 -71.32
C ALA J 353 7.40 -13.69 -71.05
N VAL J 354 7.92 -14.57 -70.19
CA VAL J 354 7.26 -15.82 -69.86
C VAL J 354 6.04 -15.57 -68.96
N ILE J 355 6.17 -14.67 -67.97
CA ILE J 355 5.08 -14.32 -67.06
C ILE J 355 3.90 -13.74 -67.85
N SER J 356 4.19 -12.92 -68.87
CA SER J 356 3.16 -12.28 -69.69
C SER J 356 2.34 -13.28 -70.52
N THR J 357 2.94 -14.43 -70.92
CA THR J 357 2.32 -15.35 -71.88
C THR J 357 1.82 -16.68 -71.30
N CYS J 358 2.41 -17.15 -70.18
CA CYS J 358 2.10 -18.46 -69.64
C CYS J 358 0.76 -18.48 -68.90
N ASP J 359 0.19 -19.70 -68.75
CA ASP J 359 -1.12 -19.90 -68.14
C ASP J 359 -1.01 -20.21 -66.64
N HIS J 360 0.03 -20.97 -66.26
CA HIS J 360 0.28 -21.37 -64.89
C HIS J 360 1.77 -21.55 -64.65
N GLY J 361 2.15 -21.84 -63.41
CA GLY J 361 3.52 -22.18 -63.06
C GLY J 361 4.02 -21.45 -61.83
N ILE J 362 5.28 -21.74 -61.47
CA ILE J 362 5.98 -21.10 -60.38
C ILE J 362 6.79 -19.94 -60.96
N VAL J 363 6.47 -18.72 -60.50
CA VAL J 363 7.08 -17.48 -60.97
C VAL J 363 8.43 -17.29 -60.29
N ALA J 364 8.47 -17.57 -58.98
CA ALA J 364 9.71 -17.43 -58.23
C ALA J 364 9.70 -18.36 -57.02
N LYS J 365 10.89 -18.51 -56.41
CA LYS J 365 11.01 -19.21 -55.14
C LYS J 365 11.63 -18.26 -54.13
N ILE J 366 11.27 -18.49 -52.86
CA ILE J 366 11.71 -17.64 -51.76
C ILE J 366 13.22 -17.79 -51.55
N LYS J 367 13.89 -16.66 -51.30
CA LYS J 367 15.25 -16.60 -50.82
C LYS J 367 15.24 -16.29 -49.33
N ARG J 368 14.54 -15.22 -48.94
CA ARG J 368 14.43 -14.84 -47.55
C ARG J 368 13.10 -14.11 -47.32
N VAL J 369 12.29 -14.64 -46.40
CA VAL J 369 11.03 -14.03 -46.02
C VAL J 369 11.31 -12.88 -45.06
N ILE J 370 10.84 -11.68 -45.44
CA ILE J 370 11.04 -10.47 -44.65
C ILE J 370 9.84 -10.27 -43.72
N MET J 371 8.62 -10.30 -44.31
CA MET J 371 7.38 -10.00 -43.62
C MET J 371 7.04 -11.08 -42.59
N GLU J 372 6.41 -10.65 -41.48
CA GLU J 372 5.99 -11.55 -40.43
C GLU J 372 4.83 -12.43 -40.88
N ARG J 373 4.66 -13.57 -40.20
CA ARG J 373 3.51 -14.42 -40.39
C ARG J 373 2.30 -13.80 -39.70
N ASP J 374 1.14 -13.90 -40.35
CA ASP J 374 -0.12 -13.33 -39.90
C ASP J 374 -0.11 -11.79 -39.82
N THR J 375 0.70 -11.13 -40.66
CA THR J 375 0.54 -9.70 -40.94
C THR J 375 -0.72 -9.55 -41.78
N TYR J 376 -0.75 -10.32 -42.88
CA TYR J 376 -1.93 -10.51 -43.68
C TYR J 376 -2.62 -11.80 -43.25
N PRO J 377 -3.95 -11.94 -43.39
CA PRO J 377 -4.64 -13.15 -42.98
C PRO J 377 -4.37 -14.36 -43.88
N ARG J 378 -4.81 -15.52 -43.39
CA ARG J 378 -4.43 -16.83 -43.92
C ARG J 378 -5.48 -17.28 -44.93
N LYS J 379 -5.19 -17.04 -46.22
CA LYS J 379 -6.25 -17.12 -47.25
C LYS J 379 -5.81 -17.95 -48.45
N TRP J 380 -5.31 -19.15 -48.15
CA TRP J 380 -4.99 -20.15 -49.17
C TRP J 380 -5.94 -21.34 -49.02
N GLY J 381 -6.24 -21.97 -50.17
CA GLY J 381 -7.15 -23.12 -50.23
C GLY J 381 -8.61 -22.72 -50.36
N LEU J 382 -8.87 -21.43 -50.66
CA LEU J 382 -10.21 -20.90 -50.88
C LEU J 382 -10.53 -20.77 -52.37
N GLY J 383 -9.52 -20.89 -53.25
CA GLY J 383 -9.70 -20.69 -54.67
C GLY J 383 -10.59 -21.70 -55.38
N PRO J 384 -10.89 -21.51 -56.68
CA PRO J 384 -11.65 -22.49 -57.45
C PRO J 384 -10.94 -23.84 -57.62
N LYS J 385 -9.71 -23.80 -58.14
CA LYS J 385 -8.93 -24.99 -58.44
C LYS J 385 -8.43 -25.67 -57.16
N ALA J 386 -8.08 -24.88 -56.13
CA ALA J 386 -7.71 -25.40 -54.82
C ALA J 386 -8.89 -26.07 -54.11
N SER J 387 -10.08 -25.46 -54.20
CA SER J 387 -11.30 -26.03 -53.63
C SER J 387 -11.73 -27.31 -54.35
N GLN J 388 -11.50 -27.36 -55.67
CA GLN J 388 -11.74 -28.56 -56.48
C GLN J 388 -10.88 -29.73 -55.99
N LYS J 389 -9.60 -29.47 -55.75
CA LYS J 389 -8.67 -30.48 -55.25
C LYS J 389 -9.05 -30.97 -53.84
N LYS J 390 -9.45 -30.06 -52.95
CA LYS J 390 -9.96 -30.42 -51.63
C LYS J 390 -11.22 -31.30 -51.68
N LEU J 391 -12.13 -31.00 -52.62
CA LEU J 391 -13.36 -31.77 -52.81
C LEU J 391 -13.04 -33.21 -53.26
N MET J 392 -12.13 -33.36 -54.23
CA MET J 392 -11.73 -34.66 -54.75
C MET J 392 -11.00 -35.52 -53.71
N ILE J 393 -10.27 -34.89 -52.78
CA ILE J 393 -9.64 -35.59 -51.65
C ILE J 393 -10.70 -36.06 -50.66
N LYS J 394 -11.73 -35.24 -50.42
CA LYS J 394 -12.87 -35.62 -49.59
C LYS J 394 -13.69 -36.74 -50.21
N GLN J 395 -13.84 -36.75 -51.55
CA GLN J 395 -14.58 -37.78 -52.28
C GLN J 395 -13.79 -39.08 -52.47
N GLY J 396 -12.48 -39.11 -52.16
CA GLY J 396 -11.65 -40.28 -52.34
C GLY J 396 -11.25 -40.50 -53.80
N LEU J 397 -11.31 -39.44 -54.62
CA LEU J 397 -10.90 -39.50 -56.02
C LEU J 397 -9.39 -39.28 -56.11
N LEU J 398 -8.84 -38.44 -55.21
CA LEU J 398 -7.41 -38.34 -54.95
C LEU J 398 -7.10 -38.93 -53.57
N ASP J 399 -5.83 -39.23 -53.32
CA ASP J 399 -5.37 -39.77 -52.04
C ASP J 399 -5.30 -38.64 -51.00
N LYS J 400 -5.11 -39.00 -49.72
CA LYS J 400 -5.07 -38.03 -48.62
C LYS J 400 -3.98 -36.97 -48.80
N HIS J 401 -2.86 -37.33 -49.48
CA HIS J 401 -1.77 -36.40 -49.77
C HIS J 401 -1.88 -35.77 -51.17
N GLY J 402 -3.10 -35.69 -51.73
CA GLY J 402 -3.36 -34.94 -52.95
C GLY J 402 -2.78 -35.55 -54.22
N LYS J 403 -2.42 -36.84 -54.20
CA LYS J 403 -1.81 -37.50 -55.34
C LYS J 403 -2.86 -38.25 -56.16
N PRO J 404 -2.68 -38.43 -57.50
CA PRO J 404 -3.64 -39.15 -58.33
C PRO J 404 -3.91 -40.62 -57.96
N THR J 405 -5.00 -41.14 -58.55
CA THR J 405 -5.40 -42.55 -58.46
C THR J 405 -5.71 -43.05 -59.87
N ASP J 406 -6.05 -44.34 -59.98
CA ASP J 406 -6.53 -44.93 -61.23
C ASP J 406 -7.90 -44.37 -61.63
N SER J 407 -8.73 -43.99 -60.64
CA SER J 407 -10.11 -43.54 -60.84
C SER J 407 -10.22 -42.08 -61.28
N THR J 408 -9.12 -41.29 -61.26
CA THR J 408 -9.17 -39.88 -61.62
C THR J 408 -9.60 -39.67 -63.07
N PRO J 409 -10.49 -38.68 -63.36
CA PRO J 409 -10.76 -38.28 -64.74
C PRO J 409 -9.52 -37.87 -65.53
N ALA J 410 -9.50 -38.23 -66.82
CA ALA J 410 -8.40 -37.90 -67.73
C ALA J 410 -8.26 -36.39 -67.95
N THR J 411 -9.35 -35.61 -67.77
CA THR J 411 -9.32 -34.16 -67.87
C THR J 411 -8.46 -33.56 -66.76
N TRP J 412 -8.72 -33.95 -65.50
CA TRP J 412 -7.95 -33.49 -64.36
C TRP J 412 -6.51 -33.98 -64.42
N LYS J 413 -6.32 -35.28 -64.70
CA LYS J 413 -5.01 -35.93 -64.69
C LYS J 413 -4.07 -35.31 -65.74
N GLN J 414 -4.62 -34.93 -66.91
CA GLN J 414 -3.84 -34.30 -67.98
C GLN J 414 -3.58 -32.83 -67.67
N GLU J 415 -4.61 -32.07 -67.28
CA GLU J 415 -4.54 -30.62 -67.13
C GLU J 415 -3.72 -30.20 -65.90
N TYR J 416 -4.01 -30.79 -64.73
CA TYR J 416 -3.43 -30.36 -63.47
C TYR J 416 -1.95 -30.72 -63.40
N VAL J 417 -1.08 -29.75 -63.74
CA VAL J 417 0.36 -29.90 -63.66
C VAL J 417 0.78 -29.72 -62.20
N ASP J 418 0.89 -30.83 -61.46
CA ASP J 418 1.34 -30.80 -60.08
C ASP J 418 2.81 -30.39 -60.05
N TYR J 419 3.14 -29.33 -59.29
CA TYR J 419 4.48 -28.75 -59.28
C TYR J 419 5.47 -29.56 -58.45
N SER J 420 4.99 -30.37 -57.49
CA SER J 420 5.83 -31.30 -56.74
C SER J 420 6.52 -32.32 -57.67
N GLU J 421 5.80 -32.76 -58.72
CA GLU J 421 6.33 -33.57 -59.81
C GLU J 421 6.87 -34.94 -59.32
N PRO K 66 66.38 -29.99 -45.58
CA PRO K 66 66.94 -29.89 -46.96
C PRO K 66 65.95 -30.45 -47.98
N PRO K 67 65.68 -29.74 -49.11
CA PRO K 67 64.72 -30.20 -50.09
C PRO K 67 65.25 -31.32 -50.97
N GLU K 68 64.32 -32.16 -51.47
CA GLU K 68 64.66 -33.24 -52.40
C GLU K 68 64.96 -32.65 -53.78
N ARG K 69 64.04 -31.80 -54.25
CA ARG K 69 64.17 -31.05 -55.50
C ARG K 69 63.51 -29.68 -55.34
N VAL K 70 63.88 -28.72 -56.20
CA VAL K 70 63.36 -27.36 -56.13
C VAL K 70 62.88 -26.86 -57.49
N VAL K 71 61.82 -26.04 -57.45
CA VAL K 71 61.18 -25.42 -58.61
C VAL K 71 61.21 -23.90 -58.39
N LEU K 72 61.26 -23.14 -59.50
CA LEU K 72 61.33 -21.69 -59.45
C LEU K 72 60.22 -21.09 -58.57
N LEU K 73 60.58 -20.12 -57.73
CA LEU K 73 59.63 -19.45 -56.83
C LEU K 73 59.29 -18.07 -57.38
N GLY K 74 60.33 -17.30 -57.74
CA GLY K 74 60.16 -15.97 -58.31
C GLY K 74 61.51 -15.25 -58.47
N GLU K 75 61.46 -14.04 -59.06
CA GLU K 75 62.66 -13.23 -59.30
C GLU K 75 62.69 -12.06 -58.31
N PHE K 76 63.90 -11.52 -58.10
CA PHE K 76 64.12 -10.43 -57.15
C PHE K 76 63.55 -9.11 -57.66
N LEU K 77 62.75 -8.47 -56.80
CA LEU K 77 62.35 -7.08 -56.95
C LEU K 77 63.01 -6.30 -55.81
N HIS K 78 62.91 -4.97 -55.88
CA HIS K 78 63.49 -4.05 -54.91
C HIS K 78 63.22 -4.44 -53.45
N PRO K 79 64.17 -4.21 -52.52
CA PRO K 79 64.05 -4.67 -51.15
C PRO K 79 63.10 -3.82 -50.32
N CYS K 80 62.71 -4.35 -49.15
CA CYS K 80 61.94 -3.62 -48.16
C CYS K 80 62.67 -3.66 -46.81
N GLU K 81 62.03 -3.10 -45.76
CA GLU K 81 62.59 -3.06 -44.42
C GLU K 81 62.71 -4.47 -43.85
N ASP K 82 63.94 -5.03 -43.86
CA ASP K 82 64.26 -6.35 -43.33
C ASP K 82 63.60 -7.51 -44.09
N ASP K 83 63.18 -7.29 -45.34
CA ASP K 83 62.56 -8.28 -46.19
C ASP K 83 62.97 -8.02 -47.64
N ILE K 84 62.77 -9.01 -48.52
CA ILE K 84 62.91 -8.83 -49.96
C ILE K 84 61.58 -9.15 -50.65
N VAL K 85 61.07 -8.20 -51.43
CA VAL K 85 59.87 -8.40 -52.23
C VAL K 85 60.27 -9.01 -53.57
N CYS K 86 59.48 -9.99 -54.03
CA CYS K 86 59.80 -10.77 -55.22
C CYS K 86 58.55 -10.97 -56.06
N LYS K 87 58.67 -10.80 -57.38
CA LYS K 87 57.57 -11.05 -58.31
C LYS K 87 57.53 -12.55 -58.61
N CYS K 88 56.36 -13.17 -58.44
CA CYS K 88 56.20 -14.59 -58.66
C CYS K 88 56.13 -14.90 -60.17
N THR K 89 56.89 -15.93 -60.59
CA THR K 89 56.92 -16.41 -61.96
C THR K 89 56.86 -17.94 -61.98
N THR K 90 56.05 -18.52 -61.07
CA THR K 90 55.93 -19.97 -60.93
C THR K 90 55.16 -20.55 -62.11
N ASP K 91 55.46 -21.81 -62.45
CA ASP K 91 54.83 -22.50 -63.57
C ASP K 91 53.34 -22.73 -63.28
N GLU K 92 52.49 -22.34 -64.24
CA GLU K 92 51.03 -22.35 -64.10
C GLU K 92 50.55 -21.43 -62.96
N ASN K 93 51.33 -20.38 -62.64
CA ASN K 93 50.97 -19.38 -61.63
C ASN K 93 50.78 -19.98 -60.24
N LYS K 94 51.40 -21.13 -59.90
CA LYS K 94 51.09 -21.82 -58.66
C LYS K 94 51.58 -21.05 -57.43
N VAL K 95 50.72 -20.97 -56.40
CA VAL K 95 50.91 -20.11 -55.25
C VAL K 95 51.71 -20.86 -54.19
N PRO K 96 52.75 -20.22 -53.59
CA PRO K 96 53.50 -20.84 -52.50
C PRO K 96 52.74 -20.87 -51.17
N TYR K 97 53.11 -21.83 -50.32
CA TYR K 97 52.50 -21.99 -49.01
C TYR K 97 53.09 -20.93 -48.08
N PHE K 98 52.34 -20.58 -47.02
CA PHE K 98 52.83 -19.68 -45.98
C PHE K 98 54.01 -20.32 -45.23
N ASN K 99 55.00 -19.49 -44.86
CA ASN K 99 56.13 -19.90 -44.02
C ASN K 99 57.01 -20.96 -44.72
N ALA K 100 57.02 -20.99 -46.06
CA ALA K 100 57.75 -21.98 -46.82
C ALA K 100 59.18 -21.48 -47.05
N PRO K 101 60.21 -22.37 -46.95
CA PRO K 101 61.59 -21.96 -47.15
C PRO K 101 61.94 -21.62 -48.60
N VAL K 102 62.58 -20.46 -48.81
CA VAL K 102 63.03 -20.00 -50.11
C VAL K 102 64.51 -20.34 -50.29
N TYR K 103 64.86 -20.84 -51.48
CA TYR K 103 66.21 -21.33 -51.77
C TYR K 103 66.83 -20.61 -52.96
N LEU K 104 68.18 -20.64 -53.01
CA LEU K 104 68.97 -20.23 -54.17
C LEU K 104 69.02 -21.38 -55.18
N GLU K 105 69.67 -21.16 -56.33
CA GLU K 105 69.89 -22.17 -57.36
C GLU K 105 70.65 -23.39 -56.85
N ASN K 106 71.51 -23.21 -55.82
CA ASN K 106 72.31 -24.29 -55.24
C ASN K 106 71.65 -24.93 -54.01
N LYS K 107 70.34 -24.75 -53.82
CA LYS K 107 69.57 -25.29 -52.70
C LYS K 107 70.05 -24.75 -51.35
N GLU K 108 70.53 -23.49 -51.31
CA GLU K 108 70.93 -22.82 -50.08
C GLU K 108 69.81 -21.87 -49.68
N GLN K 109 69.26 -22.04 -48.46
CA GLN K 109 68.06 -21.32 -48.05
C GLN K 109 68.38 -19.84 -47.78
N ILE K 110 67.61 -18.96 -48.42
CA ILE K 110 67.74 -17.51 -48.26
C ILE K 110 66.91 -17.05 -47.07
N GLY K 111 65.63 -17.48 -47.03
CA GLY K 111 64.70 -17.02 -46.03
C GLY K 111 63.42 -17.87 -45.95
N LYS K 112 62.30 -17.22 -45.64
CA LYS K 112 61.01 -17.86 -45.48
C LYS K 112 59.93 -16.88 -45.95
N VAL K 113 58.89 -17.41 -46.64
CA VAL K 113 57.85 -16.58 -47.23
C VAL K 113 56.84 -16.21 -46.13
N ASP K 114 56.67 -14.90 -45.88
CA ASP K 114 55.79 -14.40 -44.82
C ASP K 114 54.47 -13.85 -45.35
N GLU K 115 54.50 -13.03 -46.43
CA GLU K 115 53.31 -12.38 -46.99
C GLU K 115 53.28 -12.60 -48.50
N ILE K 116 52.06 -12.73 -49.05
CA ILE K 116 51.83 -12.96 -50.47
C ILE K 116 50.68 -12.04 -50.90
N PHE K 117 50.88 -11.29 -51.98
CA PHE K 117 49.96 -10.21 -52.35
C PHE K 117 50.01 -9.91 -53.86
N GLY K 118 48.96 -9.19 -54.31
CA GLY K 118 48.80 -8.81 -55.72
C GLY K 118 47.71 -9.63 -56.39
N GLN K 119 47.57 -9.41 -57.71
CA GLN K 119 46.49 -10.00 -58.49
C GLN K 119 46.69 -11.51 -58.63
N LEU K 120 45.59 -12.25 -58.88
CA LEU K 120 45.62 -13.72 -58.94
C LEU K 120 46.54 -14.25 -60.04
N ARG K 121 46.60 -13.59 -61.20
CA ARG K 121 47.42 -14.04 -62.32
C ARG K 121 48.88 -13.66 -62.10
N ASP K 122 49.13 -12.37 -61.84
CA ASP K 122 50.47 -11.85 -61.55
C ASP K 122 50.53 -11.33 -60.13
N PHE K 123 51.27 -12.03 -59.25
CA PHE K 123 51.34 -11.69 -57.83
C PHE K 123 52.79 -11.68 -57.33
N TYR K 124 52.96 -11.10 -56.14
CA TYR K 124 54.25 -10.88 -55.51
C TYR K 124 54.31 -11.66 -54.21
N PHE K 125 55.53 -11.79 -53.67
CA PHE K 125 55.73 -12.41 -52.36
C PHE K 125 56.95 -11.81 -51.68
N SER K 126 56.80 -11.53 -50.38
CA SER K 126 57.89 -11.04 -49.55
C SER K 126 58.52 -12.22 -48.82
N VAL K 127 59.84 -12.13 -48.63
CA VAL K 127 60.61 -13.21 -48.00
C VAL K 127 61.27 -12.66 -46.73
N LYS K 128 60.89 -13.22 -45.58
CA LYS K 128 61.59 -12.96 -44.32
C LYS K 128 62.94 -13.66 -44.38
N LEU K 129 64.02 -12.85 -44.45
CA LEU K 129 65.36 -13.38 -44.67
C LEU K 129 65.86 -14.15 -43.45
N SER K 130 66.73 -15.15 -43.72
CA SER K 130 67.48 -15.83 -42.67
C SER K 130 68.53 -14.86 -42.11
N GLU K 131 68.95 -15.12 -40.86
CA GLU K 131 69.78 -14.19 -40.08
C GLU K 131 71.11 -13.82 -40.76
N ASN K 132 71.67 -14.73 -41.57
CA ASN K 132 72.94 -14.51 -42.26
C ASN K 132 72.81 -13.53 -43.43
N MET K 133 71.67 -13.53 -44.14
CA MET K 133 71.50 -12.77 -45.37
C MET K 133 71.15 -11.31 -45.10
N LYS K 134 71.36 -10.46 -46.13
CA LYS K 134 71.03 -9.05 -46.11
C LYS K 134 70.29 -8.68 -47.40
N ALA K 135 69.34 -7.74 -47.29
CA ALA K 135 68.41 -7.41 -48.37
C ALA K 135 69.09 -6.70 -49.54
N SER K 136 70.13 -5.90 -49.26
CA SER K 136 70.80 -5.09 -50.28
C SER K 136 71.68 -5.91 -51.23
N SER K 137 72.08 -7.12 -50.82
CA SER K 137 73.09 -7.92 -51.52
C SER K 137 72.57 -8.52 -52.83
N PHE K 138 71.26 -8.75 -52.97
CA PHE K 138 70.72 -9.50 -54.11
C PHE K 138 70.64 -8.64 -55.37
N LYS K 139 70.94 -9.25 -56.52
CA LYS K 139 71.02 -8.56 -57.81
C LYS K 139 69.64 -8.47 -58.45
N LYS K 140 69.54 -7.61 -59.49
CA LYS K 140 68.30 -7.36 -60.18
C LYS K 140 67.90 -8.59 -61.02
N LEU K 141 66.65 -9.04 -60.86
CA LEU K 141 66.07 -10.20 -61.53
C LEU K 141 66.81 -11.51 -61.19
N GLN K 142 67.34 -11.61 -59.96
CA GLN K 142 67.94 -12.84 -59.46
C GLN K 142 66.83 -13.83 -59.07
N LYS K 143 66.95 -15.08 -59.54
CA LYS K 143 65.89 -16.08 -59.42
C LYS K 143 65.98 -16.85 -58.09
N PHE K 144 64.80 -17.22 -57.54
CA PHE K 144 64.69 -17.91 -56.27
C PHE K 144 63.77 -19.13 -56.42
N TYR K 145 63.92 -20.12 -55.51
CA TYR K 145 63.33 -21.45 -55.68
C TYR K 145 62.64 -21.95 -54.40
N ILE K 146 61.77 -22.96 -54.57
CA ILE K 146 61.03 -23.62 -53.50
C ILE K 146 60.89 -25.10 -53.85
N ASP K 147 60.70 -25.97 -52.84
CA ASP K 147 60.32 -27.36 -53.07
C ASP K 147 58.92 -27.42 -53.68
N PRO K 148 58.67 -28.31 -54.68
CA PRO K 148 57.38 -28.35 -55.37
C PRO K 148 56.18 -28.77 -54.50
N TYR K 149 56.43 -29.45 -53.38
CA TYR K 149 55.39 -29.88 -52.46
C TYR K 149 54.75 -28.75 -51.65
N LYS K 150 55.40 -27.57 -51.57
CA LYS K 150 54.82 -26.36 -50.96
C LYS K 150 54.40 -25.36 -52.04
N LEU K 151 53.63 -25.85 -53.03
CA LEU K 151 52.97 -25.03 -54.04
C LEU K 151 51.52 -25.47 -54.13
N LEU K 152 50.64 -24.54 -54.54
CA LEU K 152 49.20 -24.79 -54.65
C LEU K 152 48.68 -24.24 -55.97
N PRO K 153 47.65 -24.87 -56.59
CA PRO K 153 47.07 -24.35 -57.83
C PRO K 153 46.13 -23.17 -57.60
N LEU K 154 45.93 -22.34 -58.64
CA LEU K 154 44.96 -21.24 -58.65
C LEU K 154 43.51 -21.72 -58.43
N GLN K 155 43.19 -22.94 -58.91
CA GLN K 155 41.84 -23.48 -58.86
C GLN K 155 41.30 -23.66 -57.43
N ARG K 156 42.17 -23.72 -56.42
CA ARG K 156 41.73 -23.75 -55.02
C ARG K 156 41.13 -22.40 -54.61
N PHE K 157 41.78 -21.29 -55.03
CA PHE K 157 41.43 -19.94 -54.61
C PHE K 157 40.44 -19.27 -55.59
N LEU K 158 40.56 -19.57 -56.89
CA LEU K 158 39.87 -18.84 -57.96
C LEU K 158 38.33 -18.84 -57.85
N PRO K 159 37.64 -20.02 -57.70
CA PRO K 159 36.18 -20.05 -57.84
C PRO K 159 35.40 -19.35 -56.72
N THR L 23 41.57 40.72 -39.55
CA THR L 23 41.28 39.26 -39.60
C THR L 23 39.91 38.92 -39.02
N TYR L 24 39.43 39.66 -37.99
CA TYR L 24 38.21 39.32 -37.26
C TYR L 24 37.00 39.14 -38.19
N GLN L 25 36.83 40.07 -39.15
CA GLN L 25 35.72 40.05 -40.09
C GLN L 25 35.80 38.85 -41.04
N GLU L 26 37.02 38.40 -41.37
CA GLU L 26 37.26 37.22 -42.20
C GLU L 26 36.82 35.92 -41.49
N LEU L 27 36.96 35.86 -40.16
CA LEU L 27 36.62 34.69 -39.36
C LEU L 27 35.11 34.43 -39.32
N LEU L 28 34.27 35.44 -39.63
CA LEU L 28 32.82 35.26 -39.74
C LEU L 28 32.38 34.30 -40.86
N VAL L 29 33.25 34.12 -41.88
CA VAL L 29 32.99 33.17 -42.97
C VAL L 29 33.07 31.72 -42.46
N ASN L 30 33.99 31.45 -41.52
CA ASN L 30 34.20 30.11 -40.96
C ASN L 30 33.18 29.70 -39.89
N GLN L 31 32.18 30.56 -39.59
CA GLN L 31 31.41 30.43 -38.36
C GLN L 31 30.41 29.26 -38.39
N ASN L 32 29.95 28.95 -37.17
CA ASN L 32 29.11 27.81 -36.83
C ASN L 32 27.65 28.28 -36.73
N PRO L 33 26.63 27.45 -37.12
CA PRO L 33 25.23 27.81 -37.00
C PRO L 33 24.75 28.27 -35.62
N ILE L 34 25.27 27.65 -34.54
CA ILE L 34 24.83 27.94 -33.18
C ILE L 34 25.72 28.94 -32.45
N ALA L 35 26.71 29.55 -33.11
CA ALA L 35 27.71 30.38 -32.45
C ALA L 35 27.22 31.82 -32.25
N GLN L 36 26.25 31.99 -31.34
CA GLN L 36 25.73 33.29 -30.93
C GLN L 36 25.33 33.20 -29.46
N PRO L 37 25.55 34.23 -28.61
CA PRO L 37 26.06 35.55 -29.01
C PRO L 37 27.57 35.59 -29.25
N LEU L 38 27.96 36.08 -30.44
CA LEU L 38 29.36 36.20 -30.82
C LEU L 38 29.93 37.46 -30.18
N ALA L 39 31.14 37.34 -29.61
CA ALA L 39 31.84 38.48 -29.02
C ALA L 39 32.31 39.42 -30.12
N SER L 40 32.28 40.72 -29.84
CA SER L 40 32.75 41.75 -30.77
C SER L 40 34.28 41.68 -30.87
N ARG L 41 34.83 42.41 -31.86
CA ARG L 41 36.27 42.47 -32.09
C ARG L 41 37.03 42.93 -30.84
N ARG L 42 36.48 43.93 -30.13
CA ARG L 42 37.10 44.48 -28.94
C ARG L 42 36.90 43.56 -27.72
N LEU L 43 35.70 42.97 -27.59
CA LEU L 43 35.40 42.04 -26.49
C LEU L 43 36.25 40.77 -26.60
N THR L 44 36.48 40.30 -27.84
CA THR L 44 37.37 39.18 -28.13
C THR L 44 38.78 39.46 -27.61
N ARG L 45 39.28 40.68 -27.81
CA ARG L 45 40.60 41.09 -27.37
C ARG L 45 40.69 41.10 -25.84
N LYS L 46 39.66 41.65 -25.17
CA LYS L 46 39.60 41.70 -23.72
C LYS L 46 39.56 40.29 -23.10
N LEU L 47 38.81 39.37 -23.73
CA LEU L 47 38.65 38.02 -23.23
C LEU L 47 39.97 37.23 -23.30
N TYR L 48 40.72 37.34 -24.41
CA TYR L 48 42.01 36.68 -24.55
C TYR L 48 42.97 37.06 -23.41
N LYS L 49 43.02 38.35 -23.08
CA LYS L 49 43.92 38.88 -22.05
C LYS L 49 43.48 38.44 -20.65
N CYS L 50 42.18 38.30 -20.42
CA CYS L 50 41.66 37.73 -19.17
C CYS L 50 41.99 36.25 -19.03
N ILE L 51 41.95 35.51 -20.16
CA ILE L 51 42.33 34.10 -20.20
C ILE L 51 43.82 33.94 -19.90
N LYS L 52 44.68 34.74 -20.56
CA LYS L 52 46.13 34.69 -20.37
C LYS L 52 46.53 34.95 -18.92
N LYS L 53 45.85 35.91 -18.25
CA LYS L 53 46.07 36.19 -16.83
C LYS L 53 45.63 35.01 -15.96
N ALA L 54 44.49 34.39 -16.32
CA ALA L 54 43.98 33.23 -15.61
C ALA L 54 44.82 31.97 -15.84
N VAL L 55 45.48 31.85 -17.00
CA VAL L 55 46.41 30.77 -17.30
C VAL L 55 47.65 30.85 -16.39
N LYS L 56 48.16 32.06 -16.17
CA LYS L 56 49.31 32.29 -15.30
C LYS L 56 49.01 31.91 -13.85
N GLN L 57 47.78 32.20 -13.38
CA GLN L 57 47.34 31.83 -12.03
C GLN L 57 46.73 30.43 -11.96
N LYS L 58 46.59 29.74 -13.10
CA LYS L 58 46.04 28.39 -13.20
C LYS L 58 44.60 28.32 -12.68
N GLN L 59 43.77 29.28 -13.14
CA GLN L 59 42.36 29.36 -12.77
C GLN L 59 41.43 28.79 -13.84
N ILE L 60 41.88 28.67 -15.10
CA ILE L 60 41.02 28.21 -16.20
C ILE L 60 40.81 26.70 -16.15
N ARG L 61 39.79 26.26 -16.91
CA ARG L 61 39.52 24.85 -17.16
C ARG L 61 39.29 24.71 -18.65
N ARG L 62 40.01 23.77 -19.30
CA ARG L 62 40.05 23.66 -20.75
C ARG L 62 39.41 22.35 -21.23
N GLY L 63 38.84 22.40 -22.44
CA GLY L 63 38.23 21.22 -23.05
C GLY L 63 36.81 20.97 -22.53
N VAL L 64 36.08 20.10 -23.24
CA VAL L 64 34.69 19.80 -22.93
C VAL L 64 34.64 18.96 -21.66
N LYS L 65 35.47 17.91 -21.60
CA LYS L 65 35.46 16.93 -20.53
C LYS L 65 35.63 17.58 -19.16
N GLU L 66 36.56 18.54 -19.06
CA GLU L 66 36.85 19.23 -17.81
C GLU L 66 35.77 20.26 -17.47
N VAL L 67 35.43 21.13 -18.45
CA VAL L 67 34.45 22.19 -18.26
C VAL L 67 33.10 21.60 -17.88
N GLN L 68 32.65 20.55 -18.59
CA GLN L 68 31.43 19.81 -18.27
C GLN L 68 31.44 19.27 -16.84
N LYS L 69 32.59 18.72 -16.41
CA LYS L 69 32.75 18.14 -15.08
C LYS L 69 32.66 19.21 -13.99
N PHE L 70 33.36 20.34 -14.18
CA PHE L 70 33.45 21.40 -13.17
C PHE L 70 32.15 22.21 -13.06
N VAL L 71 31.46 22.44 -14.20
CA VAL L 71 30.18 23.14 -14.19
C VAL L 71 29.12 22.28 -13.49
N ASN L 72 29.15 20.97 -13.72
CA ASN L 72 28.29 20.01 -13.03
C ASN L 72 28.62 19.94 -11.53
N LYS L 73 29.92 19.97 -11.19
CA LYS L 73 30.41 19.89 -9.83
C LYS L 73 29.96 21.08 -8.96
N GLY L 74 29.86 22.28 -9.58
CA GLY L 74 29.35 23.47 -8.91
C GLY L 74 30.15 24.75 -9.09
N GLU L 75 31.23 24.76 -9.90
CA GLU L 75 32.00 25.96 -10.16
C GLU L 75 31.22 27.00 -10.97
N LYS L 76 31.65 28.26 -10.85
CA LYS L 76 31.08 29.38 -11.59
C LYS L 76 32.19 30.25 -12.17
N GLY L 77 31.84 31.00 -13.22
CA GLY L 77 32.77 31.83 -13.96
C GLY L 77 32.20 32.23 -15.32
N ILE L 78 33.07 32.45 -16.31
CA ILE L 78 32.67 32.75 -17.68
C ILE L 78 33.16 31.61 -18.58
N MET L 79 32.23 31.03 -19.35
CA MET L 79 32.54 29.97 -20.30
C MET L 79 32.71 30.57 -21.69
N VAL L 80 33.95 30.55 -22.20
CA VAL L 80 34.25 31.03 -23.53
C VAL L 80 34.24 29.85 -24.50
N LEU L 81 33.35 29.91 -25.50
CA LEU L 81 33.21 28.86 -26.51
C LEU L 81 33.83 29.33 -27.81
N ALA L 82 34.25 28.37 -28.64
CA ALA L 82 34.86 28.64 -29.94
C ALA L 82 33.81 28.53 -31.03
N GLY L 83 33.69 29.56 -31.87
CA GLY L 83 32.69 29.61 -32.93
C GLY L 83 33.09 28.89 -34.22
N ASP L 84 34.33 28.35 -34.31
CA ASP L 84 34.74 27.57 -35.46
C ASP L 84 34.57 26.06 -35.28
N THR L 85 34.02 25.62 -34.13
CA THR L 85 33.93 24.20 -33.79
C THR L 85 32.95 23.46 -34.71
N LEU L 86 33.41 22.35 -35.30
CA LEU L 86 32.56 21.43 -36.04
C LEU L 86 33.07 20.00 -35.80
N PRO L 87 32.20 18.97 -35.62
CA PRO L 87 30.76 19.12 -35.58
C PRO L 87 30.26 19.78 -34.31
N ILE L 88 29.04 20.32 -34.35
CA ILE L 88 28.46 21.05 -33.22
C ILE L 88 28.15 20.13 -32.04
N GLU L 89 27.97 18.82 -32.30
CA GLU L 89 27.60 17.83 -31.29
C GLU L 89 28.64 17.68 -30.18
N VAL L 90 29.91 18.07 -30.43
CA VAL L 90 30.98 18.00 -29.44
C VAL L 90 30.72 18.87 -28.22
N TYR L 91 30.07 20.04 -28.39
CA TYR L 91 29.94 21.04 -27.33
C TYR L 91 28.60 21.80 -27.32
N CYS L 92 27.60 21.39 -28.13
CA CYS L 92 26.34 22.13 -28.22
C CYS L 92 25.43 21.90 -27.01
N HIS L 93 25.74 20.92 -26.17
CA HIS L 93 25.06 20.74 -24.89
C HIS L 93 25.42 21.80 -23.84
N LEU L 94 26.60 22.45 -23.95
CA LEU L 94 27.12 23.33 -22.92
C LEU L 94 26.32 24.61 -22.71
N PRO L 95 25.85 25.32 -23.77
CA PRO L 95 25.00 26.50 -23.58
C PRO L 95 23.82 26.36 -22.62
N VAL L 96 23.14 25.21 -22.65
CA VAL L 96 22.00 24.96 -21.78
C VAL L 96 22.47 24.57 -20.37
N MET L 97 23.62 23.89 -20.25
CA MET L 97 24.22 23.61 -18.94
C MET L 97 24.52 24.90 -18.17
N CYS L 98 24.89 25.97 -18.89
CA CYS L 98 25.08 27.29 -18.30
C CYS L 98 23.76 27.92 -17.84
N GLU L 99 22.72 27.83 -18.68
CA GLU L 99 21.42 28.44 -18.41
C GLU L 99 20.69 27.77 -17.24
N ASP L 100 20.98 26.48 -16.98
CA ASP L 100 20.47 25.80 -15.79
C ASP L 100 21.03 26.38 -14.49
N ARG L 101 22.30 26.83 -14.52
CA ARG L 101 23.00 27.36 -13.35
C ARG L 101 23.27 28.88 -13.45
N ASN L 102 22.68 29.56 -14.45
CA ASN L 102 22.79 31.00 -14.66
C ASN L 102 24.23 31.47 -14.88
N LEU L 103 25.07 30.63 -15.50
CA LEU L 103 26.44 31.00 -15.83
C LEU L 103 26.42 31.83 -17.12
N PRO L 104 27.23 32.90 -17.22
CA PRO L 104 27.44 33.59 -18.49
C PRO L 104 28.33 32.82 -19.45
N TYR L 105 27.94 32.83 -20.73
CA TYR L 105 28.76 32.26 -21.79
C TYR L 105 28.78 33.17 -23.01
N VAL L 106 29.80 32.98 -23.86
CA VAL L 106 30.00 33.77 -25.05
C VAL L 106 30.86 33.00 -26.06
N TYR L 107 30.57 33.21 -27.34
CA TYR L 107 31.34 32.61 -28.42
C TYR L 107 32.36 33.62 -28.91
N ILE L 108 33.63 33.19 -29.01
CA ILE L 108 34.66 33.96 -29.71
C ILE L 108 34.84 33.38 -31.12
N PRO L 109 35.41 34.14 -32.08
CA PRO L 109 35.47 33.67 -33.46
C PRO L 109 36.20 32.36 -33.72
N SER L 110 37.39 32.16 -33.11
CA SER L 110 38.30 31.09 -33.50
C SER L 110 38.57 30.03 -32.42
N LYS L 111 38.90 28.83 -32.91
CA LYS L 111 39.28 27.67 -32.11
C LYS L 111 40.78 27.72 -31.81
N THR L 112 41.58 28.04 -32.86
CA THR L 112 43.03 28.12 -32.78
C THR L 112 43.49 29.26 -31.87
N ASP L 113 42.80 30.42 -31.92
CA ASP L 113 43.14 31.55 -31.06
C ASP L 113 42.83 31.28 -29.59
N LEU L 114 41.76 30.52 -29.31
CA LEU L 114 41.36 30.16 -27.95
C LEU L 114 42.41 29.27 -27.30
N GLY L 115 42.94 28.31 -28.08
CA GLY L 115 43.99 27.42 -27.60
C GLY L 115 45.30 28.14 -27.37
N ALA L 116 45.65 29.12 -28.24
CA ALA L 116 46.84 29.92 -28.09
C ALA L 116 46.77 30.81 -26.84
N ALA L 117 45.60 31.44 -26.63
CA ALA L 117 45.36 32.27 -25.46
C ALA L 117 45.34 31.42 -24.18
N ALA L 118 44.81 30.19 -24.27
CA ALA L 118 44.73 29.28 -23.14
C ALA L 118 46.08 28.64 -22.79
N GLY L 119 47.15 28.87 -23.59
CA GLY L 119 48.46 28.33 -23.31
C GLY L 119 48.51 26.86 -23.72
N SER L 120 48.02 26.59 -24.93
CA SER L 120 48.04 25.30 -25.58
C SER L 120 48.58 25.50 -26.99
N LYS L 121 49.29 24.49 -27.54
CA LYS L 121 49.78 24.50 -28.92
C LYS L 121 48.79 23.86 -29.89
N ARG L 122 47.70 23.29 -29.38
CA ARG L 122 46.59 22.78 -30.17
C ARG L 122 45.39 23.71 -30.02
N PRO L 123 44.45 23.72 -31.00
CA PRO L 123 43.15 24.37 -30.80
C PRO L 123 42.30 23.73 -29.70
N THR L 124 41.37 24.55 -29.17
CA THR L 124 40.45 24.14 -28.11
C THR L 124 39.08 24.74 -28.41
N CYS L 125 38.02 23.98 -28.11
CA CYS L 125 36.65 24.37 -28.44
C CYS L 125 35.99 25.16 -27.30
N VAL L 126 36.37 24.87 -26.04
CA VAL L 126 35.78 25.57 -24.90
C VAL L 126 36.77 25.68 -23.74
N ILE L 127 36.74 26.83 -23.06
CA ILE L 127 37.44 27.05 -21.79
C ILE L 127 36.55 27.86 -20.85
N MET L 128 36.67 27.58 -19.54
CA MET L 128 35.98 28.31 -18.50
C MET L 128 37.01 29.08 -17.67
N VAL L 129 36.85 30.41 -17.62
CA VAL L 129 37.71 31.30 -16.83
C VAL L 129 37.03 31.52 -15.49
N LYS L 130 37.74 31.22 -14.39
CA LYS L 130 37.25 31.48 -13.04
C LYS L 130 37.82 32.81 -12.53
N PRO L 131 37.12 33.50 -11.59
CA PRO L 131 37.59 34.78 -11.06
C PRO L 131 38.77 34.64 -10.11
N HIS L 132 39.54 35.73 -9.96
CA HIS L 132 40.68 35.78 -9.04
C HIS L 132 41.00 37.22 -8.68
N GLU L 133 41.55 37.41 -7.46
CA GLU L 133 41.88 38.71 -6.90
C GLU L 133 42.95 39.45 -7.71
N GLU L 134 43.81 38.71 -8.44
CA GLU L 134 44.89 39.27 -9.23
C GLU L 134 44.39 40.14 -10.39
N TYR L 135 43.25 39.80 -11.02
CA TYR L 135 42.83 40.41 -12.29
C TYR L 135 41.33 40.71 -12.33
N GLN L 136 40.74 41.13 -11.20
CA GLN L 136 39.30 41.37 -11.12
C GLN L 136 38.82 42.54 -11.98
N GLU L 137 39.69 43.53 -12.28
CA GLU L 137 39.32 44.68 -13.09
C GLU L 137 39.02 44.29 -14.53
N ALA L 138 39.91 43.47 -15.13
CA ALA L 138 39.73 42.98 -16.49
C ALA L 138 38.58 41.99 -16.57
N TYR L 139 38.48 41.10 -15.57
CA TYR L 139 37.41 40.11 -15.45
C TYR L 139 36.04 40.78 -15.37
N ASP L 140 35.94 41.86 -14.59
CA ASP L 140 34.69 42.60 -14.40
C ASP L 140 34.25 43.33 -15.67
N GLU L 141 35.21 43.88 -16.45
CA GLU L 141 34.92 44.51 -17.73
C GLU L 141 34.36 43.50 -18.73
N CYS L 142 34.93 42.29 -18.77
CA CYS L 142 34.45 41.21 -19.63
C CYS L 142 33.09 40.68 -19.16
N LEU L 143 32.97 40.39 -17.85
CA LEU L 143 31.78 39.77 -17.27
C LEU L 143 30.53 40.63 -17.51
N GLU L 144 30.64 41.92 -17.22
CA GLU L 144 29.51 42.85 -17.34
C GLU L 144 29.12 43.05 -18.80
N GLU L 145 30.10 43.11 -19.71
CA GLU L 145 29.86 43.23 -21.15
C GLU L 145 29.24 41.95 -21.73
N VAL L 146 29.68 40.79 -21.23
CA VAL L 146 29.16 39.49 -21.63
C VAL L 146 27.75 39.27 -21.07
N GLN L 147 27.49 39.68 -19.82
CA GLN L 147 26.15 39.67 -19.25
C GLN L 147 25.17 40.59 -20.01
N SER L 148 25.69 41.70 -20.57
CA SER L 148 24.90 42.68 -21.32
C SER L 148 24.56 42.22 -22.74
N LEU L 149 25.22 41.17 -23.27
CA LEU L 149 25.06 40.75 -24.66
C LEU L 149 23.60 40.44 -25.01
N PRO L 150 23.09 40.92 -26.18
CA PRO L 150 21.71 40.65 -26.57
C PRO L 150 21.51 39.22 -27.07
N LEU L 151 20.29 38.70 -26.87
CA LEU L 151 19.91 37.38 -27.35
C LEU L 151 19.64 37.42 -28.86
N PRO L 152 19.92 36.33 -29.61
CA PRO L 152 19.79 36.32 -31.06
C PRO L 152 18.34 36.21 -31.56
N MET M 1 43.50 12.72 -35.41
CA MET M 1 42.71 12.46 -36.64
C MET M 1 43.09 13.46 -37.73
N PHE M 2 43.59 12.94 -38.87
CA PHE M 2 44.13 13.74 -39.95
C PHE M 2 43.11 14.04 -41.07
N LEU M 3 42.07 13.20 -41.21
CA LEU M 3 41.19 13.26 -42.36
C LEU M 3 40.22 14.44 -42.23
N GLN M 4 40.24 15.34 -43.21
CA GLN M 4 39.37 16.51 -43.26
C GLN M 4 38.51 16.46 -44.53
N TYR M 5 37.55 17.40 -44.66
CA TYR M 5 36.80 17.53 -45.90
C TYR M 5 36.19 18.92 -46.07
N TYR M 6 35.86 19.23 -47.34
CA TYR M 6 35.05 20.38 -47.71
C TYR M 6 34.03 19.95 -48.75
N LEU M 7 32.84 20.58 -48.74
CA LEU M 7 31.76 20.19 -49.61
C LEU M 7 31.96 20.76 -51.02
N ASN M 8 31.66 19.92 -52.03
CA ASN M 8 31.75 20.28 -53.44
C ASN M 8 30.51 21.09 -53.84
N GLU M 9 30.51 21.62 -55.06
CA GLU M 9 29.34 22.28 -55.64
C GLU M 9 28.18 21.30 -55.84
N GLN M 10 28.49 20.04 -56.17
CA GLN M 10 27.50 18.97 -56.31
C GLN M 10 26.81 18.65 -54.97
N GLY M 11 27.54 18.81 -53.85
CA GLY M 11 27.02 18.54 -52.51
C GLY M 11 27.78 17.44 -51.75
N ASP M 12 28.68 16.71 -52.42
CA ASP M 12 29.39 15.58 -51.83
C ASP M 12 30.71 16.02 -51.21
N ARG M 13 31.25 15.17 -50.33
CA ARG M 13 32.48 15.46 -49.59
C ARG M 13 33.68 15.32 -50.51
N VAL M 14 34.58 16.31 -50.45
CA VAL M 14 35.90 16.24 -51.05
C VAL M 14 36.90 16.08 -49.92
N TYR M 15 37.51 14.90 -49.80
CA TYR M 15 38.43 14.62 -48.69
C TYR M 15 39.78 15.27 -48.96
N THR M 16 40.44 15.66 -47.86
CA THR M 16 41.72 16.36 -47.92
C THR M 16 42.43 16.25 -46.57
N LEU M 17 43.74 16.45 -46.63
CA LEU M 17 44.62 16.43 -45.47
C LEU M 17 44.86 17.85 -44.96
N LYS M 18 44.54 18.87 -45.76
CA LYS M 18 44.80 20.26 -45.43
C LYS M 18 43.66 20.79 -44.56
N LYS M 19 43.94 21.87 -43.82
CA LYS M 19 43.00 22.47 -42.88
C LYS M 19 42.23 23.65 -43.47
N PHE M 20 42.44 23.98 -44.76
CA PHE M 20 41.69 25.02 -45.45
C PHE M 20 41.30 24.56 -46.85
N ASP M 21 40.20 25.12 -47.36
CA ASP M 21 39.70 24.82 -48.70
C ASP M 21 40.57 25.50 -49.75
N PRO M 22 40.39 25.20 -51.06
CA PRO M 22 40.85 26.11 -52.11
C PRO M 22 40.24 27.51 -52.09
N MET M 23 39.02 27.66 -51.55
CA MET M 23 38.31 28.93 -51.47
C MET M 23 38.47 29.63 -50.11
N GLY M 24 39.39 29.13 -49.26
CA GLY M 24 39.89 29.88 -48.10
C GLY M 24 39.37 29.35 -46.77
N GLN M 25 38.10 28.92 -46.70
CA GLN M 25 37.47 28.60 -45.41
C GLN M 25 37.99 27.27 -44.84
N GLN M 26 37.72 27.04 -43.54
CA GLN M 26 38.23 25.88 -42.82
C GLN M 26 37.52 24.60 -43.27
N THR M 27 38.30 23.51 -43.35
CA THR M 27 37.77 22.18 -43.59
C THR M 27 37.28 21.58 -42.26
N CYS M 28 36.14 20.87 -42.34
CA CYS M 28 35.60 20.14 -41.21
C CYS M 28 36.31 18.80 -41.04
N SER M 29 36.30 18.27 -39.82
CA SER M 29 36.82 16.94 -39.53
C SER M 29 35.87 15.89 -40.11
N ALA M 30 36.44 14.87 -40.77
CA ALA M 30 35.68 13.83 -41.45
C ALA M 30 34.90 12.95 -40.47
N HIS M 31 35.45 12.77 -39.26
CA HIS M 31 34.90 11.82 -38.31
C HIS M 31 33.82 12.47 -37.49
N PRO M 32 32.77 11.71 -37.08
CA PRO M 32 31.72 12.24 -36.22
C PRO M 32 32.23 12.43 -34.79
N ALA M 33 31.41 13.14 -34.01
CA ALA M 33 31.71 13.41 -32.62
C ALA M 33 31.75 12.10 -31.84
N ARG M 34 32.58 12.09 -30.79
CA ARG M 34 32.64 10.96 -29.87
C ARG M 34 31.29 10.83 -29.15
N PHE M 35 30.83 9.59 -28.99
CA PHE M 35 29.58 9.28 -28.31
C PHE M 35 29.86 8.33 -27.17
N SER M 36 29.11 8.49 -26.08
CA SER M 36 29.10 7.55 -24.98
C SER M 36 27.65 7.32 -24.56
N PRO M 37 27.26 6.07 -24.20
CA PRO M 37 25.86 5.74 -23.95
C PRO M 37 25.27 6.34 -22.67
N ASP M 38 26.14 6.78 -21.73
CA ASP M 38 25.74 7.44 -20.51
C ASP M 38 25.28 8.90 -20.71
N ASP M 39 25.39 9.45 -21.92
CA ASP M 39 25.03 10.83 -22.22
C ASP M 39 23.58 11.16 -21.84
N LYS M 40 23.42 12.22 -21.04
CA LYS M 40 22.11 12.68 -20.58
C LYS M 40 21.92 14.16 -20.94
N TYR M 41 22.31 14.51 -22.17
CA TYR M 41 22.19 15.88 -22.67
C TYR M 41 21.40 15.90 -23.97
N SER M 42 20.36 15.07 -24.05
CA SER M 42 19.47 15.04 -25.21
C SER M 42 18.55 16.26 -25.22
N ARG M 43 18.00 16.60 -24.04
CA ARG M 43 17.22 17.81 -23.83
C ARG M 43 18.01 19.05 -24.25
N HIS M 44 19.31 19.06 -23.92
CA HIS M 44 20.17 20.21 -24.08
C HIS M 44 20.48 20.44 -25.56
N ARG M 45 20.82 19.36 -26.26
CA ARG M 45 21.15 19.40 -27.68
C ARG M 45 19.93 19.81 -28.52
N ILE M 46 18.77 19.22 -28.21
CA ILE M 46 17.53 19.54 -28.91
C ILE M 46 17.15 21.00 -28.65
N THR M 47 17.28 21.45 -27.39
CA THR M 47 16.84 22.78 -26.98
C THR M 47 17.46 23.87 -27.83
N ILE M 48 18.79 23.83 -28.06
CA ILE M 48 19.45 24.86 -28.85
C ILE M 48 19.40 24.59 -30.35
N LYS M 49 19.34 23.32 -30.77
CA LYS M 49 19.16 23.02 -32.18
C LYS M 49 17.80 23.52 -32.69
N LYS M 50 16.78 23.56 -31.83
CA LYS M 50 15.49 24.18 -32.13
C LYS M 50 15.64 25.70 -32.30
N ARG M 51 16.36 26.35 -31.38
CA ARG M 51 16.51 27.80 -31.39
C ARG M 51 17.10 28.32 -32.70
N PHE M 52 18.17 27.68 -33.19
CA PHE M 52 18.87 28.11 -34.39
C PHE M 52 18.36 27.44 -35.67
N LYS M 53 17.26 26.67 -35.59
CA LYS M 53 16.58 26.09 -36.74
C LYS M 53 17.47 25.09 -37.47
N VAL M 54 18.27 24.33 -36.71
CA VAL M 54 19.18 23.32 -37.27
C VAL M 54 18.87 21.91 -36.78
N LEU M 55 17.71 21.71 -36.13
CA LEU M 55 17.25 20.38 -35.75
C LEU M 55 16.83 19.66 -37.02
N MET M 56 17.02 18.33 -37.03
CA MET M 56 16.88 17.53 -38.25
C MET M 56 15.46 17.57 -38.80
N THR M 57 14.45 17.70 -37.91
CA THR M 57 13.04 17.79 -38.28
C THR M 57 12.71 19.07 -39.05
N GLN M 58 13.40 20.18 -38.71
CA GLN M 58 13.11 21.49 -39.28
C GLN M 58 13.77 21.72 -40.65
N GLN M 59 14.64 20.79 -41.11
CA GLN M 59 15.28 20.91 -42.41
C GLN M 59 14.29 20.52 -43.52
N PRO M 60 14.60 20.80 -44.81
CA PRO M 60 13.81 20.27 -45.92
C PRO M 60 13.75 18.74 -45.94
N ARG M 61 12.54 18.20 -46.17
CA ARG M 61 12.29 16.77 -46.08
C ARG M 61 13.01 16.03 -47.23
N PRO M 62 13.61 14.84 -46.99
CA PRO M 62 14.31 14.11 -48.05
C PRO M 62 13.40 13.50 -49.13
N VAL M 63 14.03 13.13 -50.25
CA VAL M 63 13.36 12.57 -51.42
C VAL M 63 13.41 11.04 -51.34
N LEU M 64 12.23 10.40 -51.27
CA LEU M 64 12.11 8.95 -51.19
C LEU M 64 11.30 8.42 -52.39
N LYS N 43 -15.59 33.39 -67.05
CA LYS N 43 -14.22 33.74 -66.60
C LYS N 43 -13.55 32.65 -65.75
N VAL N 44 -14.33 31.66 -65.25
CA VAL N 44 -13.81 30.50 -64.53
C VAL N 44 -12.72 29.76 -65.32
N ALA N 45 -12.85 29.74 -66.65
CA ALA N 45 -11.85 29.15 -67.55
C ALA N 45 -10.45 29.75 -67.37
N LYS N 46 -10.37 31.07 -67.09
CA LYS N 46 -9.09 31.74 -66.87
C LYS N 46 -8.47 31.36 -65.53
N LEU N 47 -9.29 31.15 -64.48
CA LEU N 47 -8.79 30.82 -63.15
C LEU N 47 -7.97 29.52 -63.17
N ASP N 48 -6.79 29.57 -62.55
CA ASP N 48 -6.02 28.36 -62.25
C ASP N 48 -6.76 27.59 -61.17
N THR N 49 -6.59 26.26 -61.17
CA THR N 49 -7.27 25.36 -60.24
C THR N 49 -6.89 25.63 -58.78
N SER N 50 -5.73 26.28 -58.55
CA SER N 50 -5.31 26.71 -57.21
C SER N 50 -6.19 27.80 -56.62
N GLN N 51 -6.93 28.54 -57.47
CA GLN N 51 -7.86 29.59 -57.01
C GLN N 51 -9.33 29.14 -56.99
N TRP N 52 -9.61 27.84 -57.12
CA TRP N 52 -10.96 27.32 -56.97
C TRP N 52 -11.28 27.21 -55.47
N PRO N 53 -12.54 27.45 -55.05
CA PRO N 53 -12.89 27.58 -53.64
C PRO N 53 -13.00 26.26 -52.86
N LEU N 54 -12.51 26.28 -51.61
CA LEU N 54 -12.69 25.19 -50.66
C LEU N 54 -12.14 23.87 -51.20
N LEU N 55 -12.97 22.79 -51.15
CA LEU N 55 -12.50 21.45 -51.37
C LEU N 55 -12.19 21.16 -52.83
N LEU N 56 -12.60 22.07 -53.76
CA LEU N 56 -12.19 21.97 -55.16
C LEU N 56 -10.83 22.61 -55.45
N LYS N 57 -10.15 23.17 -54.44
CA LYS N 57 -8.84 23.77 -54.66
C LYS N 57 -7.82 22.70 -55.03
N ASN N 58 -7.07 22.96 -56.12
CA ASN N 58 -6.02 22.09 -56.63
C ASN N 58 -6.57 20.69 -56.96
N PHE N 59 -7.76 20.62 -57.57
CA PHE N 59 -8.40 19.35 -57.85
C PHE N 59 -7.68 18.60 -58.98
N ASP N 60 -7.03 19.33 -59.88
CA ASP N 60 -6.28 18.72 -60.99
C ASP N 60 -5.05 17.94 -60.52
N LYS N 61 -4.52 18.19 -59.30
CA LYS N 61 -3.42 17.43 -58.73
C LYS N 61 -3.85 16.20 -57.91
N LEU N 62 -5.16 15.91 -57.86
CA LEU N 62 -5.65 14.62 -57.41
C LEU N 62 -5.43 13.60 -58.53
N ASN N 63 -5.29 12.32 -58.14
CA ASN N 63 -5.09 11.24 -59.08
C ASN N 63 -6.43 10.94 -59.75
N VAL N 64 -6.45 10.86 -61.08
CA VAL N 64 -7.67 10.65 -61.84
C VAL N 64 -7.85 9.16 -62.09
N ARG N 65 -8.98 8.60 -61.61
CA ARG N 65 -9.33 7.21 -61.86
C ARG N 65 -10.04 7.13 -63.20
N THR N 66 -11.12 7.94 -63.33
CA THR N 66 -11.88 8.07 -64.56
C THR N 66 -12.42 9.49 -64.64
N THR N 67 -12.54 10.00 -65.88
CA THR N 67 -13.02 11.34 -66.16
C THR N 67 -14.48 11.37 -66.57
N HIS N 68 -15.10 10.20 -66.86
CA HIS N 68 -16.46 10.15 -67.38
C HIS N 68 -17.48 9.92 -66.27
N TYR N 69 -18.52 10.76 -66.26
CA TYR N 69 -19.73 10.52 -65.49
C TYR N 69 -20.86 11.37 -66.07
N THR N 70 -22.09 11.09 -65.62
CA THR N 70 -23.28 11.84 -66.04
C THR N 70 -23.62 12.88 -64.97
N PRO N 71 -23.43 14.20 -65.23
CA PRO N 71 -23.82 15.22 -64.26
C PRO N 71 -25.33 15.32 -64.04
N LEU N 72 -25.71 15.69 -62.80
CA LEU N 72 -27.10 15.83 -62.40
C LEU N 72 -27.30 17.22 -61.79
N ALA N 73 -28.41 17.89 -62.12
CA ALA N 73 -28.71 19.23 -61.59
C ALA N 73 -29.35 19.08 -60.22
N CYS N 74 -28.51 18.88 -59.19
CA CYS N 74 -28.98 18.58 -57.83
C CYS N 74 -28.34 19.51 -56.82
N GLY N 75 -27.01 19.45 -56.72
CA GLY N 75 -26.27 20.21 -55.73
C GLY N 75 -25.98 21.64 -56.20
N SER N 76 -25.38 22.40 -55.30
CA SER N 76 -24.72 23.67 -55.61
C SER N 76 -23.30 23.63 -55.03
N ASN N 77 -22.47 24.59 -55.44
CA ASN N 77 -21.22 24.85 -54.75
C ASN N 77 -21.57 25.30 -53.33
N PRO N 78 -20.86 24.81 -52.29
CA PRO N 78 -21.17 25.19 -50.90
C PRO N 78 -21.34 26.69 -50.61
N LEU N 79 -20.63 27.57 -51.33
CA LEU N 79 -20.75 29.01 -51.18
C LEU N 79 -22.06 29.58 -51.75
N LYS N 80 -22.73 28.85 -52.65
CA LYS N 80 -23.94 29.35 -53.32
C LYS N 80 -25.19 28.59 -52.88
N ARG N 81 -25.17 27.98 -51.69
CA ARG N 81 -26.35 27.36 -51.11
C ARG N 81 -27.38 28.43 -50.77
N GLU N 82 -28.66 28.10 -50.93
CA GLU N 82 -29.75 28.99 -50.55
C GLU N 82 -29.63 29.29 -49.05
N ILE N 83 -29.82 30.56 -48.67
CA ILE N 83 -29.42 31.10 -47.37
C ILE N 83 -29.86 30.22 -46.20
N GLY N 84 -31.07 29.63 -46.26
CA GLY N 84 -31.52 28.67 -45.27
C GLY N 84 -30.57 27.48 -45.13
N ASP N 85 -30.32 26.78 -46.24
CA ASP N 85 -29.42 25.64 -46.30
C ASP N 85 -27.97 26.03 -45.96
N TYR N 86 -27.55 27.23 -46.39
CA TYR N 86 -26.21 27.74 -46.14
C TYR N 86 -25.92 27.86 -44.64
N ILE N 87 -26.89 28.36 -43.87
CA ILE N 87 -26.77 28.52 -42.43
C ILE N 87 -26.84 27.17 -41.73
N ARG N 88 -27.73 26.27 -42.18
CA ARG N 88 -27.89 24.96 -41.56
C ARG N 88 -26.66 24.05 -41.73
N THR N 89 -25.80 24.32 -42.73
CA THR N 89 -24.56 23.57 -42.95
C THR N 89 -23.31 24.40 -42.63
N GLY N 90 -23.43 25.43 -41.78
CA GLY N 90 -22.39 26.44 -41.64
C GLY N 90 -21.81 26.53 -40.22
N PHE N 91 -20.78 27.38 -40.08
CA PHE N 91 -20.21 27.69 -38.79
C PHE N 91 -19.76 29.16 -38.73
N ILE N 92 -19.53 29.65 -37.50
CA ILE N 92 -19.03 30.99 -37.24
C ILE N 92 -17.70 30.89 -36.51
N ASN N 93 -16.68 31.59 -37.03
CA ASN N 93 -15.41 31.80 -36.36
C ASN N 93 -15.58 33.01 -35.45
N LEU N 94 -16.07 32.78 -34.24
CA LEU N 94 -16.46 33.86 -33.34
C LEU N 94 -15.29 34.37 -32.52
N ASP N 95 -15.27 35.68 -32.26
CA ASP N 95 -14.43 36.29 -31.26
C ASP N 95 -15.25 36.44 -29.99
N LYS N 96 -15.06 35.52 -29.05
CA LYS N 96 -15.88 35.46 -27.84
C LYS N 96 -15.64 36.68 -26.97
N PRO N 97 -16.70 37.36 -26.45
CA PRO N 97 -16.53 38.44 -25.48
C PRO N 97 -16.13 37.96 -24.09
N SER N 98 -15.83 38.90 -23.18
CA SER N 98 -15.10 38.61 -21.95
C SER N 98 -15.98 38.37 -20.73
N ASN N 99 -17.30 38.58 -20.80
CA ASN N 99 -18.18 38.35 -19.64
C ASN N 99 -18.83 36.96 -19.61
N PRO N 100 -19.54 36.51 -20.69
CA PRO N 100 -20.36 35.32 -20.60
C PRO N 100 -19.59 34.01 -20.74
N SER N 101 -20.20 32.91 -20.31
CA SER N 101 -19.67 31.57 -20.53
C SER N 101 -19.84 31.18 -22.00
N SER N 102 -19.06 30.17 -22.43
CA SER N 102 -19.08 29.74 -23.83
C SER N 102 -20.43 29.08 -24.20
N HIS N 103 -21.09 28.43 -23.25
CA HIS N 103 -22.41 27.85 -23.49
C HIS N 103 -23.50 28.92 -23.57
N GLU N 104 -23.33 30.06 -22.87
CA GLU N 104 -24.24 31.20 -23.01
C GLU N 104 -24.11 31.86 -24.37
N VAL N 105 -22.88 31.95 -24.89
CA VAL N 105 -22.62 32.60 -26.17
C VAL N 105 -23.28 31.84 -27.31
N VAL N 106 -23.12 30.52 -27.34
CA VAL N 106 -23.75 29.70 -28.39
C VAL N 106 -25.26 29.63 -28.22
N ALA N 107 -25.77 29.79 -26.99
CA ALA N 107 -27.20 29.98 -26.76
C ALA N 107 -27.71 31.25 -27.44
N TRP N 108 -26.97 32.36 -27.27
CA TRP N 108 -27.32 33.64 -27.89
C TRP N 108 -27.30 33.55 -29.41
N ILE N 109 -26.34 32.81 -29.98
CA ILE N 109 -26.23 32.64 -31.43
C ILE N 109 -27.44 31.88 -31.95
N ARG N 110 -27.94 30.87 -31.21
CA ARG N 110 -29.07 30.07 -31.68
C ARG N 110 -30.41 30.77 -31.46
N ARG N 111 -30.48 31.83 -30.65
CA ARG N 111 -31.65 32.71 -30.61
C ARG N 111 -31.68 33.60 -31.85
N ILE N 112 -30.53 34.20 -32.15
CA ILE N 112 -30.39 35.21 -33.19
C ILE N 112 -30.69 34.60 -34.56
N LEU N 113 -29.91 33.56 -34.92
CA LEU N 113 -30.05 32.89 -36.21
C LEU N 113 -31.33 32.05 -36.30
N ARG N 114 -31.96 31.72 -35.16
CA ARG N 114 -33.20 30.96 -35.10
C ARG N 114 -32.97 29.56 -35.64
N VAL N 115 -32.08 28.85 -34.93
CA VAL N 115 -31.72 27.46 -35.22
C VAL N 115 -31.83 26.64 -33.93
N GLU N 116 -31.92 25.32 -34.05
CA GLU N 116 -32.19 24.43 -32.94
C GLU N 116 -30.92 23.87 -32.29
N LYS N 117 -29.82 23.74 -33.05
CA LYS N 117 -28.60 23.08 -32.57
C LYS N 117 -27.34 23.91 -32.84
N THR N 118 -26.45 23.95 -31.82
CA THR N 118 -25.11 24.52 -31.96
C THR N 118 -24.11 23.76 -31.09
N GLY N 119 -22.83 23.75 -31.55
CA GLY N 119 -21.69 23.28 -30.78
C GLY N 119 -20.51 24.25 -30.92
N HIS N 120 -19.42 24.06 -30.14
CA HIS N 120 -18.52 25.18 -29.88
C HIS N 120 -17.01 24.89 -29.71
N SER N 121 -16.46 23.80 -30.24
CA SER N 121 -15.02 23.68 -30.44
C SER N 121 -14.15 23.85 -29.17
N GLY N 122 -14.68 23.52 -28.00
CA GLY N 122 -13.92 23.59 -26.76
C GLY N 122 -14.31 24.84 -25.95
N THR N 123 -14.50 24.65 -24.63
CA THR N 123 -14.94 25.73 -23.77
C THR N 123 -13.84 26.77 -23.58
N LEU N 124 -14.25 28.05 -23.63
CA LEU N 124 -13.48 29.14 -23.08
C LEU N 124 -14.16 29.55 -21.78
N ASP N 125 -13.33 29.82 -20.75
CA ASP N 125 -13.85 30.19 -19.44
C ASP N 125 -14.46 31.59 -19.51
N PRO N 126 -15.45 31.94 -18.64
CA PRO N 126 -16.22 33.18 -18.79
C PRO N 126 -15.42 34.45 -19.08
N LYS N 127 -14.25 34.63 -18.45
CA LYS N 127 -13.42 35.82 -18.60
C LYS N 127 -12.40 35.72 -19.74
N VAL N 128 -12.40 34.62 -20.50
CA VAL N 128 -11.46 34.40 -21.60
C VAL N 128 -12.16 34.75 -22.91
N THR N 129 -11.37 35.29 -23.86
CA THR N 129 -11.88 35.73 -25.15
C THR N 129 -11.23 34.91 -26.25
N GLY N 130 -11.62 35.18 -27.49
CA GLY N 130 -10.88 34.69 -28.65
C GLY N 130 -11.66 33.68 -29.47
N CYS N 131 -10.90 32.91 -30.27
CA CYS N 131 -11.42 32.08 -31.33
C CYS N 131 -12.29 30.95 -30.76
N LEU N 132 -13.59 30.98 -31.10
CA LEU N 132 -14.54 29.95 -30.73
C LEU N 132 -15.34 29.56 -31.98
N ILE N 133 -14.97 28.46 -32.62
CA ILE N 133 -15.71 27.92 -33.75
C ILE N 133 -17.08 27.43 -33.28
N VAL N 134 -18.14 28.12 -33.72
CA VAL N 134 -19.51 27.76 -33.42
C VAL N 134 -20.12 27.08 -34.64
N CYS N 135 -20.30 25.75 -34.57
CA CYS N 135 -20.94 24.97 -35.62
C CYS N 135 -22.46 25.06 -35.48
N ILE N 136 -23.17 25.20 -36.62
CA ILE N 136 -24.62 25.36 -36.64
C ILE N 136 -25.28 24.14 -37.30
N GLU N 137 -26.29 23.56 -36.61
CA GLU N 137 -27.11 22.48 -37.16
C GLU N 137 -26.22 21.34 -37.65
N ARG N 138 -26.24 21.02 -38.97
CA ARG N 138 -25.61 19.84 -39.50
C ARG N 138 -24.09 19.88 -39.40
N ALA N 139 -23.52 21.07 -39.16
CA ALA N 139 -22.11 21.21 -38.86
C ALA N 139 -21.75 20.70 -37.46
N THR N 140 -22.73 20.48 -36.57
CA THR N 140 -22.48 19.93 -35.24
C THR N 140 -21.96 18.48 -35.29
N ARG N 141 -22.09 17.82 -36.44
CA ARG N 141 -21.49 16.51 -36.68
C ARG N 141 -19.96 16.55 -36.68
N LEU N 142 -19.37 17.74 -36.90
CA LEU N 142 -17.93 17.92 -36.95
C LEU N 142 -17.31 18.32 -35.60
N VAL N 143 -18.11 18.49 -34.52
CA VAL N 143 -17.61 19.12 -33.30
C VAL N 143 -16.44 18.37 -32.65
N LYS N 144 -16.43 17.03 -32.74
CA LYS N 144 -15.34 16.27 -32.13
C LYS N 144 -13.99 16.57 -32.78
N SER N 145 -13.99 16.71 -34.11
CA SER N 145 -12.77 17.07 -34.85
C SER N 145 -12.27 18.47 -34.51
N GLN N 146 -13.21 19.39 -34.23
CA GLN N 146 -12.88 20.76 -33.86
C GLN N 146 -12.44 20.84 -32.41
N GLN N 147 -13.13 20.12 -31.51
CA GLN N 147 -12.81 20.10 -30.09
C GLN N 147 -11.45 19.44 -29.80
N SER N 148 -11.09 18.43 -30.61
CA SER N 148 -9.84 17.69 -30.42
C SER N 148 -8.64 18.36 -31.10
N ALA N 149 -8.87 19.43 -31.90
CA ALA N 149 -7.79 20.10 -32.63
C ALA N 149 -6.88 20.89 -31.69
N GLY N 150 -5.67 21.18 -32.18
CA GLY N 150 -4.67 21.93 -31.43
C GLY N 150 -5.06 23.40 -31.29
N LYS N 151 -4.97 23.93 -30.06
CA LYS N 151 -5.28 25.32 -29.78
C LYS N 151 -4.00 26.14 -29.64
N GLU N 152 -4.14 27.47 -29.73
CA GLU N 152 -3.10 28.43 -29.38
C GLU N 152 -3.70 29.50 -28.48
N TYR N 153 -2.91 29.97 -27.51
CA TYR N 153 -3.33 30.98 -26.54
C TYR N 153 -2.30 32.09 -26.42
N VAL N 154 -2.77 33.29 -26.08
CA VAL N 154 -1.93 34.40 -25.67
C VAL N 154 -2.45 34.86 -24.32
N GLY N 155 -1.62 34.70 -23.28
CA GLY N 155 -2.04 35.01 -21.93
C GLY N 155 -1.04 35.91 -21.23
N ILE N 156 -1.44 36.40 -20.04
CA ILE N 156 -0.60 37.18 -19.16
C ILE N 156 -0.48 36.44 -17.82
N VAL N 157 0.76 36.16 -17.41
CA VAL N 157 1.04 35.62 -16.09
C VAL N 157 1.49 36.78 -15.22
N ARG N 158 0.97 36.83 -13.98
CA ARG N 158 1.36 37.82 -12.99
C ARG N 158 2.19 37.09 -11.93
N LEU N 159 3.43 37.51 -11.75
CA LEU N 159 4.32 36.90 -10.76
C LEU N 159 4.18 37.63 -9.44
N HIS N 160 4.22 36.87 -8.32
CA HIS N 160 3.99 37.40 -6.99
C HIS N 160 5.24 37.99 -6.33
N ASN N 161 6.43 37.84 -6.94
CA ASN N 161 7.63 38.55 -6.51
C ASN N 161 8.53 38.76 -7.71
N ALA N 162 9.55 39.63 -7.55
CA ALA N 162 10.46 39.97 -8.63
C ALA N 162 11.38 38.80 -8.99
N ILE N 163 11.69 38.70 -10.29
CA ILE N 163 12.67 37.77 -10.83
C ILE N 163 13.82 38.59 -11.42
N GLU N 164 14.90 37.91 -11.83
CA GLU N 164 16.08 38.59 -12.38
C GLU N 164 15.74 39.36 -13.67
N GLY N 165 14.96 38.74 -14.57
CA GLY N 165 14.53 39.42 -15.77
C GLY N 165 13.65 38.54 -16.67
N GLY N 166 13.49 38.99 -17.93
CA GLY N 166 12.62 38.32 -18.88
C GLY N 166 13.16 36.96 -19.35
N THR N 167 14.49 36.79 -19.31
CA THR N 167 15.14 35.54 -19.72
C THR N 167 14.83 34.40 -18.76
N GLN N 168 14.64 34.71 -17.47
CA GLN N 168 14.35 33.70 -16.46
C GLN N 168 12.95 33.11 -16.67
N LEU N 169 11.96 33.95 -16.98
CA LEU N 169 10.62 33.52 -17.35
C LEU N 169 10.62 32.72 -18.66
N SER N 170 11.45 33.12 -19.63
CA SER N 170 11.60 32.45 -20.91
C SER N 170 12.14 31.02 -20.78
N ARG N 171 12.98 30.79 -19.77
CA ARG N 171 13.56 29.47 -19.52
C ARG N 171 12.56 28.53 -18.83
N ALA N 172 11.76 29.07 -17.90
CA ALA N 172 10.71 28.31 -17.25
C ALA N 172 9.62 27.86 -18.22
N LEU N 173 9.38 28.63 -19.29
CA LEU N 173 8.47 28.24 -20.36
C LEU N 173 9.04 27.11 -21.22
N GLU N 174 10.35 27.14 -21.50
CA GLU N 174 11.04 26.06 -22.22
C GLU N 174 10.99 24.76 -21.43
N THR N 175 11.09 24.84 -20.09
CA THR N 175 10.97 23.69 -19.20
C THR N 175 9.59 23.02 -19.30
N LEU N 176 8.52 23.82 -19.40
CA LEU N 176 7.15 23.34 -19.51
C LEU N 176 6.70 23.22 -20.98
N THR N 177 7.61 22.81 -21.87
CA THR N 177 7.28 22.35 -23.22
C THR N 177 7.24 20.83 -23.17
N GLY N 178 6.52 20.21 -24.12
CA GLY N 178 6.41 18.76 -24.21
C GLY N 178 5.23 18.23 -23.39
N ALA N 179 5.22 16.92 -23.13
CA ALA N 179 4.13 16.25 -22.46
C ALA N 179 4.22 16.50 -20.95
N LEU N 180 3.23 17.23 -20.39
CA LEU N 180 3.24 17.68 -19.00
C LEU N 180 2.16 16.98 -18.18
N PHE N 181 2.45 16.80 -16.87
CA PHE N 181 1.42 16.45 -15.90
C PHE N 181 0.59 17.68 -15.56
N GLN N 182 -0.74 17.52 -15.52
CA GLN N 182 -1.65 18.57 -15.07
C GLN N 182 -2.83 17.95 -14.34
N ARG N 183 -3.15 18.46 -13.13
CA ARG N 183 -4.30 17.97 -12.38
C ARG N 183 -5.54 18.64 -12.95
N PRO N 184 -6.53 17.89 -13.49
CA PRO N 184 -7.81 18.48 -13.85
C PRO N 184 -8.58 18.98 -12.64
N PRO N 185 -9.10 20.23 -12.65
CA PRO N 185 -9.86 20.77 -11.52
C PRO N 185 -11.05 19.94 -11.05
N LEU N 186 -11.33 20.03 -9.74
CA LEU N 186 -12.44 19.33 -9.11
C LEU N 186 -13.78 19.86 -9.64
N ILE N 187 -14.72 18.93 -9.89
CA ILE N 187 -16.06 19.26 -10.39
C ILE N 187 -17.11 18.36 -9.74
N ALA N 188 -18.14 18.95 -9.13
CA ALA N 188 -19.19 18.24 -8.41
C ALA N 188 -18.62 17.24 -7.38
N ALA N 189 -17.52 17.64 -6.72
CA ALA N 189 -16.76 16.81 -5.79
C ALA N 189 -16.35 15.46 -6.38
N VAL N 190 -15.93 15.46 -7.67
CA VAL N 190 -15.44 14.28 -8.37
C VAL N 190 -13.97 14.51 -8.70
N LYS N 191 -13.07 13.89 -7.93
CA LYS N 191 -11.62 14.06 -8.09
C LYS N 191 -11.14 13.32 -9.32
N ARG N 192 -10.96 14.04 -10.43
CA ARG N 192 -10.37 13.47 -11.64
C ARG N 192 -8.86 13.28 -11.43
N GLN N 193 -8.32 12.19 -11.99
CA GLN N 193 -6.92 11.82 -11.80
C GLN N 193 -6.01 12.76 -12.59
N LEU N 194 -4.73 12.78 -12.18
CA LEU N 194 -3.66 13.48 -12.89
C LEU N 194 -3.57 12.99 -14.33
N ARG N 195 -3.44 13.93 -15.29
CA ARG N 195 -3.40 13.56 -16.71
C ARG N 195 -2.30 14.30 -17.46
N VAL N 196 -2.01 13.80 -18.66
CA VAL N 196 -0.93 14.27 -19.49
C VAL N 196 -1.50 15.09 -20.64
N ARG N 197 -0.90 16.27 -20.88
CA ARG N 197 -1.21 17.11 -22.02
C ARG N 197 0.06 17.73 -22.59
N THR N 198 0.16 17.74 -23.93
CA THR N 198 1.35 18.22 -24.63
C THR N 198 1.23 19.72 -24.88
N ILE N 199 2.34 20.45 -24.66
CA ILE N 199 2.52 21.81 -25.12
C ILE N 199 3.57 21.77 -26.21
N TYR N 200 3.16 22.08 -27.44
CA TYR N 200 4.01 21.92 -28.61
C TYR N 200 5.11 22.99 -28.63
N GLU N 201 4.69 24.25 -28.49
CA GLU N 201 5.61 25.38 -28.46
C GLU N 201 5.19 26.35 -27.35
N SER N 202 6.19 27.09 -26.86
CA SER N 202 5.99 28.20 -25.94
C SER N 202 6.89 29.35 -26.36
N LYS N 203 6.49 30.57 -25.99
CA LYS N 203 7.24 31.77 -26.32
C LYS N 203 6.94 32.85 -25.29
N MET N 204 8.01 33.56 -24.86
CA MET N 204 7.86 34.69 -23.95
C MET N 204 7.92 35.95 -24.81
N ILE N 205 6.79 36.65 -24.92
CA ILE N 205 6.60 37.74 -25.86
C ILE N 205 7.11 39.06 -25.25
N GLU N 206 6.67 39.35 -24.02
CA GLU N 206 7.10 40.55 -23.31
C GLU N 206 7.08 40.32 -21.81
N TYR N 207 7.92 41.09 -21.08
CA TYR N 207 7.92 41.09 -19.63
C TYR N 207 8.03 42.53 -19.12
N ASP N 208 7.22 42.84 -18.09
CA ASP N 208 7.21 44.13 -17.42
C ASP N 208 7.66 43.92 -15.99
N PRO N 209 8.91 44.28 -15.62
CA PRO N 209 9.39 44.17 -14.24
C PRO N 209 8.67 45.03 -13.18
N GLU N 210 7.99 46.11 -13.61
CA GLU N 210 7.29 47.00 -12.69
C GLU N 210 6.08 46.29 -12.07
N ARG N 211 5.16 45.83 -12.94
CA ARG N 211 3.95 45.15 -12.51
C ARG N 211 4.16 43.64 -12.32
N ARG N 212 5.33 43.12 -12.71
CA ARG N 212 5.66 41.70 -12.68
C ARG N 212 4.70 40.91 -13.58
N LEU N 213 4.44 41.47 -14.78
CA LEU N 213 3.53 40.89 -15.76
C LEU N 213 4.35 40.36 -16.92
N GLY N 214 3.95 39.19 -17.45
CA GLY N 214 4.62 38.59 -18.58
C GLY N 214 3.60 38.05 -19.58
N ILE N 215 3.67 38.52 -20.84
CA ILE N 215 2.90 37.92 -21.91
C ILE N 215 3.59 36.63 -22.36
N PHE N 216 2.82 35.56 -22.53
CA PHE N 216 3.30 34.31 -23.11
C PHE N 216 2.38 33.89 -24.25
N TRP N 217 2.94 33.21 -25.26
CA TRP N 217 2.18 32.54 -26.29
C TRP N 217 2.44 31.03 -26.16
N VAL N 218 1.36 30.24 -26.18
CA VAL N 218 1.43 28.79 -26.03
C VAL N 218 0.63 28.14 -27.15
N SER N 219 1.25 27.16 -27.81
CA SER N 219 0.57 26.23 -28.69
C SER N 219 0.47 24.91 -27.94
N CYS N 220 -0.72 24.30 -27.91
CA CYS N 220 -0.93 23.14 -27.06
C CYS N 220 -2.06 22.23 -27.56
N GLU N 221 -2.09 21.02 -26.96
CA GLU N 221 -3.11 20.01 -27.18
C GLU N 221 -4.44 20.50 -26.60
N ALA N 222 -5.54 19.92 -27.10
CA ALA N 222 -6.86 20.22 -26.56
C ALA N 222 -6.98 19.71 -25.12
N GLY N 223 -7.67 20.48 -24.27
CA GLY N 223 -7.88 20.09 -22.88
C GLY N 223 -6.74 20.48 -21.94
N THR N 224 -5.77 21.27 -22.44
CA THR N 224 -4.70 21.81 -21.60
C THR N 224 -5.27 22.96 -20.77
N TYR N 225 -4.95 22.98 -19.47
CA TYR N 225 -5.37 24.03 -18.55
C TYR N 225 -4.27 25.07 -18.45
N ILE N 226 -4.53 26.29 -18.98
CA ILE N 226 -3.55 27.36 -19.03
C ILE N 226 -3.46 28.08 -17.68
N ARG N 227 -4.57 28.12 -16.93
CA ARG N 227 -4.54 28.60 -15.54
C ARG N 227 -3.56 27.78 -14.71
N THR N 228 -3.59 26.45 -14.89
CA THR N 228 -2.70 25.52 -14.20
C THR N 228 -1.26 25.72 -14.65
N LEU N 229 -1.04 25.99 -15.95
CA LEU N 229 0.29 26.26 -16.49
C LEU N 229 0.95 27.47 -15.80
N CYS N 230 0.18 28.54 -15.57
CA CYS N 230 0.68 29.75 -14.92
C CYS N 230 1.03 29.51 -13.45
N VAL N 231 0.28 28.65 -12.76
CA VAL N 231 0.59 28.26 -11.39
C VAL N 231 1.90 27.49 -11.35
N HIS N 232 2.09 26.55 -12.28
CA HIS N 232 3.31 25.75 -12.36
C HIS N 232 4.52 26.59 -12.75
N LEU N 233 4.32 27.54 -13.67
CA LEU N 233 5.34 28.49 -14.09
C LEU N 233 5.80 29.34 -12.91
N GLY N 234 4.87 29.68 -12.00
CA GLY N 234 5.18 30.38 -10.77
C GLY N 234 5.97 29.55 -9.77
N LEU N 235 5.60 28.25 -9.61
CA LEU N 235 6.32 27.31 -8.75
C LEU N 235 7.75 27.09 -9.24
N LEU N 236 7.91 26.94 -10.56
CA LEU N 236 9.19 26.67 -11.17
C LEU N 236 10.16 27.85 -11.03
N LEU N 237 9.64 29.08 -11.08
CA LEU N 237 10.44 30.28 -10.84
C LEU N 237 10.75 30.46 -9.35
N GLY N 238 9.83 30.03 -8.47
CA GLY N 238 10.00 30.15 -7.02
C GLY N 238 9.29 31.37 -6.41
N VAL N 239 8.89 32.33 -7.26
CA VAL N 239 8.25 33.56 -6.82
C VAL N 239 6.74 33.40 -6.63
N GLY N 240 6.12 32.44 -7.34
CA GLY N 240 4.67 32.26 -7.34
C GLY N 240 4.05 32.95 -8.52
N GLY N 241 2.79 32.59 -8.86
CA GLY N 241 2.12 33.22 -9.98
C GLY N 241 0.66 32.80 -10.19
N GLN N 242 -0.02 33.61 -11.02
CA GLN N 242 -1.40 33.40 -11.41
C GLN N 242 -1.59 33.87 -12.84
N MET N 243 -2.55 33.25 -13.54
CA MET N 243 -2.94 33.73 -14.86
C MET N 243 -3.84 34.95 -14.69
N GLN N 244 -3.33 36.10 -15.14
CA GLN N 244 -4.04 37.37 -15.07
C GLN N 244 -5.14 37.39 -16.13
N GLU N 245 -4.81 36.92 -17.34
CA GLU N 245 -5.63 37.12 -18.52
C GLU N 245 -5.34 36.04 -19.56
N LEU N 246 -6.31 35.83 -20.47
CA LEU N 246 -6.17 34.80 -21.48
C LEU N 246 -6.99 35.15 -22.71
N ARG N 247 -6.49 34.73 -23.86
CA ARG N 247 -7.17 34.85 -25.13
C ARG N 247 -6.73 33.69 -26.01
N ARG N 248 -7.70 33.03 -26.65
CA ARG N 248 -7.39 31.95 -27.59
C ARG N 248 -7.26 32.53 -28.99
N VAL N 249 -6.08 32.40 -29.60
CA VAL N 249 -5.80 32.96 -30.90
C VAL N 249 -5.95 31.94 -32.05
N ARG N 250 -6.12 30.65 -31.75
CA ARG N 250 -6.34 29.64 -32.79
C ARG N 250 -7.15 28.47 -32.25
N SER N 251 -8.07 27.95 -33.10
CA SER N 251 -8.82 26.73 -32.84
C SER N 251 -8.69 25.81 -34.05
N GLY N 252 -7.58 25.06 -34.09
CA GLY N 252 -7.33 24.14 -35.19
C GLY N 252 -7.07 24.88 -36.50
N VAL N 253 -8.03 24.77 -37.44
CA VAL N 253 -7.91 25.33 -38.76
C VAL N 253 -8.18 26.84 -38.77
N MET N 254 -9.10 27.31 -37.92
CA MET N 254 -9.46 28.72 -37.87
C MET N 254 -8.59 29.46 -36.86
N SER N 255 -8.30 30.74 -37.15
CA SER N 255 -7.57 31.63 -36.25
C SER N 255 -8.23 33.01 -36.23
N GLU N 256 -7.65 33.91 -35.43
CA GLU N 256 -8.04 35.32 -35.41
C GLU N 256 -7.47 36.13 -36.59
N LYS N 257 -6.59 35.54 -37.41
CA LYS N 257 -5.96 36.22 -38.53
C LYS N 257 -6.99 36.56 -39.62
N ASP N 258 -7.88 35.61 -39.93
CA ASP N 258 -8.85 35.79 -41.02
C ASP N 258 -10.19 35.12 -40.72
N HIS N 259 -11.25 35.70 -41.32
CA HIS N 259 -12.62 35.22 -41.25
C HIS N 259 -13.26 35.29 -39.86
N MET N 260 -12.66 36.03 -38.90
CA MET N 260 -13.19 36.08 -37.56
C MET N 260 -14.17 37.25 -37.42
N VAL N 261 -15.23 37.03 -36.65
CA VAL N 261 -16.30 38.01 -36.47
C VAL N 261 -16.69 38.09 -35.00
N THR N 262 -17.24 39.25 -34.58
CA THR N 262 -17.70 39.46 -33.22
C THR N 262 -19.20 39.17 -33.12
N MET N 263 -19.72 39.10 -31.88
CA MET N 263 -21.14 38.86 -31.64
C MET N 263 -22.06 39.95 -32.20
N HIS N 264 -21.55 41.19 -32.30
CA HIS N 264 -22.31 42.27 -32.91
C HIS N 264 -22.56 42.03 -34.40
N ASP N 265 -21.55 41.58 -35.13
CA ASP N 265 -21.70 41.18 -36.52
C ASP N 265 -22.79 40.12 -36.71
N VAL N 266 -22.87 39.13 -35.81
CA VAL N 266 -23.83 38.04 -35.89
C VAL N 266 -25.26 38.60 -35.75
N LEU N 267 -25.46 39.42 -34.71
CA LEU N 267 -26.75 40.09 -34.49
C LEU N 267 -27.08 41.05 -35.62
N ASP N 268 -26.08 41.79 -36.08
CA ASP N 268 -26.23 42.84 -37.07
C ASP N 268 -26.56 42.26 -38.44
N ALA N 269 -25.90 41.15 -38.80
CA ALA N 269 -26.10 40.47 -40.07
C ALA N 269 -27.50 39.86 -40.17
N GLN N 270 -27.96 39.27 -39.07
CA GLN N 270 -29.30 38.71 -38.98
C GLN N 270 -30.36 39.80 -39.11
N TRP N 271 -30.17 40.93 -38.42
CA TRP N 271 -31.06 42.07 -38.50
C TRP N 271 -31.23 42.57 -39.93
N LEU N 272 -30.11 42.71 -40.65
CA LEU N 272 -30.13 43.19 -42.03
C LEU N 272 -30.91 42.24 -42.94
N TYR N 273 -30.80 40.93 -42.67
CA TYR N 273 -31.56 39.92 -43.40
C TYR N 273 -33.05 39.98 -43.03
N ASP N 274 -33.37 40.16 -41.74
CA ASP N 274 -34.75 40.20 -41.29
C ASP N 274 -35.52 41.42 -41.80
N ASN N 275 -34.87 42.60 -41.83
CA ASN N 275 -35.55 43.86 -42.10
C ASN N 275 -35.45 44.31 -43.57
N HIS N 276 -34.33 43.99 -44.25
CA HIS N 276 -34.11 44.42 -45.64
C HIS N 276 -33.99 43.26 -46.63
N LYS N 277 -34.10 42.01 -46.17
CA LYS N 277 -34.01 40.81 -47.01
C LYS N 277 -32.68 40.74 -47.77
N ASP N 278 -31.58 41.16 -47.11
CA ASP N 278 -30.25 41.14 -47.68
C ASP N 278 -29.42 40.04 -47.03
N GLU N 279 -28.94 39.09 -47.85
CA GLU N 279 -28.14 37.97 -47.38
C GLU N 279 -26.67 38.35 -47.20
N SER N 280 -26.20 39.43 -47.86
CA SER N 280 -24.79 39.74 -48.05
C SER N 280 -23.97 39.67 -46.76
N TYR N 281 -24.54 40.20 -45.67
CA TYR N 281 -23.84 40.29 -44.40
C TYR N 281 -23.74 38.92 -43.73
N LEU N 282 -24.84 38.14 -43.73
CA LEU N 282 -24.84 36.78 -43.20
C LEU N 282 -23.83 35.87 -43.89
N ARG N 283 -23.65 36.06 -45.22
CA ARG N 283 -22.73 35.22 -45.99
C ARG N 283 -21.25 35.56 -45.74
N ARG N 284 -20.96 36.64 -45.00
CA ARG N 284 -19.62 36.96 -44.51
C ARG N 284 -19.42 36.61 -43.04
N VAL N 285 -20.52 36.45 -42.28
CA VAL N 285 -20.44 36.00 -40.89
C VAL N 285 -20.34 34.48 -40.83
N VAL N 286 -21.29 33.80 -41.49
CA VAL N 286 -21.34 32.35 -41.53
C VAL N 286 -20.53 31.83 -42.72
N TYR N 287 -19.79 30.74 -42.52
CA TYR N 287 -19.06 30.06 -43.58
C TYR N 287 -19.53 28.61 -43.65
N PRO N 288 -19.49 28.00 -44.86
CA PRO N 288 -19.92 26.61 -44.99
C PRO N 288 -18.94 25.65 -44.33
N LEU N 289 -19.46 24.54 -43.79
CA LEU N 289 -18.66 23.56 -43.04
C LEU N 289 -17.50 22.96 -43.83
N GLU N 290 -17.52 23.05 -45.17
CA GLU N 290 -16.42 22.62 -46.02
C GLU N 290 -15.10 23.34 -45.72
N LYS N 291 -15.17 24.59 -45.22
CA LYS N 291 -13.98 25.33 -44.81
C LYS N 291 -13.27 24.70 -43.62
N LEU N 292 -14.00 23.99 -42.75
CA LEU N 292 -13.39 23.23 -41.66
C LEU N 292 -12.67 21.95 -42.10
N LEU N 293 -12.95 21.44 -43.32
CA LEU N 293 -12.47 20.14 -43.78
C LEU N 293 -11.38 20.23 -44.83
N THR N 294 -10.78 21.42 -45.07
CA THR N 294 -9.84 21.61 -46.17
C THR N 294 -8.49 20.91 -45.92
N SER N 295 -8.17 20.55 -44.68
CA SER N 295 -6.96 19.81 -44.34
C SER N 295 -7.04 18.33 -44.70
N HIS N 296 -8.25 17.73 -44.69
CA HIS N 296 -8.44 16.31 -44.90
C HIS N 296 -8.16 15.87 -46.34
N LYS N 297 -7.81 14.59 -46.50
CA LYS N 297 -7.57 14.01 -47.80
C LYS N 297 -8.93 13.75 -48.47
N ARG N 298 -9.00 14.03 -49.77
CA ARG N 298 -10.28 14.07 -50.47
C ARG N 298 -10.46 12.82 -51.34
N LEU N 299 -11.74 12.55 -51.62
CA LEU N 299 -12.12 11.45 -52.48
C LEU N 299 -13.39 11.88 -53.22
N VAL N 300 -13.23 12.19 -54.50
CA VAL N 300 -14.31 12.74 -55.31
C VAL N 300 -15.13 11.59 -55.89
N MET N 301 -16.46 11.71 -55.82
CA MET N 301 -17.38 10.65 -56.23
C MET N 301 -18.28 11.11 -57.38
N LYS N 302 -18.72 10.14 -58.17
CA LYS N 302 -19.68 10.37 -59.24
C LYS N 302 -21.03 10.69 -58.64
N ASP N 303 -21.85 11.46 -59.37
CA ASP N 303 -23.17 11.89 -58.92
C ASP N 303 -24.11 10.72 -58.64
N SER N 304 -23.96 9.61 -59.36
CA SER N 304 -24.71 8.37 -59.13
C SER N 304 -24.49 7.80 -57.72
N ALA N 305 -23.24 7.88 -57.24
CA ALA N 305 -22.85 7.28 -55.97
C ALA N 305 -23.29 8.10 -54.77
N VAL N 306 -23.61 9.40 -54.97
CA VAL N 306 -23.69 10.34 -53.86
C VAL N 306 -24.80 9.95 -52.91
N ASN N 307 -26.01 9.72 -53.46
CA ASN N 307 -27.18 9.43 -52.65
C ASN N 307 -27.06 8.08 -51.95
N ALA N 308 -26.47 7.10 -52.63
CA ALA N 308 -26.21 5.79 -52.04
C ALA N 308 -25.41 5.92 -50.75
N ILE N 309 -24.35 6.73 -50.79
CA ILE N 309 -23.50 6.92 -49.63
C ILE N 309 -24.25 7.64 -48.51
N CYS N 310 -25.14 8.60 -48.86
CA CYS N 310 -25.97 9.28 -47.87
C CYS N 310 -26.94 8.35 -47.17
N TYR N 311 -27.40 7.29 -47.86
CA TYR N 311 -28.28 6.27 -47.27
C TYR N 311 -27.54 5.26 -46.40
N GLY N 312 -26.20 5.27 -46.41
CA GLY N 312 -25.41 4.36 -45.60
C GLY N 312 -24.71 3.26 -46.40
N ALA N 313 -24.58 3.40 -47.73
CA ALA N 313 -23.79 2.48 -48.52
C ALA N 313 -22.31 2.78 -48.30
N LYS N 314 -21.48 1.75 -48.36
CA LYS N 314 -20.03 1.93 -48.33
C LYS N 314 -19.54 2.52 -49.65
N ILE N 315 -18.46 3.32 -49.58
CA ILE N 315 -17.91 3.97 -50.74
C ILE N 315 -17.20 2.91 -51.58
N MET N 316 -17.76 2.57 -52.75
CA MET N 316 -17.17 1.57 -53.63
C MET N 316 -16.33 2.23 -54.72
N LEU N 317 -15.41 1.43 -55.29
CA LEU N 317 -14.37 1.93 -56.18
C LEU N 317 -14.90 2.34 -57.55
N PRO N 318 -15.91 1.65 -58.14
CA PRO N 318 -16.46 2.08 -59.42
C PRO N 318 -17.03 3.50 -59.47
N GLY N 319 -17.39 4.09 -58.31
CA GLY N 319 -17.90 5.45 -58.22
C GLY N 319 -16.84 6.53 -57.96
N VAL N 320 -15.57 6.16 -57.75
CA VAL N 320 -14.53 7.13 -57.47
C VAL N 320 -14.07 7.76 -58.80
N LEU N 321 -14.14 9.09 -58.88
CA LEU N 321 -13.58 9.86 -59.98
C LEU N 321 -12.12 10.17 -59.71
N ARG N 322 -11.85 10.79 -58.55
CA ARG N 322 -10.51 11.24 -58.21
C ARG N 322 -10.21 10.96 -56.73
N TYR N 323 -8.92 10.85 -56.42
CA TYR N 323 -8.48 10.49 -55.08
C TYR N 323 -7.11 11.11 -54.83
N GLU N 324 -6.92 11.58 -53.59
CA GLU N 324 -5.73 12.33 -53.23
C GLU N 324 -4.54 11.41 -52.99
N ASP N 325 -3.33 11.96 -53.16
CA ASP N 325 -2.11 11.29 -52.74
C ASP N 325 -2.05 11.30 -51.21
N GLY N 326 -1.59 10.19 -50.64
CA GLY N 326 -1.36 10.09 -49.21
C GLY N 326 -2.62 9.69 -48.45
N ILE N 327 -3.49 8.86 -49.05
CA ILE N 327 -4.55 8.18 -48.33
C ILE N 327 -3.93 6.93 -47.76
N GLU N 328 -4.09 6.74 -46.45
CA GLU N 328 -3.61 5.57 -45.73
C GLU N 328 -4.79 4.78 -45.20
N VAL N 329 -4.52 3.55 -44.76
CA VAL N 329 -5.54 2.67 -44.20
C VAL N 329 -5.89 3.17 -42.79
N ASN N 330 -7.20 3.11 -42.48
CA ASN N 330 -7.77 3.57 -41.21
C ASN N 330 -7.64 5.09 -41.03
N GLN N 331 -7.50 5.85 -42.13
CA GLN N 331 -7.34 7.29 -42.07
C GLN N 331 -8.68 7.95 -42.36
N GLU N 332 -8.98 9.03 -41.62
CA GLU N 332 -10.21 9.80 -41.81
C GLU N 332 -10.06 10.68 -43.06
N ILE N 333 -10.94 10.48 -44.03
CA ILE N 333 -10.97 11.21 -45.29
C ILE N 333 -12.31 11.89 -45.47
N VAL N 334 -12.35 12.96 -46.29
CA VAL N 334 -13.59 13.61 -46.65
C VAL N 334 -13.99 13.13 -48.05
N VAL N 335 -15.25 12.72 -48.19
CA VAL N 335 -15.79 12.31 -49.47
C VAL N 335 -16.63 13.45 -50.00
N ILE N 336 -16.36 13.90 -51.25
CA ILE N 336 -17.03 15.07 -51.80
C ILE N 336 -17.70 14.78 -53.15
N THR N 337 -18.59 15.70 -53.55
CA THR N 337 -19.20 15.68 -54.87
C THR N 337 -18.29 16.37 -55.88
N THR N 338 -18.69 16.38 -57.16
CA THR N 338 -17.97 17.12 -58.19
C THR N 338 -18.22 18.63 -58.08
N LYS N 339 -19.28 19.05 -57.36
CA LYS N 339 -19.51 20.45 -57.03
C LYS N 339 -18.86 20.88 -55.71
N GLY N 340 -18.04 20.02 -55.08
CA GLY N 340 -17.26 20.38 -53.90
C GLY N 340 -18.02 20.30 -52.56
N GLU N 341 -19.20 19.67 -52.54
CA GLU N 341 -19.98 19.49 -51.32
C GLU N 341 -19.46 18.27 -50.56
N ALA N 342 -19.37 18.40 -49.23
CA ALA N 342 -18.97 17.26 -48.40
C ALA N 342 -20.15 16.29 -48.24
N ILE N 343 -19.95 15.03 -48.64
CA ILE N 343 -20.94 13.96 -48.47
C ILE N 343 -20.83 13.37 -47.08
N CYS N 344 -19.62 12.95 -46.68
CA CYS N 344 -19.41 12.27 -45.41
C CYS N 344 -17.95 12.29 -44.99
N MET N 345 -17.71 12.09 -43.69
CA MET N 345 -16.39 11.74 -43.20
C MET N 345 -16.31 10.21 -43.28
N ALA N 346 -15.29 9.70 -43.97
CA ALA N 346 -15.15 8.27 -44.21
C ALA N 346 -13.79 7.79 -43.71
N ILE N 347 -13.70 6.49 -43.40
CA ILE N 347 -12.48 5.83 -43.02
C ILE N 347 -11.97 5.01 -44.21
N ALA N 348 -10.74 5.27 -44.64
CA ALA N 348 -10.19 4.63 -45.82
C ALA N 348 -9.74 3.20 -45.51
N LEU N 349 -10.24 2.23 -46.30
CA LEU N 349 -9.81 0.84 -46.25
C LEU N 349 -8.92 0.45 -47.43
N MET N 350 -8.60 1.39 -48.33
CA MET N 350 -7.59 1.21 -49.35
C MET N 350 -6.63 2.40 -49.30
N THR N 351 -5.33 2.17 -49.55
CA THR N 351 -4.37 3.24 -49.72
C THR N 351 -4.50 3.81 -51.13
N THR N 352 -3.77 4.92 -51.39
CA THR N 352 -3.72 5.54 -52.72
C THR N 352 -3.26 4.52 -53.77
N ALA N 353 -2.17 3.79 -53.46
CA ALA N 353 -1.61 2.80 -54.38
C ALA N 353 -2.57 1.64 -54.65
N VAL N 354 -3.33 1.22 -53.63
CA VAL N 354 -4.26 0.11 -53.76
C VAL N 354 -5.44 0.49 -54.66
N ILE N 355 -5.92 1.74 -54.54
CA ILE N 355 -6.97 2.28 -55.40
C ILE N 355 -6.54 2.23 -56.86
N SER N 356 -5.26 2.57 -57.13
CA SER N 356 -4.71 2.56 -58.48
C SER N 356 -4.69 1.18 -59.15
N THR N 357 -4.52 0.10 -58.37
CA THR N 357 -4.37 -1.26 -58.89
C THR N 357 -5.70 -1.99 -59.06
N CYS N 358 -6.67 -1.75 -58.16
CA CYS N 358 -7.90 -2.53 -58.10
C CYS N 358 -8.93 -2.03 -59.13
N ASP N 359 -9.99 -2.83 -59.35
CA ASP N 359 -11.10 -2.45 -60.26
C ASP N 359 -12.46 -2.40 -59.57
N HIS N 360 -12.58 -2.88 -58.32
CA HIS N 360 -13.84 -2.87 -57.59
C HIS N 360 -13.54 -3.00 -56.10
N GLY N 361 -14.54 -2.80 -55.26
CA GLY N 361 -14.50 -3.13 -53.84
C GLY N 361 -14.57 -1.88 -52.96
N ILE N 362 -14.53 -2.13 -51.64
CA ILE N 362 -14.78 -1.10 -50.66
C ILE N 362 -13.54 -0.21 -50.56
N VAL N 363 -13.67 1.05 -51.01
CA VAL N 363 -12.63 2.05 -50.86
C VAL N 363 -12.62 2.59 -49.43
N ALA N 364 -13.81 2.85 -48.90
CA ALA N 364 -13.96 3.41 -47.57
C ALA N 364 -15.33 3.09 -46.97
N LYS N 365 -15.36 3.07 -45.63
CA LYS N 365 -16.58 2.94 -44.85
C LYS N 365 -16.93 4.30 -44.25
N ILE N 366 -18.22 4.51 -43.98
CA ILE N 366 -18.67 5.78 -43.41
C ILE N 366 -18.27 5.89 -41.94
N LYS N 367 -17.87 7.11 -41.53
CA LYS N 367 -17.74 7.47 -40.13
C LYS N 367 -18.96 8.29 -39.69
N ARG N 368 -19.27 9.37 -40.44
CA ARG N 368 -20.43 10.20 -40.18
C ARG N 368 -20.91 10.85 -41.47
N VAL N 369 -22.20 10.67 -41.79
CA VAL N 369 -22.80 11.26 -42.98
C VAL N 369 -23.14 12.72 -42.70
N ILE N 370 -22.64 13.64 -43.55
CA ILE N 370 -22.90 15.07 -43.43
C ILE N 370 -24.14 15.46 -44.23
N MET N 371 -24.17 15.08 -45.52
CA MET N 371 -25.22 15.49 -46.45
C MET N 371 -26.54 14.79 -46.11
N GLU N 372 -27.67 15.47 -46.38
CA GLU N 372 -29.00 14.90 -46.17
C GLU N 372 -29.30 13.82 -47.22
N ARG N 373 -30.22 12.91 -46.88
CA ARG N 373 -30.75 11.95 -47.83
C ARG N 373 -31.60 12.67 -48.87
N ASP N 374 -31.52 12.19 -50.13
CA ASP N 374 -32.34 12.69 -51.24
C ASP N 374 -31.97 14.13 -51.64
N THR N 375 -30.73 14.56 -51.37
CA THR N 375 -30.18 15.78 -51.97
C THR N 375 -29.98 15.50 -53.46
N TYR N 376 -29.35 14.36 -53.74
CA TYR N 376 -29.26 13.78 -55.08
C TYR N 376 -30.29 12.67 -55.20
N PRO N 377 -30.72 12.29 -56.42
CA PRO N 377 -31.65 11.16 -56.58
C PRO N 377 -30.99 9.80 -56.39
N ARG N 378 -31.84 8.77 -56.21
CA ARG N 378 -31.39 7.39 -56.15
C ARG N 378 -31.00 6.94 -57.55
N LYS N 379 -29.70 6.61 -57.72
CA LYS N 379 -29.17 6.13 -58.99
C LYS N 379 -28.40 4.82 -58.81
N TRP N 380 -28.74 4.02 -57.78
CA TRP N 380 -28.02 2.78 -57.52
C TRP N 380 -28.79 1.57 -58.02
N GLY N 381 -28.03 0.58 -58.50
CA GLY N 381 -28.57 -0.61 -59.13
C GLY N 381 -28.58 -0.52 -60.66
N LEU N 382 -28.19 0.64 -61.24
CA LEU N 382 -28.25 0.87 -62.68
C LEU N 382 -26.99 0.43 -63.41
N GLY N 383 -25.87 0.23 -62.68
CA GLY N 383 -24.58 -0.04 -63.31
C GLY N 383 -24.50 -1.43 -63.96
N PRO N 384 -23.43 -1.71 -64.76
CA PRO N 384 -23.34 -2.94 -65.55
C PRO N 384 -23.35 -4.23 -64.74
N LYS N 385 -22.51 -4.32 -63.70
CA LYS N 385 -22.40 -5.54 -62.89
C LYS N 385 -23.63 -5.73 -61.99
N ALA N 386 -24.13 -4.62 -61.43
CA ALA N 386 -25.33 -4.62 -60.61
C ALA N 386 -26.59 -4.96 -61.43
N SER N 387 -26.65 -4.50 -62.69
CA SER N 387 -27.72 -4.86 -63.61
C SER N 387 -27.66 -6.35 -63.98
N GLN N 388 -26.46 -6.84 -64.30
CA GLN N 388 -26.21 -8.25 -64.58
C GLN N 388 -26.64 -9.16 -63.42
N LYS N 389 -26.36 -8.74 -62.19
CA LYS N 389 -26.74 -9.50 -61.01
C LYS N 389 -28.27 -9.63 -60.89
N LYS N 390 -28.97 -8.50 -61.02
CA LYS N 390 -30.44 -8.47 -60.92
C LYS N 390 -31.10 -9.20 -62.09
N LEU N 391 -30.52 -9.06 -63.30
CA LEU N 391 -30.98 -9.76 -64.50
C LEU N 391 -30.87 -11.28 -64.32
N MET N 392 -29.70 -11.74 -63.88
CA MET N 392 -29.41 -13.17 -63.76
C MET N 392 -30.14 -13.81 -62.58
N ILE N 393 -30.58 -13.03 -61.59
CA ILE N 393 -31.48 -13.51 -60.54
C ILE N 393 -32.89 -13.70 -61.11
N LYS N 394 -33.37 -12.74 -61.92
CA LYS N 394 -34.67 -12.81 -62.55
C LYS N 394 -34.74 -13.92 -63.60
N GLN N 395 -33.70 -14.01 -64.45
CA GLN N 395 -33.60 -15.03 -65.49
C GLN N 395 -32.99 -16.32 -64.92
N GLY O 65 -0.22 5.04 10.72
CA GLY O 65 0.96 5.49 11.50
C GLY O 65 2.21 5.59 10.63
N PRO O 66 3.43 5.57 11.22
CA PRO O 66 4.66 5.48 10.44
C PRO O 66 4.74 4.21 9.59
N PRO O 67 5.08 4.31 8.28
CA PRO O 67 5.14 3.12 7.42
C PRO O 67 6.36 2.25 7.70
N GLU O 68 6.26 0.97 7.29
CA GLU O 68 7.30 -0.03 7.49
C GLU O 68 8.62 0.36 6.82
N ARG O 69 8.53 0.94 5.61
CA ARG O 69 9.68 1.46 4.89
C ARG O 69 9.25 2.64 4.01
N VAL O 70 10.25 3.40 3.53
CA VAL O 70 10.03 4.53 2.62
C VAL O 70 11.06 4.50 1.50
N VAL O 71 10.62 4.88 0.29
CA VAL O 71 11.43 4.88 -0.93
C VAL O 71 11.71 6.32 -1.34
N LEU O 72 12.86 6.53 -1.99
CA LEU O 72 13.30 7.85 -2.47
C LEU O 72 12.24 8.45 -3.40
N LEU O 73 11.70 9.62 -3.00
CA LEU O 73 10.73 10.37 -3.79
C LEU O 73 11.48 11.42 -4.61
N GLY O 74 12.23 12.30 -3.94
CA GLY O 74 12.87 13.40 -4.64
C GLY O 74 13.80 14.23 -3.76
N GLU O 75 14.38 15.27 -4.37
CA GLU O 75 15.37 16.13 -3.74
C GLU O 75 14.88 17.58 -3.71
N PHE O 76 15.38 18.34 -2.70
CA PHE O 76 14.92 19.71 -2.46
C PHE O 76 15.50 20.66 -3.50
N LEU O 77 14.62 21.43 -4.14
CA LEU O 77 14.95 22.65 -4.85
C LEU O 77 14.35 23.81 -4.05
N HIS O 78 14.45 25.04 -4.58
CA HIS O 78 13.96 26.26 -3.94
C HIS O 78 12.59 26.14 -3.28
N PRO O 79 12.34 26.89 -2.17
CA PRO O 79 10.98 27.06 -1.63
C PRO O 79 10.15 28.03 -2.46
N CYS O 80 8.83 27.95 -2.32
CA CYS O 80 7.91 28.79 -3.08
C CYS O 80 6.63 29.07 -2.28
N GLU O 81 6.59 30.21 -1.58
CA GLU O 81 5.41 30.70 -0.88
C GLU O 81 5.00 29.74 0.24
N ASP O 82 5.96 29.41 1.11
CA ASP O 82 5.77 28.62 2.32
C ASP O 82 5.38 27.16 2.07
N ASP O 83 5.68 26.64 0.86
CA ASP O 83 5.77 25.20 0.60
C ASP O 83 6.99 25.00 -0.30
N ILE O 84 7.45 23.75 -0.44
CA ILE O 84 8.78 23.47 -0.98
C ILE O 84 8.65 22.73 -2.31
N VAL O 85 9.35 23.25 -3.34
CA VAL O 85 9.36 22.63 -4.66
C VAL O 85 10.53 21.66 -4.72
N CYS O 86 10.28 20.45 -5.25
CA CYS O 86 11.22 19.35 -5.21
C CYS O 86 11.26 18.64 -6.57
N LYS O 87 12.47 18.33 -7.05
CA LYS O 87 12.64 17.54 -8.27
C LYS O 87 12.41 16.07 -7.93
N CYS O 88 11.54 15.41 -8.71
CA CYS O 88 11.20 14.01 -8.45
C CYS O 88 12.27 13.09 -9.03
N THR O 89 12.80 12.18 -8.19
CA THR O 89 13.81 11.20 -8.56
C THR O 89 13.40 9.85 -7.95
N THR O 90 12.40 9.22 -8.57
CA THR O 90 11.92 7.90 -8.20
C THR O 90 12.55 6.87 -9.13
N ASP O 91 12.72 5.64 -8.62
CA ASP O 91 13.14 4.50 -9.43
C ASP O 91 11.98 4.10 -10.34
N GLU O 92 12.30 3.78 -11.60
CA GLU O 92 11.33 3.45 -12.64
C GLU O 92 10.44 4.66 -12.99
N ASN O 93 10.83 5.90 -12.63
CA ASN O 93 10.07 7.11 -12.87
C ASN O 93 8.62 7.05 -12.35
N LYS O 94 8.44 6.48 -11.17
CA LYS O 94 7.10 6.36 -10.57
C LYS O 94 6.58 7.72 -10.10
N VAL O 95 5.25 7.86 -10.11
CA VAL O 95 4.56 9.12 -9.82
C VAL O 95 3.83 8.99 -8.49
N PRO O 96 3.95 9.97 -7.55
CA PRO O 96 3.25 9.88 -6.27
C PRO O 96 1.76 10.16 -6.35
N TYR O 97 1.01 9.65 -5.36
CA TYR O 97 -0.41 9.97 -5.18
C TYR O 97 -0.55 11.43 -4.74
N PHE O 98 -1.70 12.04 -5.09
CA PHE O 98 -2.04 13.37 -4.62
C PHE O 98 -2.39 13.30 -3.12
N ASN O 99 -1.85 14.25 -2.33
CA ASN O 99 -1.92 14.25 -0.87
C ASN O 99 -1.27 13.01 -0.25
N ALA O 100 -0.19 12.50 -0.86
CA ALA O 100 0.60 11.41 -0.30
C ALA O 100 1.58 11.97 0.73
N PRO O 101 1.64 11.45 1.97
CA PRO O 101 2.59 11.92 2.97
C PRO O 101 4.05 11.80 2.57
N VAL O 102 4.81 12.90 2.71
CA VAL O 102 6.22 12.97 2.40
C VAL O 102 6.99 12.89 3.72
N TYR O 103 8.01 12.02 3.75
CA TYR O 103 8.81 11.79 4.94
C TYR O 103 10.27 12.13 4.67
N LEU O 104 11.00 12.47 5.74
CA LEU O 104 12.47 12.46 5.73
C LEU O 104 12.93 11.03 6.02
N GLU O 105 14.22 10.72 5.81
CA GLU O 105 14.72 9.36 5.97
C GLU O 105 14.61 8.81 7.41
N ASN O 106 14.35 9.68 8.40
CA ASN O 106 14.03 9.30 9.77
C ASN O 106 12.57 8.85 9.96
N LYS O 107 11.74 8.83 8.89
CA LYS O 107 10.33 8.44 8.93
C LYS O 107 9.49 9.42 9.75
N GLU O 108 9.84 10.72 9.67
CA GLU O 108 9.07 11.80 10.28
C GLU O 108 8.39 12.57 9.17
N GLN O 109 7.07 12.78 9.28
CA GLN O 109 6.29 13.41 8.24
C GLN O 109 6.54 14.93 8.21
N ILE O 110 7.05 15.43 7.06
CA ILE O 110 7.30 16.85 6.86
C ILE O 110 6.12 17.54 6.18
N GLY O 111 5.39 16.81 5.32
CA GLY O 111 4.25 17.38 4.64
C GLY O 111 3.52 16.39 3.73
N LYS O 112 2.84 16.92 2.70
CA LYS O 112 2.06 16.13 1.77
C LYS O 112 2.27 16.68 0.36
N VAL O 113 2.20 15.79 -0.65
CA VAL O 113 2.39 16.17 -2.04
C VAL O 113 1.17 16.95 -2.54
N ASP O 114 1.40 18.21 -2.95
CA ASP O 114 0.32 19.13 -3.33
C ASP O 114 0.19 19.17 -4.86
N GLU O 115 1.24 19.65 -5.53
CA GLU O 115 1.29 19.76 -6.98
C GLU O 115 2.26 18.72 -7.55
N ILE O 116 1.97 18.26 -8.77
CA ILE O 116 2.88 17.48 -9.58
C ILE O 116 2.89 18.10 -10.98
N PHE O 117 4.08 18.48 -11.47
CA PHE O 117 4.18 19.22 -12.72
C PHE O 117 5.54 19.01 -13.40
N GLY O 118 5.58 19.38 -14.69
CA GLY O 118 6.75 19.23 -15.54
C GLY O 118 6.57 18.09 -16.54
N GLN O 119 7.64 17.81 -17.31
CA GLN O 119 7.63 16.75 -18.31
C GLN O 119 7.52 15.37 -17.64
N LEU O 120 7.05 14.36 -18.38
CA LEU O 120 6.73 13.04 -17.84
C LEU O 120 7.93 12.37 -17.16
N ARG O 121 9.10 12.44 -17.83
CA ARG O 121 10.32 11.78 -17.36
C ARG O 121 11.25 12.69 -16.56
N ASP O 122 10.91 13.98 -16.42
CA ASP O 122 11.63 14.95 -15.61
C ASP O 122 10.63 15.88 -14.94
N PHE O 123 9.95 15.38 -13.89
CA PHE O 123 8.88 16.13 -13.24
C PHE O 123 9.26 16.56 -11.82
N TYR O 124 8.54 17.59 -11.36
CA TYR O 124 8.72 18.19 -10.06
C TYR O 124 7.46 17.96 -9.22
N PHE O 125 7.56 18.30 -7.93
CA PHE O 125 6.39 18.31 -7.05
C PHE O 125 6.61 19.30 -5.91
N SER O 126 5.52 20.00 -5.52
CA SER O 126 5.51 20.82 -4.33
C SER O 126 5.00 20.02 -3.14
N VAL O 127 5.44 20.39 -1.93
CA VAL O 127 5.06 19.73 -0.70
C VAL O 127 4.43 20.75 0.25
N LYS O 128 3.13 20.58 0.54
CA LYS O 128 2.45 21.37 1.56
C LYS O 128 2.93 20.87 2.93
N LEU O 129 3.66 21.73 3.65
CA LEU O 129 4.37 21.33 4.85
C LEU O 129 3.41 21.13 6.03
N SER O 130 3.92 20.43 7.06
CA SER O 130 3.18 20.12 8.28
C SER O 130 3.04 21.36 9.15
N GLU O 131 2.20 21.26 10.19
CA GLU O 131 1.93 22.32 11.17
C GLU O 131 3.20 22.93 11.78
N ASN O 132 4.17 22.08 12.13
CA ASN O 132 5.36 22.49 12.89
C ASN O 132 6.56 22.86 12.01
N MET O 133 6.47 22.61 10.69
CA MET O 133 7.63 22.74 9.79
C MET O 133 7.67 24.15 9.19
N LYS O 134 8.88 24.55 8.76
CA LYS O 134 9.14 25.80 8.07
C LYS O 134 9.99 25.53 6.83
N ALA O 135 9.71 26.27 5.74
CA ALA O 135 10.36 26.08 4.46
C ALA O 135 11.83 26.48 4.45
N SER O 136 12.26 27.34 5.39
CA SER O 136 13.65 27.76 5.55
C SER O 136 14.58 26.65 6.06
N SER O 137 14.02 25.61 6.70
CA SER O 137 14.79 24.55 7.36
C SER O 137 15.60 23.68 6.38
N PHE O 138 15.09 23.47 5.16
CA PHE O 138 15.61 22.46 4.25
C PHE O 138 16.79 23.02 3.45
N LYS O 139 17.81 22.16 3.22
CA LYS O 139 19.00 22.50 2.46
C LYS O 139 18.91 21.98 1.03
N LYS O 140 19.78 22.51 0.15
CA LYS O 140 19.77 22.16 -1.26
C LYS O 140 20.24 20.72 -1.47
N LEU O 141 19.49 19.98 -2.31
CA LEU O 141 19.73 18.57 -2.63
C LEU O 141 19.49 17.65 -1.41
N GLN O 142 18.64 18.08 -0.47
CA GLN O 142 18.18 17.24 0.64
C GLN O 142 17.10 16.30 0.11
N LYS O 143 17.22 15.01 0.45
CA LYS O 143 16.35 13.98 -0.12
C LYS O 143 15.09 13.79 0.74
N PHE O 144 13.98 13.45 0.08
CA PHE O 144 12.70 13.15 0.70
C PHE O 144 12.21 11.79 0.24
N TYR O 145 11.42 11.14 1.12
CA TYR O 145 11.04 9.75 0.98
C TYR O 145 9.53 9.57 1.16
N ILE O 146 8.99 8.54 0.48
CA ILE O 146 7.56 8.28 0.39
C ILE O 146 7.29 6.80 0.65
N ASP O 147 6.11 6.53 1.21
CA ASP O 147 5.61 5.17 1.39
C ASP O 147 5.42 4.54 0.01
N PRO O 148 6.09 3.42 -0.34
CA PRO O 148 6.10 2.90 -1.70
C PRO O 148 4.75 2.49 -2.28
N TYR O 149 3.75 2.22 -1.43
CA TYR O 149 2.39 1.92 -1.90
C TYR O 149 1.58 3.07 -2.54
N LYS O 150 1.80 4.34 -2.13
CA LYS O 150 1.22 5.52 -2.77
C LYS O 150 2.14 6.20 -3.82
N LEU O 151 2.84 5.33 -4.56
CA LEU O 151 3.49 5.62 -5.83
C LEU O 151 2.60 4.90 -6.83
N LEU O 152 2.66 5.36 -8.08
CA LEU O 152 2.02 4.71 -9.22
C LEU O 152 3.05 4.58 -10.34
N PRO O 153 2.92 3.56 -11.24
CA PRO O 153 3.81 3.44 -12.38
C PRO O 153 3.53 4.46 -13.47
N LEU O 154 4.58 4.86 -14.20
CA LEU O 154 4.49 5.85 -15.27
C LEU O 154 3.62 5.36 -16.43
N GLN O 155 3.60 4.04 -16.66
CA GLN O 155 2.83 3.38 -17.71
C GLN O 155 1.33 3.74 -17.69
N ARG O 156 0.78 3.99 -16.50
CA ARG O 156 -0.61 4.39 -16.30
C ARG O 156 -0.95 5.68 -17.04
N PHE O 157 -0.03 6.66 -17.02
CA PHE O 157 -0.23 7.97 -17.62
C PHE O 157 0.16 8.01 -19.09
N LEU O 158 1.07 7.12 -19.51
CA LEU O 158 1.40 6.91 -20.92
C LEU O 158 0.18 6.34 -21.67
N PRO O 159 0.09 6.56 -23.01
CA PRO O 159 -1.13 6.21 -23.75
C PRO O 159 -1.32 4.70 -23.89
N ARG O 160 -2.57 4.30 -24.13
CA ARG O 160 -2.93 2.89 -24.28
C ARG O 160 -2.36 2.34 -25.59
N PRO O 161 -1.75 1.12 -25.60
CA PRO O 161 -1.26 0.50 -26.83
C PRO O 161 -2.30 0.34 -27.95
N THR P 23 1.64 69.56 -32.05
CA THR P 23 1.17 68.49 -31.12
C THR P 23 -0.14 67.88 -31.59
N TYR P 24 -1.09 68.72 -32.04
CA TYR P 24 -2.40 68.30 -32.51
C TYR P 24 -2.31 67.30 -33.66
N GLN P 25 -1.36 67.52 -34.58
CA GLN P 25 -1.21 66.70 -35.79
C GLN P 25 -0.77 65.27 -35.47
N GLU P 26 -0.07 65.05 -34.33
CA GLU P 26 0.33 63.72 -33.90
C GLU P 26 -0.87 62.86 -33.46
N LEU P 27 -1.84 63.47 -32.75
CA LEU P 27 -3.08 62.80 -32.36
C LEU P 27 -3.96 62.43 -33.56
N LEU P 28 -3.81 63.16 -34.67
CA LEU P 28 -4.57 62.95 -35.90
C LEU P 28 -4.24 61.60 -36.56
N VAL P 29 -3.08 60.97 -36.22
CA VAL P 29 -2.74 59.63 -36.67
C VAL P 29 -3.69 58.58 -36.06
N ASN P 30 -4.07 58.76 -34.78
CA ASN P 30 -4.81 57.77 -34.01
C ASN P 30 -6.33 57.78 -34.27
N GLN P 31 -6.84 58.58 -35.21
CA GLN P 31 -8.28 58.71 -35.40
C GLN P 31 -8.91 57.47 -36.04
N ASN P 32 -10.23 57.31 -35.79
CA ASN P 32 -11.02 56.18 -36.28
C ASN P 32 -11.39 56.37 -37.74
N PRO P 33 -11.93 55.31 -38.41
CA PRO P 33 -12.67 55.48 -39.66
C PRO P 33 -13.91 56.40 -39.57
N ILE P 34 -14.63 56.35 -38.42
CA ILE P 34 -15.93 57.02 -38.28
C ILE P 34 -15.85 58.36 -37.58
N ALA P 35 -14.64 58.87 -37.24
CA ALA P 35 -14.48 60.06 -36.41
C ALA P 35 -14.55 61.33 -37.26
N GLN P 36 -15.76 61.65 -37.76
CA GLN P 36 -16.04 62.87 -38.50
C GLN P 36 -17.48 63.30 -38.21
N PRO P 37 -17.80 64.60 -38.03
CA PRO P 37 -16.86 65.71 -38.21
C PRO P 37 -15.94 65.93 -37.02
N LEU P 38 -14.62 65.96 -37.28
CA LEU P 38 -13.62 66.25 -36.26
C LEU P 38 -13.58 67.75 -36.03
N ALA P 39 -13.56 68.15 -34.74
CA ALA P 39 -13.51 69.56 -34.38
C ALA P 39 -12.15 70.16 -34.73
N SER P 40 -12.16 71.46 -35.12
CA SER P 40 -10.95 72.22 -35.37
C SER P 40 -10.17 72.42 -34.08
N ARG P 41 -8.87 72.74 -34.21
CA ARG P 41 -7.96 72.84 -33.08
C ARG P 41 -8.45 73.85 -32.03
N ARG P 42 -8.98 74.98 -32.49
CA ARG P 42 -9.55 76.01 -31.60
C ARG P 42 -10.91 75.59 -31.04
N LEU P 43 -11.75 74.91 -31.83
CA LEU P 43 -13.04 74.41 -31.39
C LEU P 43 -12.88 73.34 -30.30
N THR P 44 -11.86 72.47 -30.44
CA THR P 44 -11.49 71.49 -29.43
C THR P 44 -11.20 72.17 -28.09
N ARG P 45 -10.49 73.30 -28.13
CA ARG P 45 -10.13 74.07 -26.94
C ARG P 45 -11.38 74.70 -26.30
N LYS P 46 -12.30 75.22 -27.12
CA LYS P 46 -13.57 75.78 -26.64
C LYS P 46 -14.43 74.72 -25.94
N LEU P 47 -14.48 73.51 -26.51
CA LEU P 47 -15.29 72.42 -25.97
C LEU P 47 -14.77 71.95 -24.61
N TYR P 48 -13.44 71.84 -24.45
CA TYR P 48 -12.84 71.47 -23.17
C TYR P 48 -13.17 72.49 -22.08
N LYS P 49 -13.06 73.79 -22.38
CA LYS P 49 -13.36 74.86 -21.44
C LYS P 49 -14.85 74.88 -21.06
N CYS P 50 -15.74 74.52 -22.00
CA CYS P 50 -17.17 74.38 -21.72
C CYS P 50 -17.45 73.18 -20.81
N ILE P 51 -16.72 72.08 -21.00
CA ILE P 51 -16.85 70.88 -20.18
C ILE P 51 -16.41 71.16 -18.74
N LYS P 52 -15.26 71.83 -18.57
CA LYS P 52 -14.74 72.20 -17.25
C LYS P 52 -15.76 73.00 -16.42
N LYS P 53 -16.44 73.94 -17.06
CA LYS P 53 -17.47 74.76 -16.43
C LYS P 53 -18.73 73.94 -16.13
N ALA P 54 -19.09 73.00 -17.02
CA ALA P 54 -20.24 72.14 -16.83
C ALA P 54 -20.03 71.11 -15.71
N VAL P 55 -18.79 70.59 -15.59
CA VAL P 55 -18.43 69.67 -14.52
C VAL P 55 -18.50 70.37 -13.15
N LYS P 56 -18.01 71.62 -13.10
CA LYS P 56 -18.09 72.46 -11.90
C LYS P 56 -19.54 72.71 -11.49
N GLN P 57 -20.44 72.87 -12.48
CA GLN P 57 -21.86 73.10 -12.26
C GLN P 57 -22.66 71.81 -12.09
N LYS P 58 -22.04 70.63 -12.30
CA LYS P 58 -22.68 69.31 -12.17
C LYS P 58 -23.77 69.17 -13.25
N GLN P 59 -23.35 69.34 -14.50
CA GLN P 59 -24.25 69.31 -15.66
C GLN P 59 -23.58 68.61 -16.85
N ILE P 60 -23.01 67.42 -16.62
CA ILE P 60 -22.56 66.54 -17.71
C ILE P 60 -22.94 65.09 -17.45
N ARG P 61 -22.83 64.29 -18.51
CA ARG P 61 -22.98 62.84 -18.48
C ARG P 61 -21.77 62.25 -19.21
N ARG P 62 -21.19 61.17 -18.64
CA ARG P 62 -19.83 60.75 -19.00
C ARG P 62 -19.74 59.42 -19.73
N GLY P 63 -20.35 58.35 -19.20
CA GLY P 63 -20.26 57.04 -19.82
C GLY P 63 -21.08 56.97 -21.11
N VAL P 64 -20.81 55.96 -21.95
CA VAL P 64 -21.78 55.53 -22.94
C VAL P 64 -23.04 55.09 -22.22
N LYS P 65 -22.88 54.28 -21.15
CA LYS P 65 -23.97 53.86 -20.27
C LYS P 65 -24.88 55.03 -19.87
N GLU P 66 -24.28 56.15 -19.45
CA GLU P 66 -25.04 57.33 -19.06
C GLU P 66 -25.56 58.06 -20.29
N VAL P 67 -24.67 58.52 -21.19
CA VAL P 67 -25.06 59.32 -22.35
C VAL P 67 -26.19 58.67 -23.14
N GLN P 68 -26.10 57.35 -23.35
CA GLN P 68 -27.14 56.56 -24.02
C GLN P 68 -28.48 56.65 -23.29
N LYS P 69 -28.47 56.60 -21.94
CA LYS P 69 -29.67 56.62 -21.13
C LYS P 69 -30.43 57.95 -21.25
N PHE P 70 -29.72 59.08 -21.29
CA PHE P 70 -30.33 60.40 -21.28
C PHE P 70 -30.62 60.93 -22.68
N VAL P 71 -29.96 60.41 -23.72
CA VAL P 71 -30.38 60.63 -25.10
C VAL P 71 -31.71 59.92 -25.36
N ASN P 72 -31.92 58.73 -24.76
CA ASN P 72 -33.19 58.01 -24.84
C ASN P 72 -34.34 58.79 -24.17
N LYS P 73 -34.08 59.39 -23.00
CA LYS P 73 -35.06 60.22 -22.31
C LYS P 73 -35.34 61.53 -23.07
N GLY P 74 -34.40 61.99 -23.90
CA GLY P 74 -34.59 63.17 -24.76
C GLY P 74 -34.04 64.45 -24.12
N GLU P 75 -32.97 64.33 -23.31
CA GLU P 75 -32.33 65.48 -22.70
C GLU P 75 -31.34 66.07 -23.70
N LYS P 76 -31.44 67.38 -23.96
CA LYS P 76 -30.63 68.06 -24.96
C LYS P 76 -29.25 68.37 -24.42
N GLY P 77 -28.30 68.56 -25.35
CA GLY P 77 -26.91 68.84 -25.03
C GLY P 77 -25.99 68.57 -26.22
N ILE P 78 -24.77 69.13 -26.13
CA ILE P 78 -23.73 68.88 -27.14
C ILE P 78 -23.01 67.61 -26.73
N MET P 79 -23.06 66.59 -27.61
CA MET P 79 -22.42 65.30 -27.35
C MET P 79 -21.02 65.26 -27.99
N VAL P 80 -19.98 65.27 -27.14
CA VAL P 80 -18.59 65.28 -27.56
C VAL P 80 -18.07 63.85 -27.49
N LEU P 81 -17.46 63.38 -28.60
CA LEU P 81 -16.98 62.02 -28.73
C LEU P 81 -15.46 62.01 -28.89
N ALA P 82 -14.83 60.91 -28.43
CA ALA P 82 -13.39 60.74 -28.58
C ALA P 82 -13.11 60.02 -29.89
N GLY P 83 -12.31 60.64 -30.77
CA GLY P 83 -12.09 60.14 -32.11
C GLY P 83 -11.07 58.99 -32.23
N ASP P 84 -10.39 58.63 -31.13
CA ASP P 84 -9.43 57.53 -31.12
C ASP P 84 -9.96 56.30 -30.38
N THR P 85 -11.28 56.20 -30.18
CA THR P 85 -11.91 55.09 -29.47
C THR P 85 -11.86 53.83 -30.33
N LEU P 86 -11.34 52.73 -29.76
CA LEU P 86 -11.34 51.44 -30.43
C LEU P 86 -11.63 50.34 -29.41
N PRO P 87 -12.46 49.31 -29.71
CA PRO P 87 -13.14 49.16 -30.98
C PRO P 87 -14.31 50.13 -31.11
N ILE P 88 -14.74 50.42 -32.35
CA ILE P 88 -15.78 51.42 -32.58
C ILE P 88 -17.14 50.91 -32.10
N GLU P 89 -17.35 49.58 -31.95
CA GLU P 89 -18.62 49.00 -31.52
C GLU P 89 -19.14 49.53 -30.18
N VAL P 90 -18.23 50.01 -29.30
CA VAL P 90 -18.61 50.49 -27.97
C VAL P 90 -19.48 51.75 -28.02
N TYR P 91 -19.25 52.64 -29.01
CA TYR P 91 -19.95 53.93 -29.09
C TYR P 91 -20.48 54.30 -30.47
N CYS P 92 -20.35 53.45 -31.50
CA CYS P 92 -20.67 53.85 -32.87
C CYS P 92 -22.18 53.89 -33.14
N HIS P 93 -23.00 53.38 -32.21
CA HIS P 93 -24.44 53.58 -32.28
C HIS P 93 -24.88 55.01 -31.94
N LEU P 94 -24.09 55.78 -31.18
CA LEU P 94 -24.50 57.08 -30.64
C LEU P 94 -24.67 58.16 -31.72
N PRO P 95 -23.79 58.29 -32.73
CA PRO P 95 -24.00 59.24 -33.83
C PRO P 95 -25.38 59.23 -34.47
N VAL P 96 -25.95 58.04 -34.69
CA VAL P 96 -27.27 57.89 -35.31
C VAL P 96 -28.38 58.18 -34.31
N MET P 97 -28.19 57.84 -33.02
CA MET P 97 -29.13 58.20 -31.96
C MET P 97 -29.33 59.72 -31.88
N CYS P 98 -28.25 60.48 -32.13
CA CYS P 98 -28.31 61.93 -32.18
C CYS P 98 -29.03 62.44 -33.43
N GLU P 99 -28.75 61.82 -34.59
CA GLU P 99 -29.36 62.21 -35.86
C GLU P 99 -30.88 61.91 -35.90
N ASP P 100 -31.34 60.91 -35.14
CA ASP P 100 -32.76 60.62 -34.97
C ASP P 100 -33.48 61.75 -34.23
N ARG P 101 -32.80 62.35 -33.23
CA ARG P 101 -33.38 63.38 -32.37
C ARG P 101 -32.84 64.79 -32.67
N ASN P 102 -32.02 64.94 -33.73
CA ASN P 102 -31.42 66.21 -34.14
C ASN P 102 -30.52 66.83 -33.06
N LEU P 103 -29.85 65.98 -32.25
CA LEU P 103 -28.89 66.47 -31.26
C LEU P 103 -27.56 66.79 -31.95
N PRO P 104 -26.86 67.89 -31.58
CA PRO P 104 -25.57 68.22 -32.18
C PRO P 104 -24.43 67.40 -31.57
N TYR P 105 -23.60 66.75 -32.42
CA TYR P 105 -22.48 65.96 -31.94
C TYR P 105 -21.22 66.32 -32.73
N VAL P 106 -20.06 66.00 -32.12
CA VAL P 106 -18.77 66.34 -32.68
C VAL P 106 -17.68 65.44 -32.09
N TYR P 107 -16.65 65.15 -32.91
CA TYR P 107 -15.51 64.37 -32.48
C TYR P 107 -14.38 65.30 -32.05
N ILE P 108 -13.51 64.79 -31.16
CA ILE P 108 -12.30 65.47 -30.73
C ILE P 108 -11.13 64.49 -30.71
N PRO P 109 -9.86 64.97 -30.83
CA PRO P 109 -8.71 64.10 -31.10
C PRO P 109 -8.50 62.88 -30.18
N SER P 110 -8.69 63.02 -28.85
CA SER P 110 -8.30 61.97 -27.93
C SER P 110 -9.25 61.80 -26.74
N LYS P 111 -9.35 60.53 -26.28
CA LYS P 111 -10.16 60.11 -25.16
C LYS P 111 -9.55 60.51 -23.82
N THR P 112 -8.22 60.53 -23.73
CA THR P 112 -7.50 60.92 -22.51
C THR P 112 -7.71 62.39 -22.19
N ASP P 113 -7.67 63.26 -23.22
CA ASP P 113 -7.93 64.69 -23.07
C ASP P 113 -9.39 64.98 -22.75
N LEU P 114 -10.32 64.18 -23.29
CA LEU P 114 -11.74 64.31 -22.98
C LEU P 114 -12.02 63.99 -21.51
N GLY P 115 -11.37 62.95 -20.98
CA GLY P 115 -11.42 62.62 -19.57
C GLY P 115 -10.74 63.69 -18.72
N ALA P 116 -9.57 64.16 -19.17
CA ALA P 116 -8.82 65.22 -18.51
C ALA P 116 -9.61 66.53 -18.42
N ALA P 117 -10.41 66.85 -19.45
CA ALA P 117 -11.30 68.00 -19.45
C ALA P 117 -12.36 67.92 -18.34
N ALA P 118 -12.84 66.71 -18.02
CA ALA P 118 -13.80 66.50 -16.94
C ALA P 118 -13.14 66.30 -15.57
N GLY P 119 -11.82 66.51 -15.45
CA GLY P 119 -11.13 66.41 -14.17
C GLY P 119 -10.95 64.95 -13.74
N SER P 120 -10.45 64.12 -14.68
CA SER P 120 -10.26 62.70 -14.45
C SER P 120 -8.94 62.25 -15.09
N LYS P 121 -8.26 61.31 -14.41
CA LYS P 121 -7.01 60.73 -14.91
C LYS P 121 -7.29 59.63 -15.92
N ARG P 122 -8.43 58.91 -15.75
CA ARG P 122 -8.82 57.85 -16.66
C ARG P 122 -9.53 58.44 -17.87
N PRO P 123 -9.40 57.82 -19.06
CA PRO P 123 -10.07 58.31 -20.26
C PRO P 123 -11.57 58.04 -20.27
N THR P 124 -12.27 58.69 -21.22
CA THR P 124 -13.67 58.40 -21.53
C THR P 124 -13.91 58.69 -23.02
N CYS P 125 -14.81 57.92 -23.64
CA CYS P 125 -15.03 57.98 -25.08
C CYS P 125 -16.15 58.96 -25.47
N VAL P 126 -17.00 59.37 -24.52
CA VAL P 126 -18.08 60.29 -24.83
C VAL P 126 -18.44 61.14 -23.61
N ILE P 127 -18.84 62.41 -23.84
CA ILE P 127 -19.43 63.27 -22.83
C ILE P 127 -20.56 64.08 -23.46
N MET P 128 -21.67 64.26 -22.73
CA MET P 128 -22.74 65.14 -23.17
C MET P 128 -22.85 66.34 -22.24
N VAL P 129 -22.64 67.55 -22.79
CA VAL P 129 -22.67 68.78 -22.02
C VAL P 129 -24.08 69.35 -22.07
N LYS P 130 -24.70 69.54 -20.89
CA LYS P 130 -26.01 70.15 -20.78
C LYS P 130 -25.87 71.68 -20.74
N PRO P 131 -26.90 72.44 -21.20
CA PRO P 131 -26.89 73.89 -21.07
C PRO P 131 -27.15 74.35 -19.64
N HIS P 132 -26.59 75.52 -19.29
CA HIS P 132 -26.79 76.15 -17.99
C HIS P 132 -26.44 77.64 -18.05
N GLU P 133 -27.03 78.42 -17.12
CA GLU P 133 -26.94 79.88 -17.09
C GLU P 133 -25.51 80.42 -16.93
N GLU P 134 -24.69 79.73 -16.12
CA GLU P 134 -23.36 80.21 -15.75
C GLU P 134 -22.38 80.22 -16.92
N TYR P 135 -22.57 79.35 -17.91
CA TYR P 135 -21.74 79.29 -19.11
C TYR P 135 -22.59 79.24 -20.39
N GLN P 136 -23.73 79.96 -20.39
CA GLN P 136 -24.69 79.91 -21.49
C GLN P 136 -24.11 80.49 -22.79
N GLU P 137 -23.26 81.52 -22.67
CA GLU P 137 -22.65 82.18 -23.81
C GLU P 137 -21.59 81.30 -24.45
N ALA P 138 -20.76 80.64 -23.63
CA ALA P 138 -19.76 79.69 -24.10
C ALA P 138 -20.41 78.46 -24.72
N TYR P 139 -21.51 77.96 -24.13
CA TYR P 139 -22.30 76.87 -24.67
C TYR P 139 -22.85 77.19 -26.06
N ASP P 140 -23.46 78.37 -26.21
CA ASP P 140 -24.02 78.81 -27.49
C ASP P 140 -22.96 79.02 -28.56
N GLU P 141 -21.76 79.48 -28.17
CA GLU P 141 -20.63 79.64 -29.08
C GLU P 141 -20.17 78.29 -29.63
N CYS P 142 -20.09 77.27 -28.76
CA CYS P 142 -19.73 75.92 -29.16
C CYS P 142 -20.83 75.28 -30.02
N LEU P 143 -22.09 75.38 -29.55
CA LEU P 143 -23.26 74.87 -30.23
C LEU P 143 -23.37 75.39 -31.68
N GLU P 144 -23.17 76.70 -31.86
CA GLU P 144 -23.23 77.36 -33.16
C GLU P 144 -22.22 76.77 -34.15
N GLU P 145 -20.97 76.58 -33.69
CA GLU P 145 -19.90 76.07 -34.54
C GLU P 145 -20.07 74.58 -34.83
N VAL P 146 -20.61 73.80 -33.86
CA VAL P 146 -20.85 72.37 -34.04
C VAL P 146 -21.88 72.10 -35.15
N GLN P 147 -23.01 72.84 -35.11
CA GLN P 147 -24.07 72.72 -36.10
C GLN P 147 -23.62 73.20 -37.49
N SER P 148 -22.66 74.15 -37.54
CA SER P 148 -22.11 74.68 -38.79
C SER P 148 -21.12 73.74 -39.49
N LEU P 149 -20.64 72.66 -38.82
CA LEU P 149 -19.64 71.76 -39.38
C LEU P 149 -20.15 71.09 -40.67
N PRO P 150 -19.26 70.87 -41.69
CA PRO P 150 -19.60 70.01 -42.82
C PRO P 150 -19.75 68.53 -42.46
N LEU P 151 -20.81 67.90 -43.00
CA LEU P 151 -21.17 66.52 -42.64
C LEU P 151 -20.69 65.56 -43.74
N PRO P 152 -20.13 64.38 -43.38
CA PRO P 152 -19.71 63.39 -44.38
C PRO P 152 -20.86 62.65 -45.05
N MET Q 1 -8.68 45.71 -20.57
CA MET Q 1 -7.82 44.93 -19.62
C MET Q 1 -6.36 45.18 -20.01
N PHE Q 2 -5.42 44.26 -19.67
CA PHE Q 2 -4.00 44.51 -19.85
C PHE Q 2 -3.49 44.26 -21.28
N LEU Q 3 -4.00 43.25 -22.00
CA LEU Q 3 -3.47 42.88 -23.30
C LEU Q 3 -3.84 43.95 -24.33
N GLN Q 4 -2.82 44.44 -25.04
CA GLN Q 4 -2.98 45.32 -26.18
C GLN Q 4 -2.36 44.68 -27.41
N TYR Q 5 -2.56 45.29 -28.59
CA TYR Q 5 -1.87 44.85 -29.79
C TYR Q 5 -1.75 45.96 -30.84
N TYR Q 6 -0.82 45.76 -31.77
CA TYR Q 6 -0.70 46.55 -33.00
C TYR Q 6 -0.38 45.61 -34.14
N LEU Q 7 -0.76 46.00 -35.37
CA LEU Q 7 -0.50 45.16 -36.55
C LEU Q 7 0.89 45.43 -37.09
N ASN Q 8 1.63 44.36 -37.44
CA ASN Q 8 2.88 44.45 -38.19
C ASN Q 8 2.58 44.67 -39.68
N GLU Q 9 3.64 44.76 -40.50
CA GLU Q 9 3.51 45.08 -41.93
C GLU Q 9 2.82 44.00 -42.75
N GLN Q 10 2.76 42.73 -42.26
CA GLN Q 10 2.03 41.65 -42.93
C GLN Q 10 0.71 41.30 -42.22
N GLY Q 11 0.15 42.24 -41.43
CA GLY Q 11 -1.22 42.15 -40.93
C GLY Q 11 -1.41 41.20 -39.73
N ASP Q 12 -0.32 40.71 -39.12
CA ASP Q 12 -0.40 39.84 -37.96
C ASP Q 12 -0.47 40.69 -36.69
N ARG Q 13 -1.25 40.24 -35.71
CA ARG Q 13 -1.30 40.90 -34.41
C ARG Q 13 -0.01 40.71 -33.63
N VAL Q 14 0.53 41.82 -33.09
CA VAL Q 14 1.73 41.80 -32.27
C VAL Q 14 1.30 42.25 -30.88
N TYR Q 15 1.26 41.30 -29.95
CA TYR Q 15 0.74 41.56 -28.61
C TYR Q 15 1.76 42.28 -27.76
N THR Q 16 1.27 43.11 -26.83
CA THR Q 16 2.11 43.98 -26.00
C THR Q 16 1.30 44.53 -24.83
N LEU Q 17 2.01 44.87 -23.75
CA LEU Q 17 1.42 45.52 -22.57
C LEU Q 17 1.36 47.03 -22.77
N LYS Q 18 2.29 47.58 -23.57
CA LYS Q 18 2.49 49.01 -23.65
C LYS Q 18 1.38 49.66 -24.49
N LYS Q 19 0.98 50.87 -24.07
CA LYS Q 19 -0.13 51.58 -24.70
C LYS Q 19 0.22 52.16 -26.09
N PHE Q 20 1.52 52.27 -26.42
CA PHE Q 20 1.95 52.76 -27.71
C PHE Q 20 2.88 51.75 -28.41
N ASP Q 21 2.73 51.62 -29.73
CA ASP Q 21 3.54 50.71 -30.52
C ASP Q 21 4.91 51.33 -30.77
N PRO Q 22 5.89 50.65 -31.42
CA PRO Q 22 7.19 51.25 -31.69
C PRO Q 22 7.21 52.45 -32.65
N MET Q 23 6.11 52.72 -33.38
CA MET Q 23 6.00 53.87 -34.26
C MET Q 23 5.17 55.03 -33.66
N GLY Q 24 4.79 54.95 -32.37
CA GLY Q 24 4.12 56.04 -31.66
C GLY Q 24 2.58 56.03 -31.73
N GLN Q 25 1.97 55.09 -32.47
CA GLN Q 25 0.52 54.97 -32.56
C GLN Q 25 -0.02 54.26 -31.32
N GLN Q 26 -1.29 54.53 -30.98
CA GLN Q 26 -1.96 53.86 -29.87
C GLN Q 26 -2.27 52.41 -30.24
N THR Q 27 -2.10 51.51 -29.24
CA THR Q 27 -2.42 50.10 -29.39
C THR Q 27 -3.88 49.87 -29.04
N CYS Q 28 -4.52 48.93 -29.76
CA CYS Q 28 -5.90 48.56 -29.51
C CYS Q 28 -5.96 47.53 -28.37
N SER Q 29 -7.12 47.44 -27.69
CA SER Q 29 -7.38 46.35 -26.77
C SER Q 29 -7.55 45.04 -27.54
N ALA Q 30 -6.94 43.95 -27.02
CA ALA Q 30 -7.00 42.63 -27.65
C ALA Q 30 -8.43 42.05 -27.68
N HIS Q 31 -9.26 42.45 -26.71
CA HIS Q 31 -10.56 41.85 -26.48
C HIS Q 31 -11.62 42.60 -27.25
N PRO Q 32 -12.67 41.90 -27.75
CA PRO Q 32 -13.74 42.56 -28.48
C PRO Q 32 -14.66 43.32 -27.54
N ALA Q 33 -15.54 44.13 -28.13
CA ALA Q 33 -16.50 44.90 -27.37
C ALA Q 33 -17.46 43.97 -26.64
N ARG Q 34 -17.90 44.40 -25.44
CA ARG Q 34 -18.84 43.61 -24.67
C ARG Q 34 -20.18 43.58 -25.40
N PHE Q 35 -20.82 42.41 -25.40
CA PHE Q 35 -22.05 42.17 -26.14
C PHE Q 35 -23.22 41.97 -25.18
N SER Q 36 -24.38 42.46 -25.63
CA SER Q 36 -25.67 42.21 -25.01
C SER Q 36 -26.58 41.57 -26.03
N PRO Q 37 -27.32 40.49 -25.70
CA PRO Q 37 -28.32 39.93 -26.62
C PRO Q 37 -29.55 40.82 -26.81
N ASP Q 38 -29.82 41.70 -25.82
CA ASP Q 38 -30.91 42.66 -25.87
C ASP Q 38 -30.48 44.00 -26.49
N ASP Q 39 -29.41 43.98 -27.30
CA ASP Q 39 -28.94 45.18 -28.00
C ASP Q 39 -29.92 45.51 -29.12
N LYS Q 40 -30.36 46.77 -29.19
CA LYS Q 40 -31.34 47.23 -30.17
C LYS Q 40 -30.77 48.36 -31.03
N TYR Q 41 -29.44 48.32 -31.29
CA TYR Q 41 -28.75 49.36 -32.01
C TYR Q 41 -28.06 48.79 -33.26
N SER Q 42 -28.70 47.80 -33.89
CA SER Q 42 -28.21 47.16 -35.09
C SER Q 42 -28.36 48.09 -36.29
N ARG Q 43 -29.52 48.78 -36.38
CA ARG Q 43 -29.77 49.79 -37.40
C ARG Q 43 -28.69 50.86 -37.41
N HIS Q 44 -28.29 51.26 -36.20
CA HIS Q 44 -27.44 52.42 -35.98
C HIS Q 44 -26.01 52.10 -36.41
N ARG Q 45 -25.53 50.90 -36.07
CA ARG Q 45 -24.19 50.45 -36.44
C ARG Q 45 -24.05 50.24 -37.94
N ILE Q 46 -25.06 49.65 -38.60
CA ILE Q 46 -25.06 49.49 -40.05
C ILE Q 46 -25.06 50.86 -40.73
N THR Q 47 -25.86 51.80 -40.21
CA THR Q 47 -26.09 53.10 -40.82
C THR Q 47 -24.76 53.83 -41.05
N ILE Q 48 -23.90 53.93 -40.00
CA ILE Q 48 -22.66 54.69 -40.13
C ILE Q 48 -21.48 53.82 -40.59
N LYS Q 49 -21.52 52.51 -40.42
CA LYS Q 49 -20.50 51.66 -41.03
C LYS Q 49 -20.61 51.65 -42.55
N LYS Q 50 -21.84 51.76 -43.10
CA LYS Q 50 -22.06 52.00 -44.52
C LYS Q 50 -21.50 53.37 -44.95
N ARG Q 51 -21.80 54.40 -44.16
CA ARG Q 51 -21.44 55.77 -44.45
C ARG Q 51 -19.93 55.95 -44.64
N PHE Q 52 -19.11 55.33 -43.76
CA PHE Q 52 -17.66 55.47 -43.79
C PHE Q 52 -16.96 54.28 -44.47
N LYS Q 53 -17.71 53.45 -45.23
CA LYS Q 53 -17.15 52.38 -46.05
C LYS Q 53 -16.40 51.31 -45.21
N VAL Q 54 -16.84 51.09 -43.95
CA VAL Q 54 -16.20 50.13 -43.05
C VAL Q 54 -17.15 49.03 -42.58
N LEU Q 55 -18.32 48.88 -43.22
CA LEU Q 55 -19.16 47.71 -43.01
C LEU Q 55 -18.47 46.51 -43.66
N MET Q 56 -18.67 45.33 -43.08
CA MET Q 56 -18.00 44.11 -43.49
C MET Q 56 -18.31 43.73 -44.94
N THR Q 57 -19.52 44.07 -45.42
CA THR Q 57 -19.94 43.78 -46.80
C THR Q 57 -19.18 44.62 -47.84
N GLN Q 58 -18.64 45.78 -47.46
CA GLN Q 58 -17.96 46.68 -48.37
C GLN Q 58 -16.46 46.42 -48.49
N GLN Q 59 -15.88 45.53 -47.64
CA GLN Q 59 -14.46 45.24 -47.65
C GLN Q 59 -14.11 44.30 -48.81
N PRO Q 60 -12.81 44.10 -49.15
CA PRO Q 60 -12.42 43.08 -50.11
C PRO Q 60 -12.84 41.68 -49.68
N ARG Q 61 -13.48 40.94 -50.60
CA ARG Q 61 -14.06 39.63 -50.29
C ARG Q 61 -12.94 38.61 -50.04
N PRO Q 62 -13.05 37.71 -49.03
CA PRO Q 62 -11.94 36.81 -48.72
C PRO Q 62 -11.75 35.71 -49.76
N VAL Q 63 -10.49 35.30 -49.97
CA VAL Q 63 -10.12 34.24 -50.89
C VAL Q 63 -10.23 32.90 -50.18
N LEU Q 64 -11.11 32.02 -50.68
CA LEU Q 64 -11.37 30.71 -50.12
C LEU Q 64 -10.89 29.59 -51.07
N TRP R 146 9.75 63.37 29.50
CA TRP R 146 9.06 63.91 28.30
C TRP R 146 7.61 63.44 28.24
N ASN R 147 6.71 64.35 27.81
CA ASN R 147 5.28 64.09 27.70
C ASN R 147 4.66 65.02 26.66
N TYR R 148 3.57 64.56 26.02
CA TYR R 148 2.91 65.30 24.95
C TYR R 148 2.31 66.61 25.47
N SER R 149 2.42 67.67 24.65
CA SER R 149 1.90 68.99 24.98
C SER R 149 1.67 69.80 23.70
N PHE R 150 0.39 70.10 23.39
CA PHE R 150 0.02 70.95 22.27
C PHE R 150 -0.46 72.33 22.75
N SER R 151 0.17 72.86 23.80
CA SER R 151 0.03 74.26 24.20
C SER R 151 0.86 75.17 23.29
N GLN R 152 1.90 74.60 22.64
CA GLN R 152 2.74 75.29 21.68
C GLN R 152 2.66 74.56 20.34
N LEU R 153 3.02 75.26 19.25
CA LEU R 153 3.07 74.65 17.92
C LEU R 153 4.26 73.69 17.86
N PRO R 154 4.08 72.45 17.32
CA PRO R 154 5.20 71.51 17.17
C PRO R 154 6.42 72.07 16.42
N ARG R 155 7.61 71.82 16.99
CA ARG R 155 8.86 72.28 16.41
C ARG R 155 9.28 71.32 15.30
N PHE R 156 9.84 71.85 14.21
CA PHE R 156 10.23 71.04 13.07
C PHE R 156 11.46 70.18 13.40
N LEU R 157 11.48 68.97 12.85
CA LEU R 157 12.56 68.00 12.95
C LEU R 157 12.67 67.34 11.57
N SER R 158 13.86 66.82 11.22
CA SER R 158 14.16 66.39 9.85
C SER R 158 13.11 65.47 9.22
N GLY R 159 12.92 65.65 7.91
CA GLY R 159 12.07 64.82 7.07
C GLY R 159 12.78 64.41 5.78
N SER R 160 12.14 63.59 4.96
CA SER R 160 12.68 63.15 3.67
C SER R 160 11.79 63.62 2.53
N TRP R 161 12.39 64.27 1.52
CA TRP R 161 11.69 64.76 0.33
C TRP R 161 12.32 64.29 -0.99
N SER R 162 13.66 64.12 -1.04
CA SER R 162 14.40 63.94 -2.28
C SER R 162 14.12 62.60 -2.97
N GLU R 163 13.98 61.51 -2.20
CA GLU R 163 13.81 60.18 -2.77
C GLU R 163 12.40 59.97 -3.32
N PHE R 164 11.39 60.60 -2.69
CA PHE R 164 10.02 60.57 -3.18
C PHE R 164 9.87 61.28 -4.52
N SER R 165 10.73 62.27 -4.79
CA SER R 165 10.71 63.05 -6.04
C SER R 165 11.34 62.32 -7.24
N THR R 166 11.73 61.04 -7.11
CA THR R 166 12.25 60.26 -8.24
C THR R 166 11.20 60.08 -9.33
N GLN R 167 10.01 59.59 -8.94
CA GLN R 167 8.88 59.45 -9.86
C GLN R 167 8.14 60.78 -9.98
N PRO R 168 7.53 61.09 -11.15
CA PRO R 168 6.65 62.24 -11.29
C PRO R 168 5.27 61.98 -10.69
N GLU R 169 4.77 62.96 -9.91
CA GLU R 169 3.47 62.89 -9.26
C GLU R 169 3.42 61.73 -8.25
N ASN R 170 4.47 61.61 -7.45
CA ASN R 170 4.53 60.66 -6.34
C ASN R 170 3.89 61.32 -5.12
N PHE R 171 3.35 60.49 -4.21
CA PHE R 171 2.78 60.98 -2.96
C PHE R 171 2.76 59.86 -1.92
N LEU R 172 2.88 60.25 -0.65
CA LEU R 172 2.89 59.29 0.45
C LEU R 172 1.46 58.82 0.74
N LYS R 173 1.35 57.59 1.25
CA LYS R 173 0.09 56.97 1.60
C LYS R 173 0.17 56.56 3.07
N GLY R 174 0.44 57.56 3.92
CA GLY R 174 0.46 57.36 5.36
C GLY R 174 1.87 57.09 5.90
N CYS R 175 1.93 57.01 7.24
CA CYS R 175 3.14 56.67 7.97
C CYS R 175 2.73 56.00 9.28
N LYS R 176 3.56 55.07 9.77
CA LYS R 176 3.24 54.29 10.96
C LYS R 176 4.51 54.00 11.75
N TRP R 177 4.55 54.45 13.01
CA TRP R 177 5.60 54.08 13.94
C TRP R 177 5.53 52.58 14.25
N ALA R 178 6.70 51.96 14.44
CA ALA R 178 6.76 50.62 15.00
C ALA R 178 6.27 50.68 16.45
N PRO R 179 5.59 49.63 16.97
CA PRO R 179 4.98 49.71 18.30
C PRO R 179 5.96 49.84 19.48
N ASP R 180 7.25 49.55 19.26
CA ASP R 180 8.32 49.81 20.23
C ASP R 180 8.89 51.24 20.11
N GLY R 181 8.75 51.87 18.93
CA GLY R 181 9.18 53.24 18.69
C GLY R 181 10.58 53.35 18.09
N SER R 182 11.08 52.24 17.52
CA SER R 182 12.43 52.18 16.96
C SER R 182 12.53 52.89 15.62
N CYS R 183 11.50 52.70 14.76
CA CYS R 183 11.52 53.19 13.38
C CYS R 183 10.11 53.50 12.90
N ILE R 184 10.03 54.16 11.72
CA ILE R 184 8.77 54.53 11.10
C ILE R 184 8.70 53.96 9.68
N LEU R 185 7.51 53.44 9.32
CA LEU R 185 7.24 52.80 8.05
C LEU R 185 6.35 53.73 7.21
N THR R 186 6.65 53.87 5.91
CA THR R 186 5.90 54.75 5.03
C THR R 186 5.55 54.03 3.72
N ASN R 187 4.29 54.17 3.28
CA ASN R 187 3.82 53.73 1.98
C ASN R 187 3.86 54.93 1.04
N SER R 188 3.90 54.67 -0.27
CA SER R 188 3.94 55.72 -1.28
C SER R 188 3.33 55.24 -2.59
N ALA R 189 3.03 56.19 -3.49
CA ALA R 189 2.38 55.89 -4.76
C ALA R 189 3.27 55.11 -5.74
N ASP R 190 4.59 55.09 -5.50
CA ASP R 190 5.52 54.23 -6.24
C ASP R 190 5.47 52.74 -5.85
N ASN R 191 4.67 52.38 -4.82
CA ASN R 191 4.48 51.01 -4.35
C ASN R 191 5.76 50.48 -3.69
N ILE R 192 6.45 51.37 -2.93
CA ILE R 192 7.67 51.04 -2.23
C ILE R 192 7.47 51.38 -0.76
N LEU R 193 7.43 50.35 0.09
CA LEU R 193 7.46 50.54 1.54
C LEU R 193 8.89 50.93 1.93
N ARG R 194 9.01 51.98 2.77
CA ARG R 194 10.30 52.45 3.25
C ARG R 194 10.30 52.52 4.77
N ILE R 195 11.39 52.05 5.40
CA ILE R 195 11.55 52.15 6.85
C ILE R 195 12.65 53.16 7.13
N TYR R 196 12.33 54.18 7.95
CA TYR R 196 13.29 55.16 8.44
C TYR R 196 13.52 54.92 9.92
N ASN R 197 14.80 54.84 10.32
CA ASN R 197 15.16 54.75 11.74
C ASN R 197 14.87 56.08 12.44
N LEU R 198 14.69 56.00 13.77
CA LEU R 198 14.54 57.16 14.63
C LEU R 198 15.81 58.00 14.53
N PRO R 199 15.74 59.34 14.30
CA PRO R 199 16.93 60.16 14.11
C PRO R 199 17.97 60.04 15.25
N PRO R 200 19.26 59.72 14.96
CA PRO R 200 20.31 59.76 15.97
C PRO R 200 20.57 61.14 16.58
N GLU R 201 20.35 62.20 15.78
CA GLU R 201 20.57 63.58 16.19
C GLU R 201 19.58 64.07 17.26
N LEU R 202 18.46 63.35 17.49
CA LEU R 202 17.54 63.64 18.58
C LEU R 202 18.24 63.47 19.93
N TYR R 203 18.82 62.28 20.16
CA TYR R 203 19.53 61.96 21.39
C TYR R 203 20.90 62.63 21.47
N HIS R 204 21.51 62.95 20.31
CA HIS R 204 22.84 63.53 20.25
C HIS R 204 22.85 64.95 20.83
N VAL R 209 20.01 73.29 16.73
CA VAL R 209 20.76 72.18 16.05
C VAL R 209 20.10 71.89 14.71
N GLU R 210 20.93 71.54 13.70
CA GLU R 210 20.47 71.16 12.37
C GLU R 210 20.48 69.64 12.25
N TYR R 211 19.48 69.11 11.51
CA TYR R 211 19.34 67.69 11.22
C TYR R 211 19.45 67.51 9.70
N ALA R 212 20.17 66.47 9.26
CA ALA R 212 20.28 66.14 7.84
C ALA R 212 18.99 65.49 7.35
N GLU R 213 18.82 65.46 6.02
CA GLU R 213 17.68 64.82 5.38
C GLU R 213 17.71 63.32 5.67
N MET R 214 16.56 62.76 6.08
CA MET R 214 16.48 61.38 6.53
C MET R 214 16.64 60.40 5.35
N VAL R 215 17.27 59.26 5.62
CA VAL R 215 17.52 58.22 4.62
C VAL R 215 16.95 56.92 5.18
N PRO R 216 16.20 56.12 4.36
CA PRO R 216 15.60 54.89 4.85
C PRO R 216 16.60 53.76 4.90
N VAL R 217 16.59 52.99 5.99
CA VAL R 217 17.45 51.83 6.17
C VAL R 217 17.02 50.67 5.28
N LEU R 218 15.74 50.64 4.86
CA LEU R 218 15.22 49.60 3.97
C LEU R 218 14.27 50.21 2.93
N ARG R 219 14.30 49.62 1.72
CA ARG R 219 13.29 49.82 0.71
C ARG R 219 12.83 48.44 0.25
N MET R 220 11.52 48.15 0.41
CA MET R 220 10.97 46.83 0.09
C MET R 220 9.85 47.02 -0.94
N VAL R 221 10.13 46.61 -2.18
CA VAL R 221 9.34 46.97 -3.35
C VAL R 221 8.22 45.96 -3.56
N GLU R 222 7.00 46.47 -3.79
CA GLU R 222 5.86 45.69 -4.23
C GLU R 222 5.61 45.96 -5.71
N GLY R 223 4.94 45.01 -6.39
CA GLY R 223 4.71 45.06 -7.82
C GLY R 223 3.36 45.66 -8.20
N ASP R 224 2.59 46.17 -7.22
CA ASP R 224 1.25 46.66 -7.48
C ASP R 224 0.80 47.58 -6.34
N THR R 225 -0.35 48.28 -6.52
CA THR R 225 -0.87 49.21 -5.53
C THR R 225 -0.92 48.53 -4.16
N ILE R 226 -0.38 49.19 -3.13
CA ILE R 226 -0.37 48.65 -1.77
C ILE R 226 -1.63 49.15 -1.06
N TYR R 227 -2.57 48.24 -0.78
CA TYR R 227 -3.84 48.60 -0.18
C TYR R 227 -3.68 48.89 1.31
N ASP R 228 -2.99 47.98 2.02
CA ASP R 228 -2.73 48.16 3.44
C ASP R 228 -1.37 47.59 3.80
N TYR R 229 -0.87 48.02 4.96
CA TYR R 229 0.40 47.59 5.49
C TYR R 229 0.39 47.84 7.01
N CYS R 230 1.15 47.03 7.76
CA CYS R 230 1.21 47.20 9.20
C CYS R 230 2.42 46.50 9.82
N TRP R 231 2.83 47.02 10.98
CA TRP R 231 3.81 46.36 11.83
C TRP R 231 3.15 45.16 12.52
N TYR R 232 3.98 44.18 12.90
CA TYR R 232 3.55 43.09 13.76
C TYR R 232 3.10 43.66 15.11
N SER R 233 1.99 43.13 15.65
CA SER R 233 1.38 43.63 16.88
C SER R 233 2.36 43.67 18.05
N LEU R 234 3.13 42.58 18.23
CA LEU R 234 4.03 42.39 19.37
C LEU R 234 5.49 42.57 18.95
N MET R 235 5.79 43.61 18.14
CA MET R 235 7.16 43.85 17.71
C MET R 235 7.99 44.43 18.86
N SER R 236 9.25 43.96 18.93
CA SER R 236 10.32 44.59 19.69
C SER R 236 11.61 44.48 18.87
N SER R 237 12.42 45.54 18.85
CA SER R 237 13.70 45.54 18.13
C SER R 237 14.75 44.64 18.79
N ALA R 238 14.53 44.25 20.06
CA ALA R 238 15.37 43.27 20.75
C ALA R 238 15.26 41.85 20.18
N GLN R 239 14.16 41.54 19.46
CA GLN R 239 13.92 40.21 18.90
C GLN R 239 13.74 40.29 17.39
N PRO R 240 14.68 39.74 16.58
CA PRO R 240 14.50 39.59 15.13
C PRO R 240 13.25 38.82 14.67
N ASP R 241 12.78 37.87 15.49
CA ASP R 241 11.60 37.08 15.19
C ASP R 241 10.30 37.89 15.23
N THR R 242 10.27 39.02 15.95
CA THR R 242 9.08 39.86 16.06
C THR R 242 9.08 41.03 15.06
N SER R 243 10.27 41.55 14.70
CA SER R 243 10.36 42.73 13.84
C SER R 243 10.09 42.38 12.38
N TYR R 244 8.80 42.45 11.98
CA TYR R 244 8.42 42.28 10.57
C TYR R 244 7.15 43.06 10.22
N VAL R 245 6.98 43.30 8.90
CA VAL R 245 5.96 44.17 8.34
C VAL R 245 5.05 43.37 7.41
N ALA R 246 3.74 43.38 7.69
CA ALA R 246 2.75 42.80 6.79
C ALA R 246 2.38 43.82 5.71
N SER R 247 2.04 43.33 4.51
CA SER R 247 1.74 44.19 3.36
C SER R 247 0.87 43.45 2.34
N SER R 248 -0.26 44.08 1.95
CA SER R 248 -1.15 43.55 0.94
C SER R 248 -1.15 44.47 -0.28
N SER R 249 -1.32 43.87 -1.47
CA SER R 249 -1.16 44.56 -2.75
C SER R 249 -2.10 43.99 -3.80
N ARG R 250 -2.38 44.76 -4.86
CA ARG R 250 -3.32 44.39 -5.91
C ARG R 250 -2.93 43.07 -6.58
N GLU R 251 -3.85 42.09 -6.54
CA GLU R 251 -3.72 40.79 -7.17
C GLU R 251 -2.46 40.03 -6.70
N ASN R 252 -2.08 40.23 -5.44
CA ASN R 252 -0.89 39.62 -4.85
C ASN R 252 -1.25 39.03 -3.49
N PRO R 253 -0.45 38.07 -2.95
CA PRO R 253 -0.58 37.61 -1.57
C PRO R 253 -0.25 38.67 -0.51
N ILE R 254 -0.67 38.41 0.73
CA ILE R 254 -0.27 39.21 1.88
C ILE R 254 1.19 38.86 2.18
N HIS R 255 2.11 39.75 1.79
CA HIS R 255 3.53 39.53 2.02
C HIS R 255 3.93 39.94 3.44
N ILE R 256 4.87 39.17 4.02
CA ILE R 256 5.50 39.48 5.29
C ILE R 256 6.96 39.82 5.01
N TRP R 257 7.38 41.04 5.36
CA TRP R 257 8.72 41.53 5.12
C TRP R 257 9.50 41.60 6.43
N ASP R 258 10.72 41.08 6.42
CA ASP R 258 11.61 41.19 7.58
C ASP R 258 12.08 42.64 7.72
N ALA R 259 11.90 43.22 8.91
CA ALA R 259 12.14 44.64 9.14
C ALA R 259 13.62 45.01 9.33
N PHE R 260 14.53 44.03 9.38
CA PHE R 260 15.97 44.28 9.45
C PHE R 260 16.65 44.13 8.10
N THR R 261 16.36 43.03 7.37
CA THR R 261 17.03 42.70 6.11
C THR R 261 16.19 43.04 4.87
N GLY R 262 14.85 43.17 5.01
CA GLY R 262 13.98 43.54 3.91
C GLY R 262 13.76 42.43 2.89
N GLU R 263 13.81 41.15 3.34
CA GLU R 263 13.58 40.00 2.49
C GLU R 263 12.13 39.55 2.64
N LEU R 264 11.59 38.90 1.60
CA LEU R 264 10.26 38.31 1.68
C LEU R 264 10.35 37.05 2.56
N ARG R 265 9.69 37.13 3.72
CA ARG R 265 9.82 36.13 4.78
C ARG R 265 8.69 35.08 4.71
N ALA R 266 7.46 35.54 4.43
CA ALA R 266 6.31 34.65 4.30
C ALA R 266 5.27 35.24 3.35
N SER R 267 4.27 34.42 3.00
CA SER R 267 3.15 34.82 2.16
C SER R 267 1.88 34.12 2.62
N PHE R 268 0.85 34.91 2.96
CA PHE R 268 -0.49 34.40 3.19
C PHE R 268 -1.32 34.63 1.93
N ARG R 269 -2.06 33.59 1.52
CA ARG R 269 -2.77 33.58 0.24
C ARG R 269 -4.26 33.31 0.44
N ALA R 270 -5.11 34.22 -0.06
CA ALA R 270 -6.55 34.12 0.04
C ALA R 270 -7.15 33.84 -1.33
N TYR R 271 -7.79 32.67 -1.48
CA TYR R 271 -8.44 32.27 -2.71
C TYR R 271 -9.96 32.31 -2.58
N ASN R 272 -10.65 32.58 -3.70
CA ASN R 272 -12.11 32.51 -3.80
C ASN R 272 -12.54 31.07 -4.12
N HIS R 273 -13.86 30.85 -4.24
CA HIS R 273 -14.44 29.55 -4.58
C HIS R 273 -13.98 28.97 -5.93
N LEU R 274 -13.55 29.83 -6.88
CA LEU R 274 -12.99 29.39 -8.15
C LEU R 274 -11.50 29.07 -8.10
N ASP R 275 -10.86 29.18 -6.91
CA ASP R 275 -9.43 28.96 -6.72
C ASP R 275 -8.59 30.04 -7.42
N GLU R 276 -9.08 31.28 -7.41
CA GLU R 276 -8.37 32.45 -7.92
C GLU R 276 -8.00 33.34 -6.74
N LEU R 277 -6.77 33.88 -6.76
CA LEU R 277 -6.25 34.67 -5.66
C LEU R 277 -6.96 36.02 -5.59
N THR R 278 -7.43 36.38 -4.37
CA THR R 278 -8.04 37.68 -4.10
C THR R 278 -7.17 38.42 -3.09
N ALA R 279 -6.91 39.72 -3.35
CA ALA R 279 -6.05 40.54 -2.51
C ALA R 279 -6.85 41.15 -1.37
N ALA R 280 -6.21 41.23 -0.19
CA ALA R 280 -6.84 41.80 1.00
C ALA R 280 -6.73 43.33 0.96
N HIS R 281 -7.87 44.01 1.16
CA HIS R 281 -7.92 45.46 1.20
C HIS R 281 -7.52 46.03 2.56
N SER R 282 -7.44 45.19 3.60
CA SER R 282 -7.00 45.63 4.91
C SER R 282 -6.26 44.53 5.66
N LEU R 283 -5.52 44.93 6.70
CA LEU R 283 -4.72 44.02 7.52
C LEU R 283 -4.79 44.47 8.97
N CYS R 284 -4.80 43.50 9.89
CA CYS R 284 -4.67 43.80 11.31
C CYS R 284 -4.27 42.53 12.05
N PHE R 285 -3.17 42.60 12.81
CA PHE R 285 -2.80 41.53 13.71
C PHE R 285 -3.67 41.62 14.97
N SER R 286 -3.92 40.46 15.58
CA SER R 286 -4.63 40.37 16.84
C SER R 286 -3.76 40.92 17.98
N PRO R 287 -4.34 41.34 19.13
CA PRO R 287 -3.55 41.84 20.24
C PRO R 287 -2.61 40.84 20.92
N ASP R 288 -2.81 39.53 20.69
CA ASP R 288 -1.85 38.49 21.10
C ASP R 288 -0.72 38.31 20.08
N GLY R 289 -0.97 38.63 18.81
CA GLY R 289 0.00 38.44 17.74
C GLY R 289 -0.02 37.01 17.17
N SER R 290 -1.08 36.25 17.48
CA SER R 290 -1.23 34.88 17.01
C SER R 290 -1.88 34.83 15.62
N GLN R 291 -2.82 35.75 15.37
CA GLN R 291 -3.64 35.73 14.17
C GLN R 291 -3.46 37.01 13.35
N LEU R 292 -3.70 36.90 12.03
CA LEU R 292 -3.66 38.02 11.11
C LEU R 292 -5.03 38.16 10.44
N PHE R 293 -5.83 39.11 10.92
CA PHE R 293 -7.14 39.42 10.36
C PHE R 293 -6.95 40.29 9.12
N CYS R 294 -7.79 40.06 8.10
CA CYS R 294 -7.68 40.81 6.85
C CYS R 294 -9.03 40.88 6.13
N GLY R 295 -9.36 42.07 5.62
CA GLY R 295 -10.69 42.36 5.08
C GLY R 295 -10.74 42.24 3.56
N PHE R 296 -11.89 41.75 3.07
CA PHE R 296 -12.19 41.62 1.65
C PHE R 296 -13.61 42.12 1.40
N ASN R 297 -14.14 41.90 0.18
CA ASN R 297 -15.53 42.16 -0.14
C ASN R 297 -16.46 41.22 0.64
N ARG R 298 -17.22 41.77 1.60
CA ARG R 298 -18.21 41.06 2.39
C ARG R 298 -17.63 39.98 3.31
N THR R 299 -16.31 39.97 3.57
CA THR R 299 -15.72 38.89 4.37
C THR R 299 -14.37 39.28 4.97
N VAL R 300 -14.16 38.78 6.20
CA VAL R 300 -12.88 38.80 6.88
C VAL R 300 -12.32 37.39 6.85
N ARG R 301 -11.00 37.26 6.62
CA ARG R 301 -10.30 35.99 6.78
C ARG R 301 -9.35 36.10 7.97
N VAL R 302 -9.06 34.97 8.63
CA VAL R 302 -8.20 34.93 9.81
C VAL R 302 -7.12 33.89 9.60
N PHE R 303 -5.95 34.33 9.14
CA PHE R 303 -4.77 33.48 9.02
C PHE R 303 -4.10 33.34 10.38
N SER R 304 -3.54 32.15 10.65
CA SER R 304 -2.72 31.93 11.82
C SER R 304 -1.28 32.33 11.49
N THR R 305 -0.72 33.27 12.26
CA THR R 305 0.61 33.83 12.02
C THR R 305 1.69 32.75 12.01
N ALA R 306 1.53 31.69 12.82
CA ALA R 306 2.48 30.59 12.91
C ALA R 306 2.58 29.77 11.62
N ARG R 307 1.45 29.58 10.90
CA ARG R 307 1.38 28.76 9.70
C ARG R 307 1.09 29.62 8.47
N PRO R 308 2.13 30.17 7.77
CA PRO R 308 1.90 30.98 6.58
C PRO R 308 1.50 30.14 5.37
N GLY R 309 0.46 30.59 4.65
CA GLY R 309 -0.04 29.87 3.48
C GLY R 309 -1.47 30.29 3.14
N ARG R 310 -2.21 29.40 2.49
CA ARG R 310 -3.57 29.67 2.03
C ARG R 310 -4.59 29.30 3.11
N ASP R 311 -4.16 28.56 4.14
CA ASP R 311 -5.04 28.09 5.19
C ASP R 311 -5.59 29.28 5.97
N CYS R 312 -6.93 29.38 6.11
CA CYS R 312 -7.55 30.51 6.79
C CYS R 312 -9.01 30.20 7.17
N GLU R 313 -9.43 30.79 8.30
CA GLU R 313 -10.81 30.76 8.76
C GLU R 313 -11.55 31.92 8.09
N VAL R 314 -12.57 31.60 7.27
CA VAL R 314 -13.34 32.60 6.55
C VAL R 314 -14.54 33.02 7.39
N ARG R 315 -14.79 34.34 7.45
CA ARG R 315 -15.88 34.92 8.23
C ARG R 315 -16.68 35.86 7.34
N ALA R 316 -17.87 35.42 6.90
CA ALA R 316 -18.75 36.24 6.08
C ALA R 316 -19.47 37.25 6.96
N THR R 317 -19.47 38.52 6.53
CA THR R 317 -20.17 39.60 7.20
C THR R 317 -21.52 39.92 6.54
N PHE R 318 -21.82 39.28 5.39
CA PHE R 318 -23.04 39.50 4.63
C PHE R 318 -23.59 38.17 4.16
N ALA R 319 -24.78 37.79 4.64
CA ALA R 319 -25.37 36.48 4.40
C ALA R 319 -26.86 36.62 4.05
N LYS R 320 -27.21 36.31 2.79
CA LYS R 320 -28.57 36.38 2.27
C LYS R 320 -29.12 37.81 2.41
N LYS R 321 -28.38 38.76 1.81
CA LYS R 321 -28.66 40.20 1.80
C LYS R 321 -28.97 40.77 3.19
N GLN R 322 -28.19 40.37 4.20
CA GLN R 322 -28.33 40.87 5.57
C GLN R 322 -26.98 40.89 6.29
N GLY R 323 -26.59 42.07 6.81
CA GLY R 323 -25.34 42.28 7.52
C GLY R 323 -24.53 43.45 6.95
N GLN R 324 -23.21 43.44 7.22
CA GLN R 324 -22.31 44.49 6.75
C GLN R 324 -21.86 44.21 5.32
N SER R 325 -22.30 45.06 4.36
CA SER R 325 -21.95 44.94 2.95
C SER R 325 -20.70 45.75 2.62
N GLY R 326 -20.09 45.44 1.45
CA GLY R 326 -18.98 46.19 0.89
C GLY R 326 -17.61 45.66 1.29
N ILE R 327 -16.56 46.29 0.74
CA ILE R 327 -15.17 45.96 1.02
C ILE R 327 -14.84 46.43 2.43
N ILE R 328 -14.39 45.49 3.27
CA ILE R 328 -13.97 45.80 4.64
C ILE R 328 -12.59 46.45 4.60
N SER R 329 -12.56 47.76 4.89
CA SER R 329 -11.43 48.64 4.62
C SER R 329 -10.49 48.80 5.82
N CYS R 330 -10.91 48.35 7.01
CA CYS R 330 -10.10 48.51 8.21
C CYS R 330 -10.62 47.62 9.34
N ILE R 331 -9.69 47.00 10.09
CA ILE R 331 -10.00 46.24 11.29
C ILE R 331 -9.21 46.83 12.46
N ALA R 332 -9.80 46.79 13.66
CA ALA R 332 -9.15 47.23 14.88
C ALA R 332 -9.73 46.50 16.08
N PHE R 333 -8.87 46.19 17.07
CA PHE R 333 -9.26 45.42 18.24
C PHE R 333 -9.37 46.33 19.48
N SER R 334 -10.31 45.99 20.36
CA SER R 334 -10.47 46.68 21.64
C SER R 334 -9.33 46.27 22.57
N PRO R 335 -8.55 47.22 23.15
CA PRO R 335 -7.54 46.89 24.16
C PRO R 335 -8.04 46.08 25.37
N ALA R 336 -9.26 46.36 25.84
CA ALA R 336 -9.84 45.74 27.02
C ALA R 336 -10.77 44.58 26.66
N GLN R 337 -11.72 44.84 25.75
CA GLN R 337 -12.79 43.89 25.44
C GLN R 337 -12.31 42.80 24.48
N PRO R 338 -13.02 41.64 24.39
CA PRO R 338 -12.69 40.57 23.46
C PRO R 338 -13.44 40.70 22.14
N LEU R 339 -13.21 41.82 21.41
CA LEU R 339 -13.93 42.12 20.18
C LEU R 339 -13.04 42.88 19.19
N TYR R 340 -13.54 43.00 17.94
CA TYR R 340 -12.91 43.83 16.92
C TYR R 340 -13.96 44.54 16.08
N ALA R 341 -13.59 45.70 15.52
CA ALA R 341 -14.47 46.56 14.74
C ALA R 341 -14.02 46.58 13.28
N CYS R 342 -14.95 46.29 12.35
CA CYS R 342 -14.69 46.36 10.92
C CYS R 342 -15.40 47.56 10.29
N GLY R 343 -14.63 48.42 9.62
CA GLY R 343 -15.19 49.47 8.77
C GLY R 343 -15.22 49.01 7.32
N SER R 344 -16.20 49.52 6.56
CA SER R 344 -16.41 49.13 5.18
C SER R 344 -16.52 50.37 4.28
N TYR R 345 -16.23 50.18 2.98
CA TYR R 345 -16.46 51.21 1.99
C TYR R 345 -17.96 51.37 1.70
N GLY R 346 -18.74 50.31 1.91
CA GLY R 346 -20.16 50.46 2.21
C GLY R 346 -20.28 51.14 3.57
N ARG R 347 -21.10 52.19 3.67
CA ARG R 347 -21.03 53.19 4.74
C ARG R 347 -20.85 52.64 6.17
N SER R 348 -21.34 51.42 6.48
CA SER R 348 -21.52 50.96 7.86
C SER R 348 -20.25 50.49 8.60
N LEU R 349 -20.33 50.54 9.96
CA LEU R 349 -19.39 49.90 10.87
C LEU R 349 -20.01 48.64 11.44
N GLY R 350 -19.19 47.62 11.71
CA GLY R 350 -19.62 46.39 12.37
C GLY R 350 -18.69 46.05 13.52
N LEU R 351 -19.28 45.60 14.65
CA LEU R 351 -18.54 45.02 15.76
C LEU R 351 -18.73 43.51 15.75
N TYR R 352 -17.66 42.76 16.09
CA TYR R 352 -17.66 41.31 16.05
C TYR R 352 -16.87 40.76 17.23
N ALA R 353 -17.35 39.64 17.81
CA ALA R 353 -16.63 38.95 18.86
C ALA R 353 -15.40 38.25 18.27
N TRP R 354 -14.29 38.27 19.00
CA TRP R 354 -13.01 37.76 18.52
C TRP R 354 -13.06 36.24 18.31
N ASP R 355 -13.41 35.48 19.35
CA ASP R 355 -13.35 34.02 19.33
C ASP R 355 -14.24 33.38 18.25
N ASP R 356 -15.49 33.86 18.11
CA ASP R 356 -16.47 33.27 17.20
C ASP R 356 -16.61 34.02 15.86
N GLY R 357 -16.51 35.36 15.90
CA GLY R 357 -16.82 36.19 14.74
C GLY R 357 -18.33 36.43 14.61
N SER R 358 -19.05 36.39 15.75
CA SER R 358 -20.49 36.62 15.79
C SER R 358 -20.75 38.12 15.88
N PRO R 359 -21.71 38.70 15.12
CA PRO R 359 -21.97 40.14 15.20
C PRO R 359 -22.51 40.60 16.56
N LEU R 360 -21.85 41.61 17.15
CA LEU R 360 -22.28 42.25 18.39
C LEU R 360 -23.18 43.46 18.08
N ALA R 361 -22.82 44.23 17.04
CA ALA R 361 -23.61 45.38 16.61
C ALA R 361 -23.32 45.75 15.17
N LEU R 362 -24.19 46.62 14.61
CA LEU R 362 -24.01 47.20 13.29
C LEU R 362 -24.41 48.67 13.36
N LEU R 363 -23.50 49.57 12.95
CA LEU R 363 -23.62 51.00 13.19
C LEU R 363 -23.53 51.79 11.88
N GLY R 364 -24.37 52.84 11.77
CA GLY R 364 -24.41 53.70 10.59
C GLY R 364 -23.50 54.92 10.77
N GLY R 365 -24.10 56.12 10.75
CA GLY R 365 -23.40 57.36 11.05
C GLY R 365 -22.76 58.00 9.81
N HIS R 366 -21.70 57.37 9.28
CA HIS R 366 -20.86 57.96 8.25
C HIS R 366 -21.59 58.10 6.91
N GLN R 367 -21.27 59.20 6.20
CA GLN R 367 -21.85 59.54 4.91
C GLN R 367 -20.95 59.14 3.73
N GLY R 368 -19.80 58.50 4.01
CA GLY R 368 -18.90 57.98 2.98
C GLY R 368 -18.27 56.67 3.41
N GLY R 369 -17.41 56.10 2.55
CA GLY R 369 -16.74 54.85 2.83
C GLY R 369 -15.72 55.02 3.96
N ILE R 370 -15.85 54.19 5.01
CA ILE R 370 -15.00 54.28 6.19
C ILE R 370 -13.58 53.82 5.82
N THR R 371 -12.58 54.57 6.31
CA THR R 371 -11.18 54.35 5.95
C THR R 371 -10.29 53.99 7.15
N HIS R 372 -10.64 54.37 8.39
CA HIS R 372 -9.76 54.14 9.53
C HIS R 372 -10.54 53.99 10.84
N LEU R 373 -9.92 53.29 11.80
CA LEU R 373 -10.49 53.07 13.13
C LEU R 373 -9.40 53.17 14.20
N CYS R 374 -9.77 53.66 15.40
CA CYS R 374 -8.88 53.69 16.56
C CYS R 374 -9.68 53.48 17.84
N PHE R 375 -9.26 52.51 18.66
CA PHE R 375 -9.83 52.32 19.98
C PHE R 375 -9.06 53.16 20.99
N HIS R 376 -9.79 53.76 21.94
CA HIS R 376 -9.22 54.49 23.04
C HIS R 376 -8.63 53.49 24.04
N PRO R 377 -7.52 53.81 24.77
CA PRO R 377 -6.99 52.90 25.80
C PRO R 377 -7.91 52.54 26.98
N ASP R 378 -9.02 53.29 27.16
CA ASP R 378 -10.11 52.91 28.05
C ASP R 378 -10.69 51.56 27.67
N GLY R 379 -10.90 51.34 26.36
CA GLY R 379 -11.53 50.13 25.84
C GLY R 379 -12.99 50.37 25.44
N ASN R 380 -13.68 51.31 26.13
CA ASN R 380 -15.08 51.61 25.88
C ASN R 380 -15.22 52.44 24.59
N ARG R 381 -14.46 53.55 24.53
CA ARG R 381 -14.60 54.55 23.48
C ARG R 381 -13.74 54.21 22.26
N PHE R 382 -14.24 54.54 21.05
CA PHE R 382 -13.47 54.44 19.82
C PHE R 382 -13.91 55.48 18.79
N PHE R 383 -13.07 55.66 17.75
CA PHE R 383 -13.25 56.72 16.76
C PHE R 383 -13.14 56.13 15.35
N SER R 384 -13.77 56.82 14.39
CA SER R 384 -13.80 56.38 12.99
C SER R 384 -13.79 57.58 12.05
N GLY R 385 -13.28 57.36 10.83
CA GLY R 385 -13.19 58.38 9.80
C GLY R 385 -13.44 57.78 8.41
N ALA R 386 -13.84 58.64 7.46
CA ALA R 386 -14.24 58.18 6.13
C ALA R 386 -13.71 59.09 5.02
N ARG R 387 -13.85 58.59 3.78
CA ARG R 387 -13.44 59.31 2.57
C ARG R 387 -14.59 60.16 2.05
N LYS R 388 -14.24 61.36 1.52
CA LYS R 388 -15.21 62.37 1.09
C LYS R 388 -16.30 62.57 2.13
N ASP R 389 -15.86 62.82 3.37
CA ASP R 389 -16.74 62.94 4.52
C ASP R 389 -16.09 63.86 5.55
N ALA R 390 -16.84 64.89 5.97
CA ALA R 390 -16.30 65.96 6.80
C ALA R 390 -16.11 65.57 8.27
N GLU R 391 -16.89 64.59 8.78
CA GLU R 391 -16.92 64.32 10.22
C GLU R 391 -16.07 63.10 10.62
N LEU R 392 -15.37 63.26 11.75
CA LEU R 392 -14.68 62.19 12.46
C LEU R 392 -15.56 61.82 13.65
N LEU R 393 -16.18 60.63 13.60
CA LEU R 393 -17.21 60.26 14.56
C LEU R 393 -16.63 59.56 15.78
N CYS R 394 -17.04 60.02 16.97
CA CYS R 394 -16.71 59.41 18.24
C CYS R 394 -17.82 58.44 18.63
N TRP R 395 -17.43 57.24 19.10
CA TRP R 395 -18.37 56.20 19.50
C TRP R 395 -18.10 55.78 20.92
N ASP R 396 -19.01 54.95 21.46
CA ASP R 396 -18.84 54.32 22.76
C ASP R 396 -19.52 52.95 22.73
N LEU R 397 -18.84 51.95 23.30
CA LEU R 397 -19.36 50.58 23.37
C LEU R 397 -20.57 50.50 24.30
N ARG R 398 -20.61 51.37 25.32
CA ARG R 398 -21.78 51.60 26.14
C ARG R 398 -22.61 52.70 25.45
N GLN R 399 -23.94 52.65 25.59
CA GLN R 399 -24.84 53.60 24.95
C GLN R 399 -24.67 53.54 23.42
N SER R 400 -24.65 52.30 22.89
CA SER R 400 -24.30 52.03 21.50
C SER R 400 -25.49 52.28 20.57
N GLY R 401 -25.22 52.24 19.25
CA GLY R 401 -26.22 52.39 18.20
C GLY R 401 -26.15 53.74 17.50
N TYR R 402 -25.64 54.79 18.19
CA TYR R 402 -25.58 56.13 17.66
C TYR R 402 -24.28 56.80 18.13
N PRO R 403 -23.56 57.55 17.25
CA PRO R 403 -22.30 58.19 17.63
C PRO R 403 -22.51 59.34 18.61
N LEU R 404 -21.70 59.40 19.67
CA LEU R 404 -21.85 60.37 20.75
C LEU R 404 -21.54 61.79 20.27
N TRP R 405 -20.42 61.96 19.55
CA TRP R 405 -19.98 63.27 19.08
C TRP R 405 -19.51 63.21 17.61
N SER R 406 -19.35 64.39 17.01
CA SER R 406 -18.86 64.56 15.66
C SER R 406 -17.81 65.68 15.62
N LEU R 407 -16.61 65.36 15.09
CA LEU R 407 -15.48 66.28 15.03
C LEU R 407 -15.22 66.63 13.57
N GLY R 408 -15.16 67.92 13.24
CA GLY R 408 -15.05 68.38 11.86
C GLY R 408 -13.60 68.33 11.34
N ARG R 409 -13.44 67.88 10.08
CA ARG R 409 -12.16 67.92 9.39
C ARG R 409 -12.37 67.94 7.87
N GLU R 410 -11.53 68.69 7.14
CA GLU R 410 -11.68 68.83 5.70
C GLU R 410 -11.11 67.59 4.99
N VAL R 411 -12.02 66.75 4.46
CA VAL R 411 -11.66 65.60 3.65
C VAL R 411 -12.48 65.65 2.36
N THR R 412 -11.81 65.98 1.23
CA THR R 412 -12.47 66.22 -0.04
C THR R 412 -11.97 65.29 -1.15
N THR R 413 -11.27 64.20 -0.79
CA THR R 413 -10.75 63.22 -1.74
C THR R 413 -11.14 61.81 -1.28
N ASN R 414 -10.96 60.84 -2.18
CA ASN R 414 -11.17 59.43 -1.88
C ASN R 414 -9.91 58.83 -1.26
N GLN R 415 -9.48 59.37 -0.11
CA GLN R 415 -8.21 59.03 0.52
C GLN R 415 -8.43 58.50 1.92
N ARG R 416 -7.49 57.66 2.37
CA ARG R 416 -7.39 57.25 3.74
C ARG R 416 -6.60 58.32 4.48
N ILE R 417 -7.31 59.31 5.01
CA ILE R 417 -6.72 60.34 5.84
C ILE R 417 -6.67 59.80 7.27
N TYR R 418 -5.45 59.50 7.75
CA TYR R 418 -5.26 58.87 9.03
C TYR R 418 -5.51 59.83 10.19
N PHE R 419 -5.73 59.23 11.37
CA PHE R 419 -5.77 59.93 12.65
C PHE R 419 -5.27 58.98 13.73
N ASP R 420 -4.76 59.53 14.83
CA ASP R 420 -4.13 58.72 15.86
C ASP R 420 -4.26 59.36 17.23
N LEU R 421 -4.33 58.51 18.26
CA LEU R 421 -4.40 58.93 19.65
C LEU R 421 -3.01 58.93 20.28
N ASP R 422 -2.90 59.56 21.46
CA ASP R 422 -1.74 59.43 22.32
C ASP R 422 -1.63 58.01 22.85
N PRO R 423 -0.45 57.60 23.38
CA PRO R 423 -0.35 56.39 24.19
C PRO R 423 -1.17 56.46 25.48
N THR R 424 -1.23 57.66 26.09
CA THR R 424 -2.00 57.92 27.30
C THR R 424 -3.50 58.00 27.00
N GLY R 425 -3.87 58.44 25.78
CA GLY R 425 -5.25 58.53 25.32
C GLY R 425 -5.90 59.90 25.47
N GLN R 426 -5.14 60.95 25.87
CA GLN R 426 -5.73 62.25 26.16
C GLN R 426 -5.97 63.05 24.87
N PHE R 427 -4.98 63.09 23.97
CA PHE R 427 -5.09 63.84 22.72
C PHE R 427 -5.43 62.93 21.55
N LEU R 428 -6.04 63.54 20.51
CA LEU R 428 -6.40 62.90 19.25
C LEU R 428 -5.94 63.81 18.13
N VAL R 429 -5.11 63.30 17.22
CA VAL R 429 -4.57 64.09 16.11
C VAL R 429 -5.10 63.49 14.81
N SER R 430 -5.38 64.37 13.83
CA SER R 430 -5.89 63.96 12.52
C SER R 430 -5.32 64.85 11.43
N GLY R 431 -5.13 64.26 10.24
CA GLY R 431 -4.71 64.99 9.06
C GLY R 431 -5.91 65.62 8.35
N SER R 432 -5.66 66.12 7.14
CA SER R 432 -6.68 66.81 6.35
C SER R 432 -6.22 66.96 4.91
N THR R 433 -7.18 67.04 3.98
CA THR R 433 -6.91 67.23 2.56
C THR R 433 -6.42 68.66 2.28
N SER R 434 -6.91 69.64 3.07
CA SER R 434 -6.40 71.00 3.03
C SER R 434 -4.92 71.05 3.43
N GLY R 435 -4.58 70.29 4.48
CA GLY R 435 -3.21 70.19 5.00
C GLY R 435 -3.15 70.36 6.50
N ALA R 436 -4.11 71.10 7.09
CA ALA R 436 -4.09 71.45 8.50
C ALA R 436 -4.27 70.22 9.39
N VAL R 437 -3.25 69.96 10.23
CA VAL R 437 -3.31 68.91 11.23
C VAL R 437 -4.04 69.46 12.45
N SER R 438 -5.19 68.86 12.78
CA SER R 438 -6.01 69.27 13.91
C SER R 438 -5.74 68.37 15.12
N VAL R 439 -5.87 68.94 16.32
CA VAL R 439 -5.67 68.21 17.57
C VAL R 439 -6.86 68.47 18.49
N TRP R 440 -7.38 67.41 19.12
CA TRP R 440 -8.45 67.50 20.12
C TRP R 440 -8.04 66.83 21.41
N ASP R 441 -8.45 67.42 22.54
CA ASP R 441 -8.32 66.80 23.86
C ASP R 441 -9.59 66.00 24.10
N THR R 442 -9.47 64.67 24.21
CA THR R 442 -10.62 63.78 24.39
C THR R 442 -11.27 63.99 25.76
N ASP R 443 -10.48 64.41 26.77
CA ASP R 443 -10.98 64.74 28.10
C ASP R 443 -10.88 66.26 28.31
N GLY R 449 -17.71 64.34 28.14
CA GLY R 449 -17.94 65.56 27.33
C GLY R 449 -17.37 65.41 25.92
N LYS R 450 -17.66 66.43 25.08
CA LYS R 450 -17.19 66.46 23.70
C LYS R 450 -15.68 66.74 23.67
N PRO R 451 -14.90 66.11 22.77
CA PRO R 451 -13.49 66.49 22.57
C PRO R 451 -13.28 67.96 22.19
N GLU R 452 -12.48 68.67 23.00
CA GLU R 452 -12.22 70.10 22.85
C GLU R 452 -11.10 70.31 21.84
N PRO R 453 -11.26 71.20 20.81
CA PRO R 453 -10.15 71.59 19.95
C PRO R 453 -8.99 72.28 20.68
N VAL R 454 -7.78 71.71 20.56
CA VAL R 454 -6.58 72.21 21.22
C VAL R 454 -5.75 73.07 20.26
N LEU R 455 -5.47 72.55 19.05
CA LEU R 455 -4.52 73.19 18.14
C LEU R 455 -4.84 72.84 16.67
N SER R 456 -4.46 73.76 15.77
CA SER R 456 -4.43 73.52 14.34
C SER R 456 -3.17 74.17 13.75
N PHE R 457 -2.36 73.38 13.03
CA PHE R 457 -1.17 73.90 12.36
C PHE R 457 -1.01 73.24 10.98
N LEU R 458 -0.14 73.84 10.15
CA LEU R 458 0.05 73.47 8.76
C LEU R 458 1.48 72.97 8.54
N PRO R 459 1.71 71.63 8.47
CA PRO R 459 2.98 71.07 8.06
C PRO R 459 3.51 71.52 6.70
N GLN R 460 2.63 71.55 5.69
CA GLN R 460 2.99 72.02 4.35
C GLN R 460 1.74 72.50 3.60
N LYS R 461 1.95 73.15 2.45
CA LYS R 461 0.87 73.61 1.58
C LYS R 461 0.44 72.47 0.65
N ASP R 462 -0.12 71.41 1.25
CA ASP R 462 -0.55 70.20 0.56
C ASP R 462 -1.29 69.30 1.56
N CYS R 463 -2.01 68.29 1.03
CA CYS R 463 -2.72 67.32 1.85
C CYS R 463 -1.78 66.63 2.86
N THR R 464 -2.22 66.54 4.12
CA THR R 464 -1.55 65.76 5.16
C THR R 464 -2.34 64.46 5.32
N ASN R 465 -1.97 63.43 4.56
CA ASN R 465 -2.70 62.16 4.55
C ASN R 465 -2.40 61.33 5.80
N GLY R 466 -1.12 61.23 6.18
CA GLY R 466 -0.70 60.42 7.31
C GLY R 466 -0.38 61.27 8.54
N VAL R 467 -0.78 60.79 9.72
CA VAL R 467 -0.30 61.30 11.00
C VAL R 467 -0.08 60.10 11.93
N SER R 468 1.05 60.10 12.64
CA SER R 468 1.42 59.00 13.52
C SER R 468 2.10 59.55 14.76
N LEU R 469 1.66 59.09 15.94
CA LEU R 469 2.21 59.53 17.22
C LEU R 469 3.09 58.43 17.79
N HIS R 470 4.27 58.84 18.29
CA HIS R 470 5.28 57.92 18.79
C HIS R 470 4.85 57.39 20.17
N PRO R 471 4.97 56.07 20.44
CA PRO R 471 4.42 55.48 21.66
C PRO R 471 5.06 55.90 22.99
N SER R 472 6.35 56.30 23.00
CA SER R 472 7.03 56.74 24.21
C SER R 472 7.34 58.24 24.15
N LEU R 473 8.08 58.66 23.12
CA LEU R 473 8.50 60.05 22.94
C LEU R 473 7.33 60.93 22.49
N PRO R 474 7.38 62.27 22.74
CA PRO R 474 6.51 63.24 22.07
C PRO R 474 6.90 63.61 20.63
N LEU R 475 6.78 62.66 19.70
CA LEU R 475 7.08 62.88 18.29
C LEU R 475 5.84 62.67 17.44
N LEU R 476 5.47 63.69 16.66
CA LEU R 476 4.44 63.59 15.63
C LEU R 476 5.14 63.39 14.29
N ALA R 477 4.74 62.35 13.55
CA ALA R 477 5.15 62.14 12.17
C ALA R 477 4.01 62.57 11.25
N THR R 478 4.34 63.13 10.07
CA THR R 478 3.35 63.59 9.11
C THR R 478 3.78 63.19 7.69
N ALA R 479 2.87 62.54 6.96
CA ALA R 479 3.06 62.19 5.56
C ALA R 479 2.18 63.11 4.70
N SER R 480 2.70 63.50 3.52
CA SER R 480 2.05 64.49 2.68
C SER R 480 1.85 63.99 1.26
N GLY R 481 1.08 64.77 0.48
CA GLY R 481 0.88 64.55 -0.94
C GLY R 481 -0.54 64.06 -1.26
N GLN R 482 -0.93 64.24 -2.53
CA GLN R 482 -2.19 63.74 -3.05
C GLN R 482 -2.13 63.64 -4.57
N ARG R 483 -3.21 63.10 -5.14
CA ARG R 483 -3.30 62.90 -6.58
C ARG R 483 -3.56 64.23 -7.28
N VAL R 484 -2.73 64.55 -8.27
CA VAL R 484 -2.87 65.75 -9.09
C VAL R 484 -3.73 65.40 -10.31
N PHE R 485 -4.67 66.30 -10.64
CA PHE R 485 -5.59 66.09 -11.75
C PHE R 485 -5.20 66.97 -12.93
N PRO R 486 -5.24 66.43 -14.18
CA PRO R 486 -4.57 67.06 -15.32
C PRO R 486 -5.36 68.20 -15.97
N GLU R 487 -4.73 68.81 -16.98
CA GLU R 487 -5.32 69.85 -17.82
C GLU R 487 -4.99 69.54 -19.27
N PRO R 488 -5.99 69.53 -20.21
CA PRO R 488 -5.70 69.36 -21.64
C PRO R 488 -4.68 70.34 -22.21
N THR R 489 -3.84 69.84 -23.14
CA THR R 489 -2.73 70.61 -23.72
C THR R 489 -3.30 71.69 -24.62
N LEU R 510 4.19 71.25 -5.65
CA LEU R 510 5.11 71.08 -4.49
C LEU R 510 5.35 69.58 -4.25
N GLU R 511 6.60 69.22 -3.97
CA GLU R 511 7.01 67.83 -3.80
C GLU R 511 6.57 67.32 -2.43
N CYS R 512 6.11 66.06 -2.40
CA CYS R 512 5.62 65.40 -1.18
C CYS R 512 6.78 65.05 -0.24
N ARG R 513 6.45 64.79 1.03
CA ARG R 513 7.48 64.58 2.05
C ARG R 513 6.96 63.98 3.36
N LEU R 514 7.80 63.15 3.98
CA LEU R 514 7.68 62.75 5.38
C LEU R 514 8.30 63.85 6.23
N GLN R 515 7.76 64.08 7.45
CA GLN R 515 8.29 65.09 8.36
C GLN R 515 8.02 64.70 9.82
N LEU R 516 9.01 64.92 10.71
CA LEU R 516 8.88 64.69 12.14
C LEU R 516 8.71 66.02 12.87
N TRP R 517 8.06 65.99 14.04
CA TRP R 517 7.73 67.20 14.79
C TRP R 517 7.78 66.94 16.29
N TRP R 518 8.58 67.74 17.03
CA TRP R 518 8.67 67.63 18.47
C TRP R 518 7.47 68.31 19.13
N CYS R 519 6.68 67.53 19.90
CA CYS R 519 5.48 68.02 20.57
C CYS R 519 5.61 67.99 22.10
N GLY R 520 6.85 67.93 22.62
CA GLY R 520 7.10 67.95 24.06
C GLY R 520 6.89 69.35 24.65
N GLY R 521 6.72 69.39 25.99
CA GLY R 521 6.52 70.63 26.71
C GLY R 521 7.81 71.46 26.81
N ALA R 522 7.65 72.71 27.27
CA ALA R 522 8.76 73.66 27.38
C ALA R 522 9.67 73.31 28.56
#